data_1WIC
#
_entry.id   1WIC
#
_entity_poly.entity_id   1
_entity_poly.type   'polypeptide(L)'
_entity_poly.pdbx_seq_one_letter_code
;GSSGSSGKKPLSVFKGPLLHISPAEELYFGSIESGEKKTLIVLTNVTKNIVAFKVRTTAPEKYRVKPSNSSCDPGASIDI
IVSPHGGLTVSAQDRFLIMAAEMEQSSGTGPAELSQFWKEVPRNKVMEHRLRCHTVESSKPNSLMLSGPSSG
;
_entity_poly.pdbx_strand_id   A
#
# COMPACT_ATOMS: atom_id res chain seq x y z
N GLY A 1 19.83 7.52 35.92
CA GLY A 1 20.71 7.30 34.78
C GLY A 1 20.17 8.00 33.53
N SER A 2 20.44 7.38 32.39
CA SER A 2 20.00 7.92 31.12
C SER A 2 18.95 7.00 30.49
N SER A 3 17.86 7.60 30.04
CA SER A 3 16.78 6.84 29.42
C SER A 3 15.90 7.77 28.60
N GLY A 4 15.07 7.17 27.77
CA GLY A 4 14.16 7.94 26.93
C GLY A 4 13.01 7.06 26.43
N SER A 5 12.66 7.26 25.16
CA SER A 5 11.58 6.50 24.55
C SER A 5 11.46 6.87 23.08
N SER A 6 10.98 5.90 22.29
CA SER A 6 10.82 6.11 20.86
C SER A 6 12.18 6.31 20.20
N GLY A 7 12.18 6.21 18.88
CA GLY A 7 13.39 6.38 18.10
C GLY A 7 13.14 7.21 16.86
N LYS A 8 13.51 6.64 15.72
CA LYS A 8 13.32 7.31 14.44
C LYS A 8 13.64 6.34 13.30
N LYS A 9 13.17 6.69 12.12
CA LYS A 9 13.39 5.86 10.94
C LYS A 9 13.17 6.70 9.68
N PRO A 10 13.98 6.38 8.63
CA PRO A 10 13.89 7.08 7.37
C PRO A 10 12.63 6.67 6.60
N LEU A 11 12.24 7.53 5.66
CA LEU A 11 11.06 7.26 4.85
C LEU A 11 11.47 7.21 3.38
N SER A 12 11.22 6.05 2.78
CA SER A 12 11.56 5.86 1.38
C SER A 12 10.32 5.42 0.60
N VAL A 13 10.31 5.77 -0.69
CA VAL A 13 9.20 5.41 -1.55
C VAL A 13 9.73 4.77 -2.83
N PHE A 14 8.94 3.84 -3.36
CA PHE A 14 9.32 3.14 -4.57
C PHE A 14 9.16 4.04 -5.80
N LYS A 15 10.26 4.66 -6.18
CA LYS A 15 10.27 5.55 -7.34
C LYS A 15 9.80 4.77 -8.57
N GLY A 16 8.50 4.85 -8.82
CA GLY A 16 7.93 4.16 -9.96
C GLY A 16 8.07 5.00 -11.24
N PRO A 17 8.10 4.28 -12.39
CA PRO A 17 8.23 4.95 -13.67
C PRO A 17 6.91 5.61 -14.09
N LEU A 18 5.85 5.18 -13.44
CA LEU A 18 4.52 5.73 -13.73
C LEU A 18 3.95 6.35 -12.46
N LEU A 19 3.50 5.49 -11.55
CA LEU A 19 2.93 5.94 -10.30
C LEU A 19 3.86 5.54 -9.15
N HIS A 20 4.11 6.52 -8.27
CA HIS A 20 4.97 6.28 -7.13
C HIS A 20 4.20 5.56 -6.03
N ILE A 21 4.94 4.87 -5.18
CA ILE A 21 4.33 4.14 -4.09
C ILE A 21 4.98 4.56 -2.77
N SER A 22 4.14 4.96 -1.83
CA SER A 22 4.62 5.40 -0.53
C SER A 22 3.79 4.75 0.58
N PRO A 23 4.50 4.08 1.52
CA PRO A 23 5.94 3.99 1.45
C PRO A 23 6.38 3.01 0.36
N ALA A 24 7.69 2.77 0.32
CA ALA A 24 8.24 1.85 -0.66
C ALA A 24 7.72 0.44 -0.39
N GLU A 25 8.36 -0.22 0.56
CA GLU A 25 7.97 -1.57 0.92
C GLU A 25 8.12 -1.78 2.43
N GLU A 26 7.32 -1.03 3.18
CA GLU A 26 7.36 -1.13 4.63
C GLU A 26 6.09 -0.51 5.23
N LEU A 27 5.20 -1.39 5.68
CA LEU A 27 3.96 -0.94 6.27
C LEU A 27 4.04 -1.08 7.79
N TYR A 28 3.58 -0.05 8.48
CA TYR A 28 3.60 -0.03 9.93
C TYR A 28 2.23 0.36 10.49
N PHE A 29 1.44 -0.66 10.78
CA PHE A 29 0.10 -0.44 11.32
C PHE A 29 0.18 -0.07 12.81
N GLY A 30 0.39 1.22 13.05
CA GLY A 30 0.47 1.71 14.42
C GLY A 30 1.16 3.08 14.46
N SER A 31 0.35 4.10 14.72
CA SER A 31 0.87 5.46 14.80
C SER A 31 1.18 5.83 16.25
N ILE A 32 1.96 6.88 16.40
CA ILE A 32 2.34 7.34 17.73
C ILE A 32 1.08 7.58 18.56
N GLU A 33 0.02 7.96 17.87
CA GLU A 33 -1.25 8.23 18.53
C GLU A 33 -1.88 6.91 19.00
N SER A 34 -2.63 7.03 20.09
CA SER A 34 -3.29 5.86 20.66
C SER A 34 -4.71 5.74 20.09
N GLY A 35 -4.86 6.20 18.86
CA GLY A 35 -6.15 6.14 18.19
C GLY A 35 -6.30 4.86 17.38
N GLU A 36 -6.26 5.02 16.06
CA GLU A 36 -6.38 3.89 15.16
C GLU A 36 -5.00 3.47 14.65
N LYS A 37 -4.93 2.21 14.22
CA LYS A 37 -3.68 1.68 13.70
C LYS A 37 -3.85 1.33 12.22
N LYS A 38 -4.12 2.37 11.43
CA LYS A 38 -4.30 2.20 10.00
C LYS A 38 -3.17 2.91 9.25
N THR A 39 -2.74 2.30 8.16
CA THR A 39 -1.68 2.86 7.36
C THR A 39 -2.26 3.55 6.11
N LEU A 40 -1.62 4.65 5.74
CA LEU A 40 -2.06 5.42 4.58
C LEU A 40 -0.96 5.41 3.52
N ILE A 41 -1.30 4.89 2.36
CA ILE A 41 -0.36 4.81 1.26
C ILE A 41 -0.47 6.09 0.41
N VAL A 42 0.66 6.49 -0.15
CA VAL A 42 0.70 7.67 -0.98
C VAL A 42 1.19 7.30 -2.38
N LEU A 43 0.45 7.78 -3.38
CA LEU A 43 0.79 7.50 -4.76
C LEU A 43 1.03 8.81 -5.50
N THR A 44 2.28 9.05 -5.85
CA THR A 44 2.65 10.26 -6.56
C THR A 44 2.83 9.97 -8.05
N ASN A 45 1.88 10.47 -8.83
CA ASN A 45 1.91 10.27 -10.27
C ASN A 45 2.97 11.21 -10.89
N VAL A 46 4.14 10.66 -11.12
CA VAL A 46 5.23 11.42 -11.69
C VAL A 46 4.89 11.76 -13.15
N THR A 47 4.38 10.76 -13.85
CA THR A 47 4.02 10.94 -15.25
C THR A 47 3.17 12.20 -15.42
N LYS A 48 3.08 12.64 -16.67
CA LYS A 48 2.31 13.82 -16.98
C LYS A 48 0.94 13.41 -17.54
N ASN A 49 0.62 12.14 -17.34
CA ASN A 49 -0.65 11.60 -17.82
C ASN A 49 -1.33 10.85 -16.68
N ILE A 50 -2.64 10.65 -16.85
CA ILE A 50 -3.43 9.96 -15.85
C ILE A 50 -2.89 8.52 -15.70
N VAL A 51 -2.96 8.04 -14.46
CA VAL A 51 -2.49 6.70 -14.17
C VAL A 51 -3.52 5.99 -13.28
N ALA A 52 -4.06 4.89 -13.81
CA ALA A 52 -5.04 4.12 -13.09
C ALA A 52 -4.33 3.15 -12.15
N PHE A 53 -4.55 3.37 -10.85
CA PHE A 53 -3.94 2.52 -9.84
C PHE A 53 -4.99 1.66 -9.13
N LYS A 54 -4.53 0.52 -8.62
CA LYS A 54 -5.42 -0.39 -7.93
C LYS A 54 -4.66 -1.05 -6.77
N VAL A 55 -5.35 -1.15 -5.65
CA VAL A 55 -4.74 -1.76 -4.47
C VAL A 55 -5.33 -3.16 -4.26
N ARG A 56 -4.44 -4.12 -4.07
CA ARG A 56 -4.85 -5.50 -3.87
C ARG A 56 -4.11 -6.09 -2.66
N THR A 57 -4.54 -7.30 -2.30
CA THR A 57 -3.93 -7.99 -1.17
C THR A 57 -4.39 -9.44 -1.12
N THR A 58 -3.63 -10.25 -0.40
CA THR A 58 -3.94 -11.67 -0.27
C THR A 58 -5.17 -11.86 0.63
N ALA A 59 -5.58 -10.76 1.26
CA ALA A 59 -6.72 -10.80 2.15
C ALA A 59 -7.42 -9.43 2.13
N PRO A 60 -8.14 -9.17 1.01
CA PRO A 60 -8.85 -7.92 0.85
C PRO A 60 -10.12 -7.89 1.71
N GLU A 61 -10.55 -9.07 2.11
CA GLU A 61 -11.73 -9.21 2.95
C GLU A 61 -11.36 -9.10 4.42
N LYS A 62 -10.13 -8.67 4.66
CA LYS A 62 -9.65 -8.52 6.02
C LYS A 62 -9.17 -7.08 6.23
N TYR A 63 -8.45 -6.57 5.24
CA TYR A 63 -7.93 -5.22 5.29
C TYR A 63 -8.78 -4.28 4.44
N ARG A 64 -9.15 -3.16 5.05
CA ARG A 64 -9.95 -2.16 4.35
C ARG A 64 -9.06 -1.23 3.54
N VAL A 65 -9.02 -1.47 2.24
CA VAL A 65 -8.20 -0.66 1.36
C VAL A 65 -9.12 0.23 0.51
N LYS A 66 -8.94 1.53 0.66
CA LYS A 66 -9.73 2.48 -0.09
C LYS A 66 -9.00 3.83 -0.13
N PRO A 67 -8.95 4.42 -1.36
CA PRO A 67 -9.56 3.79 -2.51
C PRO A 67 -8.72 2.61 -3.00
N SER A 68 -9.41 1.60 -3.51
CA SER A 68 -8.74 0.41 -4.02
C SER A 68 -8.90 0.32 -5.53
N ASN A 69 -9.73 1.22 -6.06
CA ASN A 69 -9.98 1.25 -7.49
C ASN A 69 -10.23 2.70 -7.92
N SER A 70 -9.18 3.31 -8.45
CA SER A 70 -9.27 4.69 -8.91
C SER A 70 -8.00 5.07 -9.67
N SER A 71 -7.90 6.35 -9.98
CA SER A 71 -6.74 6.86 -10.70
C SER A 71 -6.17 8.09 -9.99
N CYS A 72 -5.01 8.51 -10.46
CA CYS A 72 -4.33 9.66 -9.88
C CYS A 72 -3.85 10.56 -11.01
N ASP A 73 -4.42 11.76 -11.06
CA ASP A 73 -4.05 12.71 -12.09
C ASP A 73 -2.54 12.92 -12.07
N PRO A 74 -2.02 13.44 -13.22
CA PRO A 74 -0.59 13.69 -13.33
C PRO A 74 -0.18 14.93 -12.54
N GLY A 75 0.80 14.73 -11.65
CA GLY A 75 1.29 15.81 -10.83
C GLY A 75 0.44 15.96 -9.56
N ALA A 76 -0.12 14.84 -9.13
CA ALA A 76 -0.95 14.84 -7.93
C ALA A 76 -0.70 13.55 -7.15
N SER A 77 -0.94 13.63 -5.85
CA SER A 77 -0.74 12.48 -4.98
C SER A 77 -2.08 12.03 -4.40
N ILE A 78 -2.24 10.71 -4.35
CA ILE A 78 -3.47 10.14 -3.83
C ILE A 78 -3.21 9.57 -2.43
N ASP A 79 -4.29 9.18 -1.77
CA ASP A 79 -4.19 8.63 -0.43
C ASP A 79 -4.99 7.33 -0.37
N ILE A 80 -4.32 6.26 0.03
CA ILE A 80 -4.95 4.96 0.14
C ILE A 80 -4.88 4.49 1.60
N ILE A 81 -6.04 4.45 2.23
CA ILE A 81 -6.12 4.01 3.62
C ILE A 81 -6.15 2.48 3.66
N VAL A 82 -5.53 1.94 4.71
CA VAL A 82 -5.47 0.50 4.89
C VAL A 82 -5.68 0.17 6.36
N SER A 83 -6.92 -0.19 6.69
CA SER A 83 -7.27 -0.53 8.06
C SER A 83 -7.75 -1.98 8.12
N PRO A 84 -7.17 -2.73 9.09
CA PRO A 84 -7.54 -4.13 9.26
C PRO A 84 -8.90 -4.25 9.95
N HIS A 85 -9.41 -5.48 9.96
CA HIS A 85 -10.70 -5.75 10.57
C HIS A 85 -10.68 -5.29 12.04
N GLY A 86 -11.86 -4.99 12.55
CA GLY A 86 -12.00 -4.55 13.93
C GLY A 86 -12.14 -5.74 14.87
N GLY A 87 -11.29 -6.73 14.65
CA GLY A 87 -11.31 -7.93 15.47
C GLY A 87 -9.95 -8.62 15.47
N LEU A 88 -9.46 -8.89 14.27
CA LEU A 88 -8.17 -9.54 14.11
C LEU A 88 -7.05 -8.51 14.30
N THR A 89 -5.86 -8.91 13.88
CA THR A 89 -4.70 -8.03 13.98
C THR A 89 -3.82 -8.16 12.75
N VAL A 90 -2.83 -7.27 12.67
CA VAL A 90 -1.91 -7.27 11.55
C VAL A 90 -1.06 -8.54 11.58
N SER A 91 -1.14 -9.31 10.50
CA SER A 91 -0.39 -10.55 10.41
C SER A 91 1.00 -10.27 9.83
N ALA A 92 1.63 -11.34 9.36
CA ALA A 92 2.96 -11.22 8.78
C ALA A 92 2.92 -11.70 7.33
N GLN A 93 2.19 -12.79 7.12
CA GLN A 93 2.07 -13.35 5.78
C GLN A 93 1.24 -12.43 4.89
N ASP A 94 0.56 -11.50 5.53
CA ASP A 94 -0.28 -10.56 4.82
C ASP A 94 0.60 -9.68 3.91
N ARG A 95 0.18 -9.57 2.66
CA ARG A 95 0.92 -8.78 1.69
C ARG A 95 -0.04 -7.91 0.88
N PHE A 96 0.42 -6.71 0.58
CA PHE A 96 -0.38 -5.76 -0.19
C PHE A 96 0.21 -5.55 -1.58
N LEU A 97 -0.68 -5.23 -2.52
CA LEU A 97 -0.25 -5.01 -3.90
C LEU A 97 -0.86 -3.70 -4.40
N ILE A 98 -0.10 -3.00 -5.23
CA ILE A 98 -0.55 -1.74 -5.79
C ILE A 98 -0.25 -1.70 -7.28
N MET A 99 -1.30 -1.49 -8.06
CA MET A 99 -1.15 -1.44 -9.51
C MET A 99 -1.08 0.02 -10.00
N ALA A 100 -0.47 0.18 -11.17
CA ALA A 100 -0.33 1.49 -11.75
C ALA A 100 -0.01 1.37 -13.24
N ALA A 101 -0.90 1.88 -14.06
CA ALA A 101 -0.73 1.82 -15.51
C ALA A 101 -1.09 3.18 -16.11
N GLU A 102 -0.21 3.64 -17.00
CA GLU A 102 -0.42 4.92 -17.66
C GLU A 102 -1.56 4.82 -18.67
N MET A 103 -2.52 5.72 -18.53
CA MET A 103 -3.66 5.74 -19.42
C MET A 103 -3.37 6.58 -20.67
N GLU A 104 -4.31 6.52 -21.61
CA GLU A 104 -4.16 7.26 -22.85
C GLU A 104 -4.10 8.77 -22.56
N GLN A 105 -4.75 9.53 -23.43
CA GLN A 105 -4.77 10.98 -23.27
C GLN A 105 -5.81 11.38 -22.22
N SER A 106 -7.03 11.58 -22.68
CA SER A 106 -8.11 11.98 -21.80
C SER A 106 -8.96 10.75 -21.43
N SER A 107 -8.77 10.30 -20.19
CA SER A 107 -9.50 9.14 -19.70
C SER A 107 -10.03 9.42 -18.30
N GLY A 108 -11.33 9.18 -18.14
CA GLY A 108 -11.97 9.40 -16.85
C GLY A 108 -11.34 8.52 -15.77
N THR A 109 -11.97 8.54 -14.60
CA THR A 109 -11.48 7.76 -13.48
C THR A 109 -12.65 7.16 -12.69
N GLY A 110 -13.51 6.46 -13.41
CA GLY A 110 -14.67 5.84 -12.80
C GLY A 110 -14.55 4.31 -12.82
N PRO A 111 -15.66 3.64 -12.41
CA PRO A 111 -15.69 2.19 -12.39
C PRO A 111 -15.81 1.61 -13.79
N ALA A 112 -16.17 2.48 -14.72
CA ALA A 112 -16.33 2.07 -16.12
C ALA A 112 -15.01 2.29 -16.85
N GLU A 113 -14.71 3.56 -17.11
CA GLU A 113 -13.50 3.92 -17.81
C GLU A 113 -12.34 3.01 -17.37
N LEU A 114 -12.24 2.83 -16.06
CA LEU A 114 -11.19 1.99 -15.50
C LEU A 114 -11.33 0.57 -16.05
N SER A 115 -12.43 -0.07 -15.68
CA SER A 115 -12.70 -1.42 -16.13
C SER A 115 -12.29 -1.58 -17.60
N GLN A 116 -12.38 -0.47 -18.32
CA GLN A 116 -12.03 -0.48 -19.73
C GLN A 116 -10.51 -0.38 -19.90
N PHE A 117 -9.94 0.63 -19.26
CA PHE A 117 -8.50 0.84 -19.33
C PHE A 117 -7.74 -0.40 -18.84
N TRP A 118 -8.31 -1.04 -17.83
CA TRP A 118 -7.70 -2.23 -17.27
C TRP A 118 -7.92 -3.39 -18.24
N LYS A 119 -8.76 -3.12 -19.24
CA LYS A 119 -9.06 -4.12 -20.24
C LYS A 119 -8.18 -3.90 -21.48
N GLU A 120 -7.80 -2.64 -21.66
CA GLU A 120 -6.97 -2.27 -22.79
C GLU A 120 -5.49 -2.35 -22.41
N VAL A 121 -5.19 -1.88 -21.21
CA VAL A 121 -3.82 -1.90 -20.71
C VAL A 121 -3.40 -3.34 -20.44
N PRO A 122 -2.30 -3.76 -21.12
CA PRO A 122 -1.78 -5.10 -20.96
C PRO A 122 -1.06 -5.26 -19.61
N ARG A 123 -1.19 -6.45 -19.04
CA ARG A 123 -0.55 -6.74 -17.77
C ARG A 123 0.93 -6.34 -17.81
N ASN A 124 1.47 -6.34 -19.02
CA ASN A 124 2.87 -6.00 -19.20
C ASN A 124 3.07 -4.51 -18.90
N LYS A 125 2.00 -3.75 -19.11
CA LYS A 125 2.04 -2.32 -18.88
C LYS A 125 1.57 -2.04 -17.44
N VAL A 126 0.86 -3.01 -16.89
CA VAL A 126 0.34 -2.88 -15.54
C VAL A 126 1.48 -3.07 -14.53
N MET A 127 1.82 -1.98 -13.87
CA MET A 127 2.90 -2.01 -12.89
C MET A 127 2.37 -2.41 -11.51
N GLU A 128 2.80 -3.59 -11.06
CA GLU A 128 2.37 -4.09 -9.76
C GLU A 128 3.48 -3.88 -8.72
N HIS A 129 3.07 -3.38 -7.56
CA HIS A 129 4.01 -3.13 -6.49
C HIS A 129 3.49 -3.76 -5.20
N ARG A 130 4.20 -4.78 -4.75
CA ARG A 130 3.82 -5.49 -3.53
C ARG A 130 4.47 -4.82 -2.32
N LEU A 131 3.65 -4.57 -1.31
CA LEU A 131 4.14 -3.95 -0.09
C LEU A 131 4.28 -5.01 1.01
N ARG A 132 5.02 -4.67 2.04
CA ARG A 132 5.24 -5.57 3.15
C ARG A 132 4.80 -4.92 4.46
N CYS A 133 4.51 -5.76 5.45
CA CYS A 133 4.07 -5.29 6.74
C CYS A 133 5.20 -5.54 7.74
N HIS A 134 5.60 -4.47 8.42
CA HIS A 134 6.66 -4.57 9.41
C HIS A 134 6.06 -4.81 10.79
N THR A 135 5.53 -6.01 10.96
CA THR A 135 4.91 -6.39 12.22
C THR A 135 5.73 -5.83 13.39
N VAL A 136 5.04 -5.09 14.25
CA VAL A 136 5.68 -4.49 15.41
C VAL A 136 5.69 -5.51 16.55
N GLU A 137 6.86 -5.66 17.15
CA GLU A 137 7.02 -6.59 18.26
C GLU A 137 8.26 -6.21 19.09
N SER A 138 8.11 -6.34 20.40
CA SER A 138 9.20 -6.03 21.31
C SER A 138 9.87 -4.71 20.89
N SER A 139 9.18 -3.62 21.18
CA SER A 139 9.70 -2.30 20.83
C SER A 139 10.80 -1.89 21.82
N LYS A 140 12.03 -1.99 21.36
CA LYS A 140 13.18 -1.64 22.17
C LYS A 140 14.46 -1.90 21.38
N PRO A 141 15.49 -1.07 21.70
CA PRO A 141 16.78 -1.21 21.03
C PRO A 141 17.56 -2.42 21.55
N ASN A 142 16.95 -3.58 21.35
CA ASN A 142 17.57 -4.83 21.79
C ASN A 142 17.96 -4.70 23.27
N SER A 143 17.03 -5.08 24.13
CA SER A 143 17.26 -5.03 25.56
C SER A 143 17.48 -3.58 25.99
N LEU A 144 16.94 -3.25 27.16
CA LEU A 144 17.07 -1.91 27.69
C LEU A 144 16.66 -0.90 26.62
N MET A 145 16.79 0.38 26.98
CA MET A 145 16.44 1.44 26.06
C MET A 145 17.57 2.46 25.93
N LEU A 146 17.68 3.04 24.74
CA LEU A 146 18.72 4.02 24.47
C LEU A 146 18.41 4.73 23.15
N SER A 147 18.02 6.00 23.29
CA SER A 147 17.69 6.80 22.12
C SER A 147 17.36 8.23 22.55
N GLY A 148 18.03 9.17 21.89
CA GLY A 148 17.82 10.58 22.19
C GLY A 148 18.26 11.46 21.02
N PRO A 149 17.27 11.81 20.15
CA PRO A 149 17.54 12.64 18.99
C PRO A 149 17.74 14.10 19.41
N SER A 150 17.94 14.94 18.41
CA SER A 150 18.14 16.36 18.65
C SER A 150 16.83 17.01 19.09
N SER A 151 16.72 17.22 20.39
CA SER A 151 15.52 17.82 20.95
C SER A 151 15.85 19.22 21.49
N GLY A 152 14.79 19.94 21.84
CA GLY A 152 14.96 21.29 22.38
C GLY A 152 14.03 22.27 21.66
N GLY A 1 -0.36 19.35 29.12
CA GLY A 1 0.72 19.94 28.35
C GLY A 1 1.62 18.86 27.74
N SER A 2 1.38 18.58 26.46
CA SER A 2 2.16 17.57 25.77
C SER A 2 2.89 18.20 24.58
N SER A 3 4.22 18.17 24.66
CA SER A 3 5.03 18.74 23.61
C SER A 3 5.29 17.70 22.52
N GLY A 4 5.90 16.59 22.93
CA GLY A 4 6.20 15.51 22.01
C GLY A 4 7.68 15.50 21.65
N SER A 5 7.95 15.24 20.38
CA SER A 5 9.32 15.19 19.90
C SER A 5 9.46 16.10 18.67
N SER A 6 10.57 16.82 18.64
CA SER A 6 10.85 17.72 17.54
C SER A 6 11.66 17.00 16.46
N GLY A 7 10.93 16.38 15.55
CA GLY A 7 11.57 15.65 14.46
C GLY A 7 10.54 14.82 13.69
N LYS A 8 11.01 14.20 12.61
CA LYS A 8 10.15 13.38 11.78
C LYS A 8 10.97 12.25 11.17
N LYS A 9 10.69 11.04 11.62
CA LYS A 9 11.40 9.86 11.12
C LYS A 9 11.46 9.91 9.60
N PRO A 10 12.49 9.23 9.04
CA PRO A 10 12.66 9.19 7.59
C PRO A 10 11.63 8.26 6.95
N LEU A 11 11.48 8.42 5.63
CA LEU A 11 10.55 7.61 4.88
C LEU A 11 11.05 7.44 3.45
N SER A 12 10.76 6.28 2.88
CA SER A 12 11.18 5.98 1.53
C SER A 12 9.98 5.55 0.69
N VAL A 13 10.02 5.90 -0.59
CA VAL A 13 8.95 5.57 -1.50
C VAL A 13 9.54 4.93 -2.77
N PHE A 14 8.79 3.98 -3.32
CA PHE A 14 9.22 3.29 -4.51
C PHE A 14 9.08 4.18 -5.75
N LYS A 15 10.19 4.82 -6.11
CA LYS A 15 10.20 5.70 -7.26
C LYS A 15 9.80 4.92 -8.50
N GLY A 16 8.53 5.01 -8.83
CA GLY A 16 8.00 4.32 -10.00
C GLY A 16 8.14 5.17 -11.25
N PRO A 17 8.20 4.47 -12.42
CA PRO A 17 8.33 5.16 -13.69
C PRO A 17 7.01 5.81 -14.12
N LEU A 18 5.94 5.32 -13.52
CA LEU A 18 4.62 5.84 -13.82
C LEU A 18 4.02 6.47 -12.55
N LEU A 19 3.57 5.60 -11.66
CA LEU A 19 2.98 6.05 -10.41
C LEU A 19 3.88 5.64 -9.25
N HIS A 20 4.10 6.58 -8.35
CA HIS A 20 4.94 6.34 -7.19
C HIS A 20 4.14 5.58 -6.12
N ILE A 21 4.87 4.87 -5.27
CA ILE A 21 4.25 4.10 -4.21
C ILE A 21 4.88 4.47 -2.87
N SER A 22 4.03 4.78 -1.91
CA SER A 22 4.49 5.16 -0.58
C SER A 22 3.59 4.54 0.49
N PRO A 23 4.24 3.86 1.47
CA PRO A 23 5.69 3.75 1.46
C PRO A 23 6.16 2.75 0.41
N ALA A 24 7.48 2.57 0.36
CA ALA A 24 8.07 1.65 -0.60
C ALA A 24 7.53 0.24 -0.34
N GLU A 25 8.22 -0.47 0.53
CA GLU A 25 7.82 -1.83 0.86
C GLU A 25 7.90 -2.05 2.38
N GLU A 26 7.07 -1.30 3.09
CA GLU A 26 7.03 -1.39 4.54
C GLU A 26 5.74 -0.76 5.07
N LEU A 27 4.80 -1.62 5.44
CA LEU A 27 3.52 -1.16 5.97
C LEU A 27 3.54 -1.30 7.50
N TYR A 28 3.25 -0.18 8.16
CA TYR A 28 3.23 -0.16 9.61
C TYR A 28 1.79 -0.14 10.13
N PHE A 29 1.26 -1.33 10.37
CA PHE A 29 -0.10 -1.46 10.87
C PHE A 29 -0.13 -1.37 12.40
N GLY A 30 -0.20 -0.14 12.88
CA GLY A 30 -0.24 0.10 14.32
C GLY A 30 0.48 1.40 14.67
N SER A 31 -0.21 2.51 14.45
CA SER A 31 0.34 3.81 14.74
C SER A 31 0.63 3.93 16.25
N ILE A 32 1.44 4.93 16.57
CA ILE A 32 1.80 5.16 17.97
C ILE A 32 0.58 4.93 18.86
N GLU A 33 0.85 4.48 20.07
CA GLU A 33 -0.21 4.20 21.02
C GLU A 33 -0.94 2.91 20.66
N SER A 34 -2.13 2.76 21.22
CA SER A 34 -2.94 1.57 20.96
C SER A 34 -4.29 1.99 20.39
N GLY A 35 -4.29 3.11 19.67
CA GLY A 35 -5.50 3.61 19.07
C GLY A 35 -5.31 3.86 17.57
N GLU A 36 -6.05 3.09 16.78
CA GLU A 36 -5.97 3.21 15.33
C GLU A 36 -4.73 2.49 14.80
N LYS A 37 -4.94 1.62 13.84
CA LYS A 37 -3.86 0.87 13.24
C LYS A 37 -4.11 0.71 11.74
N LYS A 38 -4.33 1.85 11.09
CA LYS A 38 -4.58 1.86 9.66
C LYS A 38 -3.40 2.51 8.94
N THR A 39 -3.12 2.01 7.74
CA THR A 39 -2.03 2.54 6.96
C THR A 39 -2.57 3.29 5.73
N LEU A 40 -1.94 4.42 5.45
CA LEU A 40 -2.34 5.24 4.32
C LEU A 40 -1.21 5.26 3.28
N ILE A 41 -1.54 4.76 2.10
CA ILE A 41 -0.57 4.71 1.02
C ILE A 41 -0.70 5.98 0.17
N VAL A 42 0.44 6.41 -0.36
CA VAL A 42 0.47 7.61 -1.19
C VAL A 42 1.01 7.25 -2.57
N LEU A 43 0.32 7.74 -3.58
CA LEU A 43 0.71 7.49 -4.95
C LEU A 43 1.01 8.81 -5.65
N THR A 44 2.28 9.03 -5.94
CA THR A 44 2.71 10.25 -6.60
C THR A 44 2.93 9.99 -8.10
N ASN A 45 2.01 10.49 -8.90
CA ASN A 45 2.09 10.33 -10.34
C ASN A 45 3.16 11.27 -10.90
N VAL A 46 4.24 10.69 -11.37
CA VAL A 46 5.33 11.47 -11.94
C VAL A 46 5.04 11.75 -13.41
N THR A 47 4.48 10.76 -14.08
CA THR A 47 4.15 10.90 -15.48
C THR A 47 3.33 12.16 -15.72
N LYS A 48 3.39 12.65 -16.95
CA LYS A 48 2.66 13.86 -17.31
C LYS A 48 1.34 13.46 -17.96
N ASN A 49 0.84 12.30 -17.57
CA ASN A 49 -0.42 11.80 -18.10
C ASN A 49 -1.12 10.96 -17.03
N ILE A 50 -2.42 11.18 -16.92
CA ILE A 50 -3.23 10.46 -15.94
C ILE A 50 -2.76 9.01 -15.88
N VAL A 51 -2.83 8.44 -14.68
CA VAL A 51 -2.41 7.06 -14.48
C VAL A 51 -3.43 6.37 -13.57
N ALA A 52 -3.86 5.19 -14.00
CA ALA A 52 -4.82 4.42 -13.24
C ALA A 52 -4.07 3.53 -12.24
N PHE A 53 -4.44 3.67 -10.98
CA PHE A 53 -3.81 2.90 -9.93
C PHE A 53 -4.83 1.97 -9.25
N LYS A 54 -4.31 0.96 -8.58
CA LYS A 54 -5.16 0.00 -7.88
C LYS A 54 -4.39 -0.59 -6.69
N VAL A 55 -5.16 -1.10 -5.74
CA VAL A 55 -4.57 -1.70 -4.55
C VAL A 55 -5.25 -3.03 -4.25
N ARG A 56 -4.44 -4.07 -4.19
CA ARG A 56 -4.95 -5.41 -3.91
C ARG A 56 -4.16 -6.06 -2.77
N THR A 57 -4.64 -7.22 -2.35
CA THR A 57 -3.98 -7.95 -1.28
C THR A 57 -4.49 -9.39 -1.23
N THR A 58 -3.84 -10.20 -0.39
CA THR A 58 -4.22 -11.58 -0.25
C THR A 58 -5.41 -11.72 0.71
N ALA A 59 -5.93 -10.57 1.12
CA ALA A 59 -7.06 -10.54 2.02
C ALA A 59 -7.90 -9.30 1.75
N PRO A 60 -8.69 -9.37 0.64
CA PRO A 60 -9.55 -8.26 0.26
C PRO A 60 -10.77 -8.17 1.17
N GLU A 61 -11.01 -9.25 1.90
CA GLU A 61 -12.14 -9.31 2.81
C GLU A 61 -11.66 -9.19 4.26
N LYS A 62 -10.46 -8.65 4.41
CA LYS A 62 -9.88 -8.48 5.73
C LYS A 62 -9.48 -7.01 5.91
N TYR A 63 -8.88 -6.46 4.88
CA TYR A 63 -8.44 -5.08 4.91
C TYR A 63 -9.31 -4.21 3.99
N ARG A 64 -9.65 -3.03 4.50
CA ARG A 64 -10.47 -2.10 3.73
C ARG A 64 -9.58 -1.16 2.91
N VAL A 65 -9.56 -1.39 1.61
CA VAL A 65 -8.76 -0.58 0.71
C VAL A 65 -9.66 0.43 0.00
N LYS A 66 -9.33 1.70 0.17
CA LYS A 66 -10.11 2.76 -0.44
C LYS A 66 -9.30 4.05 -0.43
N PRO A 67 -9.20 4.68 -1.63
CA PRO A 67 -9.84 4.14 -2.82
C PRO A 67 -9.07 2.94 -3.35
N SER A 68 -9.83 1.91 -3.73
CA SER A 68 -9.23 0.70 -4.26
C SER A 68 -9.59 0.53 -5.73
N ASN A 69 -9.65 1.67 -6.42
CA ASN A 69 -9.98 1.66 -7.84
C ASN A 69 -10.20 3.10 -8.30
N SER A 70 -9.20 3.61 -9.02
CA SER A 70 -9.25 4.97 -9.52
C SER A 70 -7.94 5.33 -10.22
N SER A 71 -7.72 6.62 -10.36
CA SER A 71 -6.51 7.11 -11.00
C SER A 71 -5.96 8.32 -10.25
N CYS A 72 -4.70 8.62 -10.51
CA CYS A 72 -4.05 9.75 -9.86
C CYS A 72 -3.51 10.67 -10.95
N ASP A 73 -4.07 11.88 -10.98
CA ASP A 73 -3.65 12.88 -11.96
C ASP A 73 -2.13 13.01 -11.93
N PRO A 74 -1.59 13.57 -13.03
CA PRO A 74 -0.15 13.77 -13.14
C PRO A 74 0.31 14.94 -12.27
N GLY A 75 1.40 14.71 -11.56
CA GLY A 75 1.95 15.74 -10.69
C GLY A 75 1.08 15.95 -9.46
N ALA A 76 0.47 14.85 -9.01
CA ALA A 76 -0.39 14.90 -7.84
C ALA A 76 -0.09 13.69 -6.94
N SER A 77 -0.83 13.61 -5.85
CA SER A 77 -0.66 12.53 -4.90
C SER A 77 -2.02 12.08 -4.37
N ILE A 78 -2.22 10.76 -4.37
CA ILE A 78 -3.46 10.20 -3.88
C ILE A 78 -3.23 9.58 -2.51
N ASP A 79 -4.33 9.21 -1.86
CA ASP A 79 -4.27 8.61 -0.53
C ASP A 79 -5.11 7.33 -0.53
N ILE A 80 -4.45 6.22 -0.22
CA ILE A 80 -5.13 4.95 -0.16
C ILE A 80 -5.08 4.41 1.27
N ILE A 81 -6.23 4.51 1.94
CA ILE A 81 -6.32 4.04 3.31
C ILE A 81 -6.45 2.52 3.31
N VAL A 82 -5.82 1.91 4.31
CA VAL A 82 -5.84 0.46 4.44
C VAL A 82 -5.98 0.09 5.91
N SER A 83 -7.19 -0.32 6.28
CA SER A 83 -7.46 -0.71 7.65
C SER A 83 -8.02 -2.14 7.69
N PRO A 84 -7.44 -2.95 8.61
CA PRO A 84 -7.87 -4.34 8.76
C PRO A 84 -9.21 -4.42 9.49
N HIS A 85 -10.24 -4.75 8.73
CA HIS A 85 -11.58 -4.86 9.29
C HIS A 85 -11.79 -3.76 10.34
N GLY A 86 -11.60 -4.15 11.59
CA GLY A 86 -11.77 -3.22 12.70
C GLY A 86 -10.42 -2.86 13.32
N GLY A 87 -9.73 -3.88 13.80
CA GLY A 87 -8.42 -3.68 14.41
C GLY A 87 -7.70 -5.02 14.61
N LEU A 88 -7.85 -5.88 13.63
CA LEU A 88 -7.22 -7.20 13.67
C LEU A 88 -5.77 -7.08 13.20
N THR A 89 -4.99 -8.10 13.52
CA THR A 89 -3.59 -8.13 13.14
C THR A 89 -3.45 -8.46 11.65
N VAL A 90 -2.28 -8.13 11.11
CA VAL A 90 -2.01 -8.37 9.71
C VAL A 90 -0.83 -9.33 9.58
N SER A 91 -0.31 -9.74 10.74
CA SER A 91 0.82 -10.65 10.78
C SER A 91 1.88 -10.21 9.76
N ALA A 92 2.80 -11.13 9.49
CA ALA A 92 3.87 -10.84 8.53
C ALA A 92 3.77 -11.82 7.37
N GLN A 93 2.57 -12.36 7.18
CA GLN A 93 2.34 -13.31 6.11
C GLN A 93 1.51 -12.65 5.00
N ASP A 94 0.73 -11.65 5.40
CA ASP A 94 -0.11 -10.93 4.45
C ASP A 94 0.77 -10.07 3.54
N ARG A 95 0.27 -9.82 2.35
CA ARG A 95 0.99 -9.02 1.37
C ARG A 95 0.03 -8.10 0.62
N PHE A 96 0.57 -6.98 0.17
CA PHE A 96 -0.23 -6.01 -0.56
C PHE A 96 0.31 -5.83 -1.99
N LEU A 97 -0.59 -5.44 -2.87
CA LEU A 97 -0.23 -5.23 -4.27
C LEU A 97 -0.85 -3.92 -4.76
N ILE A 98 -0.05 -3.17 -5.49
CA ILE A 98 -0.50 -1.89 -6.03
C ILE A 98 -0.16 -1.83 -7.52
N MET A 99 -1.18 -1.49 -8.31
CA MET A 99 -1.01 -1.39 -9.75
C MET A 99 -1.01 0.07 -10.19
N ALA A 100 -0.38 0.31 -11.34
CA ALA A 100 -0.31 1.66 -11.88
C ALA A 100 0.03 1.58 -13.37
N ALA A 101 -0.87 2.13 -14.17
CA ALA A 101 -0.69 2.13 -15.62
C ALA A 101 -0.93 3.54 -16.16
N GLU A 102 -0.04 3.97 -17.04
CA GLU A 102 -0.15 5.28 -17.64
C GLU A 102 -1.36 5.35 -18.57
N MET A 103 -2.31 6.20 -18.21
CA MET A 103 -3.52 6.35 -19.00
C MET A 103 -3.32 7.42 -20.08
N GLU A 104 -4.31 7.52 -20.95
CA GLU A 104 -4.27 8.49 -22.03
C GLU A 104 -4.20 9.91 -21.47
N GLN A 105 -4.94 10.81 -22.11
CA GLN A 105 -4.97 12.19 -21.68
C GLN A 105 -6.25 12.48 -20.89
N SER A 106 -7.36 11.96 -21.40
CA SER A 106 -8.65 12.14 -20.76
C SER A 106 -9.04 10.87 -20.00
N SER A 107 -9.90 11.07 -19.01
CA SER A 107 -10.37 9.95 -18.20
C SER A 107 -11.37 10.45 -17.16
N GLY A 108 -12.12 9.50 -16.62
CA GLY A 108 -13.12 9.83 -15.60
C GLY A 108 -12.75 9.20 -14.26
N THR A 109 -11.72 8.36 -14.29
CA THR A 109 -11.27 7.70 -13.08
C THR A 109 -12.46 7.11 -12.32
N GLY A 110 -13.49 6.75 -13.08
CA GLY A 110 -14.69 6.18 -12.48
C GLY A 110 -14.47 4.70 -12.13
N PRO A 111 -15.59 4.03 -11.78
CA PRO A 111 -15.54 2.62 -11.41
C PRO A 111 -15.36 1.75 -12.65
N ALA A 112 -15.83 2.27 -13.78
CA ALA A 112 -15.73 1.55 -15.03
C ALA A 112 -14.45 1.96 -15.75
N GLU A 113 -14.35 3.25 -16.04
CA GLU A 113 -13.18 3.78 -16.72
C GLU A 113 -11.93 2.99 -16.33
N LEU A 114 -11.88 2.63 -15.06
CA LEU A 114 -10.74 1.88 -14.54
C LEU A 114 -10.86 0.42 -15.00
N SER A 115 -11.82 -0.28 -14.42
CA SER A 115 -12.04 -1.67 -14.75
C SER A 115 -11.85 -1.88 -16.26
N GLN A 116 -12.15 -0.83 -17.02
CA GLN A 116 -12.02 -0.89 -18.46
C GLN A 116 -10.55 -0.72 -18.86
N PHE A 117 -9.94 0.33 -18.34
CA PHE A 117 -8.54 0.62 -18.64
C PHE A 117 -7.65 -0.55 -18.21
N TRP A 118 -8.08 -1.23 -17.16
CA TRP A 118 -7.32 -2.35 -16.64
C TRP A 118 -7.61 -3.56 -17.52
N LYS A 119 -8.61 -3.41 -18.36
CA LYS A 119 -9.00 -4.48 -19.27
C LYS A 119 -8.30 -4.27 -20.62
N GLU A 120 -7.94 -3.02 -20.87
CA GLU A 120 -7.26 -2.68 -22.12
C GLU A 120 -5.74 -2.72 -21.92
N VAL A 121 -5.31 -2.18 -20.80
CA VAL A 121 -3.89 -2.14 -20.49
C VAL A 121 -3.41 -3.56 -20.20
N PRO A 122 -2.34 -3.97 -20.96
CA PRO A 122 -1.77 -5.30 -20.80
C PRO A 122 -0.94 -5.38 -19.51
N ARG A 123 -0.89 -6.58 -18.96
CA ARG A 123 -0.14 -6.82 -17.74
C ARG A 123 1.32 -6.36 -17.92
N ASN A 124 1.71 -6.22 -19.17
CA ASN A 124 3.06 -5.80 -19.49
C ASN A 124 3.17 -4.28 -19.28
N LYS A 125 2.03 -3.63 -19.30
CA LYS A 125 1.98 -2.19 -19.12
C LYS A 125 1.51 -1.87 -17.70
N VAL A 126 0.93 -2.88 -17.06
CA VAL A 126 0.43 -2.73 -15.71
C VAL A 126 1.60 -2.82 -14.73
N MET A 127 1.88 -1.72 -14.07
CA MET A 127 2.96 -1.68 -13.10
C MET A 127 2.49 -2.16 -11.73
N GLU A 128 2.83 -3.42 -11.45
CA GLU A 128 2.46 -4.02 -10.17
C GLU A 128 3.55 -3.78 -9.13
N HIS A 129 3.12 -3.33 -7.96
CA HIS A 129 4.04 -3.06 -6.87
C HIS A 129 3.54 -3.72 -5.59
N ARG A 130 4.27 -4.74 -5.15
CA ARG A 130 3.91 -5.45 -3.94
C ARG A 130 4.47 -4.74 -2.71
N LEU A 131 3.67 -4.74 -1.65
CA LEU A 131 4.09 -4.10 -0.40
C LEU A 131 4.18 -5.16 0.69
N ARG A 132 4.97 -4.84 1.71
CA ARG A 132 5.16 -5.74 2.83
C ARG A 132 4.90 -5.01 4.15
N CYS A 133 4.55 -5.79 5.16
CA CYS A 133 4.27 -5.24 6.48
C CYS A 133 5.59 -5.17 7.26
N HIS A 134 5.67 -4.20 8.15
CA HIS A 134 6.86 -4.01 8.96
C HIS A 134 6.59 -4.52 10.38
N THR A 135 6.70 -5.84 10.54
CA THR A 135 6.47 -6.45 11.83
C THR A 135 7.07 -7.87 11.86
N VAL A 136 6.62 -8.64 12.84
CA VAL A 136 7.11 -10.01 12.98
C VAL A 136 5.93 -10.93 13.31
N GLU A 137 6.03 -12.15 12.82
CA GLU A 137 4.98 -13.14 13.05
C GLU A 137 5.01 -13.60 14.50
N SER A 138 6.11 -14.23 14.87
CA SER A 138 6.27 -14.73 16.23
C SER A 138 5.33 -15.91 16.47
N SER A 139 5.59 -16.62 17.57
CA SER A 139 4.78 -17.77 17.92
C SER A 139 4.92 -18.85 16.86
N LYS A 140 4.79 -20.09 17.30
CA LYS A 140 4.89 -21.22 16.40
C LYS A 140 4.27 -22.46 17.06
N PRO A 141 3.64 -23.31 16.20
CA PRO A 141 3.01 -24.53 16.70
C PRO A 141 4.05 -25.59 17.04
N ASN A 142 3.56 -26.75 17.43
CA ASN A 142 4.43 -27.86 17.80
C ASN A 142 3.95 -29.13 17.09
N SER A 143 2.68 -29.43 17.26
CA SER A 143 2.09 -30.60 16.65
C SER A 143 2.84 -31.86 17.11
N LEU A 144 2.15 -32.99 16.98
CA LEU A 144 2.74 -34.26 17.39
C LEU A 144 1.81 -35.40 16.95
N MET A 145 2.34 -36.61 17.05
CA MET A 145 1.57 -37.78 16.67
C MET A 145 2.08 -39.02 17.40
N LEU A 146 1.23 -40.04 17.42
CA LEU A 146 1.57 -41.29 18.10
C LEU A 146 0.82 -42.44 17.42
N SER A 147 1.48 -43.59 17.38
CA SER A 147 0.90 -44.77 16.78
C SER A 147 1.41 -46.04 17.48
N GLY A 148 0.84 -47.16 17.09
CA GLY A 148 1.23 -48.44 17.67
C GLY A 148 0.47 -49.60 17.02
N PRO A 149 0.94 -49.98 15.80
CA PRO A 149 0.32 -51.06 15.07
C PRO A 149 0.68 -52.42 15.67
N SER A 150 0.13 -53.46 15.09
CA SER A 150 0.37 -54.82 15.55
C SER A 150 -0.10 -55.83 14.51
N SER A 151 0.35 -57.06 14.69
CA SER A 151 -0.03 -58.13 13.78
C SER A 151 -0.33 -59.41 14.57
N GLY A 152 0.67 -59.86 15.31
CA GLY A 152 0.52 -61.07 16.11
C GLY A 152 0.05 -60.73 17.53
N GLY A 1 23.79 -22.19 -0.55
CA GLY A 1 23.45 -22.10 0.86
C GLY A 1 22.18 -21.27 1.06
N SER A 2 21.93 -20.94 2.32
CA SER A 2 20.75 -20.15 2.67
C SER A 2 21.10 -19.17 3.79
N SER A 3 21.45 -17.95 3.38
CA SER A 3 21.79 -16.91 4.34
C SER A 3 21.62 -15.54 3.70
N GLY A 4 21.50 -14.53 4.56
CA GLY A 4 21.32 -13.16 4.10
C GLY A 4 21.24 -12.19 5.27
N SER A 5 21.42 -10.91 4.96
CA SER A 5 21.38 -9.88 5.97
C SER A 5 20.32 -8.84 5.61
N SER A 6 19.80 -8.17 6.64
CA SER A 6 18.80 -7.15 6.44
C SER A 6 19.05 -5.97 7.38
N GLY A 7 18.96 -4.77 6.82
CA GLY A 7 19.17 -3.56 7.60
C GLY A 7 17.87 -2.79 7.80
N LYS A 8 17.91 -1.51 7.48
CA LYS A 8 16.75 -0.66 7.62
C LYS A 8 17.05 0.71 7.00
N LYS A 9 15.98 1.37 6.57
CA LYS A 9 16.11 2.69 5.97
C LYS A 9 14.97 3.58 6.43
N PRO A 10 15.20 4.91 6.34
CA PRO A 10 14.19 5.88 6.75
C PRO A 10 13.07 5.98 5.72
N LEU A 11 12.13 6.87 5.98
CA LEU A 11 11.01 7.07 5.09
C LEU A 11 11.51 7.10 3.64
N SER A 12 10.87 6.30 2.81
CA SER A 12 11.24 6.23 1.41
C SER A 12 10.04 5.77 0.56
N VAL A 13 10.05 6.17 -0.70
CA VAL A 13 8.98 5.81 -1.60
C VAL A 13 9.57 5.12 -2.84
N PHE A 14 8.84 4.14 -3.33
CA PHE A 14 9.29 3.39 -4.50
C PHE A 14 9.12 4.23 -5.77
N LYS A 15 10.21 4.87 -6.16
CA LYS A 15 10.21 5.72 -7.35
C LYS A 15 9.77 4.88 -8.55
N GLY A 16 8.48 4.92 -8.83
CA GLY A 16 7.92 4.17 -9.95
C GLY A 16 8.05 4.96 -11.25
N PRO A 17 8.06 4.20 -12.38
CA PRO A 17 8.19 4.81 -13.69
C PRO A 17 6.87 5.48 -14.11
N LEU A 18 5.80 5.06 -13.45
CA LEU A 18 4.48 5.59 -13.74
C LEU A 18 3.91 6.24 -12.47
N LEU A 19 3.45 5.39 -11.58
CA LEU A 19 2.88 5.86 -10.32
C LEU A 19 3.81 5.49 -9.16
N HIS A 20 4.06 6.47 -8.32
CA HIS A 20 4.93 6.27 -7.17
C HIS A 20 4.15 5.55 -6.06
N ILE A 21 4.91 4.89 -5.20
CA ILE A 21 4.31 4.15 -4.09
C ILE A 21 4.98 4.58 -2.78
N SER A 22 4.14 4.96 -1.83
CA SER A 22 4.64 5.40 -0.53
C SER A 22 3.76 4.82 0.59
N PRO A 23 4.44 4.17 1.57
CA PRO A 23 5.89 4.06 1.54
C PRO A 23 6.33 3.01 0.51
N ALA A 24 7.64 2.86 0.39
CA ALA A 24 8.21 1.91 -0.54
C ALA A 24 7.62 0.53 -0.27
N GLU A 25 8.24 -0.18 0.67
CA GLU A 25 7.79 -1.50 1.03
C GLU A 25 7.92 -1.71 2.55
N GLU A 26 7.15 -0.92 3.29
CA GLU A 26 7.17 -1.00 4.74
C GLU A 26 5.93 -0.32 5.32
N LEU A 27 4.99 -1.14 5.74
CA LEU A 27 3.76 -0.63 6.32
C LEU A 27 3.83 -0.75 7.85
N TYR A 28 3.58 0.38 8.51
CA TYR A 28 3.61 0.41 9.96
C TYR A 28 2.20 0.47 10.54
N PHE A 29 1.66 -0.69 10.85
CA PHE A 29 0.32 -0.77 11.41
C PHE A 29 0.34 -0.51 12.91
N GLY A 30 0.06 0.73 13.28
CA GLY A 30 0.05 1.11 14.68
C GLY A 30 0.48 2.57 14.85
N SER A 31 -0.51 3.46 14.80
CA SER A 31 -0.24 4.88 14.94
C SER A 31 -0.87 5.40 16.24
N ILE A 32 -0.39 6.56 16.67
CA ILE A 32 -0.90 7.17 17.89
C ILE A 32 -1.64 8.46 17.54
N GLU A 33 -0.92 9.36 16.90
CA GLU A 33 -1.50 10.64 16.49
C GLU A 33 -2.83 10.41 15.76
N SER A 34 -2.79 9.47 14.83
CA SER A 34 -3.98 9.15 14.06
C SER A 34 -4.92 8.27 14.88
N GLY A 35 -4.33 7.54 15.82
CA GLY A 35 -5.10 6.66 16.68
C GLY A 35 -5.16 5.25 16.09
N GLU A 36 -6.22 5.00 15.33
CA GLU A 36 -6.41 3.70 14.71
C GLU A 36 -5.09 3.21 14.10
N LYS A 37 -4.91 1.91 14.15
CA LYS A 37 -3.71 1.29 13.60
C LYS A 37 -3.89 1.06 12.10
N LYS A 38 -4.15 2.14 11.39
CA LYS A 38 -4.35 2.07 9.95
C LYS A 38 -3.24 2.84 9.24
N THR A 39 -2.85 2.32 8.08
CA THR A 39 -1.79 2.95 7.30
C THR A 39 -2.39 3.63 6.07
N LEU A 40 -1.77 4.74 5.69
CA LEU A 40 -2.21 5.49 4.53
C LEU A 40 -1.10 5.51 3.47
N ILE A 41 -1.41 4.93 2.33
CA ILE A 41 -0.46 4.87 1.23
C ILE A 41 -0.65 6.09 0.34
N VAL A 42 0.46 6.50 -0.28
CA VAL A 42 0.44 7.66 -1.16
C VAL A 42 0.97 7.25 -2.53
N LEU A 43 0.27 7.71 -3.56
CA LEU A 43 0.68 7.40 -4.93
C LEU A 43 0.95 8.71 -5.68
N THR A 44 2.23 8.95 -5.94
CA THR A 44 2.64 10.15 -6.65
C THR A 44 2.76 9.87 -8.14
N ASN A 45 1.86 10.49 -8.90
CA ASN A 45 1.85 10.31 -10.35
C ASN A 45 2.93 11.21 -10.96
N VAL A 46 3.98 10.58 -11.45
CA VAL A 46 5.08 11.30 -12.06
C VAL A 46 4.76 11.53 -13.54
N THR A 47 4.18 10.51 -14.16
CA THR A 47 3.82 10.59 -15.56
C THR A 47 3.01 11.85 -15.84
N LYS A 48 3.01 12.25 -17.10
CA LYS A 48 2.28 13.44 -17.51
C LYS A 48 0.91 13.02 -18.08
N ASN A 49 0.45 11.87 -17.63
CA ASN A 49 -0.83 11.36 -18.08
C ASN A 49 -1.48 10.55 -16.96
N ILE A 50 -2.79 10.75 -16.80
CA ILE A 50 -3.53 10.04 -15.77
C ILE A 50 -3.03 8.60 -15.68
N VAL A 51 -3.10 8.06 -14.48
CA VAL A 51 -2.66 6.69 -14.24
C VAL A 51 -3.68 5.98 -13.33
N ALA A 52 -4.11 4.82 -13.79
CA ALA A 52 -5.08 4.03 -13.04
C ALA A 52 -4.33 3.08 -12.10
N PHE A 53 -4.68 3.15 -10.83
CA PHE A 53 -4.05 2.29 -9.83
C PHE A 53 -5.09 1.44 -9.12
N LYS A 54 -4.60 0.38 -8.48
CA LYS A 54 -5.47 -0.53 -7.75
C LYS A 54 -4.70 -1.14 -6.58
N VAL A 55 -5.45 -1.45 -5.52
CA VAL A 55 -4.85 -2.04 -4.33
C VAL A 55 -5.37 -3.47 -4.16
N ARG A 56 -4.45 -4.41 -4.29
CA ARG A 56 -4.80 -5.81 -4.14
C ARG A 56 -3.96 -6.47 -3.03
N THR A 57 -4.65 -7.27 -2.22
CA THR A 57 -3.99 -7.95 -1.12
C THR A 57 -4.41 -9.42 -1.08
N THR A 58 -3.70 -10.18 -0.25
CA THR A 58 -3.98 -11.60 -0.11
C THR A 58 -5.05 -11.83 0.97
N ALA A 59 -5.83 -10.78 1.23
CA ALA A 59 -6.87 -10.85 2.23
C ALA A 59 -7.67 -9.55 2.22
N PRO A 60 -8.50 -9.40 1.15
CA PRO A 60 -9.32 -8.21 1.01
C PRO A 60 -10.51 -8.24 1.97
N GLU A 61 -10.80 -9.44 2.46
CA GLU A 61 -11.90 -9.62 3.39
C GLU A 61 -11.40 -9.50 4.84
N LYS A 62 -10.26 -8.84 4.98
CA LYS A 62 -9.67 -8.66 6.29
C LYS A 62 -9.18 -7.21 6.43
N TYR A 63 -8.49 -6.76 5.39
CA TYR A 63 -7.96 -5.41 5.38
C TYR A 63 -8.83 -4.50 4.50
N ARG A 64 -9.12 -3.32 5.04
CA ARG A 64 -9.93 -2.35 4.33
C ARG A 64 -9.04 -1.39 3.55
N VAL A 65 -9.13 -1.49 2.23
CA VAL A 65 -8.34 -0.64 1.36
C VAL A 65 -9.27 0.25 0.54
N LYS A 66 -9.16 1.55 0.78
CA LYS A 66 -9.99 2.51 0.06
C LYS A 66 -9.25 3.85 -0.04
N PRO A 67 -9.14 4.35 -1.29
CA PRO A 67 -9.71 3.66 -2.43
C PRO A 67 -8.85 2.45 -2.82
N SER A 68 -9.49 1.49 -3.47
CA SER A 68 -8.81 0.29 -3.89
C SER A 68 -8.74 0.23 -5.42
N ASN A 69 -9.61 1.01 -6.05
CA ASN A 69 -9.66 1.06 -7.50
C ASN A 69 -9.96 2.50 -7.94
N SER A 70 -8.91 3.20 -8.33
CA SER A 70 -9.05 4.57 -8.79
C SER A 70 -7.81 4.99 -9.58
N SER A 71 -7.81 6.24 -9.99
CA SER A 71 -6.70 6.78 -10.77
C SER A 71 -6.15 8.03 -10.07
N CYS A 72 -4.90 8.35 -10.40
CA CYS A 72 -4.25 9.51 -9.82
C CYS A 72 -3.78 10.41 -10.96
N ASP A 73 -4.32 11.62 -10.99
CA ASP A 73 -3.98 12.58 -12.02
C ASP A 73 -2.46 12.79 -12.02
N PRO A 74 -1.96 13.34 -13.16
CA PRO A 74 -0.54 13.58 -13.31
C PRO A 74 -0.10 14.80 -12.49
N GLY A 75 1.01 14.63 -11.78
CA GLY A 75 1.53 15.71 -10.96
C GLY A 75 0.69 15.88 -9.68
N ALA A 76 0.15 14.77 -9.21
CA ALA A 76 -0.67 14.79 -8.01
C ALA A 76 -0.36 13.56 -7.16
N SER A 77 -1.01 13.49 -6.02
CA SER A 77 -0.81 12.37 -5.11
C SER A 77 -2.15 11.92 -4.52
N ILE A 78 -2.33 10.61 -4.47
CA ILE A 78 -3.57 10.05 -3.93
C ILE A 78 -3.29 9.48 -2.54
N ASP A 79 -4.38 9.15 -1.85
CA ASP A 79 -4.28 8.60 -0.51
C ASP A 79 -5.06 7.28 -0.44
N ILE A 80 -4.36 6.23 -0.05
CA ILE A 80 -4.98 4.92 0.06
C ILE A 80 -4.89 4.44 1.51
N ILE A 81 -6.02 4.49 2.19
CA ILE A 81 -6.10 4.07 3.58
C ILE A 81 -6.15 2.54 3.64
N VAL A 82 -5.46 1.99 4.63
CA VAL A 82 -5.41 0.56 4.82
C VAL A 82 -5.57 0.22 6.30
N SER A 83 -6.80 -0.12 6.66
CA SER A 83 -7.09 -0.46 8.04
C SER A 83 -7.42 -1.95 8.16
N PRO A 84 -6.60 -2.65 8.98
CA PRO A 84 -6.78 -4.08 9.19
C PRO A 84 -7.98 -4.35 10.10
N HIS A 85 -8.45 -5.59 10.06
CA HIS A 85 -9.58 -5.99 10.87
C HIS A 85 -9.31 -5.67 12.34
N GLY A 86 -10.37 -5.66 13.12
CA GLY A 86 -10.26 -5.37 14.54
C GLY A 86 -10.18 -6.66 15.37
N GLY A 87 -8.99 -7.24 15.38
CA GLY A 87 -8.77 -8.48 16.12
C GLY A 87 -7.59 -9.26 15.53
N LEU A 88 -7.81 -9.80 14.35
CA LEU A 88 -6.77 -10.57 13.68
C LEU A 88 -5.59 -9.65 13.35
N THR A 89 -5.90 -8.38 13.17
CA THR A 89 -4.88 -7.40 12.85
C THR A 89 -3.95 -7.93 11.75
N VAL A 90 -2.93 -7.13 11.44
CA VAL A 90 -1.97 -7.51 10.43
C VAL A 90 -1.03 -8.57 10.99
N SER A 91 -0.98 -9.70 10.30
CA SER A 91 -0.13 -10.80 10.73
C SER A 91 1.33 -10.41 10.60
N ALA A 92 1.87 -10.60 9.41
CA ALA A 92 3.26 -10.27 9.14
C ALA A 92 3.61 -10.65 7.70
N GLN A 93 3.07 -11.77 7.27
CA GLN A 93 3.32 -12.26 5.92
C GLN A 93 2.37 -11.56 4.93
N ASP A 94 1.42 -10.82 5.49
CA ASP A 94 0.46 -10.10 4.67
C ASP A 94 1.21 -9.22 3.67
N ARG A 95 0.67 -9.16 2.46
CA ARG A 95 1.27 -8.37 1.40
C ARG A 95 0.21 -7.48 0.74
N PHE A 96 0.59 -6.25 0.49
CA PHE A 96 -0.31 -5.29 -0.14
C PHE A 96 0.20 -4.88 -1.52
N LEU A 97 -0.45 -5.42 -2.55
CA LEU A 97 -0.07 -5.13 -3.91
C LEU A 97 -0.75 -3.82 -4.35
N ILE A 98 -0.05 -3.10 -5.22
CA ILE A 98 -0.56 -1.84 -5.72
C ILE A 98 -0.31 -1.74 -7.23
N MET A 99 -1.40 -1.71 -7.98
CA MET A 99 -1.30 -1.62 -9.43
C MET A 99 -1.22 -0.16 -9.89
N ALA A 100 -0.59 0.04 -11.04
CA ALA A 100 -0.43 1.36 -11.59
C ALA A 100 -0.10 1.26 -13.07
N ALA A 101 -0.99 1.79 -13.89
CA ALA A 101 -0.80 1.77 -15.33
C ALA A 101 -1.08 3.16 -15.91
N GLU A 102 -0.20 3.58 -16.80
CA GLU A 102 -0.34 4.88 -17.43
C GLU A 102 -1.53 4.89 -18.39
N MET A 103 -2.45 5.82 -18.17
CA MET A 103 -3.63 5.94 -18.99
C MET A 103 -3.37 6.87 -20.18
N GLU A 104 -4.34 6.92 -21.09
CA GLU A 104 -4.23 7.76 -22.26
C GLU A 104 -4.39 9.23 -21.88
N GLN A 105 -5.04 9.97 -22.76
CA GLN A 105 -5.26 11.39 -22.53
C GLN A 105 -6.29 11.58 -21.40
N SER A 106 -6.84 12.79 -21.36
CA SER A 106 -7.83 13.12 -20.34
C SER A 106 -8.96 12.09 -20.37
N SER A 107 -8.93 11.21 -19.39
CA SER A 107 -9.95 10.17 -19.27
C SER A 107 -10.57 10.18 -17.88
N GLY A 108 -11.80 9.70 -17.81
CA GLY A 108 -12.52 9.65 -16.55
C GLY A 108 -12.01 8.49 -15.68
N THR A 109 -11.91 8.77 -14.39
CA THR A 109 -11.44 7.78 -13.44
C THR A 109 -12.63 7.06 -12.79
N GLY A 110 -13.69 6.93 -13.58
CA GLY A 110 -14.89 6.26 -13.10
C GLY A 110 -14.69 4.74 -13.05
N PRO A 111 -15.79 4.04 -12.66
CA PRO A 111 -15.74 2.59 -12.57
C PRO A 111 -15.79 1.95 -13.96
N ALA A 112 -16.16 2.76 -14.94
CA ALA A 112 -16.24 2.29 -16.31
C ALA A 112 -14.89 2.50 -17.00
N GLU A 113 -14.60 3.76 -17.29
CA GLU A 113 -13.35 4.10 -17.96
C GLU A 113 -12.22 3.21 -17.44
N LEU A 114 -12.17 3.06 -16.13
CA LEU A 114 -11.14 2.25 -15.51
C LEU A 114 -11.27 0.81 -16.01
N SER A 115 -12.40 0.20 -15.67
CA SER A 115 -12.66 -1.17 -16.07
C SER A 115 -12.27 -1.37 -17.54
N GLN A 116 -12.30 -0.27 -18.28
CA GLN A 116 -11.94 -0.31 -19.69
C GLN A 116 -10.42 -0.27 -19.85
N PHE A 117 -9.83 0.75 -19.25
CA PHE A 117 -8.38 0.92 -19.33
C PHE A 117 -7.66 -0.32 -18.80
N TRP A 118 -8.28 -0.96 -17.82
CA TRP A 118 -7.71 -2.15 -17.22
C TRP A 118 -7.94 -3.32 -18.19
N LYS A 119 -8.79 -3.07 -19.17
CA LYS A 119 -9.10 -4.09 -20.16
C LYS A 119 -8.21 -3.90 -21.39
N GLU A 120 -7.79 -2.65 -21.58
CA GLU A 120 -6.94 -2.32 -22.71
C GLU A 120 -5.46 -2.43 -22.31
N VAL A 121 -5.17 -1.93 -21.12
CA VAL A 121 -3.81 -1.97 -20.62
C VAL A 121 -3.43 -3.41 -20.29
N PRO A 122 -2.34 -3.88 -20.95
CA PRO A 122 -1.85 -5.24 -20.75
C PRO A 122 -1.13 -5.37 -19.41
N ARG A 123 -1.11 -6.59 -18.90
CA ARG A 123 -0.46 -6.86 -17.64
C ARG A 123 1.01 -6.46 -17.70
N ASN A 124 1.56 -6.55 -18.90
CA ASN A 124 2.96 -6.20 -19.11
C ASN A 124 3.15 -4.71 -18.86
N LYS A 125 2.10 -3.95 -19.12
CA LYS A 125 2.15 -2.51 -18.92
C LYS A 125 1.69 -2.19 -17.50
N VAL A 126 0.99 -3.13 -16.90
CA VAL A 126 0.49 -2.96 -15.56
C VAL A 126 1.64 -3.11 -14.56
N MET A 127 1.83 -2.08 -13.76
CA MET A 127 2.89 -2.08 -12.77
C MET A 127 2.38 -2.58 -11.41
N GLU A 128 2.95 -3.68 -10.97
CA GLU A 128 2.57 -4.27 -9.69
C GLU A 128 3.64 -4.00 -8.64
N HIS A 129 3.18 -3.44 -7.53
CA HIS A 129 4.08 -3.13 -6.43
C HIS A 129 3.57 -3.76 -5.13
N ARG A 130 4.32 -4.74 -4.66
CA ARG A 130 3.96 -5.44 -3.43
C ARG A 130 4.52 -4.71 -2.22
N LEU A 131 3.63 -4.42 -1.27
CA LEU A 131 4.03 -3.73 -0.05
C LEU A 131 4.09 -4.74 1.10
N ARG A 132 4.98 -4.44 2.04
CA ARG A 132 5.15 -5.30 3.20
C ARG A 132 4.99 -4.50 4.48
N CYS A 133 4.58 -5.20 5.54
CA CYS A 133 4.39 -4.57 6.83
C CYS A 133 5.73 -4.51 7.56
N HIS A 134 5.80 -3.64 8.55
CA HIS A 134 7.02 -3.49 9.32
C HIS A 134 6.72 -3.69 10.81
N THR A 135 6.46 -4.95 11.15
CA THR A 135 6.16 -5.29 12.53
C THR A 135 7.28 -4.82 13.45
N VAL A 136 6.87 -4.13 14.52
CA VAL A 136 7.83 -3.62 15.49
C VAL A 136 7.28 -3.85 16.90
N GLU A 137 8.20 -4.14 17.81
CA GLU A 137 7.83 -4.39 19.20
C GLU A 137 7.39 -3.08 19.86
N SER A 138 6.28 -3.17 20.59
CA SER A 138 5.76 -2.01 21.28
C SER A 138 6.56 -1.75 22.55
N SER A 139 6.54 -0.48 22.97
CA SER A 139 7.26 -0.08 24.17
C SER A 139 6.27 0.25 25.28
N LYS A 140 5.61 -0.78 25.78
CA LYS A 140 4.64 -0.61 26.85
C LYS A 140 4.79 -1.75 27.85
N PRO A 141 4.91 -1.37 29.15
CA PRO A 141 5.05 -2.34 30.21
C PRO A 141 3.71 -3.03 30.51
N ASN A 142 3.32 -3.90 29.60
CA ASN A 142 2.06 -4.63 29.75
C ASN A 142 2.12 -5.91 28.92
N SER A 143 2.27 -5.74 27.61
CA SER A 143 2.34 -6.87 26.71
C SER A 143 3.79 -7.13 26.31
N LEU A 144 3.98 -8.21 25.57
CA LEU A 144 5.31 -8.58 25.11
C LEU A 144 5.19 -9.67 24.05
N MET A 145 5.96 -9.50 22.97
CA MET A 145 5.95 -10.45 21.89
C MET A 145 7.14 -10.22 20.94
N LEU A 146 8.25 -10.83 21.29
CA LEU A 146 9.46 -10.69 20.49
C LEU A 146 9.11 -10.90 19.02
N SER A 147 8.63 -12.10 18.72
CA SER A 147 8.26 -12.45 17.36
C SER A 147 9.50 -12.42 16.45
N GLY A 148 10.01 -13.61 16.18
CA GLY A 148 11.18 -13.74 15.33
C GLY A 148 11.08 -12.80 14.12
N PRO A 149 12.11 -11.90 14.01
CA PRO A 149 12.15 -10.95 12.92
C PRO A 149 12.56 -11.63 11.61
N SER A 150 12.32 -10.93 10.51
CA SER A 150 12.66 -11.46 9.20
C SER A 150 13.74 -10.60 8.55
N SER A 151 14.62 -11.26 7.81
CA SER A 151 15.69 -10.57 7.13
C SER A 151 15.29 -10.20 5.70
N GLY A 152 14.55 -9.11 5.59
CA GLY A 152 14.09 -8.64 4.30
C GLY A 152 15.27 -8.28 3.39
N GLY A 1 23.73 -4.81 2.70
CA GLY A 1 22.88 -3.64 2.55
C GLY A 1 23.36 -2.49 3.45
N SER A 2 23.01 -2.58 4.72
CA SER A 2 23.39 -1.56 5.67
C SER A 2 22.77 -0.22 5.28
N SER A 3 22.54 0.61 6.30
CA SER A 3 21.95 1.91 6.07
C SER A 3 21.87 2.68 7.40
N GLY A 4 22.92 3.44 7.68
CA GLY A 4 22.97 4.22 8.89
C GLY A 4 21.68 5.01 9.10
N SER A 5 21.44 5.95 8.19
CA SER A 5 20.24 6.77 8.27
C SER A 5 20.28 7.64 9.52
N SER A 6 19.73 8.83 9.39
CA SER A 6 19.70 9.77 10.51
C SER A 6 18.54 10.75 10.33
N GLY A 7 17.38 10.36 10.86
CA GLY A 7 16.20 11.19 10.77
C GLY A 7 15.04 10.59 11.57
N LYS A 8 13.86 10.63 10.96
CA LYS A 8 12.68 10.10 11.60
C LYS A 8 12.30 8.78 10.92
N LYS A 9 13.12 7.77 11.16
CA LYS A 9 12.88 6.45 10.58
C LYS A 9 12.97 6.55 9.05
N PRO A 10 13.30 5.39 8.43
CA PRO A 10 13.42 5.33 6.99
C PRO A 10 12.04 5.35 6.31
N LEU A 11 11.84 6.36 5.49
CA LEU A 11 10.57 6.50 4.78
C LEU A 11 10.84 6.62 3.28
N SER A 12 11.32 5.53 2.70
CA SER A 12 11.62 5.50 1.29
C SER A 12 10.39 5.08 0.49
N VAL A 13 10.32 5.54 -0.75
CA VAL A 13 9.21 5.21 -1.62
C VAL A 13 9.73 4.59 -2.90
N PHE A 14 8.95 3.67 -3.45
CA PHE A 14 9.32 2.99 -4.67
C PHE A 14 9.15 3.91 -5.88
N LYS A 15 10.26 4.52 -6.28
CA LYS A 15 10.26 5.43 -7.41
C LYS A 15 9.78 4.68 -8.66
N GLY A 16 8.48 4.81 -8.92
CA GLY A 16 7.88 4.14 -10.06
C GLY A 16 7.95 5.03 -11.30
N PRO A 17 7.98 4.37 -12.49
CA PRO A 17 8.05 5.09 -13.75
C PRO A 17 6.70 5.71 -14.10
N LEU A 18 5.66 5.21 -13.45
CA LEU A 18 4.31 5.71 -13.68
C LEU A 18 3.78 6.33 -12.38
N LEU A 19 3.39 5.46 -11.47
CA LEU A 19 2.86 5.90 -10.20
C LEU A 19 3.81 5.47 -9.07
N HIS A 20 4.07 6.41 -8.18
CA HIS A 20 4.95 6.15 -7.05
C HIS A 20 4.20 5.38 -5.97
N ILE A 21 4.96 4.67 -5.15
CA ILE A 21 4.38 3.89 -4.07
C ILE A 21 5.08 4.24 -2.76
N SER A 22 4.28 4.67 -1.79
CA SER A 22 4.81 5.03 -0.48
C SER A 22 3.96 4.40 0.62
N PRO A 23 4.66 3.67 1.53
CA PRO A 23 6.11 3.55 1.43
C PRO A 23 6.50 2.57 0.32
N ALA A 24 7.80 2.39 0.16
CA ALA A 24 8.31 1.49 -0.86
C ALA A 24 7.65 0.11 -0.70
N GLU A 25 8.25 -0.70 0.16
CA GLU A 25 7.74 -2.03 0.41
C GLU A 25 7.91 -2.39 1.89
N GLU A 26 7.30 -1.58 2.74
CA GLU A 26 7.38 -1.81 4.18
C GLU A 26 6.26 -1.05 4.89
N LEU A 27 5.25 -1.80 5.32
CA LEU A 27 4.13 -1.20 6.02
C LEU A 27 4.30 -1.40 7.53
N TYR A 28 3.90 -0.39 8.28
CA TYR A 28 4.01 -0.45 9.73
C TYR A 28 2.68 -0.06 10.39
N PHE A 29 1.87 -1.07 10.65
CA PHE A 29 0.58 -0.85 11.28
C PHE A 29 0.73 -0.59 12.78
N GLY A 30 -0.40 -0.42 13.44
CA GLY A 30 -0.40 -0.17 14.86
C GLY A 30 -0.15 -1.46 15.66
N SER A 31 0.85 -1.40 16.52
CA SER A 31 1.20 -2.55 17.33
C SER A 31 0.18 -2.72 18.46
N ILE A 32 0.05 -3.96 18.91
CA ILE A 32 -0.88 -4.27 19.98
C ILE A 32 -0.60 -3.37 21.18
N GLU A 33 -1.36 -3.59 22.24
CA GLU A 33 -1.19 -2.80 23.46
C GLU A 33 -1.65 -1.36 23.22
N SER A 34 -0.90 -0.68 22.36
CA SER A 34 -1.21 0.70 22.04
C SER A 34 -2.43 0.77 21.13
N GLY A 35 -2.90 -0.41 20.73
CA GLY A 35 -4.05 -0.50 19.86
C GLY A 35 -3.64 -0.47 18.39
N GLU A 36 -4.34 -1.28 17.60
CA GLU A 36 -4.06 -1.35 16.17
C GLU A 36 -4.29 0.00 15.51
N LYS A 37 -3.54 0.26 14.45
CA LYS A 37 -3.65 1.50 13.72
C LYS A 37 -3.95 1.21 12.25
N LYS A 38 -3.95 2.26 11.45
CA LYS A 38 -4.22 2.13 10.03
C LYS A 38 -3.05 2.73 9.25
N THR A 39 -2.72 2.06 8.15
CA THR A 39 -1.62 2.50 7.30
C THR A 39 -2.17 3.18 6.04
N LEU A 40 -1.60 4.33 5.73
CA LEU A 40 -2.03 5.09 4.56
C LEU A 40 -0.89 5.11 3.54
N ILE A 41 -1.18 4.59 2.36
CA ILE A 41 -0.20 4.53 1.29
C ILE A 41 -0.29 5.82 0.46
N VAL A 42 0.85 6.23 -0.07
CA VAL A 42 0.92 7.44 -0.88
C VAL A 42 1.32 7.06 -2.31
N LEU A 43 0.60 7.62 -3.27
CA LEU A 43 0.87 7.36 -4.66
C LEU A 43 1.13 8.68 -5.39
N THR A 44 2.40 8.89 -5.73
CA THR A 44 2.80 10.10 -6.42
C THR A 44 2.97 9.83 -7.92
N ASN A 45 2.00 10.29 -8.68
CA ASN A 45 2.03 10.11 -10.13
C ASN A 45 3.14 10.97 -10.72
N VAL A 46 4.18 10.30 -11.21
CA VAL A 46 5.31 11.00 -11.80
C VAL A 46 5.19 10.96 -13.32
N THR A 47 3.95 11.06 -13.78
CA THR A 47 3.68 11.04 -15.21
C THR A 47 3.01 12.34 -15.65
N LYS A 48 2.98 12.54 -16.95
CA LYS A 48 2.38 13.74 -17.52
C LYS A 48 0.94 13.43 -17.96
N ASN A 49 0.41 12.36 -17.40
CA ASN A 49 -0.94 11.94 -17.73
C ASN A 49 -1.53 11.14 -16.56
N ILE A 50 -2.85 11.13 -16.50
CA ILE A 50 -3.54 10.42 -15.44
C ILE A 50 -3.09 8.95 -15.44
N VAL A 51 -3.09 8.37 -14.26
CA VAL A 51 -2.69 6.98 -14.10
C VAL A 51 -3.66 6.27 -13.16
N ALA A 52 -4.27 5.21 -13.68
CA ALA A 52 -5.22 4.44 -12.90
C ALA A 52 -4.46 3.50 -11.95
N PHE A 53 -4.74 3.67 -10.67
CA PHE A 53 -4.10 2.85 -9.66
C PHE A 53 -5.11 1.93 -8.97
N LYS A 54 -4.61 0.79 -8.53
CA LYS A 54 -5.45 -0.19 -7.85
C LYS A 54 -4.65 -0.88 -6.74
N VAL A 55 -5.21 -0.84 -5.54
CA VAL A 55 -4.57 -1.45 -4.40
C VAL A 55 -5.27 -2.76 -4.05
N ARG A 56 -4.52 -3.85 -4.09
CA ARG A 56 -5.06 -5.15 -3.78
C ARG A 56 -4.25 -5.82 -2.67
N THR A 57 -4.76 -6.95 -2.21
CA THR A 57 -4.09 -7.69 -1.16
C THR A 57 -4.56 -9.15 -1.15
N THR A 58 -3.89 -9.96 -0.34
CA THR A 58 -4.22 -11.37 -0.23
C THR A 58 -5.30 -11.56 0.83
N ALA A 59 -6.01 -10.49 1.13
CA ALA A 59 -7.07 -10.54 2.12
C ALA A 59 -7.89 -9.25 2.05
N PRO A 60 -8.72 -9.15 0.98
CA PRO A 60 -9.55 -7.97 0.80
C PRO A 60 -10.74 -7.98 1.76
N GLU A 61 -11.00 -9.15 2.32
CA GLU A 61 -12.10 -9.31 3.26
C GLU A 61 -11.59 -9.19 4.70
N LYS A 62 -10.51 -8.43 4.84
CA LYS A 62 -9.92 -8.22 6.16
C LYS A 62 -9.43 -6.77 6.27
N TYR A 63 -8.70 -6.35 5.25
CA TYR A 63 -8.17 -5.00 5.23
C TYR A 63 -9.01 -4.10 4.31
N ARG A 64 -9.46 -2.99 4.88
CA ARG A 64 -10.27 -2.05 4.13
C ARG A 64 -9.37 -1.05 3.40
N VAL A 65 -9.26 -1.24 2.09
CA VAL A 65 -8.45 -0.36 1.28
C VAL A 65 -9.34 0.63 0.55
N LYS A 66 -8.99 1.90 0.68
CA LYS A 66 -9.75 2.97 0.04
C LYS A 66 -8.90 4.23 -0.01
N PRO A 67 -8.87 4.86 -1.22
CA PRO A 67 -9.60 4.32 -2.36
C PRO A 67 -8.89 3.09 -2.93
N SER A 68 -9.68 2.06 -3.16
CA SER A 68 -9.14 0.82 -3.71
C SER A 68 -9.69 0.59 -5.12
N ASN A 69 -9.75 1.67 -5.87
CA ASN A 69 -10.24 1.60 -7.25
C ASN A 69 -10.44 3.02 -7.78
N SER A 70 -9.34 3.64 -8.17
CA SER A 70 -9.39 5.00 -8.70
C SER A 70 -8.11 5.29 -9.49
N SER A 71 -7.90 6.57 -9.76
CA SER A 71 -6.73 7.00 -10.50
C SER A 71 -6.14 8.25 -9.86
N CYS A 72 -4.83 8.41 -10.03
CA CYS A 72 -4.13 9.56 -9.47
C CYS A 72 -3.66 10.45 -10.63
N ASP A 73 -4.12 11.68 -10.60
CA ASP A 73 -3.76 12.64 -11.65
C ASP A 73 -2.25 12.85 -11.64
N PRO A 74 -1.73 13.40 -12.77
CA PRO A 74 -0.31 13.66 -12.90
C PRO A 74 0.11 14.88 -12.07
N GLY A 75 1.32 14.80 -11.54
CA GLY A 75 1.84 15.89 -10.73
C GLY A 75 1.04 16.05 -9.44
N ALA A 76 0.51 14.93 -8.97
CA ALA A 76 -0.28 14.94 -7.75
C ALA A 76 0.03 13.68 -6.94
N SER A 77 -0.64 13.56 -5.80
CA SER A 77 -0.44 12.41 -4.94
C SER A 77 -1.78 12.01 -4.30
N ILE A 78 -2.02 10.71 -4.27
CA ILE A 78 -3.24 10.18 -3.70
C ILE A 78 -2.93 9.55 -2.33
N ASP A 79 -3.99 9.19 -1.62
CA ASP A 79 -3.84 8.57 -0.32
C ASP A 79 -4.73 7.33 -0.24
N ILE A 80 -4.08 6.20 -0.03
CA ILE A 80 -4.80 4.93 0.07
C ILE A 80 -4.73 4.43 1.52
N ILE A 81 -5.80 4.71 2.26
CA ILE A 81 -5.87 4.29 3.64
C ILE A 81 -6.07 2.77 3.70
N VAL A 82 -5.40 2.16 4.66
CA VAL A 82 -5.49 0.72 4.83
C VAL A 82 -5.69 0.40 6.32
N SER A 83 -6.80 -0.27 6.60
CA SER A 83 -7.13 -0.64 7.96
C SER A 83 -7.85 -1.98 7.99
N PRO A 84 -7.48 -2.83 8.99
CA PRO A 84 -8.09 -4.15 9.13
C PRO A 84 -9.50 -4.03 9.70
N HIS A 85 -10.20 -5.16 9.70
CA HIS A 85 -11.56 -5.21 10.20
C HIS A 85 -11.53 -5.28 11.73
N GLY A 86 -12.72 -5.28 12.31
CA GLY A 86 -12.84 -5.36 13.76
C GLY A 86 -13.01 -6.80 14.22
N GLY A 87 -12.12 -7.65 13.75
CA GLY A 87 -12.16 -9.06 14.10
C GLY A 87 -11.00 -9.83 13.47
N LEU A 88 -9.85 -9.15 13.40
CA LEU A 88 -8.67 -9.75 12.82
C LEU A 88 -7.48 -8.79 12.99
N THR A 89 -6.35 -9.21 12.45
CA THR A 89 -5.14 -8.40 12.53
C THR A 89 -4.31 -8.56 11.26
N VAL A 90 -3.27 -7.74 11.16
CA VAL A 90 -2.39 -7.77 10.01
C VAL A 90 -1.18 -8.66 10.32
N SER A 91 -1.10 -9.77 9.61
CA SER A 91 0.00 -10.70 9.80
C SER A 91 1.25 -10.20 9.08
N ALA A 92 2.28 -11.02 9.11
CA ALA A 92 3.54 -10.67 8.47
C ALA A 92 3.54 -11.22 7.03
N GLN A 93 2.71 -12.23 6.83
CA GLN A 93 2.60 -12.84 5.52
C GLN A 93 1.70 -12.01 4.60
N ASP A 94 0.71 -11.38 5.22
CA ASP A 94 -0.22 -10.55 4.48
C ASP A 94 0.56 -9.60 3.56
N ARG A 95 0.49 -9.90 2.27
CA ARG A 95 1.19 -9.09 1.28
C ARG A 95 0.21 -8.13 0.60
N PHE A 96 0.74 -6.99 0.18
CA PHE A 96 -0.08 -5.99 -0.48
C PHE A 96 0.35 -5.82 -1.94
N LEU A 97 -0.61 -5.43 -2.77
CA LEU A 97 -0.35 -5.23 -4.18
C LEU A 97 -0.94 -3.88 -4.62
N ILE A 98 -0.18 -3.18 -5.44
CA ILE A 98 -0.61 -1.89 -5.93
C ILE A 98 -0.34 -1.81 -7.44
N MET A 99 -1.39 -1.46 -8.17
CA MET A 99 -1.28 -1.35 -9.63
C MET A 99 -1.25 0.12 -10.06
N ALA A 100 -0.67 0.35 -11.22
CA ALA A 100 -0.58 1.69 -11.75
C ALA A 100 -0.30 1.63 -13.26
N ALA A 101 -1.23 2.18 -14.02
CA ALA A 101 -1.09 2.18 -15.47
C ALA A 101 -1.38 3.58 -16.00
N GLU A 102 -0.49 4.05 -16.87
CA GLU A 102 -0.63 5.38 -17.45
C GLU A 102 -1.82 5.41 -18.41
N MET A 103 -2.81 6.19 -18.04
CA MET A 103 -4.01 6.32 -18.86
C MET A 103 -3.83 7.41 -19.92
N GLU A 104 -4.81 7.49 -20.81
CA GLU A 104 -4.78 8.47 -21.88
C GLU A 104 -5.00 9.88 -21.31
N GLN A 105 -5.71 10.69 -22.09
CA GLN A 105 -6.01 12.04 -21.68
C GLN A 105 -7.34 12.10 -20.93
N SER A 106 -8.42 12.01 -21.69
CA SER A 106 -9.75 12.04 -21.11
C SER A 106 -10.00 10.76 -20.30
N SER A 107 -9.93 10.92 -18.99
CA SER A 107 -10.15 9.79 -18.10
C SER A 107 -11.37 10.05 -17.21
N GLY A 108 -12.31 9.12 -17.24
CA GLY A 108 -13.51 9.23 -16.45
C GLY A 108 -13.30 8.68 -15.04
N THR A 109 -12.16 8.03 -14.86
CA THR A 109 -11.82 7.44 -13.58
C THR A 109 -13.08 6.89 -12.90
N GLY A 110 -13.72 5.96 -13.60
CA GLY A 110 -14.93 5.34 -13.08
C GLY A 110 -14.79 3.82 -13.00
N PRO A 111 -15.96 3.13 -12.90
CA PRO A 111 -15.97 1.68 -12.83
C PRO A 111 -15.67 1.06 -14.20
N ALA A 112 -16.36 1.56 -15.21
CA ALA A 112 -16.19 1.07 -16.56
C ALA A 112 -14.87 1.60 -17.12
N GLU A 113 -14.81 2.91 -17.25
CA GLU A 113 -13.60 3.55 -17.77
C GLU A 113 -12.36 2.79 -17.32
N LEU A 114 -12.25 2.61 -16.02
CA LEU A 114 -11.11 1.91 -15.45
C LEU A 114 -11.06 0.49 -16.02
N SER A 115 -12.12 -0.26 -15.74
CA SER A 115 -12.21 -1.64 -16.21
C SER A 115 -11.84 -1.71 -17.69
N GLN A 116 -12.22 -0.66 -18.41
CA GLN A 116 -11.92 -0.58 -19.83
C GLN A 116 -10.43 -0.33 -20.07
N PHE A 117 -9.85 0.41 -19.14
CA PHE A 117 -8.43 0.73 -19.22
C PHE A 117 -7.57 -0.38 -18.61
N TRP A 118 -8.18 -1.11 -17.68
CA TRP A 118 -7.49 -2.20 -17.03
C TRP A 118 -7.62 -3.45 -17.90
N LYS A 119 -8.65 -3.43 -18.74
CA LYS A 119 -8.90 -4.56 -19.64
C LYS A 119 -8.12 -4.33 -20.94
N GLU A 120 -7.89 -3.06 -21.24
CA GLU A 120 -7.16 -2.71 -22.45
C GLU A 120 -5.65 -2.68 -22.18
N VAL A 121 -5.31 -2.21 -21.00
CA VAL A 121 -3.91 -2.13 -20.60
C VAL A 121 -3.36 -3.54 -20.40
N PRO A 122 -2.25 -3.83 -21.12
CA PRO A 122 -1.61 -5.13 -21.03
C PRO A 122 -0.83 -5.27 -19.73
N ARG A 123 -0.69 -6.52 -19.28
CA ARG A 123 0.03 -6.79 -18.05
C ARG A 123 1.45 -6.24 -18.13
N ASN A 124 1.88 -5.96 -19.35
CA ASN A 124 3.21 -5.44 -19.58
C ASN A 124 3.22 -3.94 -19.26
N LYS A 125 2.04 -3.34 -19.28
CA LYS A 125 1.90 -1.93 -19.00
C LYS A 125 1.34 -1.75 -17.59
N VAL A 126 0.86 -2.86 -17.03
CA VAL A 126 0.29 -2.83 -15.69
C VAL A 126 1.43 -2.84 -14.66
N MET A 127 1.65 -1.68 -14.07
CA MET A 127 2.70 -1.54 -13.07
C MET A 127 2.23 -2.07 -11.71
N GLU A 128 2.68 -3.26 -11.39
CA GLU A 128 2.32 -3.88 -10.13
C GLU A 128 3.46 -3.74 -9.11
N HIS A 129 3.10 -3.21 -7.95
CA HIS A 129 4.09 -3.02 -6.89
C HIS A 129 3.57 -3.65 -5.59
N ARG A 130 4.25 -4.71 -5.19
CA ARG A 130 3.88 -5.42 -3.97
C ARG A 130 4.46 -4.70 -2.74
N LEU A 131 3.67 -4.66 -1.68
CA LEU A 131 4.09 -4.02 -0.46
C LEU A 131 4.17 -5.07 0.66
N ARG A 132 5.13 -4.85 1.56
CA ARG A 132 5.32 -5.76 2.67
C ARG A 132 4.61 -5.24 3.92
N CYS A 133 4.42 -6.14 4.88
CA CYS A 133 3.75 -5.78 6.11
C CYS A 133 4.71 -6.02 7.26
N HIS A 134 5.09 -4.93 7.92
CA HIS A 134 6.01 -4.99 9.04
C HIS A 134 5.22 -5.05 10.35
N THR A 135 5.13 -6.27 10.88
CA THR A 135 4.41 -6.48 12.13
C THR A 135 5.15 -7.48 13.01
N VAL A 136 4.66 -7.63 14.23
CA VAL A 136 5.28 -8.54 15.18
C VAL A 136 5.16 -9.97 14.64
N GLU A 137 5.62 -10.91 15.45
CA GLU A 137 5.59 -12.32 15.07
C GLU A 137 6.58 -12.58 13.94
N SER A 138 6.23 -12.12 12.75
CA SER A 138 7.07 -12.30 11.59
C SER A 138 7.23 -13.80 11.29
N SER A 139 7.80 -14.07 10.12
CA SER A 139 8.02 -15.44 9.71
C SER A 139 8.79 -16.20 10.79
N LYS A 140 8.97 -17.49 10.55
CA LYS A 140 9.68 -18.35 11.49
C LYS A 140 8.91 -18.38 12.82
N PRO A 141 8.33 -19.57 13.11
CA PRO A 141 7.57 -19.75 14.34
C PRO A 141 8.50 -19.86 15.55
N ASN A 142 7.89 -19.99 16.72
CA ASN A 142 8.65 -20.10 17.95
C ASN A 142 9.85 -21.02 17.72
N SER A 143 10.83 -20.89 18.60
CA SER A 143 12.04 -21.69 18.50
C SER A 143 11.66 -23.18 18.37
N LEU A 144 10.94 -23.67 19.36
CA LEU A 144 10.51 -25.06 19.37
C LEU A 144 9.11 -25.15 19.96
N MET A 145 8.55 -26.35 19.91
CA MET A 145 7.22 -26.60 20.43
C MET A 145 6.88 -28.08 20.41
N LEU A 146 6.46 -28.58 21.57
CA LEU A 146 6.11 -29.98 21.70
C LEU A 146 4.68 -30.19 21.18
N SER A 147 3.74 -29.59 21.90
CA SER A 147 2.34 -29.70 21.53
C SER A 147 2.03 -31.12 21.08
N GLY A 148 1.62 -31.94 22.04
CA GLY A 148 1.29 -33.33 21.75
C GLY A 148 0.99 -34.10 23.03
N PRO A 149 0.02 -35.05 22.93
CA PRO A 149 -0.36 -35.86 24.06
C PRO A 149 0.71 -36.92 24.37
N SER A 150 0.96 -37.76 23.38
CA SER A 150 1.94 -38.82 23.54
C SER A 150 1.46 -39.84 24.57
N SER A 151 1.25 -41.06 24.10
CA SER A 151 0.79 -42.13 24.97
C SER A 151 1.43 -43.45 24.55
N GLY A 152 1.55 -44.35 25.52
CA GLY A 152 2.13 -45.66 25.26
C GLY A 152 1.87 -46.61 26.42
N GLY A 1 27.40 5.43 22.89
CA GLY A 1 26.36 4.75 22.14
C GLY A 1 25.21 5.70 21.82
N SER A 2 24.70 5.56 20.60
CA SER A 2 23.59 6.39 20.15
C SER A 2 22.26 5.69 20.44
N SER A 3 21.79 5.85 21.66
CA SER A 3 20.54 5.23 22.08
C SER A 3 19.51 6.32 22.39
N GLY A 4 18.25 5.99 22.11
CA GLY A 4 17.17 6.92 22.36
C GLY A 4 16.60 7.46 21.05
N SER A 5 15.28 7.34 20.92
CA SER A 5 14.61 7.81 19.72
C SER A 5 14.95 9.29 19.47
N SER A 6 15.42 9.55 18.26
CA SER A 6 15.79 10.90 17.88
C SER A 6 15.48 11.13 16.40
N GLY A 7 14.51 11.99 16.16
CA GLY A 7 14.11 12.32 14.79
C GLY A 7 13.17 11.24 14.23
N LYS A 8 12.44 11.62 13.20
CA LYS A 8 11.50 10.71 12.57
C LYS A 8 12.24 9.88 11.51
N LYS A 9 12.03 8.57 11.56
CA LYS A 9 12.65 7.68 10.61
C LYS A 9 12.36 8.14 9.18
N PRO A 10 13.31 7.84 8.27
CA PRO A 10 13.15 8.21 6.87
C PRO A 10 12.13 7.33 6.17
N LEU A 11 11.07 7.96 5.67
CA LEU A 11 10.02 7.23 4.98
C LEU A 11 10.34 7.18 3.48
N SER A 12 11.04 6.12 3.10
CA SER A 12 11.42 5.93 1.71
C SER A 12 10.19 5.50 0.89
N VAL A 13 10.23 5.84 -0.39
CA VAL A 13 9.14 5.49 -1.29
C VAL A 13 9.71 4.82 -2.54
N PHE A 14 8.98 3.84 -3.04
CA PHE A 14 9.39 3.13 -4.24
C PHE A 14 9.23 3.98 -5.48
N LYS A 15 10.31 4.62 -5.89
CA LYS A 15 10.29 5.47 -7.07
C LYS A 15 9.84 4.65 -8.27
N GLY A 16 8.56 4.82 -8.61
CA GLY A 16 8.00 4.10 -9.74
C GLY A 16 8.15 4.91 -11.03
N PRO A 17 8.17 4.17 -12.17
CA PRO A 17 8.31 4.79 -13.48
C PRO A 17 7.01 5.48 -13.90
N LEU A 18 5.92 5.05 -13.28
CA LEU A 18 4.61 5.61 -13.58
C LEU A 18 4.04 6.26 -12.32
N LEU A 19 3.58 5.42 -11.42
CA LEU A 19 3.00 5.90 -10.17
C LEU A 19 3.93 5.52 -9.01
N HIS A 20 4.15 6.48 -8.13
CA HIS A 20 5.01 6.26 -6.98
C HIS A 20 4.23 5.52 -5.89
N ILE A 21 4.98 4.87 -5.03
CA ILE A 21 4.37 4.11 -3.93
C ILE A 21 4.99 4.56 -2.61
N SER A 22 4.13 4.97 -1.69
CA SER A 22 4.58 5.42 -0.38
C SER A 22 3.73 4.77 0.70
N PRO A 23 4.43 4.10 1.66
CA PRO A 23 5.88 4.02 1.60
C PRO A 23 6.34 3.04 0.52
N ALA A 24 7.60 2.67 0.60
CA ALA A 24 8.18 1.75 -0.37
C ALA A 24 7.57 0.37 -0.16
N GLU A 25 8.20 -0.41 0.71
CA GLU A 25 7.72 -1.75 1.00
C GLU A 25 7.78 -2.02 2.51
N GLU A 26 6.99 -1.25 3.25
CA GLU A 26 6.94 -1.39 4.68
C GLU A 26 5.69 -0.72 5.25
N LEU A 27 4.72 -1.56 5.61
CA LEU A 27 3.47 -1.06 6.16
C LEU A 27 3.52 -1.13 7.69
N TYR A 28 3.38 0.02 8.31
CA TYR A 28 3.41 0.09 9.77
C TYR A 28 2.03 0.47 10.32
N PHE A 29 1.35 -0.54 10.88
CA PHE A 29 0.04 -0.33 11.44
C PHE A 29 0.13 0.01 12.93
N GLY A 30 0.19 1.30 13.21
CA GLY A 30 0.28 1.77 14.58
C GLY A 30 0.52 3.28 14.63
N SER A 31 -0.57 4.03 14.73
CA SER A 31 -0.49 5.48 14.79
C SER A 31 -0.20 5.93 16.23
N ILE A 32 0.22 7.17 16.35
CA ILE A 32 0.53 7.74 17.65
C ILE A 32 -0.53 7.30 18.66
N GLU A 33 -0.07 7.01 19.87
CA GLU A 33 -0.98 6.58 20.93
C GLU A 33 -1.46 5.15 20.66
N SER A 34 -2.47 4.75 21.42
CA SER A 34 -3.04 3.42 21.27
C SER A 34 -4.41 3.50 20.60
N GLY A 35 -4.61 4.58 19.86
CA GLY A 35 -5.87 4.78 19.17
C GLY A 35 -6.13 3.67 18.16
N GLU A 36 -5.80 3.95 16.91
CA GLU A 36 -5.99 2.98 15.84
C GLU A 36 -4.64 2.56 15.25
N LYS A 37 -4.68 1.52 14.43
CA LYS A 37 -3.48 1.02 13.80
C LYS A 37 -3.73 0.87 12.29
N LYS A 38 -3.93 2.00 11.65
CA LYS A 38 -4.18 2.02 10.22
C LYS A 38 -3.08 2.81 9.52
N THR A 39 -2.79 2.42 8.28
CA THR A 39 -1.77 3.08 7.50
C THR A 39 -2.38 3.75 6.27
N LEU A 40 -1.65 4.71 5.73
CA LEU A 40 -2.11 5.42 4.54
C LEU A 40 -1.01 5.39 3.47
N ILE A 41 -1.37 4.82 2.33
CA ILE A 41 -0.44 4.73 1.22
C ILE A 41 -0.56 5.97 0.34
N VAL A 42 0.58 6.43 -0.15
CA VAL A 42 0.61 7.61 -1.00
C VAL A 42 1.13 7.21 -2.39
N LEU A 43 0.46 7.73 -3.40
CA LEU A 43 0.82 7.44 -4.77
C LEU A 43 1.07 8.76 -5.52
N THR A 44 2.34 9.02 -5.79
CA THR A 44 2.72 10.23 -6.50
C THR A 44 2.91 9.95 -7.98
N ASN A 45 1.94 10.41 -8.77
CA ASN A 45 1.99 10.22 -10.21
C ASN A 45 3.05 11.14 -10.81
N VAL A 46 4.23 10.58 -11.04
CA VAL A 46 5.32 11.36 -11.61
C VAL A 46 5.02 11.66 -13.07
N THR A 47 4.42 10.67 -13.73
CA THR A 47 4.08 10.83 -15.14
C THR A 47 3.33 12.15 -15.37
N LYS A 48 3.27 12.55 -16.62
CA LYS A 48 2.59 13.78 -16.99
C LYS A 48 1.22 13.45 -17.57
N ASN A 49 0.75 12.25 -17.26
CA ASN A 49 -0.54 11.80 -17.74
C ASN A 49 -1.22 10.94 -16.67
N ILE A 50 -2.51 11.17 -16.50
CA ILE A 50 -3.29 10.44 -15.52
C ILE A 50 -2.84 8.97 -15.53
N VAL A 51 -2.87 8.37 -14.34
CA VAL A 51 -2.47 6.99 -14.19
C VAL A 51 -3.45 6.28 -13.26
N ALA A 52 -4.03 5.20 -13.77
CA ALA A 52 -4.98 4.42 -12.99
C ALA A 52 -4.22 3.42 -12.12
N PHE A 53 -4.53 3.46 -10.83
CA PHE A 53 -3.89 2.56 -9.88
C PHE A 53 -4.92 1.65 -9.21
N LYS A 54 -4.41 0.61 -8.56
CA LYS A 54 -5.26 -0.34 -7.89
C LYS A 54 -4.48 -1.01 -6.75
N VAL A 55 -5.10 -1.00 -5.58
CA VAL A 55 -4.47 -1.61 -4.40
C VAL A 55 -5.21 -2.90 -4.05
N ARG A 56 -4.47 -4.00 -4.14
CA ARG A 56 -5.04 -5.30 -3.84
C ARG A 56 -4.14 -6.04 -2.83
N THR A 57 -4.64 -7.18 -2.38
CA THR A 57 -3.90 -7.99 -1.42
C THR A 57 -4.44 -9.42 -1.41
N THR A 58 -3.76 -10.26 -0.65
CA THR A 58 -4.15 -11.67 -0.55
C THR A 58 -5.19 -11.84 0.57
N ALA A 59 -5.81 -10.73 0.93
CA ALA A 59 -6.82 -10.75 1.97
C ALA A 59 -7.62 -9.44 1.92
N PRO A 60 -8.53 -9.37 0.91
CA PRO A 60 -9.36 -8.19 0.73
C PRO A 60 -10.48 -8.16 1.78
N GLU A 61 -10.84 -9.34 2.24
CA GLU A 61 -11.89 -9.46 3.24
C GLU A 61 -11.30 -9.42 4.65
N LYS A 62 -10.22 -8.65 4.79
CA LYS A 62 -9.55 -8.52 6.07
C LYS A 62 -9.06 -7.08 6.23
N TYR A 63 -8.39 -6.59 5.20
CA TYR A 63 -7.86 -5.24 5.22
C TYR A 63 -8.72 -4.31 4.35
N ARG A 64 -9.20 -3.25 4.98
CA ARG A 64 -10.02 -2.28 4.28
C ARG A 64 -9.14 -1.30 3.49
N VAL A 65 -9.13 -1.49 2.18
CA VAL A 65 -8.34 -0.64 1.31
C VAL A 65 -9.28 0.30 0.53
N LYS A 66 -8.97 1.59 0.62
CA LYS A 66 -9.77 2.59 -0.07
C LYS A 66 -8.99 3.89 -0.14
N PRO A 67 -8.94 4.48 -1.37
CA PRO A 67 -9.61 3.87 -2.50
C PRO A 67 -8.82 2.65 -3.01
N SER A 68 -9.56 1.63 -3.41
CA SER A 68 -8.95 0.41 -3.91
C SER A 68 -9.28 0.24 -5.40
N ASN A 69 -9.43 1.37 -6.07
CA ASN A 69 -9.74 1.36 -7.49
C ASN A 69 -10.05 2.78 -7.95
N SER A 70 -9.00 3.45 -8.42
CA SER A 70 -9.14 4.82 -8.91
C SER A 70 -7.91 5.22 -9.72
N SER A 71 -7.80 6.51 -9.96
CA SER A 71 -6.68 7.03 -10.73
C SER A 71 -6.14 8.31 -10.07
N CYS A 72 -4.84 8.50 -10.20
CA CYS A 72 -4.19 9.67 -9.63
C CYS A 72 -3.65 10.52 -10.78
N ASP A 73 -4.14 11.76 -10.84
CA ASP A 73 -3.71 12.68 -11.87
C ASP A 73 -2.20 12.87 -11.79
N PRO A 74 -1.63 13.44 -12.90
CA PRO A 74 -0.20 13.67 -12.97
C PRO A 74 0.20 14.86 -12.10
N GLY A 75 1.33 14.72 -11.43
CA GLY A 75 1.84 15.77 -10.57
C GLY A 75 0.96 15.93 -9.33
N ALA A 76 0.33 14.82 -8.94
CA ALA A 76 -0.53 14.83 -7.78
C ALA A 76 -0.21 13.61 -6.90
N SER A 77 -0.96 13.49 -5.82
CA SER A 77 -0.78 12.38 -4.90
C SER A 77 -2.12 11.89 -4.37
N ILE A 78 -2.25 10.57 -4.28
CA ILE A 78 -3.48 9.96 -3.79
C ILE A 78 -3.26 9.45 -2.36
N ASP A 79 -4.36 9.09 -1.73
CA ASP A 79 -4.31 8.57 -0.38
C ASP A 79 -5.10 7.26 -0.29
N ILE A 80 -4.38 6.19 -0.01
CA ILE A 80 -5.01 4.88 0.09
C ILE A 80 -4.88 4.38 1.53
N ILE A 81 -6.02 4.33 2.21
CA ILE A 81 -6.05 3.88 3.60
C ILE A 81 -6.09 2.34 3.62
N VAL A 82 -5.44 1.79 4.62
CA VAL A 82 -5.40 0.34 4.77
C VAL A 82 -5.58 -0.02 6.25
N SER A 83 -6.82 -0.36 6.60
CA SER A 83 -7.14 -0.72 7.97
C SER A 83 -7.63 -2.18 8.02
N PRO A 84 -6.99 -2.96 8.93
CA PRO A 84 -7.36 -4.36 9.08
C PRO A 84 -8.68 -4.50 9.84
N HIS A 85 -9.32 -5.64 9.63
CA HIS A 85 -10.59 -5.91 10.28
C HIS A 85 -10.48 -5.60 11.77
N GLY A 86 -11.62 -5.73 12.45
CA GLY A 86 -11.65 -5.47 13.88
C GLY A 86 -11.86 -6.76 14.67
N GLY A 87 -10.85 -7.62 14.62
CA GLY A 87 -10.90 -8.89 15.31
C GLY A 87 -9.63 -9.70 15.08
N LEU A 88 -9.41 -10.05 13.82
CA LEU A 88 -8.24 -10.83 13.45
C LEU A 88 -6.99 -9.94 13.56
N THR A 89 -5.88 -10.47 13.09
CA THR A 89 -4.62 -9.75 13.13
C THR A 89 -4.19 -9.34 11.72
N VAL A 90 -2.96 -8.87 11.62
CA VAL A 90 -2.41 -8.45 10.34
C VAL A 90 -1.48 -9.53 9.80
N SER A 91 -1.15 -10.47 10.67
CA SER A 91 -0.27 -11.57 10.29
C SER A 91 1.05 -11.01 9.75
N ALA A 92 1.99 -11.93 9.51
CA ALA A 92 3.28 -11.54 9.00
C ALA A 92 3.54 -12.26 7.67
N GLN A 93 2.47 -12.85 7.13
CA GLN A 93 2.57 -13.57 5.88
C GLN A 93 1.82 -12.83 4.78
N ASP A 94 0.77 -12.13 5.19
CA ASP A 94 -0.04 -11.37 4.25
C ASP A 94 0.87 -10.47 3.41
N ARG A 95 0.33 -10.04 2.29
CA ARG A 95 1.07 -9.17 1.38
C ARG A 95 0.13 -8.21 0.66
N PHE A 96 0.66 -7.04 0.33
CA PHE A 96 -0.12 -6.04 -0.37
C PHE A 96 0.35 -5.87 -1.82
N LEU A 97 -0.56 -5.42 -2.66
CA LEU A 97 -0.25 -5.21 -4.06
C LEU A 97 -0.79 -3.86 -4.50
N ILE A 98 -0.03 -3.19 -5.36
CA ILE A 98 -0.42 -1.89 -5.87
C ILE A 98 -0.14 -1.84 -7.37
N MET A 99 -1.18 -1.50 -8.13
CA MET A 99 -1.05 -1.40 -9.57
C MET A 99 -1.07 0.06 -10.02
N ALA A 100 -0.46 0.30 -11.18
CA ALA A 100 -0.40 1.63 -11.73
C ALA A 100 -0.06 1.56 -13.22
N ALA A 101 -0.98 2.05 -14.03
CA ALA A 101 -0.80 2.04 -15.47
C ALA A 101 -1.07 3.45 -16.03
N GLU A 102 -0.14 3.90 -16.85
CA GLU A 102 -0.26 5.22 -17.45
C GLU A 102 -1.39 5.23 -18.49
N MET A 103 -2.28 6.19 -18.34
CA MET A 103 -3.41 6.31 -19.25
C MET A 103 -3.04 7.19 -20.44
N GLU A 104 -3.96 7.22 -21.41
CA GLU A 104 -3.74 8.00 -22.62
C GLU A 104 -3.89 9.49 -22.30
N GLN A 105 -4.46 10.21 -23.26
CA GLN A 105 -4.66 11.65 -23.10
C GLN A 105 -5.91 11.91 -22.26
N SER A 106 -7.07 11.63 -22.86
CA SER A 106 -8.33 11.83 -22.18
C SER A 106 -8.64 10.63 -21.28
N SER A 107 -8.79 10.92 -19.99
CA SER A 107 -9.09 9.87 -19.02
C SER A 107 -10.43 10.18 -18.33
N GLY A 108 -11.40 9.31 -18.58
CA GLY A 108 -12.72 9.47 -17.98
C GLY A 108 -12.67 9.19 -16.49
N THR A 109 -11.62 8.51 -16.07
CA THR A 109 -11.44 8.17 -14.67
C THR A 109 -12.79 7.85 -14.03
N GLY A 110 -13.35 6.70 -14.41
CA GLY A 110 -14.63 6.27 -13.89
C GLY A 110 -14.64 4.76 -13.65
N PRO A 111 -15.85 4.24 -13.34
CA PRO A 111 -16.02 2.82 -13.09
C PRO A 111 -15.98 2.03 -14.39
N ALA A 112 -16.30 2.71 -15.48
CA ALA A 112 -16.29 2.08 -16.79
C ALA A 112 -14.93 2.28 -17.45
N GLU A 113 -14.64 3.53 -17.76
CA GLU A 113 -13.37 3.87 -18.40
C GLU A 113 -12.23 3.05 -17.77
N LEU A 114 -12.25 2.99 -16.45
CA LEU A 114 -11.22 2.25 -15.72
C LEU A 114 -11.33 0.77 -16.08
N SER A 115 -12.45 0.18 -15.72
CA SER A 115 -12.69 -1.22 -16.00
C SER A 115 -12.31 -1.54 -17.45
N GLN A 116 -12.52 -0.56 -18.31
CA GLN A 116 -12.20 -0.71 -19.71
C GLN A 116 -10.71 -0.50 -19.96
N PHE A 117 -10.12 0.36 -19.14
CA PHE A 117 -8.70 0.65 -19.24
C PHE A 117 -7.87 -0.38 -18.48
N TRP A 118 -8.53 -1.07 -17.57
CA TRP A 118 -7.87 -2.09 -16.77
C TRP A 118 -8.00 -3.43 -17.50
N LYS A 119 -9.05 -3.51 -18.30
CA LYS A 119 -9.31 -4.73 -19.06
C LYS A 119 -8.50 -4.70 -20.35
N GLU A 120 -8.13 -3.49 -20.76
CA GLU A 120 -7.36 -3.31 -21.98
C GLU A 120 -5.86 -3.27 -21.66
N VAL A 121 -5.54 -2.55 -20.58
CA VAL A 121 -4.16 -2.43 -20.16
C VAL A 121 -3.68 -3.78 -19.62
N PRO A 122 -2.62 -4.32 -20.28
CA PRO A 122 -2.05 -5.60 -19.88
C PRO A 122 -1.22 -5.45 -18.61
N ARG A 123 -0.87 -6.59 -18.04
CA ARG A 123 -0.07 -6.59 -16.81
C ARG A 123 1.40 -6.29 -17.13
N ASN A 124 1.65 -6.05 -18.42
CA ASN A 124 2.99 -5.75 -18.87
C ASN A 124 3.13 -4.24 -19.08
N LYS A 125 1.99 -3.58 -19.10
CA LYS A 125 1.96 -2.13 -19.29
C LYS A 125 1.68 -1.45 -17.95
N VAL A 126 0.99 -2.18 -17.09
CA VAL A 126 0.65 -1.66 -15.78
C VAL A 126 1.72 -2.10 -14.77
N MET A 127 2.05 -1.19 -13.87
CA MET A 127 3.04 -1.47 -12.85
C MET A 127 2.43 -2.27 -11.69
N GLU A 128 3.30 -2.97 -10.97
CA GLU A 128 2.87 -3.77 -9.84
C GLU A 128 3.90 -3.72 -8.73
N HIS A 129 3.53 -3.06 -7.64
CA HIS A 129 4.42 -2.94 -6.49
C HIS A 129 3.74 -3.52 -5.26
N ARG A 130 4.34 -4.58 -4.74
CA ARG A 130 3.82 -5.24 -3.56
C ARG A 130 4.38 -4.61 -2.29
N LEU A 131 3.50 -4.42 -1.31
CA LEU A 131 3.89 -3.83 -0.06
C LEU A 131 3.86 -4.89 1.05
N ARG A 132 4.79 -4.75 1.99
CA ARG A 132 4.88 -5.70 3.09
C ARG A 132 4.54 -5.00 4.41
N CYS A 133 3.86 -5.74 5.27
CA CYS A 133 3.46 -5.21 6.56
C CYS A 133 4.60 -5.47 7.56
N HIS A 134 4.91 -4.44 8.33
CA HIS A 134 5.97 -4.54 9.32
C HIS A 134 5.38 -4.98 10.67
N THR A 135 5.64 -6.22 11.01
CA THR A 135 5.13 -6.78 12.26
C THR A 135 6.27 -7.45 13.03
N VAL A 136 6.28 -7.21 14.34
CA VAL A 136 7.29 -7.79 15.20
C VAL A 136 6.70 -8.96 15.98
N GLU A 137 6.46 -10.04 15.26
CA GLU A 137 5.89 -11.24 15.86
C GLU A 137 6.84 -11.80 16.91
N SER A 138 8.04 -12.13 16.46
CA SER A 138 9.06 -12.68 17.35
C SER A 138 8.40 -13.67 18.33
N SER A 139 8.37 -14.92 17.92
CA SER A 139 7.79 -15.96 18.75
C SER A 139 8.57 -17.27 18.59
N LYS A 140 8.49 -18.10 19.62
CA LYS A 140 9.18 -19.37 19.59
C LYS A 140 8.71 -20.22 20.78
N PRO A 141 8.77 -21.57 20.59
CA PRO A 141 8.36 -22.49 21.63
C PRO A 141 9.42 -22.58 22.73
N ASN A 142 9.15 -23.45 23.70
CA ASN A 142 10.06 -23.64 24.81
C ASN A 142 10.29 -22.29 25.50
N SER A 143 10.89 -22.36 26.67
CA SER A 143 11.18 -21.16 27.44
C SER A 143 12.51 -21.32 28.19
N LEU A 144 13.48 -20.49 27.80
CA LEU A 144 14.78 -20.53 28.42
C LEU A 144 15.60 -19.32 27.95
N MET A 145 15.17 -18.15 28.37
CA MET A 145 15.84 -16.92 28.00
C MET A 145 15.22 -15.72 28.71
N LEU A 146 15.97 -14.62 28.71
CA LEU A 146 15.51 -13.40 29.35
C LEU A 146 15.87 -12.20 28.47
N SER A 147 14.87 -11.70 27.77
CA SER A 147 15.07 -10.56 26.88
C SER A 147 13.74 -10.15 26.24
N GLY A 148 13.71 -8.93 25.74
CA GLY A 148 12.51 -8.41 25.10
C GLY A 148 11.73 -7.51 26.05
N PRO A 149 12.16 -6.22 26.11
CA PRO A 149 11.51 -5.25 26.98
C PRO A 149 10.16 -4.81 26.39
N SER A 150 9.40 -4.09 27.21
CA SER A 150 8.10 -3.62 26.79
C SER A 150 8.18 -3.07 25.36
N SER A 151 7.02 -2.94 24.74
CA SER A 151 6.94 -2.44 23.38
C SER A 151 7.47 -1.01 23.32
N GLY A 152 8.71 -0.89 22.84
CA GLY A 152 9.34 0.42 22.73
C GLY A 152 10.85 0.31 22.94
N GLY A 1 26.33 -3.85 23.55
CA GLY A 1 25.89 -3.37 22.26
C GLY A 1 24.49 -2.77 22.34
N SER A 2 24.43 -1.54 22.83
CA SER A 2 23.16 -0.84 22.97
C SER A 2 23.26 0.56 22.38
N SER A 3 22.10 1.14 22.07
CA SER A 3 22.05 2.47 21.51
C SER A 3 22.79 2.50 20.17
N GLY A 4 22.02 2.33 19.11
CA GLY A 4 22.58 2.34 17.77
C GLY A 4 22.44 3.72 17.12
N SER A 5 21.58 3.79 16.13
CA SER A 5 21.34 5.03 15.42
C SER A 5 20.28 5.86 16.15
N SER A 6 19.09 5.30 16.23
CA SER A 6 17.99 5.96 16.91
C SER A 6 17.55 7.20 16.10
N GLY A 7 16.32 7.59 16.31
CA GLY A 7 15.77 8.74 15.61
C GLY A 7 14.44 8.40 14.93
N LYS A 8 14.13 9.17 13.89
CA LYS A 8 12.91 8.96 13.15
C LYS A 8 13.15 7.92 12.06
N LYS A 9 12.07 7.52 11.41
CA LYS A 9 12.15 6.53 10.36
C LYS A 9 12.32 7.24 9.01
N PRO A 10 13.14 6.61 8.13
CA PRO A 10 13.40 7.18 6.81
C PRO A 10 12.21 6.98 5.89
N LEU A 11 11.78 8.07 5.27
CA LEU A 11 10.65 8.02 4.36
C LEU A 11 11.13 7.56 2.98
N SER A 12 10.97 6.27 2.73
CA SER A 12 11.39 5.70 1.46
C SER A 12 10.16 5.33 0.62
N VAL A 13 10.21 5.71 -0.64
CA VAL A 13 9.10 5.43 -1.55
C VAL A 13 9.65 4.76 -2.82
N PHE A 14 8.90 3.80 -3.31
CA PHE A 14 9.29 3.08 -4.51
C PHE A 14 9.11 3.95 -5.75
N LYS A 15 10.18 4.59 -6.17
CA LYS A 15 10.15 5.45 -7.34
C LYS A 15 9.71 4.63 -8.56
N GLY A 16 8.46 4.85 -8.95
CA GLY A 16 7.90 4.14 -10.09
C GLY A 16 8.03 4.97 -11.37
N PRO A 17 8.03 4.26 -12.52
CA PRO A 17 8.15 4.91 -13.81
C PRO A 17 6.83 5.60 -14.20
N LEU A 18 5.77 5.18 -13.53
CA LEU A 18 4.45 5.73 -13.80
C LEU A 18 3.91 6.37 -12.51
N LEU A 19 3.48 5.51 -11.60
CA LEU A 19 2.94 5.98 -10.33
C LEU A 19 3.91 5.63 -9.21
N HIS A 20 4.26 6.65 -8.43
CA HIS A 20 5.18 6.46 -7.32
C HIS A 20 4.43 5.85 -6.14
N ILE A 21 4.95 4.72 -5.66
CA ILE A 21 4.36 4.04 -4.53
C ILE A 21 5.05 4.47 -3.25
N SER A 22 4.26 4.62 -2.19
CA SER A 22 4.79 5.03 -0.91
C SER A 22 3.94 4.43 0.21
N PRO A 23 4.65 3.80 1.20
CA PRO A 23 6.10 3.72 1.14
C PRO A 23 6.55 2.70 0.09
N ALA A 24 7.80 2.29 0.22
CA ALA A 24 8.37 1.32 -0.71
C ALA A 24 7.80 -0.07 -0.39
N GLU A 25 8.55 -0.79 0.43
CA GLU A 25 8.13 -2.13 0.82
C GLU A 25 8.18 -2.28 2.34
N GLU A 26 7.48 -1.38 3.02
CA GLU A 26 7.43 -1.40 4.47
C GLU A 26 6.26 -0.55 4.97
N LEU A 27 5.21 -1.24 5.39
CA LEU A 27 4.02 -0.56 5.89
C LEU A 27 4.07 -0.54 7.42
N TYR A 28 3.75 0.62 7.97
CA TYR A 28 3.75 0.79 9.41
C TYR A 28 2.33 0.94 9.95
N PHE A 29 1.88 -0.10 10.65
CA PHE A 29 0.55 -0.10 11.21
C PHE A 29 0.59 0.19 12.72
N GLY A 30 0.66 1.46 13.04
CA GLY A 30 0.72 1.88 14.44
C GLY A 30 1.89 2.82 14.69
N SER A 31 1.95 3.88 13.89
CA SER A 31 3.01 4.85 14.01
C SER A 31 2.42 6.23 14.31
N ILE A 32 3.10 6.95 15.19
CA ILE A 32 2.66 8.29 15.58
C ILE A 32 2.21 9.05 14.32
N GLU A 33 1.23 9.92 14.53
CA GLU A 33 0.70 10.71 13.43
C GLU A 33 -0.37 9.92 12.67
N SER A 34 -0.04 8.68 12.38
CA SER A 34 -0.97 7.81 11.66
C SER A 34 -2.13 7.41 12.58
N GLY A 35 -1.91 7.59 13.87
CA GLY A 35 -2.93 7.26 14.85
C GLY A 35 -3.00 5.74 15.08
N GLU A 36 -4.19 5.20 14.85
CA GLU A 36 -4.40 3.77 15.02
C GLU A 36 -3.33 2.98 14.26
N LYS A 37 -3.47 1.66 14.31
CA LYS A 37 -2.53 0.78 13.63
C LYS A 37 -2.94 0.66 12.16
N LYS A 38 -3.11 1.81 11.52
CA LYS A 38 -3.50 1.83 10.12
C LYS A 38 -2.42 2.55 9.32
N THR A 39 -2.23 2.08 8.09
CA THR A 39 -1.23 2.66 7.21
C THR A 39 -1.91 3.44 6.08
N LEU A 40 -1.15 4.34 5.49
CA LEU A 40 -1.66 5.16 4.39
C LEU A 40 -0.64 5.16 3.25
N ILE A 41 -1.07 4.61 2.12
CA ILE A 41 -0.21 4.55 0.95
C ILE A 41 -0.41 5.81 0.11
N VAL A 42 0.69 6.32 -0.41
CA VAL A 42 0.65 7.51 -1.24
C VAL A 42 1.07 7.16 -2.67
N LEU A 43 0.28 7.63 -3.62
CA LEU A 43 0.58 7.37 -5.02
C LEU A 43 0.86 8.70 -5.73
N THR A 44 2.15 8.94 -5.95
CA THR A 44 2.57 10.16 -6.62
C THR A 44 2.72 9.92 -8.12
N ASN A 45 1.75 10.42 -8.87
CA ASN A 45 1.77 10.27 -10.31
C ASN A 45 2.78 11.25 -10.92
N VAL A 46 3.90 10.69 -11.35
CA VAL A 46 4.95 11.49 -11.94
C VAL A 46 4.62 11.75 -13.41
N THR A 47 4.13 10.71 -14.07
CA THR A 47 3.78 10.81 -15.47
C THR A 47 2.96 12.08 -15.74
N LYS A 48 3.02 12.54 -16.98
CA LYS A 48 2.30 13.74 -17.35
C LYS A 48 0.94 13.35 -17.95
N ASN A 49 0.44 12.21 -17.48
CA ASN A 49 -0.84 11.72 -17.95
C ASN A 49 -1.49 10.88 -16.84
N ILE A 50 -2.78 11.13 -16.64
CA ILE A 50 -3.53 10.41 -15.62
C ILE A 50 -3.08 8.95 -15.60
N VAL A 51 -3.13 8.36 -14.42
CA VAL A 51 -2.73 6.97 -14.25
C VAL A 51 -3.71 6.27 -13.30
N ALA A 52 -4.22 5.15 -13.75
CA ALA A 52 -5.17 4.37 -12.97
C ALA A 52 -4.40 3.46 -12.00
N PHE A 53 -4.84 3.46 -10.76
CA PHE A 53 -4.20 2.65 -9.74
C PHE A 53 -5.23 1.78 -9.00
N LYS A 54 -4.79 0.59 -8.64
CA LYS A 54 -5.65 -0.35 -7.94
C LYS A 54 -4.85 -1.05 -6.85
N VAL A 55 -5.40 -1.03 -5.65
CA VAL A 55 -4.75 -1.67 -4.52
C VAL A 55 -5.50 -2.96 -4.16
N ARG A 56 -4.74 -4.04 -4.06
CA ARG A 56 -5.32 -5.33 -3.72
C ARG A 56 -4.43 -6.06 -2.71
N THR A 57 -5.09 -6.83 -1.85
CA THR A 57 -4.37 -7.58 -0.83
C THR A 57 -4.78 -9.05 -0.88
N THR A 58 -3.98 -9.88 -0.21
CA THR A 58 -4.24 -11.30 -0.17
C THR A 58 -5.39 -11.60 0.80
N ALA A 59 -5.92 -10.54 1.39
CA ALA A 59 -7.02 -10.68 2.33
C ALA A 59 -7.83 -9.38 2.35
N PRO A 60 -8.64 -9.19 1.27
CA PRO A 60 -9.46 -8.00 1.16
C PRO A 60 -10.67 -8.08 2.09
N GLU A 61 -10.74 -9.19 2.82
CA GLU A 61 -11.84 -9.41 3.75
C GLU A 61 -11.35 -9.23 5.19
N LYS A 62 -10.14 -8.72 5.32
CA LYS A 62 -9.55 -8.50 6.62
C LYS A 62 -9.16 -7.03 6.76
N TYR A 63 -8.50 -6.53 5.73
CA TYR A 63 -8.06 -5.14 5.72
C TYR A 63 -8.98 -4.27 4.86
N ARG A 64 -9.16 -3.05 5.30
CA ARG A 64 -10.02 -2.11 4.58
C ARG A 64 -9.17 -1.14 3.75
N VAL A 65 -9.10 -1.42 2.46
CA VAL A 65 -8.32 -0.57 1.56
C VAL A 65 -9.26 0.40 0.85
N LYS A 66 -8.95 1.68 0.98
CA LYS A 66 -9.74 2.71 0.34
C LYS A 66 -8.93 4.01 0.27
N PRO A 67 -8.92 4.61 -0.95
CA PRO A 67 -9.65 4.05 -2.07
C PRO A 67 -8.93 2.82 -2.63
N SER A 68 -9.70 1.78 -2.88
CA SER A 68 -9.14 0.55 -3.43
C SER A 68 -9.65 0.32 -4.85
N ASN A 69 -9.53 1.37 -5.66
CA ASN A 69 -9.98 1.30 -7.05
C ASN A 69 -10.26 2.71 -7.55
N SER A 70 -9.27 3.29 -8.22
CA SER A 70 -9.40 4.63 -8.75
C SER A 70 -8.14 5.01 -9.53
N SER A 71 -7.99 6.30 -9.76
CA SER A 71 -6.84 6.80 -10.49
C SER A 71 -6.29 8.06 -9.80
N CYS A 72 -5.02 8.34 -10.08
CA CYS A 72 -4.38 9.50 -9.50
C CYS A 72 -3.92 10.42 -10.64
N ASP A 73 -4.45 11.63 -10.63
CA ASP A 73 -4.10 12.61 -11.64
C ASP A 73 -2.59 12.78 -11.68
N PRO A 74 -2.10 13.36 -12.81
CA PRO A 74 -0.68 13.59 -12.99
C PRO A 74 -0.21 14.77 -12.15
N GLY A 75 0.97 14.60 -11.56
CA GLY A 75 1.55 15.65 -10.73
C GLY A 75 0.74 15.83 -9.43
N ALA A 76 0.14 14.73 -8.99
CA ALA A 76 -0.65 14.76 -7.78
C ALA A 76 -0.31 13.54 -6.91
N SER A 77 -1.00 13.43 -5.78
CA SER A 77 -0.77 12.32 -4.87
C SER A 77 -2.08 11.90 -4.23
N ILE A 78 -2.29 10.60 -4.18
CA ILE A 78 -3.50 10.04 -3.60
C ILE A 78 -3.18 9.46 -2.21
N ASP A 79 -4.23 9.10 -1.50
CA ASP A 79 -4.08 8.53 -0.17
C ASP A 79 -4.92 7.26 -0.06
N ILE A 80 -4.22 6.15 0.16
CA ILE A 80 -4.88 4.86 0.28
C ILE A 80 -4.72 4.34 1.71
N ILE A 81 -5.80 4.41 2.47
CA ILE A 81 -5.78 3.95 3.84
C ILE A 81 -5.89 2.43 3.87
N VAL A 82 -5.23 1.84 4.87
CA VAL A 82 -5.24 0.39 5.00
C VAL A 82 -5.32 0.04 6.49
N SER A 83 -6.54 -0.25 6.93
CA SER A 83 -6.77 -0.61 8.32
C SER A 83 -7.17 -2.07 8.42
N PRO A 84 -6.42 -2.82 9.28
CA PRO A 84 -6.68 -4.23 9.47
C PRO A 84 -7.91 -4.44 10.34
N HIS A 85 -8.99 -4.88 9.71
CA HIS A 85 -10.23 -5.12 10.40
C HIS A 85 -10.46 -4.02 11.45
N GLY A 86 -11.28 -4.35 12.43
CA GLY A 86 -11.60 -3.40 13.48
C GLY A 86 -11.43 -4.05 14.86
N GLY A 87 -10.38 -4.85 14.98
CA GLY A 87 -10.10 -5.53 16.23
C GLY A 87 -8.79 -6.32 16.15
N LEU A 88 -8.74 -7.19 15.14
CA LEU A 88 -7.55 -8.01 14.94
C LEU A 88 -6.33 -7.11 14.72
N THR A 89 -5.26 -7.72 14.26
CA THR A 89 -4.03 -6.99 14.01
C THR A 89 -3.40 -7.43 12.69
N VAL A 90 -2.35 -6.72 12.30
CA VAL A 90 -1.64 -7.04 11.07
C VAL A 90 -0.35 -7.78 11.40
N SER A 91 -0.07 -8.81 10.60
CA SER A 91 1.12 -9.60 10.79
C SER A 91 1.95 -9.63 9.51
N ALA A 92 3.10 -10.28 9.59
CA ALA A 92 3.99 -10.39 8.45
C ALA A 92 3.67 -11.67 7.67
N GLN A 93 2.38 -11.98 7.61
CA GLN A 93 1.94 -13.17 6.91
C GLN A 93 1.20 -12.78 5.62
N ASP A 94 0.56 -11.62 5.67
CA ASP A 94 -0.18 -11.13 4.53
C ASP A 94 0.69 -10.14 3.76
N ARG A 95 0.20 -9.77 2.58
CA ARG A 95 0.92 -8.82 1.73
C ARG A 95 -0.06 -7.94 0.96
N PHE A 96 0.44 -6.80 0.53
CA PHE A 96 -0.38 -5.86 -0.22
C PHE A 96 0.13 -5.71 -1.65
N LEU A 97 -0.79 -5.38 -2.54
CA LEU A 97 -0.45 -5.20 -3.94
C LEU A 97 -1.08 -3.91 -4.46
N ILE A 98 -0.29 -3.17 -5.23
CA ILE A 98 -0.75 -1.91 -5.79
C ILE A 98 -0.50 -1.91 -7.29
N MET A 99 -1.49 -1.40 -8.03
CA MET A 99 -1.40 -1.33 -9.47
C MET A 99 -1.31 0.11 -9.95
N ALA A 100 -0.70 0.29 -11.11
CA ALA A 100 -0.55 1.61 -11.69
C ALA A 100 -0.23 1.49 -13.18
N ALA A 101 -1.12 2.05 -13.98
CA ALA A 101 -0.95 2.01 -15.43
C ALA A 101 -1.23 3.40 -16.01
N GLU A 102 -0.32 3.84 -16.86
CA GLU A 102 -0.46 5.15 -17.49
C GLU A 102 -1.59 5.12 -18.50
N MET A 103 -2.46 6.12 -18.40
CA MET A 103 -3.60 6.23 -19.30
C MET A 103 -3.31 7.21 -20.44
N GLU A 104 -4.21 7.22 -21.40
CA GLU A 104 -4.06 8.11 -22.55
C GLU A 104 -4.44 9.54 -22.17
N GLN A 105 -5.08 10.23 -23.12
CA GLN A 105 -5.50 11.60 -22.89
C GLN A 105 -6.37 11.68 -21.64
N SER A 106 -7.01 12.84 -21.48
CA SER A 106 -7.88 13.06 -20.35
C SER A 106 -8.91 11.94 -20.24
N SER A 107 -8.77 11.14 -19.20
CA SER A 107 -9.68 10.03 -18.98
C SER A 107 -10.90 10.50 -18.17
N GLY A 108 -11.78 9.55 -17.88
CA GLY A 108 -12.97 9.86 -17.11
C GLY A 108 -12.88 9.30 -15.70
N THR A 109 -11.90 8.43 -15.50
CA THR A 109 -11.68 7.82 -14.20
C THR A 109 -13.01 7.36 -13.60
N GLY A 110 -13.57 6.32 -14.20
CA GLY A 110 -14.83 5.77 -13.74
C GLY A 110 -14.78 4.25 -13.68
N PRO A 111 -15.99 3.64 -13.49
CA PRO A 111 -16.09 2.19 -13.42
C PRO A 111 -15.94 1.56 -14.81
N ALA A 112 -16.19 2.38 -15.82
CA ALA A 112 -16.09 1.91 -17.19
C ALA A 112 -14.68 2.18 -17.72
N GLU A 113 -14.41 3.46 -17.94
CA GLU A 113 -13.10 3.86 -18.44
C GLU A 113 -12.01 3.01 -17.82
N LEU A 114 -12.10 2.83 -16.51
CA LEU A 114 -11.13 2.02 -15.78
C LEU A 114 -11.14 0.59 -16.33
N SER A 115 -12.26 -0.07 -16.11
CA SER A 115 -12.42 -1.45 -16.56
C SER A 115 -12.02 -1.56 -18.03
N GLN A 116 -12.18 -0.45 -18.74
CA GLN A 116 -11.84 -0.41 -20.15
C GLN A 116 -10.34 -0.17 -20.33
N PHE A 117 -9.78 0.56 -19.37
CA PHE A 117 -8.36 0.87 -19.41
C PHE A 117 -7.53 -0.25 -18.76
N TRP A 118 -8.19 -1.00 -17.89
CA TRP A 118 -7.53 -2.10 -17.19
C TRP A 118 -7.66 -3.35 -18.07
N LYS A 119 -8.64 -3.31 -18.96
CA LYS A 119 -8.89 -4.43 -19.85
C LYS A 119 -8.07 -4.23 -21.13
N GLU A 120 -7.79 -2.98 -21.44
CA GLU A 120 -7.02 -2.65 -22.62
C GLU A 120 -5.53 -2.65 -22.31
N VAL A 121 -5.20 -2.14 -21.12
CA VAL A 121 -3.82 -2.07 -20.68
C VAL A 121 -3.30 -3.48 -20.44
N PRO A 122 -2.17 -3.82 -21.13
CA PRO A 122 -1.56 -5.13 -20.99
C PRO A 122 -0.83 -5.25 -19.65
N ARG A 123 -0.88 -6.45 -19.09
CA ARG A 123 -0.23 -6.72 -17.82
C ARG A 123 1.21 -6.22 -17.85
N ASN A 124 1.72 -6.05 -19.07
CA ASN A 124 3.08 -5.57 -19.25
C ASN A 124 3.15 -4.09 -18.92
N LYS A 125 2.06 -3.39 -19.21
CA LYS A 125 1.99 -1.97 -18.95
C LYS A 125 1.35 -1.74 -17.58
N VAL A 126 1.02 -2.83 -16.92
CA VAL A 126 0.40 -2.76 -15.62
C VAL A 126 1.49 -2.88 -14.54
N MET A 127 1.76 -1.77 -13.89
CA MET A 127 2.76 -1.73 -12.84
C MET A 127 2.18 -2.21 -11.50
N GLU A 128 2.67 -3.35 -11.05
CA GLU A 128 2.21 -3.92 -9.80
C GLU A 128 3.29 -3.75 -8.72
N HIS A 129 2.87 -3.19 -7.59
CA HIS A 129 3.79 -2.97 -6.48
C HIS A 129 3.28 -3.72 -5.25
N ARG A 130 4.17 -4.50 -4.66
CA ARG A 130 3.81 -5.28 -3.48
C ARG A 130 4.34 -4.58 -2.22
N LEU A 131 3.41 -4.20 -1.35
CA LEU A 131 3.77 -3.53 -0.11
C LEU A 131 3.95 -4.57 0.99
N ARG A 132 4.92 -4.32 1.85
CA ARG A 132 5.20 -5.22 2.95
C ARG A 132 4.71 -4.61 4.28
N CYS A 133 4.54 -5.47 5.26
CA CYS A 133 4.08 -5.04 6.57
C CYS A 133 5.30 -4.91 7.48
N HIS A 134 5.34 -3.82 8.22
CA HIS A 134 6.44 -3.56 9.13
C HIS A 134 5.97 -3.84 10.57
N THR A 135 6.35 -5.01 11.06
CA THR A 135 5.98 -5.41 12.41
C THR A 135 7.01 -4.88 13.41
N VAL A 136 6.51 -4.20 14.43
CA VAL A 136 7.36 -3.64 15.46
C VAL A 136 7.19 -4.45 16.75
N GLU A 137 7.67 -5.68 16.70
CA GLU A 137 7.59 -6.56 17.86
C GLU A 137 8.68 -7.64 17.80
N SER A 138 8.82 -8.36 18.90
CA SER A 138 9.83 -9.41 18.98
C SER A 138 9.46 -10.39 20.09
N SER A 139 9.25 -11.64 19.70
CA SER A 139 8.90 -12.67 20.65
C SER A 139 7.56 -12.35 21.31
N LYS A 140 6.89 -13.40 21.77
CA LYS A 140 5.60 -13.24 22.42
C LYS A 140 5.33 -14.45 23.30
N PRO A 141 4.22 -14.35 24.08
CA PRO A 141 3.84 -15.44 24.98
C PRO A 141 3.22 -16.60 24.19
N ASN A 142 4.09 -17.41 23.60
CA ASN A 142 3.65 -18.55 22.82
C ASN A 142 2.49 -18.13 21.93
N SER A 143 2.83 -17.66 20.74
CA SER A 143 1.82 -17.23 19.79
C SER A 143 2.48 -16.86 18.46
N LEU A 144 3.02 -17.88 17.81
CA LEU A 144 3.69 -17.68 16.53
C LEU A 144 3.78 -19.02 15.80
N MET A 145 4.18 -20.04 16.55
CA MET A 145 4.31 -21.37 15.98
C MET A 145 5.45 -21.41 14.95
N LEU A 146 6.23 -22.48 15.01
CA LEU A 146 7.33 -22.66 14.08
C LEU A 146 6.85 -22.38 12.67
N SER A 147 7.11 -21.16 12.21
CA SER A 147 6.71 -20.76 10.87
C SER A 147 7.16 -19.33 10.59
N GLY A 148 7.75 -19.14 9.42
CA GLY A 148 8.22 -17.83 9.03
C GLY A 148 9.75 -17.80 8.92
N PRO A 149 10.24 -17.82 7.65
CA PRO A 149 11.67 -17.80 7.39
C PRO A 149 12.25 -16.40 7.63
N SER A 150 13.57 -16.35 7.66
CA SER A 150 14.27 -15.10 7.87
C SER A 150 13.97 -14.13 6.71
N SER A 151 14.01 -12.85 7.02
CA SER A 151 13.76 -11.83 6.03
C SER A 151 14.41 -10.51 6.44
N GLY A 152 14.49 -9.59 5.49
CA GLY A 152 15.09 -8.29 5.75
C GLY A 152 16.37 -8.44 6.58
N GLY A 1 27.38 5.43 24.44
CA GLY A 1 26.11 5.32 23.74
C GLY A 1 25.85 6.54 22.87
N SER A 2 24.70 6.54 22.22
CA SER A 2 24.32 7.65 21.36
C SER A 2 25.49 8.03 20.46
N SER A 3 25.60 7.31 19.35
CA SER A 3 26.67 7.57 18.40
C SER A 3 26.25 7.11 17.00
N GLY A 4 26.79 7.79 16.00
CA GLY A 4 26.48 7.46 14.62
C GLY A 4 26.46 8.72 13.75
N SER A 5 26.78 8.52 12.47
CA SER A 5 26.80 9.62 11.53
C SER A 5 25.45 9.77 10.84
N SER A 6 25.17 10.98 10.40
CA SER A 6 23.91 11.26 9.74
C SER A 6 22.73 11.00 10.69
N GLY A 7 21.56 11.43 10.26
CA GLY A 7 20.36 11.25 11.06
C GLY A 7 19.14 11.02 10.16
N LYS A 8 18.15 11.91 10.33
CA LYS A 8 16.93 11.82 9.55
C LYS A 8 16.14 10.59 10.00
N LYS A 9 14.85 10.59 9.66
CA LYS A 9 13.98 9.50 10.02
C LYS A 9 13.80 8.57 8.80
N PRO A 10 13.34 7.33 9.10
CA PRO A 10 13.12 6.34 8.05
C PRO A 10 11.86 6.67 7.25
N LEU A 11 12.06 6.95 5.98
CA LEU A 11 10.94 7.28 5.10
C LEU A 11 11.42 7.25 3.65
N SER A 12 11.03 6.18 2.95
CA SER A 12 11.41 6.02 1.55
C SER A 12 10.20 5.57 0.73
N VAL A 13 10.22 5.95 -0.54
CA VAL A 13 9.14 5.58 -1.44
C VAL A 13 9.71 4.90 -2.68
N PHE A 14 8.98 3.91 -3.17
CA PHE A 14 9.41 3.18 -4.35
C PHE A 14 9.22 4.01 -5.61
N LYS A 15 10.30 4.66 -6.03
CA LYS A 15 10.26 5.49 -7.22
C LYS A 15 9.80 4.66 -8.41
N GLY A 16 8.55 4.88 -8.80
CA GLY A 16 7.98 4.16 -9.92
C GLY A 16 8.13 4.94 -11.22
N PRO A 17 8.13 4.19 -12.35
CA PRO A 17 8.26 4.81 -13.66
C PRO A 17 6.97 5.51 -14.08
N LEU A 18 5.88 5.11 -13.42
CA LEU A 18 4.59 5.69 -13.72
C LEU A 18 4.02 6.34 -12.44
N LEU A 19 3.54 5.48 -11.56
CA LEU A 19 2.97 5.94 -10.30
C LEU A 19 3.90 5.55 -9.15
N HIS A 20 4.12 6.51 -8.26
CA HIS A 20 4.99 6.29 -7.12
C HIS A 20 4.23 5.52 -6.04
N ILE A 21 4.98 4.84 -5.19
CA ILE A 21 4.39 4.06 -4.12
C ILE A 21 5.06 4.44 -2.79
N SER A 22 4.23 4.71 -1.81
CA SER A 22 4.71 5.09 -0.50
C SER A 22 3.78 4.54 0.59
N PRO A 23 4.40 3.92 1.62
CA PRO A 23 5.85 3.79 1.65
C PRO A 23 6.34 2.72 0.66
N ALA A 24 7.64 2.71 0.45
CA ALA A 24 8.24 1.75 -0.46
C ALA A 24 7.68 0.36 -0.17
N GLU A 25 8.43 -0.40 0.62
CA GLU A 25 8.02 -1.74 0.98
C GLU A 25 8.12 -1.94 2.49
N GLU A 26 7.34 -1.15 3.21
CA GLU A 26 7.34 -1.24 4.66
C GLU A 26 6.10 -0.54 5.23
N LEU A 27 5.14 -1.35 5.64
CA LEU A 27 3.89 -0.82 6.20
C LEU A 27 4.05 -0.71 7.71
N TYR A 28 3.44 0.35 8.26
CA TYR A 28 3.49 0.58 9.68
C TYR A 28 2.11 0.89 10.24
N PHE A 29 1.47 -0.15 10.77
CA PHE A 29 0.13 0.01 11.33
C PHE A 29 0.21 0.35 12.82
N GLY A 30 0.12 1.65 13.09
CA GLY A 30 0.17 2.13 14.47
C GLY A 30 -0.47 3.52 14.59
N SER A 31 -1.66 3.63 14.00
CA SER A 31 -2.38 4.90 14.04
C SER A 31 -3.42 4.87 15.16
N ILE A 32 -3.75 6.05 15.65
CA ILE A 32 -4.73 6.18 16.72
C ILE A 32 -5.67 7.35 16.41
N GLU A 33 -6.84 7.28 17.01
CA GLU A 33 -7.84 8.33 16.81
C GLU A 33 -8.35 8.30 15.36
N SER A 34 -7.43 8.53 14.44
CA SER A 34 -7.76 8.53 13.03
C SER A 34 -7.61 7.12 12.45
N GLY A 35 -7.87 6.14 13.29
CA GLY A 35 -7.75 4.75 12.88
C GLY A 35 -6.90 3.95 13.86
N GLU A 36 -7.43 2.80 14.25
CA GLU A 36 -6.73 1.93 15.18
C GLU A 36 -5.85 0.94 14.42
N LYS A 37 -4.57 1.31 14.31
CA LYS A 37 -3.62 0.46 13.62
C LYS A 37 -3.95 0.45 12.13
N LYS A 38 -3.95 1.62 11.54
CA LYS A 38 -4.25 1.76 10.12
C LYS A 38 -3.12 2.54 9.43
N THR A 39 -2.81 2.12 8.21
CA THR A 39 -1.76 2.77 7.45
C THR A 39 -2.36 3.51 6.25
N LEU A 40 -1.61 4.48 5.75
CA LEU A 40 -2.05 5.27 4.61
C LEU A 40 -0.95 5.28 3.56
N ILE A 41 -1.30 4.75 2.38
CA ILE A 41 -0.35 4.69 1.28
C ILE A 41 -0.50 5.96 0.44
N VAL A 42 0.60 6.32 -0.21
CA VAL A 42 0.62 7.51 -1.05
C VAL A 42 1.13 7.13 -2.45
N LEU A 43 0.46 7.68 -3.45
CA LEU A 43 0.83 7.40 -4.82
C LEU A 43 1.10 8.73 -5.55
N THR A 44 2.36 8.96 -5.86
CA THR A 44 2.77 10.17 -6.55
C THR A 44 2.92 9.91 -8.05
N ASN A 45 1.99 10.49 -8.81
CA ASN A 45 2.01 10.33 -10.25
C ASN A 45 3.06 11.26 -10.85
N VAL A 46 4.16 10.66 -11.29
CA VAL A 46 5.24 11.43 -11.88
C VAL A 46 4.93 11.69 -13.35
N THR A 47 4.36 10.68 -14.00
CA THR A 47 4.00 10.78 -15.40
C THR A 47 3.18 12.06 -15.65
N LYS A 48 3.29 12.56 -16.87
CA LYS A 48 2.56 13.76 -17.24
C LYS A 48 1.22 13.37 -17.86
N ASN A 49 0.71 12.23 -17.42
CA ASN A 49 -0.57 11.73 -17.93
C ASN A 49 -1.26 10.90 -16.84
N ILE A 50 -2.55 11.12 -16.70
CA ILE A 50 -3.33 10.40 -15.71
C ILE A 50 -2.86 8.95 -15.66
N VAL A 51 -2.90 8.39 -14.45
CA VAL A 51 -2.48 7.01 -14.26
C VAL A 51 -3.47 6.31 -13.31
N ALA A 52 -4.04 5.22 -13.80
CA ALA A 52 -4.99 4.46 -13.03
C ALA A 52 -4.25 3.54 -12.05
N PHE A 53 -4.52 3.74 -10.78
CA PHE A 53 -3.88 2.94 -9.74
C PHE A 53 -4.88 1.98 -9.09
N LYS A 54 -4.34 0.99 -8.40
CA LYS A 54 -5.16 0.01 -7.71
C LYS A 54 -4.36 -0.65 -6.60
N VAL A 55 -5.08 -1.14 -5.60
CA VAL A 55 -4.44 -1.78 -4.47
C VAL A 55 -5.19 -3.09 -4.14
N ARG A 56 -4.45 -4.17 -4.13
CA ARG A 56 -5.02 -5.48 -3.84
C ARG A 56 -4.19 -6.20 -2.77
N THR A 57 -4.77 -7.26 -2.24
CA THR A 57 -4.11 -8.05 -1.21
C THR A 57 -4.60 -9.49 -1.25
N THR A 58 -3.98 -10.31 -0.41
CA THR A 58 -4.34 -11.72 -0.33
C THR A 58 -5.47 -11.93 0.67
N ALA A 59 -6.19 -10.85 0.92
CA ALA A 59 -7.31 -10.91 1.87
C ALA A 59 -8.17 -9.66 1.68
N PRO A 60 -8.96 -9.66 0.57
CA PRO A 60 -9.84 -8.54 0.27
C PRO A 60 -11.07 -8.56 1.18
N GLU A 61 -11.04 -9.47 2.14
CA GLU A 61 -12.15 -9.60 3.07
C GLU A 61 -11.64 -9.49 4.51
N LYS A 62 -10.47 -8.90 4.65
CA LYS A 62 -9.87 -8.72 5.96
C LYS A 62 -9.34 -7.29 6.09
N TYR A 63 -8.62 -6.86 5.07
CA TYR A 63 -8.06 -5.52 5.05
C TYR A 63 -8.81 -4.62 4.08
N ARG A 64 -9.40 -3.57 4.63
CA ARG A 64 -10.16 -2.62 3.83
C ARG A 64 -9.21 -1.57 3.22
N VAL A 65 -9.21 -1.53 1.90
CA VAL A 65 -8.36 -0.59 1.18
C VAL A 65 -9.25 0.40 0.42
N LYS A 66 -8.92 1.68 0.56
CA LYS A 66 -9.68 2.72 -0.12
C LYS A 66 -8.85 4.00 -0.14
N PRO A 67 -8.82 4.64 -1.34
CA PRO A 67 -9.54 4.12 -2.48
C PRO A 67 -8.82 2.91 -3.08
N SER A 68 -9.60 1.87 -3.34
CA SER A 68 -9.04 0.65 -3.91
C SER A 68 -9.58 0.44 -5.33
N ASN A 69 -9.61 1.54 -6.08
CA ASN A 69 -10.09 1.50 -7.44
C ASN A 69 -10.32 2.92 -7.95
N SER A 70 -9.24 3.52 -8.43
CA SER A 70 -9.31 4.88 -8.94
C SER A 70 -8.01 5.23 -9.67
N SER A 71 -7.87 6.51 -9.99
CA SER A 71 -6.69 6.98 -10.69
C SER A 71 -6.14 8.24 -9.99
N CYS A 72 -4.87 8.49 -10.24
CA CYS A 72 -4.22 9.65 -9.65
C CYS A 72 -3.73 10.56 -10.78
N ASP A 73 -4.15 11.81 -10.72
CA ASP A 73 -3.76 12.78 -11.72
C ASP A 73 -2.24 12.93 -11.73
N PRO A 74 -1.73 13.52 -12.85
CA PRO A 74 -0.29 13.72 -12.99
C PRO A 74 0.18 14.89 -12.12
N GLY A 75 1.33 14.68 -11.50
CA GLY A 75 1.91 15.70 -10.64
C GLY A 75 1.06 15.89 -9.38
N ALA A 76 0.50 14.80 -8.90
CA ALA A 76 -0.34 14.84 -7.72
C ALA A 76 -0.02 13.62 -6.84
N SER A 77 -0.75 13.53 -5.73
CA SER A 77 -0.57 12.43 -4.80
C SER A 77 -1.91 11.99 -4.23
N ILE A 78 -2.11 10.68 -4.20
CA ILE A 78 -3.36 10.13 -3.68
C ILE A 78 -3.09 9.53 -2.30
N ASP A 79 -4.19 9.20 -1.63
CA ASP A 79 -4.10 8.61 -0.29
C ASP A 79 -4.92 7.32 -0.25
N ILE A 80 -4.22 6.23 0.04
CA ILE A 80 -4.88 4.93 0.12
C ILE A 80 -4.77 4.40 1.54
N ILE A 81 -5.89 4.48 2.25
CA ILE A 81 -5.95 4.00 3.63
C ILE A 81 -6.04 2.48 3.64
N VAL A 82 -5.43 1.89 4.66
CA VAL A 82 -5.45 0.45 4.80
C VAL A 82 -5.71 0.08 6.26
N SER A 83 -6.96 -0.23 6.54
CA SER A 83 -7.36 -0.60 7.89
C SER A 83 -7.87 -2.04 7.91
N PRO A 84 -7.24 -2.87 8.79
CA PRO A 84 -7.62 -4.27 8.91
C PRO A 84 -8.93 -4.40 9.68
N HIS A 85 -9.40 -5.64 9.76
CA HIS A 85 -10.64 -5.92 10.46
C HIS A 85 -10.49 -5.57 11.95
N GLY A 86 -11.20 -4.52 12.35
CA GLY A 86 -11.14 -4.07 13.72
C GLY A 86 -11.20 -5.24 14.70
N GLY A 87 -10.02 -5.71 15.07
CA GLY A 87 -9.92 -6.83 15.99
C GLY A 87 -8.69 -7.68 15.68
N LEU A 88 -8.76 -8.39 14.57
CA LEU A 88 -7.67 -9.25 14.14
C LEU A 88 -6.42 -8.40 13.92
N THR A 89 -5.41 -9.03 13.34
CA THR A 89 -4.16 -8.35 13.07
C THR A 89 -3.77 -8.51 11.59
N VAL A 90 -2.66 -7.88 11.23
CA VAL A 90 -2.17 -7.97 9.87
C VAL A 90 -1.03 -8.97 9.80
N SER A 91 -0.80 -9.64 10.91
CA SER A 91 0.26 -10.63 10.99
C SER A 91 1.49 -10.14 10.24
N ALA A 92 2.32 -11.10 9.82
CA ALA A 92 3.53 -10.78 9.09
C ALA A 92 3.58 -11.61 7.80
N GLN A 93 2.42 -12.13 7.43
CA GLN A 93 2.32 -12.95 6.24
C GLN A 93 1.50 -12.22 5.17
N ASP A 94 0.65 -11.32 5.63
CA ASP A 94 -0.19 -10.55 4.72
C ASP A 94 0.69 -9.76 3.76
N ARG A 95 0.26 -9.74 2.50
CA ARG A 95 0.99 -9.03 1.47
C ARG A 95 0.08 -8.05 0.74
N PHE A 96 0.64 -6.90 0.41
CA PHE A 96 -0.11 -5.87 -0.29
C PHE A 96 0.48 -5.60 -1.68
N LEU A 97 -0.42 -5.35 -2.63
CA LEU A 97 0.00 -5.08 -3.99
C LEU A 97 -0.65 -3.78 -4.48
N ILE A 98 0.07 -3.07 -5.32
CA ILE A 98 -0.42 -1.82 -5.86
C ILE A 98 -0.14 -1.77 -7.36
N MET A 99 -1.18 -1.41 -8.12
CA MET A 99 -1.06 -1.32 -9.56
C MET A 99 -1.08 0.13 -10.02
N ALA A 100 -0.47 0.36 -11.18
CA ALA A 100 -0.40 1.69 -11.74
C ALA A 100 -0.08 1.61 -13.23
N ALA A 101 -1.01 2.08 -14.03
CA ALA A 101 -0.83 2.06 -15.48
C ALA A 101 -1.10 3.46 -16.04
N GLU A 102 -0.19 3.89 -16.91
CA GLU A 102 -0.32 5.20 -17.52
C GLU A 102 -1.49 5.22 -18.52
N MET A 103 -2.42 6.12 -18.25
CA MET A 103 -3.60 6.24 -19.11
C MET A 103 -3.31 7.16 -20.30
N GLU A 104 -4.25 7.19 -21.23
CA GLU A 104 -4.11 8.01 -22.42
C GLU A 104 -4.48 9.46 -22.11
N GLN A 105 -4.58 10.25 -23.17
CA GLN A 105 -4.92 11.66 -23.02
C GLN A 105 -6.16 11.81 -22.13
N SER A 106 -7.32 11.67 -22.76
CA SER A 106 -8.58 11.80 -22.05
C SER A 106 -8.86 10.51 -21.27
N SER A 107 -9.02 10.66 -19.96
CA SER A 107 -9.30 9.53 -19.10
C SER A 107 -10.57 9.78 -18.29
N GLY A 108 -11.64 9.12 -18.71
CA GLY A 108 -12.91 9.26 -18.04
C GLY A 108 -12.77 9.02 -16.54
N THR A 109 -11.70 8.35 -16.18
CA THR A 109 -11.44 8.04 -14.78
C THR A 109 -12.73 7.70 -14.06
N GLY A 110 -13.48 6.77 -14.65
CA GLY A 110 -14.75 6.35 -14.07
C GLY A 110 -14.74 4.86 -13.76
N PRO A 111 -15.95 4.32 -13.45
CA PRO A 111 -16.09 2.91 -13.14
C PRO A 111 -16.02 2.07 -14.41
N ALA A 112 -16.41 2.67 -15.52
CA ALA A 112 -16.38 1.98 -16.80
C ALA A 112 -15.01 2.16 -17.45
N GLU A 113 -14.72 3.39 -17.82
CA GLU A 113 -13.45 3.71 -18.45
C GLU A 113 -12.33 2.91 -17.79
N LEU A 114 -12.32 2.92 -16.47
CA LEU A 114 -11.31 2.21 -15.71
C LEU A 114 -11.39 0.72 -16.06
N SER A 115 -12.50 0.10 -15.67
CA SER A 115 -12.70 -1.31 -15.93
C SER A 115 -12.32 -1.64 -17.37
N GLN A 116 -12.55 -0.68 -18.25
CA GLN A 116 -12.25 -0.84 -19.66
C GLN A 116 -10.75 -0.61 -19.90
N PHE A 117 -10.19 0.29 -19.10
CA PHE A 117 -8.78 0.62 -19.22
C PHE A 117 -7.92 -0.38 -18.45
N TRP A 118 -8.57 -1.09 -17.53
CA TRP A 118 -7.87 -2.08 -16.71
C TRP A 118 -7.99 -3.43 -17.41
N LYS A 119 -9.06 -3.57 -18.20
CA LYS A 119 -9.30 -4.80 -18.92
C LYS A 119 -8.49 -4.79 -20.22
N GLU A 120 -8.17 -3.59 -20.67
CA GLU A 120 -7.41 -3.42 -21.90
C GLU A 120 -5.92 -3.35 -21.59
N VAL A 121 -5.60 -2.62 -20.52
CA VAL A 121 -4.21 -2.48 -20.12
C VAL A 121 -3.69 -3.81 -19.58
N PRO A 122 -2.64 -4.33 -20.26
CA PRO A 122 -2.03 -5.59 -19.86
C PRO A 122 -1.19 -5.43 -18.60
N ARG A 123 -0.78 -6.56 -18.04
CA ARG A 123 0.03 -6.55 -16.84
C ARG A 123 1.49 -6.20 -17.18
N ASN A 124 1.71 -5.96 -18.45
CA ASN A 124 3.05 -5.62 -18.92
C ASN A 124 3.14 -4.11 -19.13
N LYS A 125 1.97 -3.47 -19.13
CA LYS A 125 1.90 -2.03 -19.32
C LYS A 125 1.62 -1.36 -17.97
N VAL A 126 0.96 -2.12 -17.11
CA VAL A 126 0.62 -1.61 -15.79
C VAL A 126 1.69 -2.05 -14.78
N MET A 127 2.03 -1.14 -13.87
CA MET A 127 3.03 -1.42 -12.87
C MET A 127 2.42 -2.21 -11.69
N GLU A 128 3.29 -2.92 -11.00
CA GLU A 128 2.85 -3.72 -9.86
C GLU A 128 3.90 -3.68 -8.75
N HIS A 129 3.52 -3.06 -7.64
CA HIS A 129 4.41 -2.95 -6.50
C HIS A 129 3.78 -3.63 -5.28
N ARG A 130 4.55 -4.53 -4.69
CA ARG A 130 4.09 -5.27 -3.53
C ARG A 130 4.63 -4.63 -2.25
N LEU A 131 3.72 -4.30 -1.35
CA LEU A 131 4.10 -3.68 -0.09
C LEU A 131 4.11 -4.75 1.01
N ARG A 132 5.06 -4.60 1.92
CA ARG A 132 5.18 -5.54 3.02
C ARG A 132 4.90 -4.83 4.36
N CYS A 133 4.48 -5.64 5.33
CA CYS A 133 4.17 -5.11 6.64
C CYS A 133 5.42 -5.20 7.51
N HIS A 134 5.59 -4.20 8.37
CA HIS A 134 6.74 -4.16 9.25
C HIS A 134 6.28 -4.24 10.71
N THR A 135 5.82 -5.43 11.09
CA THR A 135 5.34 -5.65 12.44
C THR A 135 6.39 -6.43 13.25
N VAL A 136 5.90 -7.09 14.28
CA VAL A 136 6.78 -7.88 15.15
C VAL A 136 5.95 -8.94 15.88
N GLU A 137 6.32 -10.19 15.65
CA GLU A 137 5.63 -11.30 16.28
C GLU A 137 6.28 -12.63 15.88
N SER A 138 6.06 -13.63 16.72
CA SER A 138 6.63 -14.95 16.48
C SER A 138 5.95 -15.98 17.38
N SER A 139 6.11 -17.25 17.00
CA SER A 139 5.52 -18.33 17.76
C SER A 139 5.77 -19.66 17.05
N LYS A 140 5.07 -19.84 15.94
CA LYS A 140 5.21 -21.06 15.15
C LYS A 140 4.74 -22.25 15.99
N PRO A 141 3.83 -23.05 15.39
CA PRO A 141 3.30 -24.22 16.07
C PRO A 141 4.34 -25.36 16.10
N ASN A 142 3.90 -26.51 16.55
CA ASN A 142 4.76 -27.67 16.64
C ASN A 142 4.82 -28.35 15.27
N SER A 143 5.89 -29.13 15.08
CA SER A 143 6.07 -29.85 13.83
C SER A 143 7.34 -30.69 13.89
N LEU A 144 7.28 -31.83 13.22
CA LEU A 144 8.42 -32.73 13.19
C LEU A 144 8.65 -33.23 11.76
N MET A 145 9.27 -32.38 10.97
CA MET A 145 9.55 -32.72 9.58
C MET A 145 10.52 -31.72 8.96
N LEU A 146 11.46 -32.25 8.19
CA LEU A 146 12.45 -31.41 7.53
C LEU A 146 11.87 -30.88 6.22
N SER A 147 11.92 -29.56 6.07
CA SER A 147 11.40 -28.91 4.89
C SER A 147 11.55 -27.39 5.01
N GLY A 148 12.31 -26.83 4.07
CA GLY A 148 12.54 -25.40 4.07
C GLY A 148 14.03 -25.08 3.91
N PRO A 149 14.39 -24.57 2.71
CA PRO A 149 15.77 -24.23 2.41
C PRO A 149 16.17 -22.93 3.12
N SER A 150 16.94 -23.09 4.18
CA SER A 150 17.40 -21.94 4.95
C SER A 150 18.27 -21.04 4.07
N SER A 151 18.49 -19.82 4.56
CA SER A 151 19.29 -18.85 3.83
C SER A 151 18.65 -18.55 2.48
N GLY A 152 18.72 -17.28 2.10
CA GLY A 152 18.15 -16.83 0.84
C GLY A 152 17.10 -15.75 1.07
N GLY A 1 33.83 15.85 15.82
CA GLY A 1 33.70 15.36 14.45
C GLY A 1 33.80 16.51 13.46
N SER A 2 32.97 16.41 12.42
CA SER A 2 32.95 17.43 11.38
C SER A 2 31.77 17.19 10.44
N SER A 3 30.63 17.72 10.83
CA SER A 3 29.41 17.57 10.04
C SER A 3 29.03 16.09 9.94
N GLY A 4 27.73 15.86 9.90
CA GLY A 4 27.23 14.49 9.80
C GLY A 4 25.98 14.32 10.67
N SER A 5 25.20 13.29 10.32
CA SER A 5 23.98 13.00 11.05
C SER A 5 23.58 11.54 10.84
N SER A 6 24.01 10.70 11.76
CA SER A 6 23.70 9.28 11.68
C SER A 6 22.45 8.97 12.51
N GLY A 7 21.66 8.05 12.00
CA GLY A 7 20.43 7.64 12.68
C GLY A 7 19.21 7.93 11.81
N LYS A 8 18.96 9.21 11.59
CA LYS A 8 17.83 9.63 10.78
C LYS A 8 18.11 9.30 9.32
N LYS A 9 17.06 8.87 8.63
CA LYS A 9 17.17 8.52 7.23
C LYS A 9 15.93 9.00 6.48
N PRO A 10 16.05 9.06 5.13
CA PRO A 10 14.95 9.48 4.29
C PRO A 10 13.88 8.40 4.18
N LEU A 11 12.65 8.83 3.91
CA LEU A 11 11.55 7.91 3.78
C LEU A 11 11.64 7.19 2.44
N SER A 12 11.84 5.88 2.50
CA SER A 12 11.95 5.07 1.30
C SER A 12 10.68 5.22 0.46
N VAL A 13 10.88 5.43 -0.83
CA VAL A 13 9.76 5.58 -1.75
C VAL A 13 10.05 4.81 -3.03
N PHE A 14 9.06 4.04 -3.46
CA PHE A 14 9.21 3.26 -4.68
C PHE A 14 9.10 4.13 -5.92
N LYS A 15 10.26 4.55 -6.41
CA LYS A 15 10.32 5.39 -7.59
C LYS A 15 9.76 4.62 -8.79
N GLY A 16 8.44 4.66 -8.92
CA GLY A 16 7.77 3.97 -10.02
C GLY A 16 7.95 4.73 -11.33
N PRO A 17 7.87 3.97 -12.45
CA PRO A 17 8.02 4.55 -13.77
C PRO A 17 6.77 5.33 -14.18
N LEU A 18 5.68 5.04 -13.48
CA LEU A 18 4.42 5.72 -13.75
C LEU A 18 3.90 6.35 -12.46
N LEU A 19 3.49 5.48 -11.54
CA LEU A 19 2.96 5.94 -10.27
C LEU A 19 3.96 5.60 -9.15
N HIS A 20 4.28 6.61 -8.37
CA HIS A 20 5.23 6.44 -7.27
C HIS A 20 4.49 5.87 -6.05
N ILE A 21 4.95 4.70 -5.63
CA ILE A 21 4.35 4.05 -4.48
C ILE A 21 5.13 4.42 -3.21
N SER A 22 4.38 4.71 -2.16
CA SER A 22 4.99 5.08 -0.89
C SER A 22 4.15 4.54 0.26
N PRO A 23 4.85 3.85 1.20
CA PRO A 23 6.28 3.64 1.07
C PRO A 23 6.59 2.59 0.01
N ALA A 24 7.80 2.06 0.08
CA ALA A 24 8.23 1.04 -0.86
C ALA A 24 7.79 -0.33 -0.37
N GLU A 25 8.75 -1.10 0.10
CA GLU A 25 8.47 -2.43 0.60
C GLU A 25 8.43 -2.43 2.13
N GLU A 26 7.44 -1.72 2.66
CA GLU A 26 7.27 -1.63 4.09
C GLU A 26 5.87 -1.10 4.43
N LEU A 27 5.35 -1.58 5.55
CA LEU A 27 4.03 -1.18 5.99
C LEU A 27 3.99 -1.17 7.52
N TYR A 28 3.65 -0.02 8.07
CA TYR A 28 3.57 0.13 9.52
C TYR A 28 2.17 0.57 9.95
N PHE A 29 1.41 -0.40 10.46
CA PHE A 29 0.06 -0.14 10.90
C PHE A 29 0.05 0.36 12.35
N GLY A 30 0.08 1.68 12.50
CA GLY A 30 0.08 2.28 13.82
C GLY A 30 -1.02 3.34 13.94
N SER A 31 -1.14 3.90 15.14
CA SER A 31 -2.14 4.92 15.39
C SER A 31 -1.48 6.30 15.36
N ILE A 32 -2.03 7.17 14.51
CA ILE A 32 -1.51 8.51 14.38
C ILE A 32 -1.69 9.25 15.71
N GLU A 33 -2.95 9.48 16.05
CA GLU A 33 -3.28 10.17 17.29
C GLU A 33 -4.46 9.49 17.99
N SER A 34 -5.60 9.53 17.32
CA SER A 34 -6.80 8.92 17.86
C SER A 34 -7.31 7.82 16.92
N GLY A 35 -6.41 7.38 16.05
CA GLY A 35 -6.75 6.34 15.09
C GLY A 35 -6.37 4.96 15.63
N GLU A 36 -5.87 4.12 14.72
CA GLU A 36 -5.46 2.78 15.09
C GLU A 36 -4.44 2.25 14.09
N LYS A 37 -3.96 1.04 14.37
CA LYS A 37 -2.98 0.41 13.51
C LYS A 37 -3.47 0.46 12.06
N LYS A 38 -3.07 1.49 11.36
CA LYS A 38 -3.46 1.67 9.97
C LYS A 38 -2.37 2.42 9.22
N THR A 39 -2.15 2.02 7.97
CA THR A 39 -1.14 2.64 7.14
C THR A 39 -1.79 3.45 6.02
N LEU A 40 -1.00 4.32 5.42
CA LEU A 40 -1.49 5.15 4.33
C LEU A 40 -0.49 5.11 3.18
N ILE A 41 -0.97 4.60 2.05
CA ILE A 41 -0.13 4.50 0.86
C ILE A 41 -0.31 5.76 0.01
N VAL A 42 0.82 6.33 -0.39
CA VAL A 42 0.80 7.53 -1.21
C VAL A 42 1.19 7.18 -2.64
N LEU A 43 0.41 7.68 -3.58
CA LEU A 43 0.66 7.42 -4.99
C LEU A 43 1.00 8.73 -5.69
N THR A 44 2.29 8.93 -5.91
CA THR A 44 2.76 10.15 -6.58
C THR A 44 2.85 9.93 -8.08
N ASN A 45 1.92 10.57 -8.80
CA ASN A 45 1.88 10.45 -10.24
C ASN A 45 2.95 11.36 -10.85
N VAL A 46 4.01 10.73 -11.34
CA VAL A 46 5.10 11.47 -11.94
C VAL A 46 4.79 11.70 -13.42
N THR A 47 4.20 10.69 -14.04
CA THR A 47 3.85 10.78 -15.45
C THR A 47 3.04 12.05 -15.71
N LYS A 48 3.10 12.51 -16.96
CA LYS A 48 2.38 13.71 -17.35
C LYS A 48 1.02 13.31 -17.93
N ASN A 49 0.51 12.19 -17.44
CA ASN A 49 -0.78 11.69 -17.91
C ASN A 49 -1.43 10.87 -16.79
N ILE A 50 -2.73 11.10 -16.62
CA ILE A 50 -3.49 10.40 -15.59
C ILE A 50 -3.01 8.95 -15.52
N VAL A 51 -3.08 8.40 -14.31
CA VAL A 51 -2.66 7.03 -14.09
C VAL A 51 -3.65 6.34 -13.15
N ALA A 52 -4.22 5.24 -13.63
CA ALA A 52 -5.18 4.48 -12.85
C ALA A 52 -4.43 3.52 -11.92
N PHE A 53 -4.83 3.54 -10.66
CA PHE A 53 -4.21 2.68 -9.67
C PHE A 53 -5.26 1.80 -8.97
N LYS A 54 -4.85 0.59 -8.65
CA LYS A 54 -5.73 -0.35 -7.98
C LYS A 54 -4.96 -1.08 -6.88
N VAL A 55 -5.50 -0.99 -5.67
CA VAL A 55 -4.88 -1.64 -4.53
C VAL A 55 -5.51 -3.01 -4.31
N ARG A 56 -4.68 -4.03 -4.35
CA ARG A 56 -5.14 -5.39 -4.15
C ARG A 56 -4.34 -6.07 -3.04
N THR A 57 -5.05 -6.86 -2.25
CA THR A 57 -4.42 -7.58 -1.15
C THR A 57 -4.90 -9.03 -1.11
N THR A 58 -4.25 -9.82 -0.26
CA THR A 58 -4.60 -11.22 -0.12
C THR A 58 -5.69 -11.39 0.94
N ALA A 59 -6.40 -10.30 1.20
CA ALA A 59 -7.47 -10.31 2.18
C ALA A 59 -8.34 -9.07 2.00
N PRO A 60 -9.18 -9.12 0.93
CA PRO A 60 -10.08 -8.01 0.62
C PRO A 60 -11.26 -7.98 1.60
N GLU A 61 -11.27 -8.95 2.50
CA GLU A 61 -12.33 -9.05 3.49
C GLU A 61 -11.76 -8.93 4.90
N LYS A 62 -10.50 -8.52 4.95
CA LYS A 62 -9.82 -8.37 6.23
C LYS A 62 -9.26 -6.95 6.34
N TYR A 63 -8.55 -6.55 5.30
CA TYR A 63 -7.97 -5.21 5.27
C TYR A 63 -8.78 -4.28 4.37
N ARG A 64 -9.36 -3.26 5.00
CA ARG A 64 -10.17 -2.29 4.29
C ARG A 64 -9.27 -1.25 3.62
N VAL A 65 -9.16 -1.36 2.30
CA VAL A 65 -8.34 -0.44 1.54
C VAL A 65 -9.25 0.55 0.81
N LYS A 66 -8.89 1.82 0.91
CA LYS A 66 -9.66 2.87 0.27
C LYS A 66 -8.81 4.15 0.20
N PRO A 67 -8.84 4.79 -1.00
CA PRO A 67 -9.62 4.27 -2.11
C PRO A 67 -8.93 3.05 -2.73
N SER A 68 -9.74 2.03 -2.97
CA SER A 68 -9.23 0.80 -3.56
C SER A 68 -9.78 0.63 -4.98
N ASN A 69 -9.74 1.72 -5.73
CA ASN A 69 -10.22 1.71 -7.10
C ASN A 69 -10.41 3.16 -7.58
N SER A 70 -9.34 3.71 -8.12
CA SER A 70 -9.38 5.07 -8.62
C SER A 70 -8.08 5.40 -9.34
N SER A 71 -7.98 6.64 -9.80
CA SER A 71 -6.79 7.09 -10.51
C SER A 71 -6.21 8.33 -9.83
N CYS A 72 -4.93 8.57 -10.08
CA CYS A 72 -4.25 9.71 -9.49
C CYS A 72 -3.78 10.62 -10.63
N ASP A 73 -4.33 11.82 -10.64
CA ASP A 73 -3.97 12.79 -11.66
C ASP A 73 -2.45 12.95 -11.71
N PRO A 74 -1.95 13.51 -12.84
CA PRO A 74 -0.53 13.73 -13.01
C PRO A 74 -0.05 14.91 -12.17
N GLY A 75 1.12 14.73 -11.57
CA GLY A 75 1.70 15.78 -10.74
C GLY A 75 0.89 15.96 -9.45
N ALA A 76 0.33 14.85 -8.96
CA ALA A 76 -0.46 14.88 -7.75
C ALA A 76 -0.12 13.65 -6.90
N SER A 77 -0.81 13.56 -5.77
CA SER A 77 -0.59 12.45 -4.86
C SER A 77 -1.91 12.04 -4.22
N ILE A 78 -2.14 10.73 -4.18
CA ILE A 78 -3.37 10.20 -3.61
C ILE A 78 -3.05 9.58 -2.24
N ASP A 79 -4.11 9.25 -1.52
CA ASP A 79 -3.95 8.65 -0.21
C ASP A 79 -4.79 7.38 -0.13
N ILE A 80 -4.11 6.26 0.10
CA ILE A 80 -4.77 4.98 0.19
C ILE A 80 -4.62 4.43 1.61
N ILE A 81 -5.73 4.39 2.32
CA ILE A 81 -5.72 3.88 3.69
C ILE A 81 -5.78 2.36 3.67
N VAL A 82 -5.14 1.76 4.66
CA VAL A 82 -5.11 0.31 4.76
C VAL A 82 -5.24 -0.09 6.23
N SER A 83 -6.46 -0.43 6.61
CA SER A 83 -6.73 -0.84 7.99
C SER A 83 -7.40 -2.22 8.01
N PRO A 84 -7.02 -3.02 9.04
CA PRO A 84 -7.57 -4.36 9.18
C PRO A 84 -9.01 -4.31 9.70
N HIS A 85 -9.65 -5.47 9.69
CA HIS A 85 -11.02 -5.57 10.15
C HIS A 85 -11.16 -4.89 11.52
N GLY A 86 -10.03 -4.79 12.21
CA GLY A 86 -10.01 -4.17 13.52
C GLY A 86 -9.42 -5.12 14.57
N GLY A 87 -10.27 -5.98 15.10
CA GLY A 87 -9.84 -6.93 16.10
C GLY A 87 -8.54 -7.60 15.71
N LEU A 88 -8.62 -8.43 14.66
CA LEU A 88 -7.45 -9.13 14.17
C LEU A 88 -6.34 -8.13 13.85
N THR A 89 -5.29 -8.62 13.24
CA THR A 89 -4.16 -7.78 12.88
C THR A 89 -3.44 -8.34 11.65
N VAL A 90 -2.45 -7.60 11.19
CA VAL A 90 -1.68 -8.01 10.03
C VAL A 90 -0.56 -8.94 10.48
N SER A 91 -0.40 -10.03 9.72
CA SER A 91 0.63 -11.00 10.03
C SER A 91 1.81 -10.83 9.08
N ALA A 92 2.70 -11.81 9.11
CA ALA A 92 3.88 -11.78 8.26
C ALA A 92 3.53 -12.37 6.89
N GLN A 93 2.35 -12.95 6.82
CA GLN A 93 1.88 -13.56 5.58
C GLN A 93 1.07 -12.55 4.77
N ASP A 94 0.49 -11.60 5.48
CA ASP A 94 -0.32 -10.57 4.84
C ASP A 94 0.54 -9.79 3.86
N ARG A 95 0.04 -9.68 2.63
CA ARG A 95 0.75 -8.98 1.59
C ARG A 95 -0.20 -8.02 0.85
N PHE A 96 0.33 -6.87 0.49
CA PHE A 96 -0.45 -5.87 -0.23
C PHE A 96 0.10 -5.64 -1.64
N LEU A 97 -0.78 -5.20 -2.52
CA LEU A 97 -0.40 -4.94 -3.90
C LEU A 97 -1.05 -3.63 -4.36
N ILE A 98 -0.33 -2.93 -5.22
CA ILE A 98 -0.83 -1.66 -5.74
C ILE A 98 -0.54 -1.59 -7.24
N MET A 99 -1.61 -1.45 -8.01
CA MET A 99 -1.50 -1.37 -9.45
C MET A 99 -1.41 0.08 -9.92
N ALA A 100 -0.82 0.27 -11.09
CA ALA A 100 -0.68 1.60 -11.65
C ALA A 100 -0.41 1.48 -13.16
N ALA A 101 -1.29 2.09 -13.94
CA ALA A 101 -1.16 2.06 -15.38
C ALA A 101 -1.37 3.47 -15.93
N GLU A 102 -0.44 3.89 -16.78
CA GLU A 102 -0.51 5.20 -17.38
C GLU A 102 -1.66 5.27 -18.40
N MET A 103 -2.58 6.18 -18.14
CA MET A 103 -3.73 6.35 -19.01
C MET A 103 -3.39 7.29 -20.17
N GLU A 104 -4.32 7.36 -21.11
CA GLU A 104 -4.15 8.22 -22.28
C GLU A 104 -4.46 9.68 -21.93
N GLN A 105 -4.54 10.50 -22.96
CA GLN A 105 -4.83 11.91 -22.77
C GLN A 105 -6.10 12.08 -21.93
N SER A 106 -7.23 12.02 -22.62
CA SER A 106 -8.51 12.17 -21.95
C SER A 106 -8.86 10.88 -21.20
N SER A 107 -9.06 11.05 -19.89
CA SER A 107 -9.38 9.91 -19.04
C SER A 107 -10.71 10.16 -18.32
N GLY A 108 -11.60 9.18 -18.40
CA GLY A 108 -12.90 9.28 -17.77
C GLY A 108 -12.80 8.99 -16.27
N THR A 109 -11.84 8.14 -15.93
CA THR A 109 -11.64 7.77 -14.54
C THR A 109 -12.96 7.40 -13.88
N GLY A 110 -13.51 6.27 -14.30
CA GLY A 110 -14.77 5.80 -13.76
C GLY A 110 -14.75 4.29 -13.55
N PRO A 111 -15.98 3.70 -13.49
CA PRO A 111 -16.11 2.26 -13.30
C PRO A 111 -15.78 1.50 -14.59
N ALA A 112 -16.40 1.94 -15.67
CA ALA A 112 -16.18 1.31 -16.96
C ALA A 112 -14.80 1.71 -17.49
N GLU A 113 -14.64 3.00 -17.74
CA GLU A 113 -13.39 3.52 -18.24
C GLU A 113 -12.21 2.74 -17.64
N LEU A 114 -12.19 2.68 -16.32
CA LEU A 114 -11.13 1.96 -15.62
C LEU A 114 -11.09 0.51 -16.11
N SER A 115 -12.17 -0.21 -15.82
CA SER A 115 -12.27 -1.59 -16.23
C SER A 115 -11.87 -1.74 -17.70
N GLN A 116 -12.13 -0.70 -18.46
CA GLN A 116 -11.81 -0.71 -19.88
C GLN A 116 -10.32 -0.40 -20.07
N PHE A 117 -9.79 0.40 -19.16
CA PHE A 117 -8.39 0.77 -19.22
C PHE A 117 -7.50 -0.28 -18.55
N TRP A 118 -8.13 -1.05 -17.68
CA TRP A 118 -7.42 -2.10 -16.96
C TRP A 118 -7.49 -3.38 -17.80
N LYS A 119 -8.51 -3.44 -18.65
CA LYS A 119 -8.70 -4.59 -19.52
C LYS A 119 -7.89 -4.41 -20.80
N GLU A 120 -7.69 -3.15 -21.16
CA GLU A 120 -6.93 -2.82 -22.35
C GLU A 120 -5.44 -2.77 -22.04
N VAL A 121 -5.12 -2.22 -20.89
CA VAL A 121 -3.74 -2.11 -20.46
C VAL A 121 -3.19 -3.50 -20.14
N PRO A 122 -2.03 -3.82 -20.77
CA PRO A 122 -1.39 -5.11 -20.58
C PRO A 122 -0.71 -5.18 -19.21
N ARG A 123 -0.24 -6.36 -18.87
CA ARG A 123 0.45 -6.57 -17.60
C ARG A 123 1.84 -5.95 -17.63
N ASN A 124 2.34 -5.74 -18.85
CA ASN A 124 3.65 -5.15 -19.04
C ASN A 124 3.57 -3.65 -18.77
N LYS A 125 2.36 -3.13 -18.86
CA LYS A 125 2.13 -1.71 -18.63
C LYS A 125 1.51 -1.51 -17.25
N VAL A 126 1.00 -2.59 -16.71
CA VAL A 126 0.38 -2.56 -15.39
C VAL A 126 1.47 -2.54 -14.32
N MET A 127 1.67 -1.37 -13.73
CA MET A 127 2.67 -1.21 -12.69
C MET A 127 2.14 -1.69 -11.34
N GLU A 128 2.54 -2.90 -10.99
CA GLU A 128 2.11 -3.49 -9.73
C GLU A 128 3.19 -3.31 -8.66
N HIS A 129 2.75 -2.92 -7.47
CA HIS A 129 3.67 -2.71 -6.37
C HIS A 129 3.19 -3.48 -5.14
N ARG A 130 3.98 -4.46 -4.75
CA ARG A 130 3.65 -5.29 -3.59
C ARG A 130 4.24 -4.67 -2.32
N LEU A 131 3.34 -4.39 -1.38
CA LEU A 131 3.74 -3.79 -0.11
C LEU A 131 3.96 -4.90 0.91
N ARG A 132 4.89 -4.65 1.84
CA ARG A 132 5.19 -5.61 2.87
C ARG A 132 5.15 -4.94 4.25
N CYS A 133 4.78 -5.74 5.24
CA CYS A 133 4.70 -5.23 6.60
C CYS A 133 6.08 -5.40 7.26
N HIS A 134 6.31 -4.58 8.27
CA HIS A 134 7.57 -4.62 8.99
C HIS A 134 7.40 -5.41 10.30
N THR A 135 7.18 -6.70 10.14
CA THR A 135 6.99 -7.58 11.29
C THR A 135 8.19 -7.46 12.24
N VAL A 136 8.16 -8.29 13.27
CA VAL A 136 9.23 -8.29 14.26
C VAL A 136 9.61 -6.85 14.59
N GLU A 137 8.60 -6.06 14.93
CA GLU A 137 8.81 -4.66 15.26
C GLU A 137 7.50 -4.03 15.76
N SER A 138 7.17 -4.33 17.00
CA SER A 138 5.96 -3.81 17.60
C SER A 138 4.73 -4.35 16.87
N SER A 139 3.62 -4.36 17.59
CA SER A 139 2.37 -4.86 17.02
C SER A 139 2.39 -6.39 16.97
N LYS A 140 3.38 -6.91 16.27
CA LYS A 140 3.52 -8.35 16.14
C LYS A 140 3.40 -9.00 17.52
N PRO A 141 2.53 -10.05 17.58
CA PRO A 141 2.32 -10.76 18.83
C PRO A 141 3.49 -11.68 19.16
N ASN A 142 3.56 -12.09 20.41
CA ASN A 142 4.62 -12.97 20.86
C ASN A 142 4.27 -14.42 20.53
N SER A 143 5.03 -15.00 19.61
CA SER A 143 4.80 -16.37 19.20
C SER A 143 5.93 -16.83 18.26
N LEU A 144 6.11 -16.08 17.19
CA LEU A 144 7.14 -16.40 16.22
C LEU A 144 7.89 -15.12 15.84
N MET A 145 9.20 -15.16 16.02
CA MET A 145 10.05 -14.02 15.70
C MET A 145 11.28 -14.46 14.93
N LEU A 146 11.82 -13.51 14.16
CA LEU A 146 13.00 -13.78 13.36
C LEU A 146 13.78 -12.48 13.16
N SER A 147 14.29 -11.95 14.27
CA SER A 147 15.05 -10.72 14.22
C SER A 147 16.02 -10.74 13.05
N GLY A 148 16.25 -9.56 12.49
CA GLY A 148 17.14 -9.43 11.34
C GLY A 148 17.74 -8.03 11.27
N PRO A 149 18.14 -7.63 10.04
CA PRO A 149 18.73 -6.32 9.83
C PRO A 149 17.66 -5.23 9.86
N SER A 150 18.11 -4.00 10.07
CA SER A 150 17.21 -2.86 10.12
C SER A 150 16.24 -3.02 11.30
N SER A 151 16.40 -2.13 12.26
CA SER A 151 15.55 -2.16 13.45
C SER A 151 15.63 -3.54 14.12
N GLY A 152 15.05 -3.61 15.31
CA GLY A 152 15.05 -4.85 16.06
C GLY A 152 13.89 -4.90 17.06
N GLY A 1 10.26 1.77 30.91
CA GLY A 1 9.58 1.58 29.64
C GLY A 1 10.08 2.58 28.60
N SER A 2 9.87 2.24 27.34
CA SER A 2 10.29 3.10 26.24
C SER A 2 9.50 2.76 24.97
N SER A 3 8.31 3.33 24.88
CA SER A 3 7.46 3.09 23.73
C SER A 3 7.60 4.25 22.73
N GLY A 4 8.29 3.97 21.65
CA GLY A 4 8.51 4.97 20.61
C GLY A 4 9.99 5.29 20.46
N SER A 5 10.26 6.35 19.72
CA SER A 5 11.63 6.78 19.49
C SER A 5 11.65 8.09 18.71
N SER A 6 12.52 9.00 19.15
CA SER A 6 12.63 10.30 18.51
C SER A 6 13.07 10.13 17.06
N GLY A 7 12.74 11.13 16.25
CA GLY A 7 13.08 11.10 14.84
C GLY A 7 12.34 9.96 14.12
N LYS A 8 11.06 10.17 13.91
CA LYS A 8 10.24 9.18 13.23
C LYS A 8 10.99 8.64 12.00
N LYS A 9 10.72 7.39 11.69
CA LYS A 9 11.37 6.76 10.55
C LYS A 9 11.32 7.71 9.35
N PRO A 10 12.27 7.46 8.40
CA PRO A 10 12.35 8.29 7.21
C PRO A 10 11.24 7.95 6.23
N LEU A 11 11.06 8.83 5.24
CA LEU A 11 10.03 8.63 4.25
C LEU A 11 10.67 8.07 2.96
N SER A 12 10.38 6.81 2.70
CA SER A 12 10.92 6.14 1.53
C SER A 12 9.79 5.79 0.57
N VAL A 13 9.97 6.19 -0.68
CA VAL A 13 8.98 5.92 -1.71
C VAL A 13 9.64 5.18 -2.87
N PHE A 14 8.92 4.18 -3.38
CA PHE A 14 9.42 3.39 -4.49
C PHE A 14 9.33 4.16 -5.80
N LYS A 15 10.44 4.79 -6.16
CA LYS A 15 10.50 5.56 -7.39
C LYS A 15 10.02 4.70 -8.55
N GLY A 16 8.76 4.90 -8.90
CA GLY A 16 8.16 4.15 -9.99
C GLY A 16 8.37 4.87 -11.33
N PRO A 17 8.29 4.07 -12.42
CA PRO A 17 8.48 4.61 -13.77
C PRO A 17 7.25 5.41 -14.20
N LEU A 18 6.15 5.17 -13.51
CA LEU A 18 4.91 5.85 -13.83
C LEU A 18 4.35 6.49 -12.55
N LEU A 19 3.76 5.64 -11.72
CA LEU A 19 3.18 6.10 -10.47
C LEU A 19 4.12 5.76 -9.31
N HIS A 20 4.44 6.77 -8.52
CA HIS A 20 5.33 6.58 -7.39
C HIS A 20 4.55 5.97 -6.22
N ILE A 21 5.07 4.87 -5.72
CA ILE A 21 4.44 4.18 -4.60
C ILE A 21 5.09 4.63 -3.29
N SER A 22 4.24 4.86 -2.30
CA SER A 22 4.72 5.29 -1.00
C SER A 22 3.81 4.73 0.10
N PRO A 23 4.47 4.12 1.13
CA PRO A 23 5.92 4.03 1.14
C PRO A 23 6.42 2.98 0.15
N ALA A 24 7.67 2.60 0.32
CA ALA A 24 8.28 1.61 -0.55
C ALA A 24 7.82 0.21 -0.12
N GLU A 25 8.72 -0.52 0.51
CA GLU A 25 8.42 -1.86 0.97
C GLU A 25 8.35 -1.89 2.49
N GLU A 26 7.36 -1.19 3.03
CA GLU A 26 7.18 -1.13 4.46
C GLU A 26 5.78 -0.63 4.80
N LEU A 27 5.25 -1.13 5.91
CA LEU A 27 3.92 -0.74 6.35
C LEU A 27 3.86 -0.81 7.87
N TYR A 28 3.29 0.25 8.46
CA TYR A 28 3.17 0.32 9.90
C TYR A 28 1.75 0.72 10.31
N PHE A 29 0.98 -0.28 10.73
CA PHE A 29 -0.39 -0.05 11.14
C PHE A 29 -0.45 0.45 12.59
N GLY A 30 -0.44 1.76 12.73
CA GLY A 30 -0.49 2.38 14.05
C GLY A 30 0.17 3.76 14.04
N SER A 31 -0.32 4.61 13.15
CA SER A 31 0.22 5.96 13.03
C SER A 31 -0.13 6.77 14.28
N ILE A 32 0.78 7.65 14.65
CA ILE A 32 0.59 8.49 15.82
C ILE A 32 0.55 7.62 17.07
N GLU A 33 -0.59 6.95 17.25
CA GLU A 33 -0.77 6.08 18.39
C GLU A 33 -1.05 4.65 17.94
N SER A 34 -1.25 3.78 18.92
CA SER A 34 -1.52 2.39 18.63
C SER A 34 -3.03 2.11 18.68
N GLY A 35 -3.79 3.16 18.38
CA GLY A 35 -5.23 3.05 18.37
C GLY A 35 -5.76 2.69 16.99
N GLU A 36 -5.44 3.54 16.02
CA GLU A 36 -5.86 3.33 14.65
C GLU A 36 -4.77 2.62 13.85
N LYS A 37 -4.75 1.31 13.98
CA LYS A 37 -3.76 0.50 13.28
C LYS A 37 -4.12 0.44 11.80
N LYS A 38 -3.86 1.54 11.11
CA LYS A 38 -4.16 1.61 9.68
C LYS A 38 -3.06 2.42 8.98
N THR A 39 -2.71 1.97 7.79
CA THR A 39 -1.68 2.64 7.01
C THR A 39 -2.30 3.41 5.85
N LEU A 40 -1.52 4.34 5.31
CA LEU A 40 -1.99 5.16 4.21
C LEU A 40 -0.92 5.16 3.10
N ILE A 41 -1.30 4.63 1.95
CA ILE A 41 -0.40 4.57 0.82
C ILE A 41 -0.57 5.83 -0.03
N VAL A 42 0.56 6.35 -0.50
CA VAL A 42 0.55 7.55 -1.32
C VAL A 42 1.04 7.20 -2.73
N LEU A 43 0.30 7.70 -3.71
CA LEU A 43 0.65 7.45 -5.10
C LEU A 43 0.94 8.79 -5.80
N THR A 44 2.23 9.03 -6.02
CA THR A 44 2.65 10.26 -6.66
C THR A 44 2.83 10.03 -8.17
N ASN A 45 1.87 10.52 -8.93
CA ASN A 45 1.90 10.38 -10.37
C ASN A 45 2.92 11.37 -10.95
N VAL A 46 4.05 10.83 -11.39
CA VAL A 46 5.10 11.65 -11.95
C VAL A 46 4.82 11.87 -13.44
N THR A 47 4.31 10.81 -14.08
CA THR A 47 3.99 10.88 -15.50
C THR A 47 3.16 12.13 -15.79
N LYS A 48 3.23 12.56 -17.04
CA LYS A 48 2.49 13.74 -17.47
C LYS A 48 1.19 13.29 -18.13
N ASN A 49 0.69 12.15 -17.69
CA ASN A 49 -0.54 11.60 -18.24
C ASN A 49 -1.24 10.78 -17.16
N ILE A 50 -2.56 10.93 -17.12
CA ILE A 50 -3.36 10.20 -16.14
C ILE A 50 -2.81 8.78 -15.98
N VAL A 51 -2.80 8.32 -14.74
CA VAL A 51 -2.30 6.99 -14.43
C VAL A 51 -3.28 6.29 -13.49
N ALA A 52 -3.84 5.19 -13.96
CA ALA A 52 -4.79 4.43 -13.18
C ALA A 52 -4.02 3.54 -12.20
N PHE A 53 -4.47 3.56 -10.95
CA PHE A 53 -3.85 2.76 -9.92
C PHE A 53 -4.86 1.82 -9.25
N LYS A 54 -4.33 0.81 -8.57
CA LYS A 54 -5.17 -0.15 -7.89
C LYS A 54 -4.39 -0.78 -6.73
N VAL A 55 -5.13 -1.12 -5.69
CA VAL A 55 -4.52 -1.72 -4.51
C VAL A 55 -5.16 -3.09 -4.25
N ARG A 56 -4.36 -4.13 -4.40
CA ARG A 56 -4.84 -5.48 -4.18
C ARG A 56 -4.01 -6.16 -3.09
N THR A 57 -4.70 -6.99 -2.31
CA THR A 57 -4.06 -7.71 -1.22
C THR A 57 -4.53 -9.17 -1.19
N THR A 58 -3.82 -9.97 -0.40
CA THR A 58 -4.17 -11.37 -0.27
C THR A 58 -5.35 -11.55 0.69
N ALA A 59 -5.87 -10.42 1.14
CA ALA A 59 -7.00 -10.44 2.06
C ALA A 59 -7.82 -9.17 1.87
N PRO A 60 -8.62 -9.16 0.76
CA PRO A 60 -9.46 -8.02 0.45
C PRO A 60 -10.68 -7.97 1.37
N GLU A 61 -11.09 -9.14 1.82
CA GLU A 61 -12.24 -9.25 2.71
C GLU A 61 -11.80 -9.12 4.17
N LYS A 62 -10.53 -8.77 4.35
CA LYS A 62 -9.97 -8.61 5.68
C LYS A 62 -9.50 -7.17 5.86
N TYR A 63 -8.79 -6.68 4.85
CA TYR A 63 -8.27 -5.32 4.88
C TYR A 63 -9.08 -4.40 3.97
N ARG A 64 -9.71 -3.42 4.58
CA ARG A 64 -10.52 -2.47 3.84
C ARG A 64 -9.63 -1.41 3.19
N VAL A 65 -9.48 -1.53 1.87
CA VAL A 65 -8.66 -0.60 1.12
C VAL A 65 -9.57 0.37 0.36
N LYS A 66 -9.25 1.65 0.48
CA LYS A 66 -10.03 2.67 -0.19
C LYS A 66 -9.22 3.98 -0.22
N PRO A 67 -9.12 4.56 -1.45
CA PRO A 67 -9.75 3.97 -2.61
C PRO A 67 -8.97 2.74 -3.09
N SER A 68 -9.71 1.73 -3.52
CA SER A 68 -9.10 0.51 -4.01
C SER A 68 -9.38 0.34 -5.50
N ASN A 69 -9.61 1.46 -6.15
CA ASN A 69 -9.89 1.46 -7.58
C ASN A 69 -10.14 2.90 -8.05
N SER A 70 -9.18 3.40 -8.82
CA SER A 70 -9.27 4.75 -9.34
C SER A 70 -7.96 5.14 -10.04
N SER A 71 -7.80 6.43 -10.25
CA SER A 71 -6.61 6.94 -10.90
C SER A 71 -6.11 8.19 -10.18
N CYS A 72 -4.89 8.59 -10.52
CA CYS A 72 -4.29 9.77 -9.91
C CYS A 72 -3.78 10.68 -11.04
N ASP A 73 -4.28 11.91 -11.02
CA ASP A 73 -3.88 12.89 -12.03
C ASP A 73 -2.36 13.03 -12.02
N PRO A 74 -1.83 13.58 -13.14
CA PRO A 74 -0.39 13.77 -13.28
C PRO A 74 0.08 14.95 -12.43
N GLY A 75 1.19 14.73 -11.73
CA GLY A 75 1.75 15.76 -10.88
C GLY A 75 0.91 15.95 -9.62
N ALA A 76 0.41 14.84 -9.10
CA ALA A 76 -0.41 14.88 -7.90
C ALA A 76 -0.11 13.65 -7.05
N SER A 77 -0.80 13.56 -5.92
CA SER A 77 -0.62 12.44 -5.01
C SER A 77 -1.97 12.01 -4.43
N ILE A 78 -2.18 10.70 -4.41
CA ILE A 78 -3.42 10.16 -3.89
C ILE A 78 -3.16 9.54 -2.51
N ASP A 79 -4.25 9.15 -1.86
CA ASP A 79 -4.15 8.54 -0.54
C ASP A 79 -4.99 7.26 -0.50
N ILE A 80 -4.34 6.18 -0.13
CA ILE A 80 -5.01 4.89 -0.05
C ILE A 80 -4.91 4.36 1.38
N ILE A 81 -6.05 4.39 2.06
CA ILE A 81 -6.11 3.92 3.44
C ILE A 81 -6.20 2.39 3.44
N VAL A 82 -5.55 1.80 4.43
CA VAL A 82 -5.54 0.34 4.56
C VAL A 82 -5.81 -0.03 6.02
N SER A 83 -7.06 -0.35 6.29
CA SER A 83 -7.45 -0.74 7.64
C SER A 83 -8.01 -2.15 7.63
N PRO A 84 -7.58 -2.95 8.65
CA PRO A 84 -8.03 -4.33 8.76
C PRO A 84 -9.46 -4.39 9.29
N HIS A 85 -9.93 -5.62 9.50
CA HIS A 85 -11.29 -5.83 9.99
C HIS A 85 -11.52 -4.94 11.22
N GLY A 86 -12.75 -5.02 11.73
CA GLY A 86 -13.11 -4.23 12.89
C GLY A 86 -11.98 -4.20 13.92
N GLY A 87 -11.37 -5.36 14.11
CA GLY A 87 -10.27 -5.47 15.05
C GLY A 87 -9.36 -6.65 14.70
N LEU A 88 -9.11 -6.79 13.40
CA LEU A 88 -8.27 -7.87 12.91
C LEU A 88 -6.81 -7.57 13.28
N THR A 89 -5.91 -8.24 12.57
CA THR A 89 -4.49 -8.05 12.80
C THR A 89 -3.75 -7.93 11.47
N VAL A 90 -2.48 -7.52 11.57
CA VAL A 90 -1.65 -7.35 10.39
C VAL A 90 -0.25 -7.88 10.68
N SER A 91 -0.09 -9.18 10.52
CA SER A 91 1.19 -9.82 10.76
C SER A 91 2.09 -9.68 9.52
N ALA A 92 3.13 -10.50 9.49
CA ALA A 92 4.06 -10.48 8.38
C ALA A 92 3.70 -11.60 7.39
N GLN A 93 2.43 -11.95 7.39
CA GLN A 93 1.95 -13.00 6.50
C GLN A 93 1.09 -12.39 5.39
N ASP A 94 0.49 -11.26 5.69
CA ASP A 94 -0.35 -10.57 4.73
C ASP A 94 0.52 -9.69 3.83
N ARG A 95 0.34 -9.86 2.53
CA ARG A 95 1.09 -9.08 1.56
C ARG A 95 0.17 -8.15 0.79
N PHE A 96 0.68 -6.95 0.51
CA PHE A 96 -0.10 -5.96 -0.22
C PHE A 96 0.44 -5.78 -1.64
N LEU A 97 -0.43 -5.34 -2.52
CA LEU A 97 -0.06 -5.12 -3.91
C LEU A 97 -0.69 -3.82 -4.41
N ILE A 98 0.06 -3.14 -5.26
CA ILE A 98 -0.41 -1.87 -5.81
C ILE A 98 -0.10 -1.83 -7.31
N MET A 99 -1.12 -1.46 -8.08
CA MET A 99 -0.97 -1.38 -9.52
C MET A 99 -0.99 0.08 -10.00
N ALA A 100 -0.33 0.32 -11.11
CA ALA A 100 -0.27 1.65 -11.68
C ALA A 100 0.11 1.56 -13.17
N ALA A 101 -0.82 2.01 -13.99
CA ALA A 101 -0.61 1.98 -15.43
C ALA A 101 -0.87 3.37 -16.01
N GLU A 102 0.03 3.79 -16.89
CA GLU A 102 -0.08 5.10 -17.52
C GLU A 102 -1.27 5.12 -18.48
N MET A 103 -2.23 5.99 -18.15
CA MET A 103 -3.43 6.12 -18.97
C MET A 103 -3.30 7.31 -19.93
N GLU A 104 -4.28 7.40 -20.83
CA GLU A 104 -4.29 8.48 -21.80
C GLU A 104 -4.44 9.83 -21.10
N GLN A 105 -5.22 10.70 -21.74
CA GLN A 105 -5.46 12.02 -21.18
C GLN A 105 -6.92 12.16 -20.73
N SER A 106 -7.81 11.67 -21.59
CA SER A 106 -9.23 11.73 -21.29
C SER A 106 -9.66 10.47 -20.56
N SER A 107 -10.19 10.66 -19.36
CA SER A 107 -10.66 9.55 -18.55
C SER A 107 -11.39 10.06 -17.31
N GLY A 108 -12.50 9.42 -17.01
CA GLY A 108 -13.30 9.80 -15.86
C GLY A 108 -12.81 9.11 -14.59
N THR A 109 -11.86 8.22 -14.78
CA THR A 109 -11.30 7.48 -13.66
C THR A 109 -12.41 6.95 -12.76
N GLY A 110 -13.54 6.66 -13.37
CA GLY A 110 -14.68 6.14 -12.64
C GLY A 110 -14.56 4.63 -12.44
N PRO A 111 -15.70 4.02 -12.01
CA PRO A 111 -15.74 2.59 -11.77
C PRO A 111 -15.77 1.81 -13.09
N ALA A 112 -16.17 2.51 -14.14
CA ALA A 112 -16.26 1.89 -15.45
C ALA A 112 -14.96 2.16 -16.22
N GLU A 113 -14.71 3.43 -16.48
CA GLU A 113 -13.50 3.82 -17.20
C GLU A 113 -12.32 2.96 -16.75
N LEU A 114 -12.15 2.86 -15.45
CA LEU A 114 -11.06 2.09 -14.88
C LEU A 114 -11.11 0.67 -15.46
N SER A 115 -12.13 -0.07 -15.04
CA SER A 115 -12.30 -1.43 -15.50
C SER A 115 -11.93 -1.54 -16.98
N GLN A 116 -12.41 -0.56 -17.74
CA GLN A 116 -12.15 -0.52 -19.17
C GLN A 116 -10.64 -0.54 -19.43
N PHE A 117 -9.98 0.51 -18.94
CA PHE A 117 -8.54 0.63 -19.12
C PHE A 117 -7.82 -0.59 -18.55
N TRP A 118 -8.34 -1.08 -17.43
CA TRP A 118 -7.74 -2.24 -16.79
C TRP A 118 -8.06 -3.47 -17.64
N LYS A 119 -8.96 -3.27 -18.58
CA LYS A 119 -9.36 -4.36 -19.48
C LYS A 119 -8.53 -4.28 -20.76
N GLU A 120 -8.05 -3.08 -21.04
CA GLU A 120 -7.25 -2.86 -22.24
C GLU A 120 -5.76 -2.87 -21.89
N VAL A 121 -5.44 -2.22 -20.78
CA VAL A 121 -4.05 -2.15 -20.33
C VAL A 121 -3.61 -3.54 -19.85
N PRO A 122 -2.50 -4.02 -20.46
CA PRO A 122 -1.96 -5.33 -20.11
C PRO A 122 -1.25 -5.28 -18.76
N ARG A 123 -0.97 -6.46 -18.23
CA ARG A 123 -0.28 -6.57 -16.95
C ARG A 123 1.21 -6.35 -17.13
N ASN A 124 1.60 -6.13 -18.38
CA ASN A 124 3.01 -5.91 -18.70
C ASN A 124 3.23 -4.41 -18.94
N LYS A 125 2.15 -3.66 -18.88
CA LYS A 125 2.21 -2.22 -19.10
C LYS A 125 1.96 -1.51 -17.77
N VAL A 126 1.20 -2.17 -16.91
CA VAL A 126 0.88 -1.61 -15.61
C VAL A 126 1.94 -2.05 -14.59
N MET A 127 2.30 -1.11 -13.72
CA MET A 127 3.29 -1.40 -12.70
C MET A 127 2.67 -2.15 -11.53
N GLU A 128 3.52 -2.88 -10.82
CA GLU A 128 3.07 -3.66 -9.67
C GLU A 128 4.03 -3.47 -8.49
N HIS A 129 3.48 -2.98 -7.39
CA HIS A 129 4.27 -2.75 -6.20
C HIS A 129 3.67 -3.54 -5.03
N ARG A 130 4.51 -4.36 -4.42
CA ARG A 130 4.08 -5.17 -3.29
C ARG A 130 4.56 -4.55 -1.98
N LEU A 131 3.60 -4.25 -1.12
CA LEU A 131 3.90 -3.65 0.17
C LEU A 131 4.07 -4.76 1.21
N ARG A 132 4.97 -4.53 2.15
CA ARG A 132 5.22 -5.48 3.20
C ARG A 132 4.89 -4.88 4.57
N CYS A 133 4.49 -5.75 5.49
CA CYS A 133 4.15 -5.31 6.82
C CYS A 133 5.41 -5.32 7.67
N HIS A 134 5.61 -4.23 8.40
CA HIS A 134 6.77 -4.10 9.26
C HIS A 134 6.40 -4.50 10.69
N THR A 135 6.43 -5.79 10.94
CA THR A 135 6.11 -6.32 12.26
C THR A 135 7.33 -6.98 12.89
N VAL A 136 7.08 -7.70 13.98
CA VAL A 136 8.15 -8.38 14.68
C VAL A 136 8.00 -9.88 14.49
N GLU A 137 9.04 -10.61 14.87
CA GLU A 137 9.04 -12.06 14.75
C GLU A 137 8.57 -12.70 16.06
N SER A 138 8.38 -14.01 16.00
CA SER A 138 7.94 -14.75 17.17
C SER A 138 8.52 -16.17 17.13
N SER A 139 8.23 -16.92 18.19
CA SER A 139 8.71 -18.29 18.29
C SER A 139 7.58 -19.20 18.79
N LYS A 140 7.87 -20.49 18.80
CA LYS A 140 6.90 -21.47 19.25
C LYS A 140 7.59 -22.49 20.17
N PRO A 141 6.80 -23.05 21.11
CA PRO A 141 7.33 -24.03 22.04
C PRO A 141 7.52 -25.38 21.36
N ASN A 142 8.69 -25.98 21.61
CA ASN A 142 9.00 -27.27 21.02
C ASN A 142 8.88 -27.18 19.51
N SER A 143 9.37 -28.22 18.84
CA SER A 143 9.31 -28.27 17.39
C SER A 143 9.28 -29.73 16.92
N LEU A 144 8.52 -29.95 15.85
CA LEU A 144 8.40 -31.28 15.29
C LEU A 144 9.79 -31.88 15.07
N MET A 145 10.69 -31.04 14.58
CA MET A 145 12.05 -31.46 14.31
C MET A 145 13.03 -30.77 15.25
N LEU A 146 14.03 -31.53 15.68
CA LEU A 146 15.04 -31.00 16.58
C LEU A 146 15.64 -29.73 15.98
N SER A 147 15.17 -28.60 16.49
CA SER A 147 15.65 -27.31 16.02
C SER A 147 14.98 -26.18 16.82
N GLY A 148 15.61 -25.02 16.75
CA GLY A 148 15.09 -23.86 17.45
C GLY A 148 15.80 -23.67 18.79
N PRO A 149 16.44 -22.48 18.95
CA PRO A 149 17.16 -22.16 20.18
C PRO A 149 16.18 -21.83 21.31
N SER A 150 16.73 -21.76 22.52
CA SER A 150 15.92 -21.44 23.69
C SER A 150 16.36 -20.10 24.28
N SER A 151 15.49 -19.54 25.11
CA SER A 151 15.77 -18.26 25.75
C SER A 151 14.75 -17.99 26.84
N GLY A 152 15.06 -16.99 27.66
CA GLY A 152 14.16 -16.61 28.74
C GLY A 152 14.97 -16.35 30.03
N GLY A 1 1.69 10.82 26.84
CA GLY A 1 2.26 10.75 25.51
C GLY A 1 3.19 11.94 25.24
N SER A 2 3.68 11.99 24.01
CA SER A 2 4.57 13.08 23.61
C SER A 2 4.92 12.94 22.13
N SER A 3 4.51 13.94 21.36
CA SER A 3 4.78 13.94 19.94
C SER A 3 6.25 13.60 19.67
N GLY A 4 7.12 14.43 20.24
CA GLY A 4 8.55 14.23 20.07
C GLY A 4 9.09 15.01 18.88
N SER A 5 10.37 15.33 18.93
CA SER A 5 11.01 16.08 17.86
C SER A 5 11.31 15.15 16.69
N SER A 6 11.44 15.74 15.52
CA SER A 6 11.71 14.99 14.31
C SER A 6 12.84 13.99 14.57
N GLY A 7 12.47 12.71 14.59
CA GLY A 7 13.43 11.66 14.83
C GLY A 7 12.76 10.28 14.79
N LYS A 8 13.00 9.57 13.69
CA LYS A 8 12.42 8.25 13.53
C LYS A 8 13.26 7.46 12.51
N LYS A 9 12.65 6.42 11.97
CA LYS A 9 13.32 5.58 11.00
C LYS A 9 13.31 6.28 9.64
N PRO A 10 14.30 5.90 8.78
CA PRO A 10 14.41 6.48 7.45
C PRO A 10 13.34 5.93 6.52
N LEU A 11 12.30 6.72 6.34
CA LEU A 11 11.19 6.34 5.48
C LEU A 11 11.74 6.02 4.08
N SER A 12 10.96 5.26 3.33
CA SER A 12 11.34 4.89 1.99
C SER A 12 10.15 5.01 1.04
N VAL A 13 10.43 5.45 -0.17
CA VAL A 13 9.38 5.62 -1.17
C VAL A 13 9.79 4.89 -2.45
N PHE A 14 8.91 4.01 -2.90
CA PHE A 14 9.17 3.25 -4.11
C PHE A 14 9.03 4.12 -5.35
N LYS A 15 10.16 4.64 -5.81
CA LYS A 15 10.17 5.49 -6.98
C LYS A 15 9.76 4.67 -8.20
N GLY A 16 8.46 4.48 -8.34
CA GLY A 16 7.92 3.72 -9.46
C GLY A 16 8.26 4.38 -10.79
N PRO A 17 8.15 3.59 -11.88
CA PRO A 17 8.45 4.09 -13.21
C PRO A 17 7.32 4.98 -13.73
N LEU A 18 6.16 4.83 -13.08
CA LEU A 18 5.00 5.61 -13.47
C LEU A 18 4.42 6.29 -12.22
N LEU A 19 3.85 5.47 -11.35
CA LEU A 19 3.27 5.97 -10.12
C LEU A 19 4.16 5.60 -8.93
N HIS A 20 4.53 6.63 -8.18
CA HIS A 20 5.38 6.42 -7.02
C HIS A 20 4.53 6.07 -5.81
N ILE A 21 4.84 4.93 -5.22
CA ILE A 21 4.11 4.46 -4.05
C ILE A 21 4.86 4.88 -2.78
N SER A 22 4.13 4.89 -1.67
CA SER A 22 4.71 5.26 -0.40
C SER A 22 3.88 4.67 0.74
N PRO A 23 4.59 3.98 1.68
CA PRO A 23 6.03 3.83 1.55
C PRO A 23 6.38 2.81 0.48
N ALA A 24 7.63 2.36 0.52
CA ALA A 24 8.11 1.39 -0.45
C ALA A 24 7.45 0.04 -0.18
N GLU A 25 8.13 -0.76 0.64
CA GLU A 25 7.62 -2.08 0.99
C GLU A 25 7.71 -2.30 2.50
N GLU A 26 6.97 -1.47 3.22
CA GLU A 26 6.96 -1.55 4.68
C GLU A 26 5.74 -0.83 5.25
N LEU A 27 4.74 -1.62 5.63
CA LEU A 27 3.52 -1.05 6.19
C LEU A 27 3.57 -1.15 7.72
N TYR A 28 3.51 0.01 8.35
CA TYR A 28 3.55 0.07 9.80
C TYR A 28 2.18 0.46 10.37
N PHE A 29 1.45 -0.55 10.80
CA PHE A 29 0.13 -0.33 11.37
C PHE A 29 0.22 0.02 12.86
N GLY A 30 0.29 1.31 13.13
CA GLY A 30 0.38 1.78 14.51
C GLY A 30 0.53 3.31 14.55
N SER A 31 -0.51 3.95 15.05
CA SER A 31 -0.51 5.40 15.15
C SER A 31 -0.38 5.82 16.62
N ILE A 32 0.07 7.04 16.81
CA ILE A 32 0.24 7.58 18.16
C ILE A 32 -1.12 7.68 18.85
N GLU A 33 -2.15 7.83 18.03
CA GLU A 33 -3.51 7.94 18.53
C GLU A 33 -3.97 6.59 19.10
N SER A 34 -4.94 6.67 20.00
CA SER A 34 -5.47 5.48 20.63
C SER A 34 -6.73 5.02 19.89
N GLY A 35 -6.81 5.38 18.61
CA GLY A 35 -7.95 5.02 17.79
C GLY A 35 -7.78 3.62 17.20
N GLU A 36 -7.14 3.58 16.05
CA GLU A 36 -6.90 2.31 15.36
C GLU A 36 -5.57 2.35 14.61
N LYS A 37 -4.91 1.21 14.58
CA LYS A 37 -3.63 1.10 13.89
C LYS A 37 -3.88 0.91 12.40
N LYS A 38 -4.00 2.03 11.69
CA LYS A 38 -4.23 2.00 10.27
C LYS A 38 -3.14 2.79 9.55
N THR A 39 -2.86 2.39 8.32
CA THR A 39 -1.84 3.06 7.53
C THR A 39 -2.47 3.70 6.29
N LEU A 40 -1.74 4.66 5.73
CA LEU A 40 -2.21 5.36 4.55
C LEU A 40 -1.08 5.43 3.52
N ILE A 41 -1.33 4.81 2.37
CA ILE A 41 -0.35 4.81 1.30
C ILE A 41 -0.55 6.03 0.41
N VAL A 42 0.56 6.57 -0.08
CA VAL A 42 0.50 7.73 -0.95
C VAL A 42 0.99 7.34 -2.34
N LEU A 43 0.31 7.88 -3.34
CA LEU A 43 0.66 7.60 -4.73
C LEU A 43 0.90 8.92 -5.47
N THR A 44 2.17 9.20 -5.70
CA THR A 44 2.55 10.42 -6.40
C THR A 44 2.62 10.18 -7.91
N ASN A 45 1.55 10.56 -8.58
CA ASN A 45 1.47 10.39 -10.02
C ASN A 45 2.78 10.86 -10.66
N VAL A 46 3.61 9.88 -11.00
CA VAL A 46 4.90 10.17 -11.61
C VAL A 46 4.81 9.88 -13.11
N THR A 47 4.01 10.69 -13.80
CA THR A 47 3.85 10.55 -15.24
C THR A 47 3.36 11.85 -15.86
N LYS A 48 3.28 11.86 -17.18
CA LYS A 48 2.84 13.04 -17.90
C LYS A 48 1.40 12.82 -18.39
N ASN A 49 0.72 11.89 -17.73
CA ASN A 49 -0.65 11.58 -18.10
C ASN A 49 -1.30 10.79 -16.95
N ILE A 50 -2.63 10.88 -16.90
CA ILE A 50 -3.37 10.18 -15.87
C ILE A 50 -2.82 8.77 -15.70
N VAL A 51 -2.89 8.29 -14.47
CA VAL A 51 -2.39 6.95 -14.16
C VAL A 51 -3.42 6.22 -13.30
N ALA A 52 -3.89 5.10 -13.81
CA ALA A 52 -4.87 4.29 -13.10
C ALA A 52 -4.15 3.30 -12.19
N PHE A 53 -4.48 3.39 -10.91
CA PHE A 53 -3.87 2.51 -9.92
C PHE A 53 -4.92 1.62 -9.26
N LYS A 54 -4.43 0.58 -8.60
CA LYS A 54 -5.32 -0.36 -7.93
C LYS A 54 -4.59 -0.99 -6.74
N VAL A 55 -5.35 -1.28 -5.69
CA VAL A 55 -4.78 -1.88 -4.51
C VAL A 55 -5.35 -3.29 -4.33
N ARG A 56 -4.44 -4.25 -4.28
CA ARG A 56 -4.83 -5.65 -4.12
C ARG A 56 -4.15 -6.24 -2.89
N THR A 57 -4.54 -7.47 -2.58
CA THR A 57 -3.98 -8.16 -1.43
C THR A 57 -4.46 -9.62 -1.40
N THR A 58 -3.73 -10.43 -0.65
CA THR A 58 -4.06 -11.84 -0.53
C THR A 58 -5.24 -12.04 0.43
N ALA A 59 -5.74 -10.91 0.93
CA ALA A 59 -6.86 -10.94 1.86
C ALA A 59 -7.62 -9.61 1.77
N PRO A 60 -8.39 -9.45 0.66
CA PRO A 60 -9.17 -8.25 0.46
C PRO A 60 -10.40 -8.23 1.36
N GLU A 61 -10.59 -9.32 2.09
CA GLU A 61 -11.72 -9.44 2.98
C GLU A 61 -11.27 -9.28 4.43
N LYS A 62 -10.09 -8.68 4.59
CA LYS A 62 -9.53 -8.46 5.91
C LYS A 62 -9.06 -7.00 6.02
N TYR A 63 -8.37 -6.56 4.98
CA TYR A 63 -7.86 -5.20 4.95
C TYR A 63 -8.74 -4.30 4.09
N ARG A 64 -9.19 -3.21 4.69
CA ARG A 64 -10.05 -2.27 3.99
C ARG A 64 -9.19 -1.23 3.25
N VAL A 65 -8.97 -1.49 1.98
CA VAL A 65 -8.18 -0.59 1.15
C VAL A 65 -9.11 0.35 0.38
N LYS A 66 -8.99 1.63 0.69
CA LYS A 66 -9.81 2.64 0.04
C LYS A 66 -9.02 3.94 -0.09
N PRO A 67 -8.93 4.45 -1.34
CA PRO A 67 -9.55 3.77 -2.47
C PRO A 67 -8.75 2.53 -2.88
N SER A 68 -9.43 1.62 -3.57
CA SER A 68 -8.80 0.41 -4.02
C SER A 68 -8.71 0.39 -5.55
N ASN A 69 -9.68 1.03 -6.18
CA ASN A 69 -9.74 1.10 -7.62
C ASN A 69 -10.01 2.54 -8.05
N SER A 70 -8.96 3.23 -8.45
CA SER A 70 -9.07 4.61 -8.88
C SER A 70 -7.82 5.01 -9.67
N SER A 71 -7.81 6.27 -10.08
CA SER A 71 -6.68 6.79 -10.85
C SER A 71 -6.32 8.20 -10.34
N CYS A 72 -5.06 8.54 -10.51
CA CYS A 72 -4.57 9.84 -10.09
C CYS A 72 -4.06 10.60 -11.31
N ASP A 73 -4.29 11.89 -11.31
CA ASP A 73 -3.87 12.74 -12.41
C ASP A 73 -2.36 12.99 -12.31
N PRO A 74 -1.80 13.57 -13.40
CA PRO A 74 -0.38 13.87 -13.45
C PRO A 74 -0.06 15.10 -12.58
N GLY A 75 0.87 14.90 -11.66
CA GLY A 75 1.28 15.98 -10.77
C GLY A 75 0.35 16.08 -9.56
N ALA A 76 -0.07 14.92 -9.08
CA ALA A 76 -0.96 14.86 -7.93
C ALA A 76 -0.60 13.66 -7.07
N SER A 77 -1.19 13.62 -5.88
CA SER A 77 -0.94 12.54 -4.95
C SER A 77 -2.26 12.04 -4.35
N ILE A 78 -2.40 10.72 -4.31
CA ILE A 78 -3.59 10.11 -3.77
C ILE A 78 -3.29 9.52 -2.40
N ASP A 79 -4.34 9.09 -1.72
CA ASP A 79 -4.20 8.50 -0.40
C ASP A 79 -4.99 7.20 -0.34
N ILE A 80 -4.28 6.12 -0.02
CA ILE A 80 -4.91 4.82 0.08
C ILE A 80 -4.81 4.32 1.52
N ILE A 81 -5.89 4.53 2.26
CA ILE A 81 -5.95 4.12 3.65
C ILE A 81 -6.10 2.60 3.71
N VAL A 82 -5.16 1.96 4.38
CA VAL A 82 -5.19 0.52 4.53
C VAL A 82 -5.43 0.16 6.00
N SER A 83 -6.66 -0.17 6.29
CA SER A 83 -7.05 -0.53 7.65
C SER A 83 -7.55 -1.98 7.68
N PRO A 84 -7.03 -2.74 8.70
CA PRO A 84 -7.41 -4.13 8.84
C PRO A 84 -8.82 -4.25 9.43
N HIS A 85 -9.29 -5.49 9.54
CA HIS A 85 -10.61 -5.75 10.09
C HIS A 85 -10.72 -5.12 11.47
N GLY A 86 -11.96 -5.04 11.96
CA GLY A 86 -12.21 -4.47 13.27
C GLY A 86 -12.33 -5.57 14.33
N GLY A 87 -11.46 -6.56 14.21
CA GLY A 87 -11.46 -7.67 15.15
C GLY A 87 -10.13 -8.41 15.12
N LEU A 88 -9.63 -8.63 13.91
CA LEU A 88 -8.37 -9.31 13.74
C LEU A 88 -7.22 -8.29 13.72
N THR A 89 -6.03 -8.78 13.41
CA THR A 89 -4.86 -7.93 13.35
C THR A 89 -4.05 -8.21 12.09
N VAL A 90 -3.06 -7.35 11.86
CA VAL A 90 -2.21 -7.50 10.68
C VAL A 90 -0.99 -8.35 11.06
N SER A 91 -0.70 -9.33 10.22
CA SER A 91 0.42 -10.21 10.44
C SER A 91 1.30 -10.27 9.19
N ALA A 92 2.41 -10.98 9.32
CA ALA A 92 3.34 -11.13 8.20
C ALA A 92 2.97 -12.37 7.40
N GLN A 93 1.66 -12.58 7.25
CA GLN A 93 1.17 -13.73 6.50
C GLN A 93 0.48 -13.27 5.22
N ASP A 94 -0.02 -12.04 5.26
CA ASP A 94 -0.71 -11.48 4.11
C ASP A 94 0.26 -10.59 3.33
N ARG A 95 -0.19 -10.13 2.17
CA ARG A 95 0.63 -9.28 1.33
C ARG A 95 -0.25 -8.33 0.52
N PHE A 96 0.25 -7.12 0.34
CA PHE A 96 -0.48 -6.11 -0.41
C PHE A 96 0.13 -5.90 -1.79
N LEU A 97 -0.70 -5.44 -2.71
CA LEU A 97 -0.25 -5.19 -4.07
C LEU A 97 -0.85 -3.88 -4.57
N ILE A 98 -0.03 -3.13 -5.29
CA ILE A 98 -0.45 -1.85 -5.83
C ILE A 98 -0.15 -1.80 -7.32
N MET A 99 -1.16 -1.38 -8.08
CA MET A 99 -1.01 -1.28 -9.53
C MET A 99 -0.99 0.17 -9.98
N ALA A 100 -0.38 0.39 -11.14
CA ALA A 100 -0.28 1.73 -11.70
C ALA A 100 0.06 1.64 -13.19
N ALA A 101 -0.86 2.13 -14.01
CA ALA A 101 -0.68 2.10 -15.45
C ALA A 101 -0.94 3.50 -16.01
N GLU A 102 -0.03 3.93 -16.88
CA GLU A 102 -0.15 5.25 -17.49
C GLU A 102 -1.31 5.25 -18.49
N MET A 103 -2.17 6.25 -18.34
CA MET A 103 -3.32 6.39 -19.21
C MET A 103 -3.04 7.38 -20.34
N GLU A 104 -3.97 7.45 -21.28
CA GLU A 104 -3.83 8.34 -22.41
C GLU A 104 -4.11 9.78 -21.98
N GLN A 105 -4.20 10.66 -22.98
CA GLN A 105 -4.46 12.06 -22.71
C GLN A 105 -5.65 12.22 -21.77
N SER A 106 -6.82 12.42 -22.37
CA SER A 106 -8.03 12.58 -21.59
C SER A 106 -8.72 11.23 -21.40
N SER A 107 -8.64 10.71 -20.17
CA SER A 107 -9.24 9.43 -19.86
C SER A 107 -10.13 9.57 -18.63
N GLY A 108 -11.39 9.15 -18.79
CA GLY A 108 -12.34 9.23 -17.70
C GLY A 108 -11.89 8.39 -16.51
N THR A 109 -11.91 9.01 -15.34
CA THR A 109 -11.51 8.33 -14.13
C THR A 109 -12.73 7.83 -13.36
N GLY A 110 -13.53 7.03 -14.05
CA GLY A 110 -14.73 6.47 -13.45
C GLY A 110 -14.58 4.96 -13.24
N PRO A 111 -15.70 4.34 -12.77
CA PRO A 111 -15.71 2.90 -12.53
C PRO A 111 -15.78 2.11 -13.83
N ALA A 112 -16.14 2.83 -14.90
CA ALA A 112 -16.25 2.21 -16.21
C ALA A 112 -14.91 2.36 -16.94
N GLU A 113 -14.63 3.59 -17.33
CA GLU A 113 -13.39 3.88 -18.05
C GLU A 113 -12.25 3.03 -17.50
N LEU A 114 -12.16 3.00 -16.18
CA LEU A 114 -11.12 2.22 -15.53
C LEU A 114 -11.29 0.74 -15.88
N SER A 115 -12.39 0.19 -15.40
CA SER A 115 -12.68 -1.21 -15.66
C SER A 115 -12.26 -1.59 -17.08
N GLN A 116 -12.50 -0.66 -17.99
CA GLN A 116 -12.15 -0.88 -19.38
C GLN A 116 -10.64 -0.76 -19.58
N PHE A 117 -10.10 0.36 -19.13
CA PHE A 117 -8.68 0.62 -19.24
C PHE A 117 -7.88 -0.48 -18.54
N TRP A 118 -8.49 -1.08 -17.53
CA TRP A 118 -7.85 -2.14 -16.77
C TRP A 118 -8.02 -3.45 -17.54
N LYS A 119 -8.93 -3.41 -18.51
CA LYS A 119 -9.20 -4.58 -19.33
C LYS A 119 -8.36 -4.51 -20.60
N GLU A 120 -7.93 -3.30 -20.92
CA GLU A 120 -7.12 -3.09 -22.12
C GLU A 120 -5.63 -3.07 -21.75
N VAL A 121 -5.32 -2.38 -20.67
CA VAL A 121 -3.96 -2.28 -20.20
C VAL A 121 -3.50 -3.64 -19.66
N PRO A 122 -2.43 -4.19 -20.29
CA PRO A 122 -1.90 -5.47 -19.88
C PRO A 122 -1.11 -5.34 -18.58
N ARG A 123 -0.59 -6.48 -18.12
CA ARG A 123 0.18 -6.52 -16.89
C ARG A 123 1.64 -6.16 -17.18
N ASN A 124 1.91 -5.89 -18.45
CA ASN A 124 3.26 -5.55 -18.87
C ASN A 124 3.37 -4.03 -19.04
N LYS A 125 2.21 -3.39 -19.09
CA LYS A 125 2.15 -1.95 -19.26
C LYS A 125 1.85 -1.30 -17.90
N VAL A 126 1.15 -2.05 -17.07
CA VAL A 126 0.78 -1.57 -15.75
C VAL A 126 1.83 -2.01 -14.73
N MET A 127 2.18 -1.10 -13.85
CA MET A 127 3.17 -1.39 -12.82
C MET A 127 2.55 -2.15 -11.65
N GLU A 128 3.37 -2.94 -10.99
CA GLU A 128 2.90 -3.72 -9.85
C GLU A 128 3.94 -3.69 -8.74
N HIS A 129 3.47 -3.35 -7.54
CA HIS A 129 4.34 -3.28 -6.38
C HIS A 129 3.65 -3.93 -5.19
N ARG A 130 4.35 -4.88 -4.59
CA ARG A 130 3.81 -5.58 -3.43
C ARG A 130 4.36 -4.98 -2.14
N LEU A 131 3.44 -4.56 -1.28
CA LEU A 131 3.82 -3.95 -0.02
C LEU A 131 3.81 -5.03 1.07
N ARG A 132 4.65 -4.83 2.07
CA ARG A 132 4.75 -5.78 3.17
C ARG A 132 4.55 -5.05 4.51
N CYS A 133 3.95 -5.76 5.45
CA CYS A 133 3.69 -5.18 6.76
C CYS A 133 4.93 -5.41 7.63
N HIS A 134 5.22 -4.43 8.47
CA HIS A 134 6.36 -4.51 9.35
C HIS A 134 5.89 -4.70 10.79
N THR A 135 5.23 -5.82 11.02
CA THR A 135 4.71 -6.13 12.34
C THR A 135 5.71 -5.71 13.42
N VAL A 136 5.18 -5.40 14.59
CA VAL A 136 6.01 -4.97 15.70
C VAL A 136 7.05 -6.05 16.00
N GLU A 137 7.92 -5.75 16.95
CA GLU A 137 8.96 -6.68 17.33
C GLU A 137 8.78 -7.11 18.79
N SER A 138 9.56 -8.10 19.19
CA SER A 138 9.49 -8.61 20.55
C SER A 138 9.48 -7.44 21.54
N SER A 139 10.54 -6.66 21.52
CA SER A 139 10.66 -5.52 22.41
C SER A 139 9.39 -4.68 22.35
N LYS A 140 8.79 -4.49 23.50
CA LYS A 140 7.56 -3.71 23.59
C LYS A 140 7.86 -2.38 24.30
N PRO A 141 7.01 -1.37 23.99
CA PRO A 141 7.18 -0.05 24.58
C PRO A 141 6.71 -0.05 26.04
N ASN A 142 6.97 1.07 26.71
CA ASN A 142 6.57 1.22 28.10
C ASN A 142 6.53 2.70 28.46
N SER A 143 5.33 3.17 28.78
CA SER A 143 5.13 4.56 29.15
C SER A 143 3.86 4.71 29.99
N LEU A 144 4.08 4.95 31.27
CA LEU A 144 2.97 5.11 32.20
C LEU A 144 2.81 6.60 32.54
N MET A 145 1.73 6.89 33.26
CA MET A 145 1.46 8.26 33.65
C MET A 145 0.54 8.30 34.88
N LEU A 146 0.67 9.38 35.64
CA LEU A 146 -0.12 9.56 36.84
C LEU A 146 -1.42 10.31 36.49
N SER A 147 -2.49 9.89 37.14
CA SER A 147 -3.78 10.52 36.91
C SER A 147 -4.53 10.69 38.24
N GLY A 148 -5.34 11.74 38.29
CA GLY A 148 -6.11 12.03 39.49
C GLY A 148 -7.29 11.07 39.62
N PRO A 149 -8.15 11.37 40.63
CA PRO A 149 -9.33 10.54 40.88
C PRO A 149 -10.41 10.80 39.83
N SER A 150 -11.39 9.92 39.81
CA SER A 150 -12.49 10.04 38.87
C SER A 150 -13.83 9.87 39.60
N SER A 151 -14.82 10.63 39.14
CA SER A 151 -16.14 10.56 39.74
C SER A 151 -16.87 9.30 39.27
N GLY A 152 -16.81 8.28 40.12
CA GLY A 152 -17.45 7.01 39.81
C GLY A 152 -16.60 5.84 40.28
N GLY A 1 19.71 -6.05 23.80
CA GLY A 1 19.56 -4.75 24.45
C GLY A 1 19.59 -3.62 23.43
N SER A 2 18.86 -2.55 23.74
CA SER A 2 18.80 -1.41 22.86
C SER A 2 18.33 -0.17 23.64
N SER A 3 19.22 0.81 23.72
CA SER A 3 18.92 2.04 24.43
C SER A 3 17.53 2.55 24.03
N GLY A 4 17.41 2.86 22.74
CA GLY A 4 16.14 3.36 22.22
C GLY A 4 16.38 4.24 20.99
N SER A 5 16.44 3.58 19.83
CA SER A 5 16.66 4.29 18.58
C SER A 5 16.11 3.46 17.42
N SER A 6 15.14 4.05 16.73
CA SER A 6 14.52 3.39 15.60
C SER A 6 14.89 4.10 14.30
N GLY A 7 16.08 3.77 13.81
CA GLY A 7 16.57 4.39 12.58
C GLY A 7 16.66 5.90 12.71
N LYS A 8 17.31 6.52 11.73
CA LYS A 8 17.48 7.95 11.73
C LYS A 8 17.39 8.48 10.29
N LYS A 9 16.42 7.93 9.55
CA LYS A 9 16.23 8.32 8.17
C LYS A 9 14.73 8.50 7.90
N PRO A 10 14.42 9.22 6.80
CA PRO A 10 13.05 9.46 6.41
C PRO A 10 12.42 8.21 5.81
N LEU A 11 11.10 8.25 5.66
CA LEU A 11 10.37 7.13 5.10
C LEU A 11 10.94 6.79 3.73
N SER A 12 10.43 5.71 3.15
CA SER A 12 10.88 5.27 1.85
C SER A 12 9.73 5.40 0.83
N VAL A 13 10.13 5.57 -0.42
CA VAL A 13 9.16 5.73 -1.50
C VAL A 13 9.65 4.96 -2.73
N PHE A 14 8.82 4.04 -3.19
CA PHE A 14 9.16 3.25 -4.36
C PHE A 14 9.05 4.07 -5.64
N LYS A 15 10.20 4.61 -6.05
CA LYS A 15 10.25 5.42 -7.25
C LYS A 15 9.80 4.58 -8.45
N GLY A 16 8.54 4.77 -8.83
CA GLY A 16 7.99 4.04 -9.95
C GLY A 16 8.29 4.75 -11.28
N PRO A 17 8.24 3.96 -12.38
CA PRO A 17 8.50 4.49 -13.70
C PRO A 17 7.31 5.32 -14.20
N LEU A 18 6.17 5.11 -13.56
CA LEU A 18 4.96 5.82 -13.92
C LEU A 18 4.41 6.55 -12.70
N LEU A 19 3.80 5.78 -11.81
CA LEU A 19 3.23 6.33 -10.60
C LEU A 19 4.08 5.90 -9.40
N HIS A 20 4.50 6.89 -8.63
CA HIS A 20 5.31 6.62 -7.45
C HIS A 20 4.41 6.15 -6.31
N ILE A 21 4.68 4.93 -5.86
CA ILE A 21 3.91 4.35 -4.78
C ILE A 21 4.64 4.57 -3.45
N SER A 22 3.86 4.67 -2.39
CA SER A 22 4.42 4.88 -1.07
C SER A 22 3.55 4.18 -0.01
N PRO A 23 4.24 3.61 1.01
CA PRO A 23 5.69 3.65 1.05
C PRO A 23 6.31 2.68 0.04
N ALA A 24 7.59 2.38 0.26
CA ALA A 24 8.30 1.48 -0.63
C ALA A 24 7.97 0.04 -0.26
N GLU A 25 8.76 -0.51 0.65
CA GLU A 25 8.56 -1.87 1.11
C GLU A 25 8.53 -1.93 2.63
N GLU A 26 7.63 -1.14 3.21
CA GLU A 26 7.49 -1.08 4.65
C GLU A 26 6.16 -0.44 5.03
N LEU A 27 5.22 -1.29 5.44
CA LEU A 27 3.91 -0.81 5.84
C LEU A 27 3.81 -0.81 7.37
N TYR A 28 3.40 0.33 7.90
CA TYR A 28 3.25 0.49 9.33
C TYR A 28 1.85 0.95 9.70
N PHE A 29 1.12 0.06 10.36
CA PHE A 29 -0.24 0.38 10.78
C PHE A 29 -0.26 1.00 12.17
N GLY A 30 -0.15 2.32 12.20
CA GLY A 30 -0.15 3.04 13.46
C GLY A 30 0.16 4.52 13.25
N SER A 31 -0.72 5.36 13.75
CA SER A 31 -0.55 6.80 13.61
C SER A 31 -0.42 7.44 15.00
N ILE A 32 0.06 8.67 15.01
CA ILE A 32 0.25 9.40 16.25
C ILE A 32 -0.93 10.36 16.44
N GLU A 33 -1.30 10.55 17.70
CA GLU A 33 -2.39 11.44 18.04
C GLU A 33 -3.73 10.84 17.58
N SER A 34 -3.84 10.67 16.27
CA SER A 34 -5.06 10.11 15.69
C SER A 34 -5.16 8.62 16.05
N GLY A 35 -4.00 8.01 16.26
CA GLY A 35 -3.94 6.60 16.61
C GLY A 35 -4.42 5.74 15.44
N GLU A 36 -5.01 4.61 15.79
CA GLU A 36 -5.52 3.69 14.79
C GLU A 36 -4.35 3.00 14.06
N LYS A 37 -4.44 1.68 13.97
CA LYS A 37 -3.42 0.91 13.31
C LYS A 37 -3.79 0.73 11.83
N LYS A 38 -3.72 1.82 11.09
CA LYS A 38 -4.06 1.80 9.68
C LYS A 38 -2.94 2.49 8.89
N THR A 39 -2.70 1.98 7.69
CA THR A 39 -1.67 2.53 6.82
C THR A 39 -2.30 3.35 5.70
N LEU A 40 -1.49 4.25 5.15
CA LEU A 40 -1.96 5.09 4.06
C LEU A 40 -0.92 5.09 2.93
N ILE A 41 -1.36 4.61 1.77
CA ILE A 41 -0.47 4.55 0.62
C ILE A 41 -0.61 5.84 -0.19
N VAL A 42 0.54 6.34 -0.62
CA VAL A 42 0.57 7.57 -1.41
C VAL A 42 1.06 7.25 -2.82
N LEU A 43 0.27 7.70 -3.79
CA LEU A 43 0.61 7.48 -5.19
C LEU A 43 0.98 8.81 -5.84
N THR A 44 2.28 8.99 -6.04
CA THR A 44 2.77 10.21 -6.65
C THR A 44 2.92 10.03 -8.16
N ASN A 45 1.99 10.64 -8.89
CA ASN A 45 2.00 10.55 -10.34
C ASN A 45 3.09 11.48 -10.89
N VAL A 46 4.18 10.87 -11.33
CA VAL A 46 5.29 11.61 -11.89
C VAL A 46 5.05 11.85 -13.38
N THR A 47 4.53 10.82 -14.04
CA THR A 47 4.25 10.90 -15.45
C THR A 47 3.44 12.16 -15.77
N LYS A 48 3.44 12.52 -17.04
CA LYS A 48 2.72 13.70 -17.49
C LYS A 48 1.28 13.31 -17.86
N ASN A 49 0.83 12.21 -17.26
CA ASN A 49 -0.51 11.72 -17.52
C ASN A 49 -1.04 11.00 -16.27
N ILE A 50 -2.32 10.71 -16.29
CA ILE A 50 -2.96 10.03 -15.18
C ILE A 50 -2.39 8.62 -15.06
N VAL A 51 -2.55 8.04 -13.88
CA VAL A 51 -2.07 6.69 -13.64
C VAL A 51 -3.13 5.90 -12.88
N ALA A 52 -3.79 5.01 -13.60
CA ALA A 52 -4.83 4.19 -13.01
C ALA A 52 -4.20 3.23 -12.00
N PHE A 53 -4.36 3.57 -10.73
CA PHE A 53 -3.82 2.74 -9.66
C PHE A 53 -4.89 1.80 -9.10
N LYS A 54 -4.42 0.75 -8.44
CA LYS A 54 -5.31 -0.23 -7.85
C LYS A 54 -4.57 -0.99 -6.75
N VAL A 55 -5.23 -1.10 -5.60
CA VAL A 55 -4.65 -1.79 -4.47
C VAL A 55 -5.25 -3.20 -4.38
N ARG A 56 -4.37 -4.19 -4.44
CA ARG A 56 -4.80 -5.57 -4.37
C ARG A 56 -4.04 -6.31 -3.26
N THR A 57 -4.74 -7.21 -2.61
CA THR A 57 -4.15 -7.99 -1.52
C THR A 57 -4.53 -9.46 -1.65
N THR A 58 -3.72 -10.30 -1.03
CA THR A 58 -3.97 -11.74 -1.06
C THR A 58 -5.15 -12.10 -0.16
N ALA A 59 -5.60 -11.10 0.60
CA ALA A 59 -6.72 -11.31 1.51
C ALA A 59 -7.44 -9.98 1.71
N PRO A 60 -8.21 -9.58 0.65
CA PRO A 60 -8.96 -8.34 0.70
C PRO A 60 -10.21 -8.48 1.59
N GLU A 61 -10.36 -9.67 2.15
CA GLU A 61 -11.49 -9.95 3.01
C GLU A 61 -11.11 -9.72 4.48
N LYS A 62 -10.49 -8.57 4.72
CA LYS A 62 -10.08 -8.22 6.06
C LYS A 62 -9.55 -6.78 6.07
N TYR A 63 -8.84 -6.44 5.01
CA TYR A 63 -8.29 -5.10 4.88
C TYR A 63 -9.14 -4.24 3.96
N ARG A 64 -9.73 -3.20 4.54
CA ARG A 64 -10.57 -2.30 3.78
C ARG A 64 -9.72 -1.23 3.09
N VAL A 65 -9.38 -1.51 1.84
CA VAL A 65 -8.57 -0.59 1.06
C VAL A 65 -9.49 0.36 0.29
N LYS A 66 -9.17 1.65 0.39
CA LYS A 66 -9.95 2.67 -0.30
C LYS A 66 -9.14 3.97 -0.37
N PRO A 67 -9.12 4.56 -1.58
CA PRO A 67 -9.84 3.99 -2.71
C PRO A 67 -9.09 2.77 -3.26
N SER A 68 -9.87 1.78 -3.68
CA SER A 68 -9.30 0.56 -4.23
C SER A 68 -9.64 0.45 -5.72
N ASN A 69 -9.80 1.60 -6.34
CA ASN A 69 -10.13 1.66 -7.75
C ASN A 69 -10.26 3.11 -8.20
N SER A 70 -9.27 3.57 -8.93
CA SER A 70 -9.26 4.94 -9.43
C SER A 70 -7.94 5.23 -10.15
N SER A 71 -7.74 6.50 -10.46
CA SER A 71 -6.54 6.92 -11.15
C SER A 71 -6.02 8.23 -10.55
N CYS A 72 -4.71 8.28 -10.33
CA CYS A 72 -4.09 9.46 -9.77
C CYS A 72 -3.66 10.37 -10.92
N ASP A 73 -4.06 11.63 -10.82
CA ASP A 73 -3.72 12.61 -11.84
C ASP A 73 -2.22 12.90 -11.78
N PRO A 74 -1.70 13.45 -12.91
CA PRO A 74 -0.29 13.79 -12.99
C PRO A 74 0.03 15.05 -12.19
N GLY A 75 1.20 15.04 -11.56
CA GLY A 75 1.63 16.16 -10.76
C GLY A 75 0.80 16.28 -9.48
N ALA A 76 0.26 15.15 -9.06
CA ALA A 76 -0.55 15.10 -7.87
C ALA A 76 -0.26 13.80 -7.11
N SER A 77 -0.94 13.66 -5.97
CA SER A 77 -0.77 12.47 -5.15
C SER A 77 -2.12 12.04 -4.58
N ILE A 78 -2.31 10.72 -4.56
CA ILE A 78 -3.56 10.16 -4.04
C ILE A 78 -3.31 9.57 -2.65
N ASP A 79 -4.40 9.18 -2.00
CA ASP A 79 -4.31 8.60 -0.68
C ASP A 79 -5.14 7.32 -0.63
N ILE A 80 -4.48 6.23 -0.25
CA ILE A 80 -5.14 4.95 -0.16
C ILE A 80 -5.02 4.41 1.27
N ILE A 81 -6.15 4.41 1.97
CA ILE A 81 -6.18 3.92 3.34
C ILE A 81 -6.31 2.40 3.34
N VAL A 82 -5.70 1.79 4.34
CA VAL A 82 -5.73 0.34 4.47
C VAL A 82 -5.90 -0.04 5.93
N SER A 83 -7.15 -0.31 6.30
CA SER A 83 -7.46 -0.68 7.68
C SER A 83 -8.02 -2.09 7.72
N PRO A 84 -7.41 -2.94 8.59
CA PRO A 84 -7.84 -4.32 8.75
C PRO A 84 -9.16 -4.40 9.53
N HIS A 85 -9.75 -5.58 9.50
CA HIS A 85 -11.00 -5.80 10.21
C HIS A 85 -10.84 -5.45 11.68
N GLY A 86 -11.91 -4.92 12.25
CA GLY A 86 -11.90 -4.53 13.65
C GLY A 86 -11.73 -5.75 14.56
N GLY A 87 -10.50 -5.91 15.05
CA GLY A 87 -10.18 -7.02 15.92
C GLY A 87 -8.89 -7.71 15.49
N LEU A 88 -9.00 -8.47 14.42
CA LEU A 88 -7.84 -9.19 13.89
C LEU A 88 -6.65 -8.23 13.78
N THR A 89 -5.51 -8.80 13.41
CA THR A 89 -4.31 -8.00 13.28
C THR A 89 -3.95 -7.81 11.79
N VAL A 90 -2.76 -7.31 11.56
CA VAL A 90 -2.29 -7.07 10.20
C VAL A 90 -1.43 -8.25 9.76
N SER A 91 -1.38 -9.27 10.60
CA SER A 91 -0.59 -10.45 10.31
C SER A 91 0.78 -10.04 9.78
N ALA A 92 1.46 -11.02 9.17
CA ALA A 92 2.78 -10.77 8.62
C ALA A 92 2.81 -11.26 7.16
N GLN A 93 2.26 -12.44 6.95
CA GLN A 93 2.21 -13.02 5.63
C GLN A 93 1.30 -12.20 4.71
N ASP A 94 0.51 -11.33 5.34
CA ASP A 94 -0.41 -10.49 4.61
C ASP A 94 0.40 -9.53 3.72
N ARG A 95 0.44 -9.87 2.43
CA ARG A 95 1.17 -9.05 1.47
C ARG A 95 0.19 -8.15 0.71
N PHE A 96 0.66 -6.93 0.43
CA PHE A 96 -0.15 -5.97 -0.29
C PHE A 96 0.41 -5.71 -1.69
N LEU A 97 -0.49 -5.35 -2.60
CA LEU A 97 -0.10 -5.07 -3.97
C LEU A 97 -0.77 -3.78 -4.44
N ILE A 98 -0.05 -3.03 -5.25
CA ILE A 98 -0.56 -1.78 -5.77
C ILE A 98 -0.21 -1.67 -7.26
N MET A 99 -1.24 -1.49 -8.07
CA MET A 99 -1.06 -1.38 -9.50
C MET A 99 -1.03 0.09 -9.93
N ALA A 100 -0.42 0.33 -11.09
CA ALA A 100 -0.31 1.68 -11.62
C ALA A 100 0.02 1.61 -13.11
N ALA A 101 -0.90 2.14 -13.92
CA ALA A 101 -0.71 2.14 -15.35
C ALA A 101 -0.95 3.56 -15.89
N GLU A 102 -0.06 3.97 -16.78
CA GLU A 102 -0.16 5.29 -17.38
C GLU A 102 -1.38 5.37 -18.29
N MET A 103 -2.33 6.22 -17.90
CA MET A 103 -3.54 6.40 -18.68
C MET A 103 -3.38 7.52 -19.71
N GLU A 104 -4.38 7.66 -20.56
CA GLU A 104 -4.36 8.69 -21.59
C GLU A 104 -4.46 10.07 -20.94
N GLN A 105 -5.13 10.96 -21.65
CA GLN A 105 -5.30 12.33 -21.18
C GLN A 105 -6.75 12.54 -20.72
N SER A 106 -7.68 11.93 -21.45
CA SER A 106 -9.08 12.04 -21.13
C SER A 106 -9.55 10.81 -20.35
N SER A 107 -9.81 11.02 -19.07
CA SER A 107 -10.27 9.93 -18.21
C SER A 107 -11.12 10.48 -17.08
N GLY A 108 -12.02 9.65 -16.59
CA GLY A 108 -12.91 10.04 -15.50
C GLY A 108 -12.53 9.32 -14.20
N THR A 109 -11.55 8.44 -14.32
CA THR A 109 -11.09 7.68 -13.17
C THR A 109 -12.28 7.14 -12.37
N GLY A 110 -13.33 6.79 -13.10
CA GLY A 110 -14.52 6.26 -12.48
C GLY A 110 -14.40 4.75 -12.24
N PRO A 111 -15.56 4.13 -11.88
CA PRO A 111 -15.58 2.70 -11.62
C PRO A 111 -15.52 1.90 -12.92
N ALA A 112 -15.97 2.54 -13.99
CA ALA A 112 -15.96 1.91 -15.30
C ALA A 112 -14.66 2.25 -16.03
N GLU A 113 -14.50 3.54 -16.29
CA GLU A 113 -13.30 4.01 -16.98
C GLU A 113 -12.10 3.12 -16.62
N LEU A 114 -12.03 2.76 -15.34
CA LEU A 114 -10.94 1.93 -14.87
C LEU A 114 -11.13 0.50 -15.40
N SER A 115 -12.15 -0.16 -14.87
CA SER A 115 -12.44 -1.52 -15.28
C SER A 115 -12.15 -1.70 -16.77
N GLN A 116 -12.38 -0.63 -17.51
CA GLN A 116 -12.14 -0.65 -18.95
C GLN A 116 -10.63 -0.59 -19.24
N PHE A 117 -10.02 0.47 -18.76
CA PHE A 117 -8.59 0.65 -18.95
C PHE A 117 -7.80 -0.56 -18.44
N TRP A 118 -8.33 -1.17 -17.40
CA TRP A 118 -7.69 -2.34 -16.80
C TRP A 118 -7.93 -3.53 -17.73
N LYS A 119 -8.89 -3.36 -18.63
CA LYS A 119 -9.23 -4.41 -19.57
C LYS A 119 -8.40 -4.22 -20.84
N GLU A 120 -7.94 -3.00 -21.04
CA GLU A 120 -7.13 -2.68 -22.21
C GLU A 120 -5.64 -2.69 -21.85
N VAL A 121 -5.34 -2.07 -20.72
CA VAL A 121 -3.97 -2.00 -20.25
C VAL A 121 -3.53 -3.38 -19.75
N PRO A 122 -2.46 -3.92 -20.38
CA PRO A 122 -1.95 -5.22 -20.01
C PRO A 122 -1.17 -5.15 -18.69
N ARG A 123 -0.86 -6.32 -18.16
CA ARG A 123 -0.12 -6.39 -16.91
C ARG A 123 1.37 -6.16 -17.16
N ASN A 124 1.70 -5.89 -18.42
CA ASN A 124 3.07 -5.64 -18.81
C ASN A 124 3.28 -4.14 -18.99
N LYS A 125 2.17 -3.41 -18.99
CA LYS A 125 2.22 -1.97 -19.15
C LYS A 125 1.92 -1.29 -17.81
N VAL A 126 1.19 -2.01 -16.98
CA VAL A 126 0.84 -1.49 -15.66
C VAL A 126 1.89 -1.95 -14.65
N MET A 127 2.29 -1.02 -13.79
CA MET A 127 3.26 -1.31 -12.76
C MET A 127 2.63 -2.03 -11.58
N GLU A 128 3.39 -2.96 -11.01
CA GLU A 128 2.91 -3.73 -9.87
C GLU A 128 3.88 -3.59 -8.70
N HIS A 129 3.38 -3.01 -7.62
CA HIS A 129 4.19 -2.81 -6.43
C HIS A 129 3.60 -3.63 -5.28
N ARG A 130 4.51 -4.22 -4.51
CA ARG A 130 4.10 -5.03 -3.37
C ARG A 130 4.60 -4.41 -2.07
N LEU A 131 3.65 -4.14 -1.18
CA LEU A 131 3.98 -3.54 0.10
C LEU A 131 4.16 -4.65 1.15
N ARG A 132 5.07 -4.41 2.08
CA ARG A 132 5.34 -5.38 3.13
C ARG A 132 5.27 -4.70 4.50
N CYS A 133 4.65 -5.40 5.44
CA CYS A 133 4.50 -4.89 6.79
C CYS A 133 5.86 -4.96 7.48
N HIS A 134 6.04 -4.10 8.47
CA HIS A 134 7.28 -4.06 9.22
C HIS A 134 7.05 -4.63 10.62
N THR A 135 6.99 -5.94 10.69
CA THR A 135 6.78 -6.62 11.96
C THR A 135 7.58 -7.93 12.01
N VAL A 136 7.26 -8.74 13.00
CA VAL A 136 7.92 -10.02 13.17
C VAL A 136 9.41 -9.78 13.49
N GLU A 137 9.84 -10.37 14.59
CA GLU A 137 11.22 -10.23 15.02
C GLU A 137 11.48 -11.08 16.26
N SER A 138 12.38 -12.04 16.11
CA SER A 138 12.72 -12.93 17.22
C SER A 138 11.53 -13.80 17.58
N SER A 139 11.76 -14.72 18.51
CA SER A 139 10.71 -15.62 18.95
C SER A 139 10.31 -16.55 17.80
N LYS A 140 11.08 -17.61 17.64
CA LYS A 140 10.82 -18.59 16.59
C LYS A 140 10.19 -19.84 17.21
N PRO A 141 9.62 -20.69 16.32
CA PRO A 141 8.99 -21.92 16.77
C PRO A 141 10.04 -22.97 17.14
N ASN A 142 10.85 -23.33 16.15
CA ASN A 142 11.90 -24.31 16.36
C ASN A 142 12.70 -24.48 15.07
N SER A 143 14.00 -24.22 15.19
CA SER A 143 14.89 -24.33 14.05
C SER A 143 14.22 -23.77 12.80
N LEU A 144 14.39 -22.47 12.60
CA LEU A 144 13.80 -21.81 11.45
C LEU A 144 14.67 -20.61 11.07
N MET A 145 14.90 -20.47 9.77
CA MET A 145 15.71 -19.38 9.26
C MET A 145 14.90 -18.09 9.20
N LEU A 146 15.60 -17.00 8.91
CA LEU A 146 14.97 -15.69 8.82
C LEU A 146 16.03 -14.63 8.51
N SER A 147 15.60 -13.63 7.76
CA SER A 147 16.51 -12.55 7.39
C SER A 147 17.13 -11.93 8.63
N GLY A 148 16.26 -11.45 9.51
CA GLY A 148 16.71 -10.84 10.75
C GLY A 148 17.06 -9.36 10.53
N PRO A 149 17.02 -8.59 11.65
CA PRO A 149 17.32 -7.17 11.59
C PRO A 149 18.83 -6.94 11.45
N SER A 150 19.17 -5.97 10.60
CA SER A 150 20.56 -5.64 10.37
C SER A 150 20.82 -4.17 10.71
N SER A 151 21.38 -3.95 11.88
CA SER A 151 21.68 -2.60 12.34
C SER A 151 22.80 -2.01 11.49
N GLY A 152 22.54 -0.82 10.97
CA GLY A 152 23.52 -0.12 10.15
C GLY A 152 23.22 1.37 10.08
N GLY A 1 19.62 0.78 7.88
CA GLY A 1 20.29 1.58 6.87
C GLY A 1 20.88 2.86 7.48
N SER A 2 20.38 3.99 7.02
CA SER A 2 20.85 5.27 7.52
C SER A 2 19.87 5.82 8.57
N SER A 3 20.17 5.50 9.82
CA SER A 3 19.33 5.96 10.92
C SER A 3 19.54 7.46 11.16
N GLY A 4 18.68 8.02 11.99
CA GLY A 4 18.76 9.43 12.31
C GLY A 4 17.68 10.23 11.56
N SER A 5 16.44 9.91 11.87
CA SER A 5 15.32 10.59 11.24
C SER A 5 14.05 10.43 12.11
N SER A 6 13.40 11.55 12.33
CA SER A 6 12.18 11.56 13.13
C SER A 6 11.27 10.40 12.71
N GLY A 7 10.47 9.95 13.66
CA GLY A 7 9.55 8.85 13.40
C GLY A 7 10.31 7.54 13.18
N LYS A 8 9.70 6.67 12.39
CA LYS A 8 10.30 5.38 12.09
C LYS A 8 10.91 5.43 10.68
N LYS A 9 12.23 5.61 10.66
CA LYS A 9 12.94 5.68 9.39
C LYS A 9 12.35 6.79 8.54
N PRO A 10 13.13 7.19 7.50
CA PRO A 10 12.70 8.24 6.59
C PRO A 10 11.61 7.74 5.65
N LEU A 11 10.79 8.68 5.19
CA LEU A 11 9.71 8.35 4.29
C LEU A 11 10.28 7.96 2.92
N SER A 12 10.50 6.66 2.76
CA SER A 12 11.05 6.14 1.52
C SER A 12 9.91 5.77 0.56
N VAL A 13 10.03 6.26 -0.67
CA VAL A 13 9.02 5.98 -1.68
C VAL A 13 9.70 5.32 -2.88
N PHE A 14 8.99 4.36 -3.46
CA PHE A 14 9.50 3.65 -4.62
C PHE A 14 9.30 4.46 -5.90
N LYS A 15 10.34 5.18 -6.28
CA LYS A 15 10.29 6.00 -7.48
C LYS A 15 9.85 5.14 -8.66
N GLY A 16 8.55 5.23 -8.96
CA GLY A 16 7.99 4.47 -10.06
C GLY A 16 8.12 5.24 -11.37
N PRO A 17 8.08 4.47 -12.50
CA PRO A 17 8.17 5.06 -13.82
C PRO A 17 6.88 5.76 -14.21
N LEU A 18 5.81 5.38 -13.52
CA LEU A 18 4.50 5.96 -13.79
C LEU A 18 3.95 6.57 -12.50
N LEU A 19 3.47 5.70 -11.62
CA LEU A 19 2.92 6.14 -10.36
C LEU A 19 3.88 5.76 -9.23
N HIS A 20 4.13 6.73 -8.35
CA HIS A 20 5.02 6.51 -7.23
C HIS A 20 4.29 5.74 -6.12
N ILE A 21 5.06 5.09 -5.28
CA ILE A 21 4.50 4.32 -4.18
C ILE A 21 5.13 4.77 -2.87
N SER A 22 4.32 4.73 -1.83
CA SER A 22 4.78 5.13 -0.51
C SER A 22 3.89 4.50 0.57
N PRO A 23 4.57 3.82 1.54
CA PRO A 23 6.02 3.73 1.52
C PRO A 23 6.49 2.74 0.45
N ALA A 24 7.79 2.48 0.46
CA ALA A 24 8.37 1.55 -0.50
C ALA A 24 7.94 0.13 -0.16
N GLU A 25 8.81 -0.56 0.57
CA GLU A 25 8.54 -1.94 0.96
C GLU A 25 8.60 -2.06 2.49
N GLU A 26 7.82 -1.21 3.15
CA GLU A 26 7.78 -1.23 4.60
C GLU A 26 6.56 -0.47 5.11
N LEU A 27 5.56 -1.23 5.52
CA LEU A 27 4.32 -0.65 6.03
C LEU A 27 4.37 -0.60 7.55
N TYR A 28 3.92 0.52 8.10
CA TYR A 28 3.91 0.70 9.54
C TYR A 28 2.54 1.18 10.02
N PHE A 29 1.70 0.22 10.37
CA PHE A 29 0.36 0.53 10.84
C PHE A 29 0.40 1.17 12.24
N GLY A 30 0.48 2.49 12.24
CA GLY A 30 0.52 3.23 13.49
C GLY A 30 0.63 4.73 13.24
N SER A 31 -0.31 5.47 13.82
CA SER A 31 -0.33 6.91 13.66
C SER A 31 0.18 7.59 14.94
N ILE A 32 0.52 8.86 14.80
CA ILE A 32 1.03 9.62 15.92
C ILE A 32 0.14 9.36 17.15
N GLU A 33 -1.11 9.74 17.02
CA GLU A 33 -2.06 9.55 18.11
C GLU A 33 -2.07 8.09 18.56
N SER A 34 -2.67 7.86 19.72
CA SER A 34 -2.76 6.52 20.26
C SER A 34 -4.10 5.88 19.89
N GLY A 35 -4.61 6.29 18.73
CA GLY A 35 -5.88 5.78 18.25
C GLY A 35 -5.66 4.64 17.24
N GLU A 36 -6.53 4.61 16.24
CA GLU A 36 -6.43 3.59 15.21
C GLU A 36 -4.99 3.45 14.72
N LYS A 37 -4.74 2.32 14.07
CA LYS A 37 -3.40 2.05 13.55
C LYS A 37 -3.52 1.52 12.11
N LYS A 38 -3.95 2.40 11.22
CA LYS A 38 -4.11 2.03 9.82
C LYS A 38 -3.01 2.70 9.00
N THR A 39 -2.61 2.02 7.94
CA THR A 39 -1.57 2.53 7.06
C THR A 39 -2.20 3.23 5.86
N LEU A 40 -1.53 4.28 5.41
CA LEU A 40 -2.00 5.05 4.27
C LEU A 40 -0.95 4.99 3.15
N ILE A 41 -1.38 4.45 2.01
CA ILE A 41 -0.49 4.35 0.86
C ILE A 41 -0.63 5.60 0.00
N VAL A 42 0.53 6.20 -0.29
CA VAL A 42 0.55 7.40 -1.10
C VAL A 42 1.10 7.06 -2.49
N LEU A 43 0.51 7.69 -3.49
CA LEU A 43 0.93 7.47 -4.87
C LEU A 43 1.08 8.81 -5.58
N THR A 44 2.33 9.14 -5.88
CA THR A 44 2.62 10.40 -6.56
C THR A 44 2.79 10.16 -8.07
N ASN A 45 1.78 10.60 -8.81
CA ASN A 45 1.81 10.44 -10.26
C ASN A 45 2.82 11.42 -10.86
N VAL A 46 3.99 10.89 -11.17
CA VAL A 46 5.04 11.70 -11.76
C VAL A 46 4.72 11.99 -13.21
N THR A 47 4.18 10.99 -13.88
CA THR A 47 3.80 11.11 -15.28
C THR A 47 2.90 12.32 -15.48
N LYS A 48 2.95 12.87 -16.69
CA LYS A 48 2.13 14.03 -17.03
C LYS A 48 0.81 13.56 -17.62
N ASN A 49 0.45 12.33 -17.29
CA ASN A 49 -0.78 11.76 -17.79
C ASN A 49 -1.48 11.00 -16.66
N ILE A 50 -2.78 10.79 -16.84
CA ILE A 50 -3.56 10.09 -15.84
C ILE A 50 -3.00 8.67 -15.66
N VAL A 51 -3.08 8.21 -14.42
CA VAL A 51 -2.59 6.88 -14.10
C VAL A 51 -3.58 6.17 -13.19
N ALA A 52 -4.11 5.06 -13.68
CA ALA A 52 -5.07 4.28 -12.93
C ALA A 52 -4.33 3.27 -12.04
N PHE A 53 -4.55 3.39 -10.75
CA PHE A 53 -3.92 2.50 -9.78
C PHE A 53 -4.96 1.64 -9.07
N LYS A 54 -4.49 0.50 -8.56
CA LYS A 54 -5.37 -0.41 -7.84
C LYS A 54 -4.59 -1.06 -6.71
N VAL A 55 -5.08 -0.83 -5.50
CA VAL A 55 -4.45 -1.39 -4.31
C VAL A 55 -5.18 -2.67 -3.89
N ARG A 56 -4.44 -3.77 -3.90
CA ARG A 56 -4.99 -5.05 -3.53
C ARG A 56 -4.15 -5.71 -2.43
N THR A 57 -4.67 -6.81 -1.91
CA THR A 57 -3.96 -7.54 -0.87
C THR A 57 -4.37 -9.02 -0.88
N THR A 58 -3.65 -9.80 -0.10
CA THR A 58 -3.93 -11.23 -0.02
C THR A 58 -4.99 -11.50 1.05
N ALA A 59 -5.72 -10.46 1.39
CA ALA A 59 -6.77 -10.58 2.39
C ALA A 59 -7.59 -9.28 2.42
N PRO A 60 -8.42 -9.10 1.35
CA PRO A 60 -9.25 -7.92 1.25
C PRO A 60 -10.44 -8.00 2.21
N GLU A 61 -10.65 -9.20 2.74
CA GLU A 61 -11.75 -9.43 3.66
C GLU A 61 -11.29 -9.21 5.10
N LYS A 62 -10.17 -8.52 5.22
CA LYS A 62 -9.61 -8.24 6.54
C LYS A 62 -9.14 -6.79 6.59
N TYR A 63 -8.41 -6.39 5.56
CA TYR A 63 -7.90 -5.03 5.48
C TYR A 63 -8.73 -4.19 4.50
N ARG A 64 -9.31 -3.13 5.05
CA ARG A 64 -10.13 -2.23 4.25
C ARG A 64 -9.25 -1.29 3.43
N VAL A 65 -9.14 -1.61 2.15
CA VAL A 65 -8.33 -0.80 1.25
C VAL A 65 -9.25 0.12 0.45
N LYS A 66 -8.95 1.42 0.53
CA LYS A 66 -9.73 2.42 -0.17
C LYS A 66 -8.95 3.73 -0.23
N PRO A 67 -8.92 4.33 -1.45
CA PRO A 67 -9.61 3.74 -2.58
C PRO A 67 -8.83 2.54 -3.13
N SER A 68 -9.56 1.47 -3.38
CA SER A 68 -8.95 0.26 -3.90
C SER A 68 -9.43 0.00 -5.34
N ASN A 69 -9.44 1.07 -6.11
CA ASN A 69 -9.88 0.98 -7.50
C ASN A 69 -10.16 2.38 -8.04
N SER A 70 -9.08 3.14 -8.20
CA SER A 70 -9.20 4.50 -8.71
C SER A 70 -7.92 4.89 -9.46
N SER A 71 -7.78 6.19 -9.68
CA SER A 71 -6.61 6.70 -10.38
C SER A 71 -6.13 7.99 -9.72
N CYS A 72 -4.98 8.46 -10.18
CA CYS A 72 -4.40 9.68 -9.63
C CYS A 72 -3.96 10.56 -10.80
N ASP A 73 -4.59 11.72 -10.89
CA ASP A 73 -4.28 12.67 -11.96
C ASP A 73 -2.79 12.99 -11.92
N PRO A 74 -2.29 13.54 -13.06
CA PRO A 74 -0.89 13.91 -13.16
C PRO A 74 -0.58 15.17 -12.37
N GLY A 75 0.54 15.13 -11.65
CA GLY A 75 0.94 16.26 -10.85
C GLY A 75 0.21 16.28 -9.50
N ALA A 76 -0.37 15.14 -9.17
CA ALA A 76 -1.11 15.01 -7.93
C ALA A 76 -0.66 13.74 -7.20
N SER A 77 -1.29 13.49 -6.06
CA SER A 77 -0.95 12.32 -5.27
C SER A 77 -2.22 11.79 -4.57
N ILE A 78 -2.35 10.47 -4.60
CA ILE A 78 -3.50 9.83 -3.98
C ILE A 78 -3.07 9.15 -2.69
N ASP A 79 -4.04 8.89 -1.83
CA ASP A 79 -3.77 8.24 -0.56
C ASP A 79 -4.77 7.09 -0.35
N ILE A 80 -4.21 5.89 -0.26
CA ILE A 80 -5.04 4.71 -0.06
C ILE A 80 -4.90 4.23 1.38
N ILE A 81 -6.02 4.23 2.08
CA ILE A 81 -6.05 3.80 3.47
C ILE A 81 -6.11 2.27 3.52
N VAL A 82 -5.47 1.72 4.54
CA VAL A 82 -5.46 0.29 4.72
C VAL A 82 -5.58 -0.05 6.21
N SER A 83 -6.80 -0.35 6.61
CA SER A 83 -7.08 -0.69 8.00
C SER A 83 -7.64 -2.11 8.10
N PRO A 84 -7.10 -2.87 9.09
CA PRO A 84 -7.54 -4.24 9.29
C PRO A 84 -8.90 -4.28 9.98
N HIS A 85 -9.50 -5.46 9.96
CA HIS A 85 -10.81 -5.64 10.58
C HIS A 85 -10.78 -5.12 12.01
N GLY A 86 -11.98 -4.97 12.58
CA GLY A 86 -12.10 -4.48 13.94
C GLY A 86 -12.00 -5.63 14.94
N GLY A 87 -10.81 -6.20 15.02
CA GLY A 87 -10.58 -7.30 15.94
C GLY A 87 -9.16 -7.85 15.78
N LEU A 88 -8.86 -8.30 14.56
CA LEU A 88 -7.55 -8.84 14.26
C LEU A 88 -6.53 -7.70 14.19
N THR A 89 -5.34 -8.05 13.71
CA THR A 89 -4.28 -7.07 13.58
C THR A 89 -3.44 -7.34 12.33
N VAL A 90 -2.60 -6.38 11.99
CA VAL A 90 -1.74 -6.51 10.83
C VAL A 90 -0.46 -7.25 11.22
N SER A 91 -0.15 -8.28 10.44
CA SER A 91 1.05 -9.07 10.69
C SER A 91 1.88 -9.17 9.41
N ALA A 92 2.96 -9.93 9.50
CA ALA A 92 3.85 -10.12 8.37
C ALA A 92 3.47 -11.41 7.64
N GLN A 93 2.17 -11.66 7.58
CA GLN A 93 1.66 -12.84 6.92
C GLN A 93 0.92 -12.47 5.64
N ASP A 94 0.29 -11.31 5.68
CA ASP A 94 -0.46 -10.82 4.54
C ASP A 94 0.45 -9.94 3.68
N ARG A 95 0.12 -9.86 2.40
CA ARG A 95 0.90 -9.06 1.47
C ARG A 95 -0.01 -8.10 0.70
N PHE A 96 0.50 -6.90 0.47
CA PHE A 96 -0.25 -5.89 -0.24
C PHE A 96 0.27 -5.72 -1.68
N LEU A 97 -0.62 -5.27 -2.55
CA LEU A 97 -0.25 -5.06 -3.95
C LEU A 97 -0.79 -3.70 -4.40
N ILE A 98 -0.02 -3.07 -5.27
CA ILE A 98 -0.40 -1.77 -5.80
C ILE A 98 -0.14 -1.74 -7.31
N MET A 99 -1.18 -1.37 -8.05
CA MET A 99 -1.06 -1.30 -9.50
C MET A 99 -1.05 0.15 -9.97
N ALA A 100 -0.46 0.36 -11.15
CA ALA A 100 -0.36 1.69 -11.71
C ALA A 100 -0.05 1.58 -13.21
N ALA A 101 -0.97 2.10 -14.02
CA ALA A 101 -0.79 2.06 -15.46
C ALA A 101 -1.13 3.44 -16.04
N GLU A 102 -0.27 3.87 -16.96
CA GLU A 102 -0.45 5.16 -17.59
C GLU A 102 -1.66 5.12 -18.54
N MET A 103 -2.59 6.04 -18.30
CA MET A 103 -3.78 6.12 -19.12
C MET A 103 -3.62 7.14 -20.25
N GLU A 104 -4.60 7.16 -21.14
CA GLU A 104 -4.56 8.07 -22.26
C GLU A 104 -4.57 9.52 -21.77
N GLN A 105 -5.00 10.42 -22.66
CA GLN A 105 -5.07 11.82 -22.32
C GLN A 105 -6.25 12.10 -21.40
N SER A 106 -7.34 12.58 -21.99
CA SER A 106 -8.54 12.89 -21.24
C SER A 106 -9.42 11.65 -21.13
N SER A 107 -9.44 11.08 -19.94
CA SER A 107 -10.22 9.88 -19.69
C SER A 107 -10.81 9.92 -18.27
N GLY A 108 -12.10 9.64 -18.19
CA GLY A 108 -12.79 9.64 -16.92
C GLY A 108 -12.25 8.54 -15.99
N THR A 109 -12.22 8.86 -14.71
CA THR A 109 -11.73 7.91 -13.72
C THR A 109 -12.90 7.13 -13.11
N GLY A 110 -13.95 6.98 -13.91
CA GLY A 110 -15.12 6.26 -13.46
C GLY A 110 -14.85 4.76 -13.38
N PRO A 111 -15.91 3.99 -12.98
CA PRO A 111 -15.78 2.55 -12.86
C PRO A 111 -15.79 1.88 -14.24
N ALA A 112 -16.16 2.66 -15.24
CA ALA A 112 -16.21 2.17 -16.60
C ALA A 112 -14.88 2.43 -17.29
N GLU A 113 -14.62 3.70 -17.56
CA GLU A 113 -13.39 4.09 -18.21
C GLU A 113 -12.22 3.26 -17.69
N LEU A 114 -12.17 3.15 -16.36
CA LEU A 114 -11.11 2.39 -15.72
C LEU A 114 -11.18 0.93 -16.20
N SER A 115 -12.28 0.28 -15.88
CA SER A 115 -12.48 -1.10 -16.27
C SER A 115 -12.06 -1.30 -17.73
N GLN A 116 -12.39 -0.32 -18.55
CA GLN A 116 -12.05 -0.37 -19.96
C GLN A 116 -10.54 -0.26 -20.15
N PHE A 117 -9.93 0.55 -19.29
CA PHE A 117 -8.49 0.75 -19.35
C PHE A 117 -7.74 -0.39 -18.63
N TRP A 118 -8.45 -1.02 -17.71
CA TRP A 118 -7.87 -2.12 -16.95
C TRP A 118 -8.06 -3.40 -17.76
N LYS A 119 -9.12 -3.42 -18.56
CA LYS A 119 -9.42 -4.57 -19.38
C LYS A 119 -8.59 -4.51 -20.66
N GLU A 120 -8.07 -3.32 -20.93
CA GLU A 120 -7.25 -3.12 -22.11
C GLU A 120 -5.77 -3.14 -21.76
N VAL A 121 -5.45 -2.45 -20.67
CA VAL A 121 -4.08 -2.38 -20.20
C VAL A 121 -3.65 -3.75 -19.66
N PRO A 122 -2.60 -4.31 -20.31
CA PRO A 122 -2.08 -5.62 -19.90
C PRO A 122 -1.29 -5.52 -18.61
N ARG A 123 -1.01 -6.67 -18.03
CA ARG A 123 -0.26 -6.73 -16.78
C ARG A 123 1.23 -6.51 -17.05
N ASN A 124 1.54 -6.28 -18.31
CA ASN A 124 2.92 -6.05 -18.71
C ASN A 124 3.14 -4.55 -18.95
N LYS A 125 2.02 -3.83 -18.96
CA LYS A 125 2.08 -2.39 -19.17
C LYS A 125 1.79 -1.67 -17.85
N VAL A 126 1.00 -2.33 -17.01
CA VAL A 126 0.65 -1.77 -15.73
C VAL A 126 1.71 -2.16 -14.70
N MET A 127 2.09 -1.18 -13.88
CA MET A 127 3.09 -1.41 -12.85
C MET A 127 2.47 -2.07 -11.62
N GLU A 128 3.29 -2.82 -10.90
CA GLU A 128 2.84 -3.50 -9.71
C GLU A 128 3.85 -3.30 -8.57
N HIS A 129 3.32 -2.93 -7.42
CA HIS A 129 4.16 -2.69 -6.25
C HIS A 129 3.54 -3.39 -5.03
N ARG A 130 4.29 -4.35 -4.51
CA ARG A 130 3.82 -5.10 -3.35
C ARG A 130 4.41 -4.51 -2.07
N LEU A 131 3.52 -4.15 -1.15
CA LEU A 131 3.94 -3.57 0.11
C LEU A 131 4.09 -4.68 1.15
N ARG A 132 4.92 -4.42 2.15
CA ARG A 132 5.15 -5.38 3.21
C ARG A 132 4.90 -4.75 4.58
N CYS A 133 4.37 -5.54 5.48
CA CYS A 133 4.08 -5.08 6.83
C CYS A 133 5.30 -5.31 7.70
N HIS A 134 5.73 -4.26 8.39
CA HIS A 134 6.89 -4.35 9.26
C HIS A 134 6.43 -4.58 10.70
N THR A 135 6.97 -5.64 11.29
CA THR A 135 6.63 -5.99 12.66
C THR A 135 7.84 -5.84 13.56
N VAL A 136 7.63 -5.17 14.69
CA VAL A 136 8.70 -4.96 15.64
C VAL A 136 8.11 -4.44 16.96
N GLU A 137 8.23 -5.26 17.99
CA GLU A 137 7.72 -4.90 19.30
C GLU A 137 8.55 -5.56 20.40
N SER A 138 8.59 -4.90 21.55
CA SER A 138 9.34 -5.41 22.68
C SER A 138 8.89 -6.84 23.01
N SER A 139 9.42 -7.35 24.12
CA SER A 139 9.07 -8.69 24.56
C SER A 139 8.23 -8.63 25.83
N LYS A 140 8.84 -8.07 26.88
CA LYS A 140 8.16 -7.93 28.15
C LYS A 140 8.31 -6.51 28.66
N PRO A 141 7.31 -6.08 29.48
CA PRO A 141 7.33 -4.73 30.03
C PRO A 141 8.35 -4.63 31.18
N ASN A 142 8.39 -5.68 31.98
CA ASN A 142 9.32 -5.71 33.10
C ASN A 142 8.98 -4.57 34.07
N SER A 143 8.24 -4.91 35.11
CA SER A 143 7.84 -3.93 36.10
C SER A 143 7.03 -2.82 35.45
N LEU A 144 6.34 -2.06 36.28
CA LEU A 144 5.52 -0.96 35.80
C LEU A 144 6.05 0.36 36.35
N MET A 145 5.80 1.43 35.61
CA MET A 145 6.24 2.74 36.02
C MET A 145 5.26 3.82 35.55
N LEU A 146 5.33 4.96 36.23
CA LEU A 146 4.45 6.08 35.91
C LEU A 146 5.25 7.16 35.17
N SER A 147 6.33 7.58 35.83
CA SER A 147 7.18 8.61 35.26
C SER A 147 6.40 9.91 35.08
N GLY A 148 6.92 10.97 35.68
CA GLY A 148 6.29 12.27 35.60
C GLY A 148 5.86 12.58 34.16
N PRO A 149 4.53 12.47 33.92
CA PRO A 149 3.98 12.74 32.60
C PRO A 149 3.95 14.24 32.31
N SER A 150 4.88 14.67 31.47
CA SER A 150 4.97 16.08 31.11
C SER A 150 3.80 16.45 30.19
N SER A 151 3.47 17.74 30.21
CA SER A 151 2.39 18.24 29.39
C SER A 151 2.41 19.77 29.36
N GLY A 152 2.36 20.36 30.55
CA GLY A 152 2.38 21.80 30.68
C GLY A 152 3.44 22.42 29.77
N GLY A 1 21.95 -10.38 6.04
CA GLY A 1 21.32 -10.60 7.33
C GLY A 1 20.98 -9.27 8.01
N SER A 2 19.71 -9.13 8.34
CA SER A 2 19.25 -7.91 9.01
C SER A 2 17.91 -8.18 9.70
N SER A 3 17.92 -8.01 11.01
CA SER A 3 16.73 -8.22 11.81
C SER A 3 17.03 -7.99 13.29
N GLY A 4 16.10 -7.32 13.96
CA GLY A 4 16.25 -7.03 15.37
C GLY A 4 15.27 -5.94 15.81
N SER A 5 15.74 -4.71 15.77
CA SER A 5 14.93 -3.57 16.15
C SER A 5 13.50 -3.76 15.65
N SER A 6 12.57 -3.09 16.32
CA SER A 6 11.17 -3.17 15.94
C SER A 6 10.46 -1.86 16.29
N GLY A 7 10.00 -1.19 15.24
CA GLY A 7 9.29 0.08 15.42
C GLY A 7 10.06 1.23 14.77
N LYS A 8 9.49 1.74 13.69
CA LYS A 8 10.11 2.83 12.96
C LYS A 8 9.02 3.68 12.30
N LYS A 9 9.47 4.64 11.50
CA LYS A 9 8.55 5.53 10.81
C LYS A 9 8.55 5.20 9.32
N PRO A 10 7.44 5.59 8.64
CA PRO A 10 7.32 5.35 7.21
C PRO A 10 8.19 6.32 6.41
N LEU A 11 9.27 5.77 5.87
CA LEU A 11 10.19 6.57 5.08
C LEU A 11 10.46 5.86 3.74
N SER A 12 11.04 6.61 2.82
CA SER A 12 11.36 6.07 1.52
C SER A 12 10.07 5.76 0.75
N VAL A 13 10.10 6.05 -0.54
CA VAL A 13 8.95 5.82 -1.39
C VAL A 13 9.40 5.12 -2.68
N PHE A 14 8.53 4.25 -3.18
CA PHE A 14 8.83 3.52 -4.39
C PHE A 14 8.73 4.42 -5.62
N LYS A 15 9.88 4.90 -6.06
CA LYS A 15 9.94 5.77 -7.22
C LYS A 15 9.56 4.98 -8.47
N GLY A 16 8.33 4.51 -8.48
CA GLY A 16 7.83 3.74 -9.60
C GLY A 16 8.23 4.38 -10.93
N PRO A 17 8.14 3.56 -12.01
CA PRO A 17 8.50 4.04 -13.34
C PRO A 17 7.41 4.95 -13.90
N LEU A 18 6.23 4.85 -13.30
CA LEU A 18 5.10 5.66 -13.73
C LEU A 18 4.50 6.38 -12.52
N LEU A 19 3.99 5.58 -11.60
CA LEU A 19 3.39 6.12 -10.39
C LEU A 19 4.24 5.72 -9.18
N HIS A 20 4.59 6.72 -8.38
CA HIS A 20 5.40 6.48 -7.20
C HIS A 20 4.48 6.10 -6.03
N ILE A 21 4.85 5.02 -5.36
CA ILE A 21 4.08 4.53 -4.23
C ILE A 21 4.78 4.91 -2.93
N SER A 22 3.99 5.17 -1.91
CA SER A 22 4.51 5.55 -0.61
C SER A 22 3.62 5.00 0.50
N PRO A 23 4.28 4.29 1.46
CA PRO A 23 5.72 4.09 1.40
C PRO A 23 6.08 3.05 0.34
N ALA A 24 7.37 2.78 0.24
CA ALA A 24 7.86 1.81 -0.73
C ALA A 24 7.31 0.42 -0.38
N GLU A 25 7.90 -0.16 0.66
CA GLU A 25 7.48 -1.48 1.10
C GLU A 25 7.62 -1.60 2.62
N GLU A 26 6.88 -0.74 3.32
CA GLU A 26 6.91 -0.74 4.77
C GLU A 26 5.60 -0.18 5.33
N LEU A 27 4.76 -1.09 5.78
CA LEU A 27 3.47 -0.71 6.35
C LEU A 27 3.54 -0.81 7.87
N TYR A 28 3.51 0.35 8.51
CA TYR A 28 3.56 0.39 9.97
C TYR A 28 2.15 0.51 10.56
N PHE A 29 1.58 -0.64 10.89
CA PHE A 29 0.25 -0.67 11.47
C PHE A 29 0.30 -0.50 12.98
N GLY A 30 0.15 0.74 13.41
CA GLY A 30 0.17 1.06 14.83
C GLY A 30 1.21 2.14 15.13
N SER A 31 0.71 3.31 15.50
CA SER A 31 1.58 4.44 15.82
C SER A 31 1.50 4.75 17.31
N ILE A 32 2.51 5.45 17.79
CA ILE A 32 2.57 5.83 19.19
C ILE A 32 1.33 6.64 19.55
N GLU A 33 0.51 6.05 20.42
CA GLU A 33 -0.72 6.70 20.85
C GLU A 33 -1.36 7.44 19.67
N SER A 34 -1.67 6.70 18.63
CA SER A 34 -2.29 7.27 17.44
C SER A 34 -3.74 6.79 17.33
N GLY A 35 -4.01 5.65 17.96
CA GLY A 35 -5.34 5.08 17.92
C GLY A 35 -5.47 4.05 16.81
N GLU A 36 -6.38 4.33 15.88
CA GLU A 36 -6.61 3.44 14.76
C GLU A 36 -5.28 3.07 14.09
N LYS A 37 -4.94 1.80 14.24
CA LYS A 37 -3.69 1.29 13.66
C LYS A 37 -3.90 1.04 12.16
N LYS A 38 -4.20 2.12 11.45
CA LYS A 38 -4.43 2.03 10.01
C LYS A 38 -3.36 2.84 9.28
N THR A 39 -2.89 2.27 8.18
CA THR A 39 -1.87 2.94 7.37
C THR A 39 -2.50 3.62 6.15
N LEU A 40 -1.79 4.60 5.63
CA LEU A 40 -2.26 5.33 4.46
C LEU A 40 -1.14 5.43 3.43
N ILE A 41 -1.41 4.86 2.26
CA ILE A 41 -0.43 4.89 1.19
C ILE A 41 -0.63 6.15 0.35
N VAL A 42 0.41 6.48 -0.42
CA VAL A 42 0.37 7.66 -1.26
C VAL A 42 0.92 7.31 -2.64
N LEU A 43 0.19 7.71 -3.66
CA LEU A 43 0.60 7.45 -5.03
C LEU A 43 0.94 8.77 -5.72
N THR A 44 2.23 8.98 -5.92
CA THR A 44 2.70 10.20 -6.57
C THR A 44 2.83 9.99 -8.08
N ASN A 45 1.96 10.65 -8.81
CA ASN A 45 1.96 10.54 -10.26
C ASN A 45 3.11 11.38 -10.82
N VAL A 46 4.22 10.70 -11.11
CA VAL A 46 5.39 11.36 -11.65
C VAL A 46 5.19 11.58 -13.15
N THR A 47 4.39 10.71 -13.74
CA THR A 47 4.12 10.79 -15.17
C THR A 47 3.29 12.03 -15.49
N LYS A 48 3.28 12.39 -16.76
CA LYS A 48 2.52 13.55 -17.20
C LYS A 48 1.12 13.10 -17.63
N ASN A 49 0.65 12.04 -17.01
CA ASN A 49 -0.67 11.51 -17.31
C ASN A 49 -1.20 10.74 -16.11
N ILE A 50 -2.51 10.62 -16.06
CA ILE A 50 -3.16 9.90 -14.97
C ILE A 50 -2.63 8.47 -14.91
N VAL A 51 -2.54 7.95 -13.70
CA VAL A 51 -2.06 6.60 -13.49
C VAL A 51 -3.13 5.78 -12.79
N ALA A 52 -3.76 4.89 -13.56
CA ALA A 52 -4.80 4.05 -13.03
C ALA A 52 -4.18 2.97 -12.13
N PHE A 53 -4.34 3.18 -10.83
CA PHE A 53 -3.80 2.24 -9.85
C PHE A 53 -4.90 1.37 -9.25
N LYS A 54 -4.48 0.28 -8.64
CA LYS A 54 -5.42 -0.64 -8.02
C LYS A 54 -4.74 -1.34 -6.85
N VAL A 55 -5.45 -1.39 -5.73
CA VAL A 55 -4.93 -2.03 -4.53
C VAL A 55 -5.47 -3.46 -4.44
N ARG A 56 -4.54 -4.39 -4.38
CA ARG A 56 -4.90 -5.80 -4.30
C ARG A 56 -4.08 -6.50 -3.21
N THR A 57 -4.78 -7.25 -2.37
CA THR A 57 -4.14 -7.96 -1.28
C THR A 57 -4.55 -9.43 -1.30
N THR A 58 -3.86 -10.22 -0.48
CA THR A 58 -4.15 -11.64 -0.39
C THR A 58 -5.19 -11.90 0.69
N ALA A 59 -5.97 -10.88 0.98
CA ALA A 59 -7.02 -10.98 1.99
C ALA A 59 -7.86 -9.70 1.98
N PRO A 60 -8.71 -9.58 0.92
CA PRO A 60 -9.57 -8.41 0.79
C PRO A 60 -10.74 -8.48 1.77
N GLU A 61 -10.80 -9.58 2.50
CA GLU A 61 -11.85 -9.78 3.48
C GLU A 61 -11.30 -9.65 4.89
N LYS A 62 -10.18 -8.96 5.00
CA LYS A 62 -9.52 -8.75 6.29
C LYS A 62 -9.03 -7.30 6.38
N TYR A 63 -8.39 -6.86 5.31
CA TYR A 63 -7.86 -5.51 5.27
C TYR A 63 -8.74 -4.61 4.38
N ARG A 64 -8.99 -3.41 4.88
CA ARG A 64 -9.81 -2.46 4.15
C ARG A 64 -8.92 -1.48 3.39
N VAL A 65 -9.04 -1.52 2.07
CA VAL A 65 -8.26 -0.64 1.21
C VAL A 65 -9.20 0.27 0.43
N LYS A 66 -9.08 1.56 0.69
CA LYS A 66 -9.92 2.55 0.02
C LYS A 66 -9.15 3.87 -0.09
N PRO A 67 -9.07 4.38 -1.35
CA PRO A 67 -9.68 3.70 -2.48
C PRO A 67 -8.86 2.47 -2.89
N SER A 68 -9.53 1.54 -3.55
CA SER A 68 -8.87 0.33 -4.00
C SER A 68 -8.81 0.30 -5.53
N ASN A 69 -9.74 1.04 -6.14
CA ASN A 69 -9.81 1.10 -7.58
C ASN A 69 -10.02 2.56 -8.01
N SER A 70 -8.92 3.21 -8.36
CA SER A 70 -8.98 4.60 -8.78
C SER A 70 -7.70 4.97 -9.53
N SER A 71 -7.64 6.22 -9.95
CA SER A 71 -6.47 6.71 -10.67
C SER A 71 -5.99 8.02 -10.05
N CYS A 72 -4.70 8.29 -10.24
CA CYS A 72 -4.10 9.50 -9.69
C CYS A 72 -3.66 10.38 -10.86
N ASP A 73 -4.00 11.65 -10.76
CA ASP A 73 -3.64 12.61 -11.80
C ASP A 73 -2.14 12.88 -11.74
N PRO A 74 -1.61 13.45 -12.86
CA PRO A 74 -0.19 13.76 -12.95
C PRO A 74 0.15 14.99 -12.11
N GLY A 75 1.25 14.89 -11.38
CA GLY A 75 1.69 15.98 -10.54
C GLY A 75 0.85 16.07 -9.27
N ALA A 76 0.10 15.01 -9.01
CA ALA A 76 -0.75 14.96 -7.84
C ALA A 76 -0.40 13.72 -7.01
N SER A 77 -1.12 13.55 -5.92
CA SER A 77 -0.90 12.41 -5.04
C SER A 77 -2.23 11.93 -4.46
N ILE A 78 -2.38 10.61 -4.42
CA ILE A 78 -3.59 10.01 -3.90
C ILE A 78 -3.32 9.45 -2.50
N ASP A 79 -4.39 9.06 -1.83
CA ASP A 79 -4.27 8.50 -0.49
C ASP A 79 -5.07 7.21 -0.41
N ILE A 80 -4.37 6.14 -0.05
CA ILE A 80 -5.01 4.83 0.07
C ILE A 80 -4.93 4.36 1.52
N ILE A 81 -6.02 4.59 2.24
CA ILE A 81 -6.09 4.19 3.63
C ILE A 81 -6.24 2.68 3.73
N VAL A 82 -5.28 2.06 4.39
CA VAL A 82 -5.29 0.61 4.55
C VAL A 82 -5.53 0.27 6.03
N SER A 83 -6.78 -0.02 6.34
CA SER A 83 -7.16 -0.36 7.70
C SER A 83 -7.54 -1.83 7.78
N PRO A 84 -6.88 -2.54 8.73
CA PRO A 84 -7.14 -3.96 8.92
C PRO A 84 -8.47 -4.18 9.63
N HIS A 85 -8.80 -5.45 9.84
CA HIS A 85 -10.03 -5.81 10.51
C HIS A 85 -10.09 -5.15 11.89
N GLY A 86 -10.95 -5.69 12.73
CA GLY A 86 -11.11 -5.17 14.08
C GLY A 86 -11.02 -6.29 15.12
N GLY A 87 -9.98 -7.09 14.99
CA GLY A 87 -9.76 -8.20 15.90
C GLY A 87 -8.52 -9.01 15.51
N LEU A 88 -8.54 -9.53 14.30
CA LEU A 88 -7.43 -10.31 13.79
C LEU A 88 -6.20 -9.41 13.67
N THR A 89 -5.15 -9.99 13.08
CA THR A 89 -3.91 -9.24 12.89
C THR A 89 -3.51 -9.24 11.42
N VAL A 90 -2.43 -8.54 11.13
CA VAL A 90 -1.93 -8.45 9.77
C VAL A 90 -0.74 -9.41 9.60
N SER A 91 -0.40 -10.07 10.69
CA SER A 91 0.70 -11.02 10.68
C SER A 91 1.84 -10.48 9.79
N ALA A 92 2.57 -11.41 9.20
CA ALA A 92 3.68 -11.05 8.34
C ALA A 92 3.63 -11.92 7.07
N GLN A 93 2.43 -12.38 6.76
CA GLN A 93 2.24 -13.21 5.58
C GLN A 93 1.42 -12.46 4.53
N ASP A 94 0.57 -11.56 5.01
CA ASP A 94 -0.26 -10.77 4.14
C ASP A 94 0.61 -9.81 3.32
N ARG A 95 0.17 -9.55 2.10
CA ARG A 95 0.90 -8.66 1.22
C ARG A 95 -0.06 -7.69 0.53
N PHE A 96 0.40 -6.46 0.37
CA PHE A 96 -0.41 -5.43 -0.26
C PHE A 96 0.15 -5.07 -1.64
N LEU A 97 -0.62 -5.41 -2.67
CA LEU A 97 -0.21 -5.13 -4.02
C LEU A 97 -0.93 -3.87 -4.52
N ILE A 98 -0.18 -3.03 -5.22
CA ILE A 98 -0.74 -1.80 -5.75
C ILE A 98 -0.32 -1.65 -7.21
N MET A 99 -1.33 -1.62 -8.08
CA MET A 99 -1.08 -1.48 -9.50
C MET A 99 -1.05 -0.01 -9.92
N ALA A 100 -0.46 0.24 -11.08
CA ALA A 100 -0.36 1.59 -11.60
C ALA A 100 -0.01 1.54 -13.08
N ALA A 101 -0.93 2.06 -13.89
CA ALA A 101 -0.73 2.08 -15.33
C ALA A 101 -0.93 3.50 -15.85
N GLU A 102 0.01 3.93 -16.69
CA GLU A 102 -0.04 5.26 -17.26
C GLU A 102 -1.20 5.37 -18.24
N MET A 103 -2.20 6.15 -17.85
CA MET A 103 -3.37 6.35 -18.70
C MET A 103 -3.13 7.48 -19.70
N GLU A 104 -4.08 7.61 -20.62
CA GLU A 104 -3.99 8.64 -21.64
C GLU A 104 -4.20 10.02 -21.03
N GLN A 105 -4.89 10.87 -21.78
CA GLN A 105 -5.16 12.22 -21.32
C GLN A 105 -6.26 12.21 -20.25
N SER A 106 -6.92 13.35 -20.12
CA SER A 106 -8.00 13.48 -19.15
C SER A 106 -9.05 12.40 -19.39
N SER A 107 -9.12 11.47 -18.45
CA SER A 107 -10.07 10.38 -18.54
C SER A 107 -11.14 10.52 -17.45
N GLY A 108 -12.28 9.89 -17.70
CA GLY A 108 -13.39 9.95 -16.75
C GLY A 108 -12.96 9.40 -15.38
N THR A 109 -11.84 8.69 -15.39
CA THR A 109 -11.32 8.11 -14.16
C THR A 109 -12.47 7.62 -13.27
N GLY A 110 -13.35 6.84 -13.88
CA GLY A 110 -14.49 6.30 -13.16
C GLY A 110 -14.42 4.78 -13.06
N PRO A 111 -15.54 4.18 -12.59
CA PRO A 111 -15.61 2.72 -12.45
C PRO A 111 -15.78 2.05 -13.82
N ALA A 112 -16.16 2.85 -14.80
CA ALA A 112 -16.35 2.35 -16.15
C ALA A 112 -15.05 2.51 -16.94
N GLU A 113 -14.76 3.75 -17.28
CA GLU A 113 -13.55 4.05 -18.04
C GLU A 113 -12.39 3.17 -17.56
N LEU A 114 -12.27 3.08 -16.25
CA LEU A 114 -11.21 2.29 -15.64
C LEU A 114 -11.39 0.82 -16.04
N SER A 115 -12.50 0.25 -15.57
CA SER A 115 -12.79 -1.14 -15.88
C SER A 115 -12.39 -1.47 -17.31
N GLN A 116 -12.50 -0.47 -18.17
CA GLN A 116 -12.15 -0.62 -19.58
C GLN A 116 -10.62 -0.60 -19.74
N PHE A 117 -10.02 0.48 -19.28
CA PHE A 117 -8.58 0.64 -19.37
C PHE A 117 -7.86 -0.55 -18.73
N TRP A 118 -8.46 -1.05 -17.66
CA TRP A 118 -7.88 -2.18 -16.95
C TRP A 118 -8.09 -3.43 -17.81
N LYS A 119 -8.99 -3.32 -18.77
CA LYS A 119 -9.29 -4.42 -19.66
C LYS A 119 -8.41 -4.31 -20.91
N GLU A 120 -7.96 -3.09 -21.18
CA GLU A 120 -7.13 -2.84 -22.33
C GLU A 120 -5.64 -2.87 -21.93
N VAL A 121 -5.36 -2.23 -20.80
CA VAL A 121 -4.00 -2.18 -20.30
C VAL A 121 -3.60 -3.56 -19.78
N PRO A 122 -2.53 -4.12 -20.42
CA PRO A 122 -2.04 -5.43 -20.04
C PRO A 122 -1.25 -5.35 -18.73
N ARG A 123 -0.96 -6.53 -18.18
CA ARG A 123 -0.21 -6.62 -16.95
C ARG A 123 1.27 -6.34 -17.20
N ASN A 124 1.58 -6.07 -18.46
CA ASN A 124 2.96 -5.81 -18.84
C ASN A 124 3.15 -4.29 -19.01
N LYS A 125 2.03 -3.58 -19.04
CA LYS A 125 2.05 -2.14 -19.19
C LYS A 125 1.76 -1.49 -17.84
N VAL A 126 0.97 -2.18 -17.04
CA VAL A 126 0.60 -1.68 -15.73
C VAL A 126 1.67 -2.10 -14.71
N MET A 127 2.09 -1.13 -13.91
CA MET A 127 3.10 -1.38 -12.90
C MET A 127 2.48 -2.04 -11.67
N GLU A 128 3.23 -3.00 -11.11
CA GLU A 128 2.77 -3.72 -9.94
C GLU A 128 3.77 -3.57 -8.79
N HIS A 129 3.28 -3.03 -7.68
CA HIS A 129 4.14 -2.83 -6.52
C HIS A 129 3.55 -3.59 -5.33
N ARG A 130 4.43 -4.30 -4.63
CA ARG A 130 4.02 -5.08 -3.48
C ARG A 130 4.54 -4.42 -2.19
N LEU A 131 3.65 -4.32 -1.21
CA LEU A 131 4.02 -3.73 0.06
C LEU A 131 4.13 -4.83 1.12
N ARG A 132 4.80 -4.48 2.21
CA ARG A 132 4.99 -5.43 3.29
C ARG A 132 4.60 -4.79 4.63
N CYS A 133 4.19 -5.64 5.56
CA CYS A 133 3.79 -5.17 6.87
C CYS A 133 5.04 -5.07 7.74
N HIS A 134 5.22 -3.89 8.33
CA HIS A 134 6.37 -3.64 9.18
C HIS A 134 5.96 -3.86 10.64
N THR A 135 5.83 -5.12 11.01
CA THR A 135 5.46 -5.48 12.37
C THR A 135 6.16 -4.56 13.36
N VAL A 136 5.34 -3.81 14.10
CA VAL A 136 5.87 -2.89 15.09
C VAL A 136 5.85 -3.56 16.47
N GLU A 137 6.40 -2.85 17.45
CA GLU A 137 6.45 -3.37 18.80
C GLU A 137 7.10 -4.76 18.82
N SER A 138 7.28 -5.28 20.02
CA SER A 138 7.88 -6.59 20.19
C SER A 138 6.93 -7.51 20.96
N SER A 139 7.19 -8.80 20.85
CA SER A 139 6.37 -9.79 21.54
C SER A 139 6.39 -9.52 23.04
N LYS A 140 5.22 -9.67 23.66
CA LYS A 140 5.08 -9.45 25.08
C LYS A 140 5.54 -10.71 25.83
N PRO A 141 6.09 -10.47 27.05
CA PRO A 141 6.55 -11.58 27.87
C PRO A 141 5.39 -12.34 28.50
N ASN A 142 4.57 -11.61 29.23
CA ASN A 142 3.40 -12.21 29.88
C ASN A 142 2.52 -11.10 30.45
N SER A 143 1.24 -11.42 30.59
CA SER A 143 0.29 -10.47 31.11
C SER A 143 -0.39 -11.03 32.36
N LEU A 144 -1.01 -10.14 33.12
CA LEU A 144 -1.69 -10.54 34.35
C LEU A 144 -3.14 -10.06 34.30
N MET A 145 -3.95 -10.64 35.17
CA MET A 145 -5.35 -10.27 35.25
C MET A 145 -6.07 -10.57 33.92
N LEU A 146 -7.26 -11.13 34.06
CA LEU A 146 -8.05 -11.47 32.89
C LEU A 146 -9.48 -10.96 33.08
N SER A 147 -9.62 -9.65 33.06
CA SER A 147 -10.92 -9.03 33.23
C SER A 147 -11.07 -7.84 32.27
N GLY A 148 -12.30 -7.59 31.87
CA GLY A 148 -12.60 -6.50 30.96
C GLY A 148 -12.28 -5.15 31.60
N PRO A 149 -12.76 -4.06 30.94
CA PRO A 149 -12.54 -2.72 31.44
C PRO A 149 -13.43 -2.43 32.65
N SER A 150 -14.73 -2.61 32.45
CA SER A 150 -15.70 -2.37 33.51
C SER A 150 -15.90 -0.87 33.69
N SER A 151 -14.81 -0.19 34.00
CA SER A 151 -14.85 1.25 34.22
C SER A 151 -13.47 1.86 33.95
N GLY A 152 -12.50 1.38 34.69
CA GLY A 152 -11.13 1.87 34.55
C GLY A 152 -10.17 0.73 34.20
N GLY A 1 14.76 20.13 33.61
CA GLY A 1 14.50 21.14 32.61
C GLY A 1 13.75 20.56 31.40
N SER A 2 13.47 21.43 30.44
CA SER A 2 12.77 21.01 29.24
C SER A 2 13.25 21.84 28.04
N SER A 3 13.95 21.16 27.15
CA SER A 3 14.47 21.82 25.95
C SER A 3 15.21 20.81 25.08
N GLY A 4 14.74 20.68 23.85
CA GLY A 4 15.35 19.75 22.91
C GLY A 4 15.11 20.21 21.46
N SER A 5 15.93 19.69 20.57
CA SER A 5 15.82 20.03 19.16
C SER A 5 14.75 19.16 18.50
N SER A 6 14.39 19.55 17.29
CA SER A 6 13.38 18.82 16.53
C SER A 6 13.91 18.47 15.15
N GLY A 7 13.17 17.61 14.46
CA GLY A 7 13.56 17.18 13.12
C GLY A 7 13.60 15.65 13.04
N LYS A 8 13.18 15.16 11.88
CA LYS A 8 13.16 13.73 11.64
C LYS A 8 13.70 13.43 10.23
N LYS A 9 14.32 12.27 10.12
CA LYS A 9 14.88 11.86 8.83
C LYS A 9 13.75 11.56 7.85
N PRO A 10 14.11 11.55 6.54
CA PRO A 10 13.13 11.28 5.51
C PRO A 10 12.78 9.79 5.45
N LEU A 11 11.63 9.50 4.86
CA LEU A 11 11.17 8.13 4.75
C LEU A 11 11.61 7.56 3.40
N SER A 12 11.04 6.41 3.06
CA SER A 12 11.38 5.77 1.80
C SER A 12 10.15 5.74 0.89
N VAL A 13 10.36 6.15 -0.35
CA VAL A 13 9.28 6.19 -1.32
C VAL A 13 9.76 5.53 -2.63
N PHE A 14 8.98 4.57 -3.08
CA PHE A 14 9.31 3.86 -4.30
C PHE A 14 9.05 4.74 -5.53
N LYS A 15 10.10 5.39 -5.99
CA LYS A 15 9.99 6.26 -7.15
C LYS A 15 9.69 5.42 -8.39
N GLY A 16 8.42 5.11 -8.56
CA GLY A 16 7.98 4.30 -9.70
C GLY A 16 8.10 5.10 -11.00
N PRO A 17 8.05 4.35 -12.13
CA PRO A 17 8.15 4.98 -13.44
C PRO A 17 6.84 5.68 -13.82
N LEU A 18 5.79 5.32 -13.10
CA LEU A 18 4.48 5.90 -13.34
C LEU A 18 3.93 6.49 -12.04
N LEU A 19 3.47 5.60 -11.18
CA LEU A 19 2.92 6.01 -9.89
C LEU A 19 3.85 5.53 -8.78
N HIS A 20 4.28 6.48 -7.97
CA HIS A 20 5.18 6.17 -6.85
C HIS A 20 4.37 5.51 -5.73
N ILE A 21 5.09 4.80 -4.87
CA ILE A 21 4.46 4.12 -3.76
C ILE A 21 5.06 4.64 -2.45
N SER A 22 4.17 4.98 -1.53
CA SER A 22 4.59 5.50 -0.23
C SER A 22 3.76 4.85 0.88
N PRO A 23 4.47 4.13 1.79
CA PRO A 23 5.92 4.01 1.68
C PRO A 23 6.30 3.04 0.56
N ALA A 24 7.53 2.57 0.63
CA ALA A 24 8.03 1.63 -0.37
C ALA A 24 7.49 0.24 -0.07
N GLU A 25 8.30 -0.55 0.61
CA GLU A 25 7.91 -1.90 0.97
C GLU A 25 8.00 -2.10 2.48
N GLU A 26 7.19 -1.33 3.20
CA GLU A 26 7.17 -1.41 4.65
C GLU A 26 5.89 -0.78 5.20
N LEU A 27 4.95 -1.64 5.57
CA LEU A 27 3.68 -1.18 6.12
C LEU A 27 3.72 -1.28 7.64
N TYR A 28 3.46 -0.15 8.28
CA TYR A 28 3.46 -0.10 9.74
C TYR A 28 2.08 0.32 10.27
N PHE A 29 1.30 -0.69 10.62
CA PHE A 29 -0.04 -0.46 11.14
C PHE A 29 0.01 -0.09 12.63
N GLY A 30 -0.12 1.20 12.89
CA GLY A 30 -0.09 1.70 14.26
C GLY A 30 1.32 2.14 14.65
N SER A 31 1.60 3.41 14.38
CA SER A 31 2.90 3.97 14.71
C SER A 31 2.78 4.92 15.89
N ILE A 32 3.54 4.63 16.93
CA ILE A 32 3.54 5.44 18.13
C ILE A 32 2.20 5.28 18.84
N GLU A 33 1.18 5.92 18.28
CA GLU A 33 -0.15 5.84 18.86
C GLU A 33 -0.79 4.48 18.55
N SER A 34 -1.44 3.92 19.56
CA SER A 34 -2.09 2.64 19.42
C SER A 34 -3.48 2.83 18.81
N GLY A 35 -3.90 4.08 18.76
CA GLY A 35 -5.21 4.40 18.20
C GLY A 35 -5.19 4.32 16.68
N GLU A 36 -6.21 3.67 16.14
CA GLU A 36 -6.33 3.53 14.70
C GLU A 36 -5.03 2.99 14.12
N LYS A 37 -4.98 1.68 13.93
CA LYS A 37 -3.80 1.03 13.39
C LYS A 37 -4.02 0.76 11.89
N LYS A 38 -4.22 1.84 11.15
CA LYS A 38 -4.43 1.73 9.72
C LYS A 38 -3.28 2.41 8.98
N THR A 39 -2.93 1.84 7.83
CA THR A 39 -1.85 2.38 7.02
C THR A 39 -2.41 3.14 5.82
N LEU A 40 -1.82 4.29 5.56
CA LEU A 40 -2.25 5.12 4.45
C LEU A 40 -1.14 5.17 3.39
N ILE A 41 -1.47 4.65 2.22
CA ILE A 41 -0.51 4.63 1.13
C ILE A 41 -0.69 5.89 0.26
N VAL A 42 0.41 6.36 -0.28
CA VAL A 42 0.40 7.54 -1.12
C VAL A 42 1.18 7.27 -2.40
N LEU A 43 0.64 7.77 -3.50
CA LEU A 43 1.28 7.59 -4.79
C LEU A 43 1.55 8.96 -5.43
N THR A 44 2.63 9.03 -6.18
CA THR A 44 3.00 10.26 -6.85
C THR A 44 2.98 10.09 -8.37
N ASN A 45 2.01 10.73 -8.99
CA ASN A 45 1.86 10.66 -10.44
C ASN A 45 2.94 11.51 -11.10
N VAL A 46 4.10 10.89 -11.29
CA VAL A 46 5.23 11.59 -11.92
C VAL A 46 4.93 11.79 -13.40
N THR A 47 4.14 10.88 -13.94
CA THR A 47 3.77 10.95 -15.35
C THR A 47 2.91 12.18 -15.62
N LYS A 48 2.89 12.59 -16.88
CA LYS A 48 2.10 13.75 -17.28
C LYS A 48 0.75 13.29 -17.82
N ASN A 49 0.31 12.14 -17.33
CA ASN A 49 -0.96 11.58 -17.76
C ASN A 49 -1.59 10.80 -16.60
N ILE A 50 -2.90 10.87 -16.53
CA ILE A 50 -3.64 10.18 -15.48
C ILE A 50 -3.09 8.75 -15.34
N VAL A 51 -3.09 8.27 -14.11
CA VAL A 51 -2.60 6.93 -13.83
C VAL A 51 -3.65 6.17 -13.02
N ALA A 52 -4.07 5.04 -13.58
CA ALA A 52 -5.07 4.21 -12.92
C ALA A 52 -4.37 3.20 -12.01
N PHE A 53 -4.52 3.43 -10.70
CA PHE A 53 -3.91 2.55 -9.72
C PHE A 53 -4.95 1.60 -9.11
N LYS A 54 -4.44 0.52 -8.52
CA LYS A 54 -5.31 -0.47 -7.91
C LYS A 54 -4.55 -1.16 -6.77
N VAL A 55 -5.21 -1.24 -5.62
CA VAL A 55 -4.62 -1.87 -4.46
C VAL A 55 -5.21 -3.27 -4.29
N ARG A 56 -4.34 -4.22 -3.97
CA ARG A 56 -4.75 -5.59 -3.78
C ARG A 56 -3.91 -6.26 -2.69
N THR A 57 -4.38 -7.40 -2.24
CA THR A 57 -3.68 -8.15 -1.20
C THR A 57 -4.15 -9.61 -1.20
N THR A 58 -3.44 -10.41 -0.42
CA THR A 58 -3.76 -11.83 -0.31
C THR A 58 -4.91 -12.04 0.66
N ALA A 59 -5.47 -10.93 1.13
CA ALA A 59 -6.58 -10.98 2.06
C ALA A 59 -7.40 -9.68 1.96
N PRO A 60 -8.17 -9.58 0.85
CA PRO A 60 -9.00 -8.41 0.62
C PRO A 60 -10.23 -8.41 1.54
N GLU A 61 -10.56 -9.60 2.02
CA GLU A 61 -11.71 -9.75 2.90
C GLU A 61 -11.28 -9.60 4.36
N LYS A 62 -10.23 -8.81 4.56
CA LYS A 62 -9.71 -8.58 5.89
C LYS A 62 -9.28 -7.12 6.01
N TYR A 63 -8.56 -6.65 5.00
CA TYR A 63 -8.08 -5.28 4.99
C TYR A 63 -8.89 -4.44 3.99
N ARG A 64 -9.47 -3.37 4.51
CA ARG A 64 -10.26 -2.47 3.69
C ARG A 64 -9.37 -1.38 3.09
N VAL A 65 -9.13 -1.50 1.79
CA VAL A 65 -8.31 -0.54 1.08
C VAL A 65 -9.20 0.41 0.29
N LYS A 66 -8.86 1.69 0.35
CA LYS A 66 -9.62 2.70 -0.36
C LYS A 66 -8.79 3.98 -0.46
N PRO A 67 -8.76 4.55 -1.70
CA PRO A 67 -9.46 3.94 -2.82
C PRO A 67 -8.73 2.69 -3.32
N SER A 68 -9.52 1.70 -3.70
CA SER A 68 -8.97 0.46 -4.20
C SER A 68 -9.32 0.28 -5.68
N ASN A 69 -9.52 1.42 -6.35
CA ASN A 69 -9.85 1.41 -7.76
C ASN A 69 -10.11 2.84 -8.23
N SER A 70 -9.03 3.54 -8.53
CA SER A 70 -9.12 4.91 -8.98
C SER A 70 -7.84 5.32 -9.71
N SER A 71 -7.82 6.56 -10.17
CA SER A 71 -6.66 7.07 -10.88
C SER A 71 -6.17 8.37 -10.22
N CYS A 72 -4.93 8.72 -10.51
CA CYS A 72 -4.35 9.94 -9.97
C CYS A 72 -3.93 10.83 -11.13
N ASP A 73 -4.16 12.13 -10.95
CA ASP A 73 -3.83 13.10 -11.97
C ASP A 73 -2.31 13.27 -12.01
N PRO A 74 -1.82 13.80 -13.17
CA PRO A 74 -0.39 14.02 -13.35
C PRO A 74 0.08 15.23 -12.55
N GLY A 75 1.09 14.99 -11.73
CA GLY A 75 1.65 16.05 -10.90
C GLY A 75 0.85 16.22 -9.61
N ALA A 76 0.35 15.09 -9.11
CA ALA A 76 -0.43 15.10 -7.89
C ALA A 76 -0.11 13.85 -7.08
N SER A 77 -0.74 13.75 -5.91
CA SER A 77 -0.55 12.61 -5.03
C SER A 77 -1.88 12.15 -4.46
N ILE A 78 -2.07 10.83 -4.50
CA ILE A 78 -3.30 10.25 -3.99
C ILE A 78 -3.03 9.59 -2.65
N ASP A 79 -4.11 9.20 -1.98
CA ASP A 79 -3.99 8.56 -0.68
C ASP A 79 -4.85 7.28 -0.67
N ILE A 80 -4.21 6.19 -0.25
CA ILE A 80 -4.90 4.91 -0.19
C ILE A 80 -4.83 4.37 1.24
N ILE A 81 -5.95 4.49 1.94
CA ILE A 81 -6.04 4.03 3.30
C ILE A 81 -6.13 2.50 3.31
N VAL A 82 -5.53 1.90 4.34
CA VAL A 82 -5.54 0.45 4.48
C VAL A 82 -5.74 0.08 5.94
N SER A 83 -6.95 -0.37 6.25
CA SER A 83 -7.28 -0.75 7.61
C SER A 83 -7.87 -2.16 7.62
N PRO A 84 -7.52 -2.92 8.69
CA PRO A 84 -8.01 -4.29 8.84
C PRO A 84 -9.49 -4.30 9.26
N HIS A 85 -10.03 -5.51 9.34
CA HIS A 85 -11.42 -5.67 9.73
C HIS A 85 -11.52 -5.85 11.24
N GLY A 86 -12.46 -5.14 11.83
CA GLY A 86 -12.67 -5.22 13.27
C GLY A 86 -12.88 -6.66 13.72
N GLY A 87 -11.98 -7.12 14.58
CA GLY A 87 -12.06 -8.47 15.09
C GLY A 87 -10.75 -9.22 14.89
N LEU A 88 -10.16 -9.02 13.71
CA LEU A 88 -8.91 -9.66 13.37
C LEU A 88 -7.76 -8.67 13.62
N THR A 89 -6.60 -9.03 13.10
CA THR A 89 -5.42 -8.19 13.25
C THR A 89 -4.51 -8.32 12.03
N VAL A 90 -3.47 -7.50 12.01
CA VAL A 90 -2.52 -7.51 10.91
C VAL A 90 -1.61 -8.74 11.04
N SER A 91 -1.74 -9.63 10.05
CA SER A 91 -0.94 -10.83 10.04
C SER A 91 0.48 -10.53 9.57
N ALA A 92 1.17 -11.58 9.15
CA ALA A 92 2.53 -11.43 8.67
C ALA A 92 2.60 -11.84 7.19
N GLN A 93 1.97 -12.97 6.90
CA GLN A 93 1.94 -13.47 5.54
C GLN A 93 1.10 -12.57 4.65
N ASP A 94 0.41 -11.64 5.28
CA ASP A 94 -0.44 -10.70 4.57
C ASP A 94 0.43 -9.76 3.73
N ARG A 95 0.25 -9.83 2.43
CA ARG A 95 1.01 -8.99 1.51
C ARG A 95 0.07 -8.06 0.74
N PHE A 96 0.58 -6.85 0.49
CA PHE A 96 -0.20 -5.87 -0.24
C PHE A 96 0.39 -5.62 -1.62
N LEU A 97 -0.48 -5.19 -2.53
CA LEU A 97 -0.05 -4.90 -3.90
C LEU A 97 -0.71 -3.61 -4.37
N ILE A 98 0.09 -2.80 -5.06
CA ILE A 98 -0.40 -1.54 -5.57
C ILE A 98 -0.08 -1.43 -7.07
N MET A 99 -1.13 -1.32 -7.86
CA MET A 99 -0.97 -1.22 -9.31
C MET A 99 -1.01 0.25 -9.76
N ALA A 100 -0.43 0.49 -10.92
CA ALA A 100 -0.39 1.84 -11.47
C ALA A 100 -0.06 1.76 -12.96
N ALA A 101 -1.01 2.22 -13.76
CA ALA A 101 -0.84 2.21 -15.21
C ALA A 101 -1.09 3.62 -15.76
N GLU A 102 -0.21 4.03 -16.66
CA GLU A 102 -0.32 5.35 -17.27
C GLU A 102 -1.46 5.35 -18.29
N MET A 103 -2.41 6.26 -18.07
CA MET A 103 -3.55 6.39 -18.96
C MET A 103 -3.28 7.43 -20.05
N GLU A 104 -4.18 7.47 -21.02
CA GLU A 104 -4.06 8.41 -22.11
C GLU A 104 -4.38 9.83 -21.64
N GLN A 105 -4.97 10.60 -22.53
CA GLN A 105 -5.34 11.97 -22.23
C GLN A 105 -6.70 12.03 -21.54
N SER A 106 -7.74 11.94 -22.35
CA SER A 106 -9.10 11.97 -21.84
C SER A 106 -9.41 10.67 -21.09
N SER A 107 -9.67 10.82 -19.80
CA SER A 107 -9.98 9.67 -18.97
C SER A 107 -11.08 10.03 -17.96
N GLY A 108 -12.20 9.33 -18.07
CA GLY A 108 -13.32 9.57 -17.18
C GLY A 108 -12.96 9.19 -15.73
N THR A 109 -11.87 8.45 -15.60
CA THR A 109 -11.41 8.02 -14.29
C THR A 109 -12.60 7.60 -13.42
N GLY A 110 -13.42 6.72 -13.97
CA GLY A 110 -14.59 6.23 -13.26
C GLY A 110 -14.54 4.71 -13.10
N PRO A 111 -15.69 4.14 -12.65
CA PRO A 111 -15.79 2.71 -12.45
C PRO A 111 -15.89 1.97 -13.79
N ALA A 112 -16.25 2.72 -14.82
CA ALA A 112 -16.38 2.16 -16.15
C ALA A 112 -15.05 2.28 -16.89
N GLU A 113 -14.74 3.51 -17.28
CA GLU A 113 -13.50 3.78 -18.00
C GLU A 113 -12.37 2.93 -17.44
N LEU A 114 -12.29 2.89 -16.11
CA LEU A 114 -11.26 2.12 -15.45
C LEU A 114 -11.43 0.63 -15.81
N SER A 115 -12.53 0.08 -15.36
CA SER A 115 -12.83 -1.32 -15.63
C SER A 115 -12.39 -1.69 -17.05
N GLN A 116 -12.61 -0.76 -17.96
CA GLN A 116 -12.24 -0.97 -19.35
C GLN A 116 -10.72 -0.85 -19.52
N PHE A 117 -10.20 0.28 -19.05
CA PHE A 117 -8.77 0.52 -19.15
C PHE A 117 -7.96 -0.59 -18.49
N TRP A 118 -8.52 -1.12 -17.40
CA TRP A 118 -7.88 -2.19 -16.66
C TRP A 118 -8.02 -3.48 -17.49
N LYS A 119 -8.94 -3.44 -18.43
CA LYS A 119 -9.19 -4.58 -19.29
C LYS A 119 -8.35 -4.45 -20.56
N GLU A 120 -8.00 -3.21 -20.87
CA GLU A 120 -7.20 -2.93 -22.06
C GLU A 120 -5.71 -2.87 -21.69
N VAL A 121 -5.43 -2.26 -20.56
CA VAL A 121 -4.06 -2.12 -20.10
C VAL A 121 -3.57 -3.47 -19.58
N PRO A 122 -2.49 -3.98 -20.25
CA PRO A 122 -1.91 -5.25 -19.88
C PRO A 122 -1.10 -5.13 -18.59
N ARG A 123 -0.71 -6.29 -18.06
CA ARG A 123 0.07 -6.33 -16.84
C ARG A 123 1.52 -5.97 -17.12
N ASN A 124 1.80 -5.68 -18.39
CA ASN A 124 3.14 -5.32 -18.81
C ASN A 124 3.23 -3.79 -18.93
N LYS A 125 2.07 -3.16 -19.00
CA LYS A 125 2.01 -1.71 -19.13
C LYS A 125 1.71 -1.10 -17.75
N VAL A 126 1.00 -1.88 -16.95
CA VAL A 126 0.64 -1.43 -15.61
C VAL A 126 1.69 -1.90 -14.61
N MET A 127 2.05 -1.00 -13.71
CA MET A 127 3.04 -1.32 -12.70
C MET A 127 2.41 -2.08 -11.53
N GLU A 128 3.25 -2.86 -10.85
CA GLU A 128 2.79 -3.64 -9.71
C GLU A 128 3.83 -3.63 -8.60
N HIS A 129 3.44 -3.06 -7.47
CA HIS A 129 4.32 -2.98 -6.32
C HIS A 129 3.71 -3.72 -5.13
N ARG A 130 4.46 -4.66 -4.59
CA ARG A 130 3.99 -5.43 -3.45
C ARG A 130 4.55 -4.86 -2.15
N LEU A 131 3.64 -4.51 -1.25
CA LEU A 131 4.04 -3.95 0.03
C LEU A 131 4.11 -5.08 1.07
N ARG A 132 4.88 -4.82 2.12
CA ARG A 132 5.04 -5.79 3.18
C ARG A 132 4.63 -5.18 4.53
N CYS A 133 4.12 -6.04 5.40
CA CYS A 133 3.70 -5.60 6.72
C CYS A 133 4.85 -5.81 7.70
N HIS A 134 5.24 -4.72 8.35
CA HIS A 134 6.33 -4.77 9.31
C HIS A 134 5.75 -4.98 10.71
N THR A 135 5.60 -6.24 11.07
CA THR A 135 5.07 -6.60 12.37
C THR A 135 5.72 -7.89 12.89
N VAL A 136 4.92 -8.67 13.59
CA VAL A 136 5.41 -9.93 14.14
C VAL A 136 5.01 -11.08 13.22
N GLU A 137 5.31 -12.29 13.66
CA GLU A 137 4.98 -13.47 12.89
C GLU A 137 4.41 -14.56 13.80
N SER A 138 3.94 -15.62 13.17
CA SER A 138 3.36 -16.73 13.91
C SER A 138 4.28 -17.95 13.83
N SER A 139 3.91 -18.98 14.58
CA SER A 139 4.70 -20.20 14.60
C SER A 139 3.79 -21.42 14.80
N LYS A 140 3.66 -22.20 13.74
CA LYS A 140 2.83 -23.39 13.78
C LYS A 140 3.57 -24.56 13.14
N PRO A 141 3.18 -25.79 13.56
CA PRO A 141 3.81 -26.99 13.05
C PRO A 141 3.32 -27.29 11.62
N ASN A 142 3.79 -28.40 11.09
CA ASN A 142 3.42 -28.82 9.74
C ASN A 142 2.72 -30.16 9.81
N SER A 143 3.47 -31.17 10.24
CA SER A 143 2.92 -32.51 10.34
C SER A 143 3.64 -33.28 11.46
N LEU A 144 3.28 -34.55 11.58
CA LEU A 144 3.88 -35.39 12.61
C LEU A 144 4.79 -36.42 11.93
N MET A 145 6.01 -36.50 12.43
CA MET A 145 6.98 -37.43 11.89
C MET A 145 6.49 -38.87 12.02
N LEU A 146 6.63 -39.62 10.93
CA LEU A 146 6.20 -41.01 10.92
C LEU A 146 6.89 -41.77 12.05
N SER A 147 6.33 -42.92 12.36
CA SER A 147 6.87 -43.75 13.44
C SER A 147 6.43 -43.22 14.80
N GLY A 148 6.99 -42.07 15.16
CA GLY A 148 6.66 -41.44 16.43
C GLY A 148 6.96 -39.95 16.39
N PRO A 149 6.08 -39.17 17.09
CA PRO A 149 6.25 -37.73 17.14
C PRO A 149 7.40 -37.34 18.08
N SER A 150 7.75 -36.06 18.03
CA SER A 150 8.83 -35.55 18.86
C SER A 150 8.33 -34.36 19.69
N SER A 151 8.12 -34.63 20.98
CA SER A 151 7.66 -33.59 21.88
C SER A 151 6.26 -33.11 21.46
N GLY A 152 5.61 -32.40 22.36
CA GLY A 152 4.27 -31.89 22.11
C GLY A 152 3.21 -32.79 22.73
N GLY A 1 25.86 12.40 20.67
CA GLY A 1 26.58 12.34 19.41
C GLY A 1 27.82 11.45 19.54
N SER A 2 28.52 11.30 18.42
CA SER A 2 29.72 10.50 18.39
C SER A 2 29.35 9.00 18.41
N SER A 3 28.64 8.63 19.47
CA SER A 3 28.23 7.25 19.63
C SER A 3 27.11 7.16 20.67
N GLY A 4 26.03 6.48 20.30
CA GLY A 4 24.90 6.32 21.18
C GLY A 4 23.81 5.45 20.54
N SER A 5 22.79 5.16 21.32
CA SER A 5 21.69 4.35 20.84
C SER A 5 20.73 5.22 20.02
N SER A 6 19.96 4.55 19.18
CA SER A 6 19.00 5.23 18.33
C SER A 6 17.91 4.27 17.87
N GLY A 7 16.69 4.79 17.79
CA GLY A 7 15.55 3.99 17.37
C GLY A 7 14.65 4.77 16.42
N LYS A 8 14.53 4.24 15.21
CA LYS A 8 13.71 4.88 14.19
C LYS A 8 13.47 3.89 13.04
N LYS A 9 12.30 4.01 12.44
CA LYS A 9 11.93 3.14 11.34
C LYS A 9 12.47 3.74 10.04
N PRO A 10 12.70 2.83 9.05
CA PRO A 10 13.21 3.26 7.75
C PRO A 10 12.11 3.92 6.92
N LEU A 11 12.45 5.05 6.34
CA LEU A 11 11.51 5.80 5.52
C LEU A 11 12.04 5.86 4.08
N SER A 12 11.27 5.27 3.18
CA SER A 12 11.64 5.25 1.78
C SER A 12 10.38 5.23 0.90
N VAL A 13 10.57 5.57 -0.36
CA VAL A 13 9.47 5.59 -1.30
C VAL A 13 9.91 4.94 -2.62
N PHE A 14 9.11 3.97 -3.05
CA PHE A 14 9.40 3.26 -4.28
C PHE A 14 9.12 4.13 -5.51
N LYS A 15 10.16 4.78 -6.00
CA LYS A 15 10.04 5.64 -7.16
C LYS A 15 9.67 4.80 -8.38
N GLY A 16 8.47 5.04 -8.89
CA GLY A 16 7.98 4.32 -10.04
C GLY A 16 8.15 5.14 -11.31
N PRO A 17 8.13 4.43 -12.48
CA PRO A 17 8.29 5.08 -13.76
C PRO A 17 7.01 5.82 -14.15
N LEU A 18 5.93 5.49 -13.45
CA LEU A 18 4.64 6.12 -13.72
C LEU A 18 4.09 6.71 -12.42
N LEU A 19 3.59 5.82 -11.57
CA LEU A 19 3.03 6.25 -10.30
C LEU A 19 3.99 5.84 -9.17
N HIS A 20 4.14 6.74 -8.21
CA HIS A 20 5.01 6.48 -7.07
C HIS A 20 4.22 5.75 -5.98
N ILE A 21 4.97 5.05 -5.14
CA ILE A 21 4.36 4.30 -4.06
C ILE A 21 4.98 4.75 -2.72
N SER A 22 4.14 4.77 -1.70
CA SER A 22 4.59 5.16 -0.38
C SER A 22 3.69 4.55 0.69
N PRO A 23 4.35 3.85 1.67
CA PRO A 23 5.79 3.73 1.66
C PRO A 23 6.25 2.74 0.59
N ALA A 24 7.56 2.52 0.57
CA ALA A 24 8.15 1.59 -0.39
C ALA A 24 7.55 0.20 -0.18
N GLU A 25 8.24 -0.58 0.63
CA GLU A 25 7.80 -1.94 0.92
C GLU A 25 7.86 -2.20 2.43
N GLU A 26 7.11 -1.40 3.17
CA GLU A 26 7.08 -1.54 4.62
C GLU A 26 5.85 -0.81 5.19
N LEU A 27 4.85 -1.60 5.56
CA LEU A 27 3.62 -1.05 6.12
C LEU A 27 3.66 -1.18 7.63
N TYR A 28 3.13 -0.16 8.30
CA TYR A 28 3.10 -0.14 9.74
C TYR A 28 1.71 0.24 10.26
N PHE A 29 0.94 -0.79 10.61
CA PHE A 29 -0.41 -0.57 11.11
C PHE A 29 -0.39 -0.29 12.62
N GLY A 30 -0.22 0.98 12.95
CA GLY A 30 -0.20 1.39 14.35
C GLY A 30 0.70 2.62 14.53
N SER A 31 0.13 3.63 15.17
CA SER A 31 0.85 4.86 15.42
C SER A 31 1.18 4.99 16.91
N ILE A 32 2.18 5.79 17.21
CA ILE A 32 2.59 6.01 18.59
C ILE A 32 1.37 6.38 19.42
N GLU A 33 0.48 7.15 18.80
CA GLU A 33 -0.73 7.58 19.48
C GLU A 33 -1.68 6.39 19.68
N SER A 34 -2.85 6.69 20.22
CA SER A 34 -3.85 5.66 20.46
C SER A 34 -4.93 5.70 19.38
N GLY A 35 -4.51 6.14 18.20
CA GLY A 35 -5.43 6.23 17.07
C GLY A 35 -5.89 4.84 16.63
N GLU A 36 -5.83 4.62 15.33
CA GLU A 36 -6.23 3.35 14.76
C GLU A 36 -5.07 2.69 14.02
N LYS A 37 -5.17 1.38 13.85
CA LYS A 37 -4.14 0.63 13.16
C LYS A 37 -4.46 0.56 11.67
N LYS A 38 -4.35 1.70 11.02
CA LYS A 38 -4.62 1.78 9.59
C LYS A 38 -3.46 2.48 8.88
N THR A 39 -3.14 1.98 7.70
CA THR A 39 -2.05 2.55 6.92
C THR A 39 -2.61 3.29 5.70
N LEU A 40 -1.93 4.37 5.35
CA LEU A 40 -2.34 5.17 4.21
C LEU A 40 -1.22 5.18 3.17
N ILE A 41 -1.53 4.63 2.00
CA ILE A 41 -0.57 4.57 0.92
C ILE A 41 -0.71 5.82 0.05
N VAL A 42 0.44 6.39 -0.30
CA VAL A 42 0.45 7.58 -1.13
C VAL A 42 0.94 7.22 -2.53
N LEU A 43 0.35 7.85 -3.53
CA LEU A 43 0.71 7.60 -4.91
C LEU A 43 1.02 8.94 -5.60
N THR A 44 2.30 9.17 -5.83
CA THR A 44 2.74 10.38 -6.47
C THR A 44 2.98 10.15 -7.97
N ASN A 45 2.07 10.69 -8.76
CA ASN A 45 2.17 10.54 -10.21
C ASN A 45 3.26 11.48 -10.74
N VAL A 46 4.32 10.87 -11.25
CA VAL A 46 5.43 11.64 -11.79
C VAL A 46 5.19 11.90 -13.28
N THR A 47 4.50 10.97 -13.90
CA THR A 47 4.19 11.08 -15.32
C THR A 47 3.26 12.28 -15.57
N LYS A 48 3.39 12.84 -16.76
CA LYS A 48 2.57 13.98 -17.13
C LYS A 48 1.30 13.50 -17.83
N ASN A 49 0.88 12.30 -17.45
CA ASN A 49 -0.32 11.71 -18.03
C ASN A 49 -1.06 10.91 -16.96
N ILE A 50 -2.37 11.06 -16.95
CA ILE A 50 -3.21 10.36 -15.98
C ILE A 50 -2.71 8.92 -15.84
N VAL A 51 -2.67 8.46 -14.60
CA VAL A 51 -2.22 7.11 -14.31
C VAL A 51 -3.23 6.42 -13.40
N ALA A 52 -3.69 5.26 -13.85
CA ALA A 52 -4.66 4.50 -13.08
C ALA A 52 -3.93 3.59 -12.10
N PHE A 53 -4.34 3.67 -10.84
CA PHE A 53 -3.73 2.87 -9.80
C PHE A 53 -4.75 1.92 -9.17
N LYS A 54 -4.24 0.87 -8.55
CA LYS A 54 -5.09 -0.12 -7.90
C LYS A 54 -4.35 -0.73 -6.72
N VAL A 55 -5.12 -1.10 -5.70
CA VAL A 55 -4.55 -1.70 -4.51
C VAL A 55 -5.05 -3.14 -4.38
N ARG A 56 -4.14 -4.08 -4.57
CA ARG A 56 -4.48 -5.49 -4.47
C ARG A 56 -3.89 -6.09 -3.18
N THR A 57 -4.32 -7.31 -2.89
CA THR A 57 -3.84 -8.00 -1.71
C THR A 57 -4.33 -9.45 -1.71
N THR A 58 -3.74 -10.24 -0.83
CA THR A 58 -4.10 -11.64 -0.71
C THR A 58 -5.29 -11.81 0.24
N ALA A 59 -5.94 -10.69 0.53
CA ALA A 59 -7.09 -10.69 1.42
C ALA A 59 -7.88 -9.40 1.25
N PRO A 60 -8.61 -9.33 0.10
CA PRO A 60 -9.41 -8.15 -0.20
C PRO A 60 -10.68 -8.11 0.65
N GLU A 61 -10.89 -9.21 1.38
CA GLU A 61 -12.06 -9.30 2.24
C GLU A 61 -11.64 -9.23 3.71
N LYS A 62 -10.59 -8.46 3.95
CA LYS A 62 -10.07 -8.30 5.31
C LYS A 62 -9.56 -6.87 5.48
N TYR A 63 -8.80 -6.43 4.49
CA TYR A 63 -8.23 -5.09 4.53
C TYR A 63 -9.03 -4.14 3.64
N ARG A 64 -9.52 -3.08 4.25
CA ARG A 64 -10.31 -2.09 3.53
C ARG A 64 -9.39 -1.14 2.76
N VAL A 65 -9.22 -1.44 1.48
CA VAL A 65 -8.38 -0.63 0.62
C VAL A 65 -9.25 0.29 -0.22
N LYS A 66 -9.07 1.58 0.01
CA LYS A 66 -9.83 2.58 -0.72
C LYS A 66 -9.07 3.91 -0.71
N PRO A 67 -8.97 4.53 -1.91
CA PRO A 67 -9.56 3.95 -3.11
C PRO A 67 -8.73 2.76 -3.61
N SER A 68 -9.42 1.79 -4.18
CA SER A 68 -8.76 0.62 -4.71
C SER A 68 -8.87 0.58 -6.23
N ASN A 69 -9.53 1.59 -6.76
CA ASN A 69 -9.72 1.69 -8.20
C ASN A 69 -9.93 3.16 -8.59
N SER A 70 -8.95 3.68 -9.32
CA SER A 70 -9.02 5.07 -9.75
C SER A 70 -7.68 5.48 -10.40
N SER A 71 -7.51 6.78 -10.57
CA SER A 71 -6.30 7.31 -11.17
C SER A 71 -5.84 8.55 -10.41
N CYS A 72 -4.57 8.88 -10.59
CA CYS A 72 -4.00 10.05 -9.94
C CYS A 72 -3.45 10.99 -11.02
N ASP A 73 -4.05 12.17 -11.08
CA ASP A 73 -3.64 13.17 -12.05
C ASP A 73 -2.11 13.27 -12.06
N PRO A 74 -1.58 13.83 -13.18
CA PRO A 74 -0.14 14.00 -13.32
C PRO A 74 0.37 15.15 -12.45
N GLY A 75 1.29 14.82 -11.56
CA GLY A 75 1.87 15.82 -10.68
C GLY A 75 0.97 16.02 -9.44
N ALA A 76 0.47 14.92 -8.92
CA ALA A 76 -0.39 14.97 -7.75
C ALA A 76 -0.10 13.76 -6.86
N SER A 77 -0.83 13.70 -5.76
CA SER A 77 -0.66 12.61 -4.81
C SER A 77 -2.02 12.15 -4.29
N ILE A 78 -2.22 10.84 -4.31
CA ILE A 78 -3.47 10.26 -3.84
C ILE A 78 -3.26 9.63 -2.47
N ASP A 79 -4.36 9.21 -1.86
CA ASP A 79 -4.30 8.59 -0.55
C ASP A 79 -5.13 7.30 -0.57
N ILE A 80 -4.46 6.21 -0.24
CA ILE A 80 -5.12 4.91 -0.22
C ILE A 80 -5.09 4.36 1.21
N ILE A 81 -6.25 4.43 1.86
CA ILE A 81 -6.38 3.95 3.22
C ILE A 81 -6.46 2.43 3.21
N VAL A 82 -5.89 1.83 4.25
CA VAL A 82 -5.89 0.38 4.37
C VAL A 82 -6.15 -0.01 5.82
N SER A 83 -7.40 -0.35 6.11
CA SER A 83 -7.78 -0.75 7.45
C SER A 83 -8.34 -2.17 7.44
N PRO A 84 -7.81 -3.00 8.39
CA PRO A 84 -8.26 -4.37 8.49
C PRO A 84 -9.64 -4.46 9.14
N HIS A 85 -10.22 -5.65 9.06
CA HIS A 85 -11.54 -5.87 9.64
C HIS A 85 -11.48 -5.66 11.16
N GLY A 86 -12.50 -4.99 11.66
CA GLY A 86 -12.59 -4.72 13.08
C GLY A 86 -12.72 -6.01 13.89
N GLY A 87 -11.58 -6.61 14.18
CA GLY A 87 -11.56 -7.85 14.95
C GLY A 87 -10.21 -8.56 14.81
N LEU A 88 -9.97 -9.09 13.62
CA LEU A 88 -8.72 -9.78 13.34
C LEU A 88 -7.55 -8.87 13.70
N THR A 89 -6.34 -9.38 13.46
CA THR A 89 -5.14 -8.64 13.74
C THR A 89 -4.29 -8.48 12.49
N VAL A 90 -3.26 -7.66 12.59
CA VAL A 90 -2.37 -7.42 11.47
C VAL A 90 -1.12 -8.28 11.63
N SER A 91 -1.06 -9.33 10.81
CA SER A 91 0.07 -10.24 10.84
C SER A 91 0.96 -10.02 9.61
N ALA A 92 2.13 -10.63 9.66
CA ALA A 92 3.08 -10.51 8.57
C ALA A 92 2.87 -11.66 7.58
N GLN A 93 1.61 -12.04 7.42
CA GLN A 93 1.26 -13.12 6.53
C GLN A 93 0.54 -12.57 5.29
N ASP A 94 -0.07 -11.42 5.47
CA ASP A 94 -0.79 -10.78 4.38
C ASP A 94 0.19 -9.96 3.53
N ARG A 95 -0.25 -9.63 2.33
CA ARG A 95 0.57 -8.86 1.42
C ARG A 95 -0.30 -7.97 0.53
N PHE A 96 0.28 -6.86 0.10
CA PHE A 96 -0.43 -5.92 -0.75
C PHE A 96 0.25 -5.79 -2.11
N LEU A 97 -0.55 -5.45 -3.11
CA LEU A 97 -0.04 -5.28 -4.46
C LEU A 97 -0.66 -4.04 -5.09
N ILE A 98 0.13 -2.98 -5.14
CA ILE A 98 -0.33 -1.73 -5.71
C ILE A 98 0.03 -1.69 -7.21
N MET A 99 -0.96 -1.32 -8.01
CA MET A 99 -0.77 -1.24 -9.45
C MET A 99 -0.81 0.21 -9.93
N ALA A 100 -0.16 0.44 -11.06
CA ALA A 100 -0.12 1.77 -11.64
C ALA A 100 0.21 1.68 -13.13
N ALA A 101 -0.75 2.12 -13.93
CA ALA A 101 -0.57 2.08 -15.38
C ALA A 101 -0.89 3.46 -15.96
N GLU A 102 -0.08 3.87 -16.93
CA GLU A 102 -0.27 5.15 -17.58
C GLU A 102 -1.54 5.13 -18.43
N MET A 103 -2.40 6.12 -18.19
CA MET A 103 -3.64 6.23 -18.93
C MET A 103 -3.50 7.21 -20.10
N GLU A 104 -4.54 7.24 -20.92
CA GLU A 104 -4.55 8.13 -22.08
C GLU A 104 -4.42 9.58 -21.64
N GLN A 105 -5.24 10.43 -22.25
CA GLN A 105 -5.23 11.84 -21.93
C GLN A 105 -6.42 12.19 -21.03
N SER A 106 -7.57 12.36 -21.65
CA SER A 106 -8.78 12.69 -20.91
C SER A 106 -9.56 11.41 -20.60
N SER A 107 -9.48 10.99 -19.35
CA SER A 107 -10.18 9.80 -18.91
C SER A 107 -10.75 10.02 -17.51
N GLY A 108 -11.91 9.42 -17.29
CA GLY A 108 -12.58 9.53 -16.00
C GLY A 108 -12.10 8.45 -15.03
N THR A 109 -11.93 8.85 -13.78
CA THR A 109 -11.48 7.92 -12.76
C THR A 109 -12.67 7.31 -12.02
N GLY A 110 -13.51 6.62 -12.79
CA GLY A 110 -14.68 5.99 -12.23
C GLY A 110 -14.48 4.48 -12.08
N PRO A 111 -15.58 3.78 -11.68
CA PRO A 111 -15.52 2.34 -11.50
C PRO A 111 -15.51 1.62 -12.85
N ALA A 112 -15.95 2.34 -13.88
CA ALA A 112 -16.00 1.78 -15.21
C ALA A 112 -14.69 2.11 -15.95
N GLU A 113 -14.55 3.37 -16.31
CA GLU A 113 -13.36 3.82 -17.01
C GLU A 113 -12.13 3.04 -16.53
N LEU A 114 -12.09 2.82 -15.22
CA LEU A 114 -10.98 2.09 -14.62
C LEU A 114 -11.01 0.64 -15.10
N SER A 115 -12.01 -0.08 -14.63
CA SER A 115 -12.16 -1.48 -15.00
C SER A 115 -11.91 -1.65 -16.51
N GLN A 116 -12.49 -0.74 -17.27
CA GLN A 116 -12.34 -0.79 -18.72
C GLN A 116 -10.87 -0.57 -19.10
N PHE A 117 -10.20 0.26 -18.33
CA PHE A 117 -8.79 0.55 -18.58
C PHE A 117 -7.90 -0.49 -17.90
N TRP A 118 -8.45 -1.16 -16.92
CA TRP A 118 -7.72 -2.20 -16.20
C TRP A 118 -7.92 -3.52 -16.92
N LYS A 119 -9.06 -3.63 -17.59
CA LYS A 119 -9.38 -4.84 -18.34
C LYS A 119 -8.65 -4.82 -19.68
N GLU A 120 -8.28 -3.62 -20.09
CA GLU A 120 -7.57 -3.45 -21.36
C GLU A 120 -6.06 -3.42 -21.12
N VAL A 121 -5.66 -2.65 -20.11
CA VAL A 121 -4.25 -2.53 -19.78
C VAL A 121 -3.76 -3.84 -19.19
N PRO A 122 -2.73 -4.43 -19.86
CA PRO A 122 -2.15 -5.69 -19.42
C PRO A 122 -1.28 -5.48 -18.18
N ARG A 123 -0.94 -6.59 -17.54
CA ARG A 123 -0.11 -6.55 -16.36
C ARG A 123 1.35 -6.31 -16.73
N ASN A 124 1.58 -6.16 -18.04
CA ASN A 124 2.92 -5.92 -18.54
C ASN A 124 3.08 -4.44 -18.87
N LYS A 125 1.96 -3.73 -18.83
CA LYS A 125 1.97 -2.30 -19.13
C LYS A 125 1.77 -1.52 -17.83
N VAL A 126 1.19 -2.20 -16.85
CA VAL A 126 0.94 -1.58 -15.56
C VAL A 126 2.06 -1.95 -14.59
N MET A 127 2.40 -1.00 -13.74
CA MET A 127 3.46 -1.22 -12.76
C MET A 127 2.91 -1.91 -11.51
N GLU A 128 3.43 -3.09 -11.23
CA GLU A 128 3.01 -3.86 -10.07
C GLU A 128 4.02 -3.71 -8.94
N HIS A 129 3.52 -3.23 -7.80
CA HIS A 129 4.36 -3.03 -6.63
C HIS A 129 3.73 -3.72 -5.43
N ARG A 130 4.47 -4.67 -4.87
CA ARG A 130 4.00 -5.40 -3.71
C ARG A 130 4.47 -4.72 -2.42
N LEU A 131 3.56 -4.68 -1.45
CA LEU A 131 3.87 -4.06 -0.18
C LEU A 131 3.74 -5.11 0.93
N ARG A 132 4.60 -4.97 1.94
CA ARG A 132 4.59 -5.89 3.06
C ARG A 132 4.16 -5.17 4.34
N CYS A 133 3.73 -5.96 5.31
CA CYS A 133 3.30 -5.41 6.58
C CYS A 133 4.32 -5.81 7.65
N HIS A 134 4.82 -4.80 8.35
CA HIS A 134 5.80 -5.03 9.40
C HIS A 134 5.07 -5.23 10.73
N THR A 135 5.49 -6.28 11.43
CA THR A 135 4.90 -6.59 12.73
C THR A 135 5.98 -6.68 13.81
N VAL A 136 5.55 -6.50 15.04
CA VAL A 136 6.46 -6.56 16.17
C VAL A 136 5.81 -7.34 17.31
N GLU A 137 6.39 -8.49 17.61
CA GLU A 137 5.88 -9.34 18.68
C GLU A 137 4.47 -9.84 18.32
N SER A 138 4.33 -11.15 18.34
CA SER A 138 3.04 -11.77 18.04
C SER A 138 2.11 -11.67 19.25
N SER A 139 1.01 -10.96 19.05
CA SER A 139 0.03 -10.80 20.11
C SER A 139 -0.55 -12.14 20.52
N LYS A 140 -1.09 -12.18 21.72
CA LYS A 140 -1.68 -13.41 22.24
C LYS A 140 -0.59 -14.48 22.37
N PRO A 141 -0.84 -15.45 23.29
CA PRO A 141 0.11 -16.52 23.51
C PRO A 141 0.04 -17.55 22.37
N ASN A 142 0.91 -18.55 22.48
CA ASN A 142 0.96 -19.59 21.47
C ASN A 142 -0.40 -20.30 21.40
N SER A 143 -0.80 -20.63 20.18
CA SER A 143 -2.07 -21.30 19.97
C SER A 143 -1.94 -22.77 20.33
N LEU A 144 -3.08 -23.37 20.68
CA LEU A 144 -3.11 -24.77 21.05
C LEU A 144 -2.25 -24.98 22.30
N MET A 145 -2.73 -25.86 23.17
CA MET A 145 -2.01 -26.16 24.40
C MET A 145 -2.36 -27.56 24.90
N LEU A 146 -1.51 -28.07 25.78
CA LEU A 146 -1.72 -29.40 26.34
C LEU A 146 -2.76 -29.31 27.46
N SER A 147 -3.70 -30.25 27.42
CA SER A 147 -4.75 -30.29 28.41
C SER A 147 -4.58 -31.52 29.31
N GLY A 148 -4.62 -32.69 28.69
CA GLY A 148 -4.47 -33.93 29.42
C GLY A 148 -4.32 -35.11 28.47
N PRO A 149 -3.05 -35.57 28.32
CA PRO A 149 -2.76 -36.69 27.43
C PRO A 149 -3.20 -38.01 28.07
N SER A 150 -3.08 -39.08 27.28
CA SER A 150 -3.46 -40.40 27.75
C SER A 150 -4.98 -40.50 27.84
N SER A 151 -5.49 -41.67 27.49
CA SER A 151 -6.92 -41.90 27.54
C SER A 151 -7.19 -43.39 27.82
N GLY A 152 -7.48 -43.67 29.08
CA GLY A 152 -7.77 -45.04 29.49
C GLY A 152 -7.96 -45.12 31.01
N GLY A 1 10.17 19.20 32.59
CA GLY A 1 10.13 18.38 31.39
C GLY A 1 10.31 19.24 30.13
N SER A 2 11.33 18.91 29.37
CA SER A 2 11.62 19.63 28.14
C SER A 2 12.23 18.69 27.11
N SER A 3 11.48 18.48 26.03
CA SER A 3 11.93 17.60 24.97
C SER A 3 12.14 18.41 23.68
N GLY A 4 13.18 18.03 22.94
CA GLY A 4 13.49 18.71 21.69
C GLY A 4 13.99 17.72 20.64
N SER A 5 13.04 17.11 19.95
CA SER A 5 13.36 16.14 18.92
C SER A 5 13.90 16.86 17.69
N SER A 6 13.03 17.64 17.07
CA SER A 6 13.41 18.39 15.87
C SER A 6 13.95 17.43 14.82
N GLY A 7 13.03 16.85 14.05
CA GLY A 7 13.40 15.92 13.01
C GLY A 7 12.55 14.66 13.06
N LYS A 8 12.35 14.06 11.90
CA LYS A 8 11.56 12.84 11.80
C LYS A 8 12.29 11.83 10.92
N LYS A 9 12.19 10.57 11.32
CA LYS A 9 12.83 9.49 10.58
C LYS A 9 12.52 9.65 9.09
N PRO A 10 13.41 9.04 8.25
CA PRO A 10 13.23 9.10 6.82
C PRO A 10 12.11 8.18 6.36
N LEU A 11 11.96 8.09 5.05
CA LEU A 11 10.93 7.25 4.46
C LEU A 11 11.39 6.75 3.09
N SER A 12 10.80 5.65 2.66
CA SER A 12 11.14 5.07 1.37
C SER A 12 9.96 5.21 0.41
N VAL A 13 10.29 5.50 -0.85
CA VAL A 13 9.28 5.66 -1.87
C VAL A 13 9.72 4.94 -3.15
N PHE A 14 8.91 3.99 -3.56
CA PHE A 14 9.21 3.22 -4.76
C PHE A 14 8.98 4.06 -6.02
N LYS A 15 10.06 4.66 -6.50
CA LYS A 15 10.00 5.49 -7.69
C LYS A 15 9.55 4.63 -8.88
N GLY A 16 8.31 4.84 -9.29
CA GLY A 16 7.77 4.10 -10.41
C GLY A 16 7.96 4.87 -11.72
N PRO A 17 7.89 4.10 -12.85
CA PRO A 17 8.05 4.69 -14.17
C PRO A 17 6.82 5.48 -14.58
N LEU A 18 5.73 5.23 -13.85
CA LEU A 18 4.47 5.91 -14.13
C LEU A 18 3.94 6.54 -12.85
N LEU A 19 3.45 5.68 -11.96
CA LEU A 19 2.91 6.15 -10.69
C LEU A 19 3.87 5.75 -9.57
N HIS A 20 4.24 6.75 -8.78
CA HIS A 20 5.14 6.51 -7.66
C HIS A 20 4.36 5.93 -6.48
N ILE A 21 4.87 4.81 -5.98
CA ILE A 21 4.23 4.14 -4.86
C ILE A 21 4.91 4.57 -3.56
N SER A 22 4.10 4.70 -2.52
CA SER A 22 4.61 5.11 -1.22
C SER A 22 3.73 4.53 -0.11
N PRO A 23 4.40 3.91 0.90
CA PRO A 23 5.84 3.81 0.88
C PRO A 23 6.31 2.76 -0.14
N ALA A 24 7.54 2.32 0.05
CA ALA A 24 8.12 1.33 -0.84
C ALA A 24 7.68 -0.07 -0.39
N GLU A 25 8.63 -0.80 0.19
CA GLU A 25 8.34 -2.14 0.68
C GLU A 25 8.24 -2.14 2.20
N GLU A 26 7.22 -1.46 2.69
CA GLU A 26 6.99 -1.38 4.12
C GLU A 26 5.56 -0.90 4.41
N LEU A 27 5.00 -1.44 5.48
CA LEU A 27 3.65 -1.10 5.87
C LEU A 27 3.53 -1.16 7.40
N TYR A 28 3.14 -0.04 7.97
CA TYR A 28 2.99 0.05 9.42
C TYR A 28 1.56 0.46 9.79
N PHE A 29 0.95 -0.36 10.64
CA PHE A 29 -0.42 -0.09 11.09
C PHE A 29 -0.44 0.30 12.57
N GLY A 30 -0.49 1.61 12.80
CA GLY A 30 -0.51 2.14 14.15
C GLY A 30 -1.59 3.21 14.30
N SER A 31 -1.77 3.65 15.53
CA SER A 31 -2.76 4.67 15.83
C SER A 31 -2.32 6.02 15.25
N ILE A 32 -3.30 6.74 14.71
CA ILE A 32 -3.03 8.04 14.12
C ILE A 32 -3.95 9.08 14.75
N GLU A 33 -5.24 8.94 14.46
CA GLU A 33 -6.23 9.86 14.98
C GLU A 33 -7.63 9.32 14.75
N SER A 34 -7.97 9.15 13.48
CA SER A 34 -9.28 8.64 13.11
C SER A 34 -9.13 7.25 12.49
N GLY A 35 -8.03 6.60 12.82
CA GLY A 35 -7.77 5.26 12.30
C GLY A 35 -7.08 4.39 13.36
N GLU A 36 -7.63 3.19 13.53
CA GLU A 36 -7.09 2.27 14.50
C GLU A 36 -6.10 1.31 13.83
N LYS A 37 -4.82 1.60 13.98
CA LYS A 37 -3.77 0.78 13.39
C LYS A 37 -4.09 0.55 11.92
N LYS A 38 -3.69 1.52 11.10
CA LYS A 38 -3.93 1.44 9.68
C LYS A 38 -2.80 2.17 8.94
N THR A 39 -2.69 1.88 7.64
CA THR A 39 -1.67 2.49 6.82
C THR A 39 -2.31 3.30 5.69
N LEU A 40 -1.52 4.20 5.13
CA LEU A 40 -1.99 5.04 4.04
C LEU A 40 -0.97 5.03 2.91
N ILE A 41 -1.40 4.52 1.77
CA ILE A 41 -0.52 4.46 0.60
C ILE A 41 -0.69 5.73 -0.22
N VAL A 42 0.44 6.26 -0.66
CA VAL A 42 0.44 7.49 -1.46
C VAL A 42 0.91 7.15 -2.87
N LEU A 43 0.21 7.72 -3.85
CA LEU A 43 0.54 7.49 -5.25
C LEU A 43 0.87 8.83 -5.90
N THR A 44 2.15 9.03 -6.16
CA THR A 44 2.61 10.26 -6.79
C THR A 44 2.76 10.06 -8.30
N ASN A 45 1.86 10.69 -9.04
CA ASN A 45 1.87 10.59 -10.49
C ASN A 45 2.98 11.49 -11.04
N VAL A 46 3.98 10.85 -11.61
CA VAL A 46 5.10 11.57 -12.19
C VAL A 46 4.83 11.85 -13.66
N THR A 47 4.26 10.86 -14.33
CA THR A 47 3.94 10.98 -15.74
C THR A 47 3.12 12.25 -15.99
N LYS A 48 3.18 12.73 -17.23
CA LYS A 48 2.46 13.92 -17.61
C LYS A 48 1.10 13.52 -18.19
N ASN A 49 0.60 12.38 -17.72
CA ASN A 49 -0.68 11.89 -18.19
C ASN A 49 -1.34 11.07 -17.07
N ILE A 50 -2.64 11.28 -16.92
CA ILE A 50 -3.40 10.57 -15.90
C ILE A 50 -2.91 9.12 -15.82
N VAL A 51 -2.96 8.58 -14.61
CA VAL A 51 -2.52 7.22 -14.39
C VAL A 51 -3.50 6.52 -13.44
N ALA A 52 -4.02 5.39 -13.89
CA ALA A 52 -4.97 4.63 -13.09
C ALA A 52 -4.20 3.77 -12.09
N PHE A 53 -4.70 3.74 -10.86
CA PHE A 53 -4.07 2.96 -9.81
C PHE A 53 -5.08 2.02 -9.15
N LYS A 54 -4.54 1.03 -8.44
CA LYS A 54 -5.38 0.06 -7.76
C LYS A 54 -4.61 -0.54 -6.59
N VAL A 55 -5.36 -1.03 -5.62
CA VAL A 55 -4.76 -1.64 -4.44
C VAL A 55 -5.52 -2.92 -4.08
N ARG A 56 -4.78 -4.02 -4.06
CA ARG A 56 -5.37 -5.31 -3.74
C ARG A 56 -4.46 -6.08 -2.79
N THR A 57 -4.98 -7.21 -2.31
CA THR A 57 -4.22 -8.05 -1.40
C THR A 57 -4.77 -9.48 -1.42
N THR A 58 -4.02 -10.37 -0.79
CA THR A 58 -4.41 -11.77 -0.72
C THR A 58 -5.60 -11.94 0.23
N ALA A 59 -5.99 -10.84 0.85
CA ALA A 59 -7.10 -10.86 1.79
C ALA A 59 -7.83 -9.52 1.74
N PRO A 60 -8.62 -9.32 0.65
CA PRO A 60 -9.36 -8.09 0.48
C PRO A 60 -10.57 -8.04 1.42
N GLU A 61 -10.90 -9.20 1.96
CA GLU A 61 -12.03 -9.32 2.86
C GLU A 61 -11.57 -9.16 4.31
N LYS A 62 -10.36 -8.65 4.46
CA LYS A 62 -9.79 -8.44 5.79
C LYS A 62 -9.30 -7.00 5.90
N TYR A 63 -8.59 -6.55 4.87
CA TYR A 63 -8.07 -5.21 4.85
C TYR A 63 -8.92 -4.29 3.97
N ARG A 64 -9.52 -3.31 4.60
CA ARG A 64 -10.37 -2.36 3.88
C ARG A 64 -9.50 -1.29 3.21
N VAL A 65 -9.30 -1.49 1.92
CA VAL A 65 -8.49 -0.55 1.13
C VAL A 65 -9.42 0.41 0.39
N LYS A 66 -9.11 1.69 0.50
CA LYS A 66 -9.90 2.71 -0.16
C LYS A 66 -9.11 4.02 -0.21
N PRO A 67 -9.12 4.66 -1.41
CA PRO A 67 -9.86 4.11 -2.54
C PRO A 67 -9.12 2.91 -3.15
N SER A 68 -9.90 1.91 -3.53
CA SER A 68 -9.33 0.71 -4.12
C SER A 68 -9.73 0.62 -5.59
N ASN A 69 -9.70 1.76 -6.26
CA ASN A 69 -10.05 1.82 -7.67
C ASN A 69 -10.22 3.28 -8.08
N SER A 70 -9.26 3.77 -8.86
CA SER A 70 -9.29 5.13 -9.33
C SER A 70 -7.97 5.48 -10.03
N SER A 71 -7.81 6.77 -10.31
CA SER A 71 -6.60 7.24 -10.97
C SER A 71 -6.11 8.53 -10.32
N CYS A 72 -4.81 8.75 -10.44
CA CYS A 72 -4.20 9.94 -9.87
C CYS A 72 -3.68 10.82 -11.01
N ASP A 73 -4.26 12.01 -11.10
CA ASP A 73 -3.86 12.95 -12.14
C ASP A 73 -2.35 13.14 -12.11
N PRO A 74 -1.82 13.74 -13.21
CA PRO A 74 -0.39 13.98 -13.31
C PRO A 74 0.04 15.15 -12.42
N GLY A 75 1.13 14.94 -11.70
CA GLY A 75 1.64 15.98 -10.82
C GLY A 75 0.78 16.11 -9.57
N ALA A 76 0.18 15.00 -9.18
CA ALA A 76 -0.68 14.98 -8.00
C ALA A 76 -0.32 13.76 -7.14
N SER A 77 -1.04 13.63 -6.03
CA SER A 77 -0.82 12.52 -5.12
C SER A 77 -2.15 12.08 -4.51
N ILE A 78 -2.36 10.77 -4.51
CA ILE A 78 -3.58 10.21 -3.96
C ILE A 78 -3.27 9.56 -2.61
N ASP A 79 -4.33 9.20 -1.90
CA ASP A 79 -4.18 8.57 -0.60
C ASP A 79 -5.05 7.31 -0.54
N ILE A 80 -4.40 6.19 -0.25
CA ILE A 80 -5.10 4.92 -0.17
C ILE A 80 -4.90 4.33 1.23
N ILE A 81 -5.98 4.36 2.00
CA ILE A 81 -5.96 3.84 3.35
C ILE A 81 -6.03 2.30 3.31
N VAL A 82 -5.36 1.68 4.27
CA VAL A 82 -5.36 0.22 4.34
C VAL A 82 -5.44 -0.20 5.81
N SER A 83 -6.64 -0.61 6.20
CA SER A 83 -6.87 -1.05 7.57
C SER A 83 -7.51 -2.44 7.57
N PRO A 84 -7.15 -3.22 8.62
CA PRO A 84 -7.68 -4.58 8.76
C PRO A 84 -9.13 -4.54 9.23
N HIS A 85 -9.72 -5.73 9.32
CA HIS A 85 -11.09 -5.86 9.76
C HIS A 85 -11.24 -5.27 11.16
N GLY A 86 -10.13 -5.25 11.88
CA GLY A 86 -10.13 -4.71 13.23
C GLY A 86 -10.13 -5.85 14.27
N GLY A 87 -10.83 -6.92 13.92
CA GLY A 87 -10.91 -8.06 14.80
C GLY A 87 -9.85 -9.11 14.45
N LEU A 88 -8.71 -8.61 14.00
CA LEU A 88 -7.61 -9.49 13.63
C LEU A 88 -6.31 -8.67 13.55
N THR A 89 -5.23 -9.37 13.26
CA THR A 89 -3.93 -8.72 13.15
C THR A 89 -3.51 -8.61 11.69
N VAL A 90 -2.50 -7.78 11.45
CA VAL A 90 -2.00 -7.58 10.11
C VAL A 90 -1.13 -8.77 9.71
N SER A 91 -0.80 -9.59 10.71
CA SER A 91 0.02 -10.76 10.47
C SER A 91 1.29 -10.37 9.71
N ALA A 92 2.14 -11.37 9.49
CA ALA A 92 3.38 -11.14 8.79
C ALA A 92 3.31 -11.82 7.42
N GLN A 93 2.22 -12.53 7.19
CA GLN A 93 2.02 -13.22 5.93
C GLN A 93 1.26 -12.33 4.96
N ASP A 94 0.35 -11.53 5.51
CA ASP A 94 -0.44 -10.63 4.70
C ASP A 94 0.46 -9.89 3.71
N ARG A 95 -0.08 -9.64 2.53
CA ARG A 95 0.67 -8.95 1.49
C ARG A 95 -0.26 -8.08 0.65
N PHE A 96 0.18 -6.86 0.40
CA PHE A 96 -0.62 -5.92 -0.38
C PHE A 96 -0.03 -5.77 -1.79
N LEU A 97 -0.89 -5.38 -2.72
CA LEU A 97 -0.48 -5.19 -4.10
C LEU A 97 -1.09 -3.89 -4.63
N ILE A 98 -0.28 -3.15 -5.38
CA ILE A 98 -0.72 -1.90 -5.96
C ILE A 98 -0.44 -1.90 -7.46
N MET A 99 -1.37 -1.33 -8.21
CA MET A 99 -1.22 -1.27 -9.65
C MET A 99 -1.18 0.19 -10.12
N ALA A 100 -0.55 0.38 -11.29
CA ALA A 100 -0.42 1.71 -11.86
C ALA A 100 -0.19 1.58 -13.36
N ALA A 101 -1.05 2.27 -14.12
CA ALA A 101 -0.94 2.24 -15.57
C ALA A 101 -1.18 3.65 -16.11
N GLU A 102 -0.30 4.05 -17.01
CA GLU A 102 -0.39 5.37 -17.62
C GLU A 102 -1.62 5.44 -18.53
N MET A 103 -2.55 6.32 -18.15
CA MET A 103 -3.76 6.49 -18.93
C MET A 103 -3.58 7.55 -20.02
N GLU A 104 -4.58 7.67 -20.87
CA GLU A 104 -4.54 8.63 -21.96
C GLU A 104 -5.15 9.95 -21.51
N GLN A 105 -5.36 10.83 -22.49
CA GLN A 105 -5.94 12.13 -22.21
C GLN A 105 -7.26 11.98 -21.44
N SER A 106 -8.31 11.71 -22.19
CA SER A 106 -9.62 11.54 -21.60
C SER A 106 -9.60 10.39 -20.59
N SER A 107 -10.08 10.68 -19.39
CA SER A 107 -10.11 9.69 -18.33
C SER A 107 -10.98 10.18 -17.18
N GLY A 108 -12.14 9.55 -17.04
CA GLY A 108 -13.07 9.91 -15.98
C GLY A 108 -12.66 9.28 -14.65
N THR A 109 -11.65 8.43 -14.72
CA THR A 109 -11.16 7.74 -13.54
C THR A 109 -12.32 7.18 -12.73
N GLY A 110 -13.34 6.73 -13.44
CA GLY A 110 -14.53 6.17 -12.80
C GLY A 110 -14.33 4.68 -12.52
N PRO A 111 -15.48 4.01 -12.20
CA PRO A 111 -15.45 2.58 -11.91
C PRO A 111 -15.27 1.76 -13.19
N ALA A 112 -15.64 2.38 -14.30
CA ALA A 112 -15.54 1.73 -15.59
C ALA A 112 -14.19 2.07 -16.24
N GLU A 113 -14.04 3.35 -16.55
CA GLU A 113 -12.81 3.82 -17.17
C GLU A 113 -11.61 3.01 -16.66
N LEU A 114 -11.64 2.71 -15.37
CA LEU A 114 -10.57 1.95 -14.75
C LEU A 114 -10.66 0.49 -15.21
N SER A 115 -11.71 -0.17 -14.74
CA SER A 115 -11.93 -1.57 -15.10
C SER A 115 -11.73 -1.77 -16.60
N GLN A 116 -12.05 -0.72 -17.36
CA GLN A 116 -11.91 -0.77 -18.80
C GLN A 116 -10.45 -0.52 -19.20
N PHE A 117 -9.78 0.30 -18.38
CA PHE A 117 -8.39 0.63 -18.64
C PHE A 117 -7.46 -0.45 -18.08
N TRP A 118 -7.98 -1.20 -17.12
CA TRP A 118 -7.21 -2.26 -16.51
C TRP A 118 -7.39 -3.53 -17.35
N LYS A 119 -8.53 -3.61 -18.01
CA LYS A 119 -8.84 -4.76 -18.84
C LYS A 119 -8.16 -4.58 -20.20
N GLU A 120 -7.87 -3.33 -20.52
CA GLU A 120 -7.22 -3.02 -21.79
C GLU A 120 -5.70 -2.95 -21.60
N VAL A 121 -5.30 -2.28 -20.53
CA VAL A 121 -3.88 -2.14 -20.23
C VAL A 121 -3.32 -3.51 -19.83
N PRO A 122 -2.23 -3.92 -20.54
CA PRO A 122 -1.60 -5.19 -20.27
C PRO A 122 -0.76 -5.12 -18.98
N ARG A 123 -0.58 -6.27 -18.36
CA ARG A 123 0.21 -6.34 -17.13
C ARG A 123 1.60 -5.76 -17.36
N ASN A 124 2.10 -5.93 -18.57
CA ASN A 124 3.41 -5.43 -18.92
C ASN A 124 3.41 -3.90 -18.80
N LYS A 125 2.23 -3.33 -18.97
CA LYS A 125 2.09 -1.88 -18.89
C LYS A 125 1.52 -1.50 -17.51
N VAL A 126 1.43 -2.51 -16.66
CA VAL A 126 0.91 -2.30 -15.32
C VAL A 126 2.03 -2.50 -14.30
N MET A 127 2.25 -1.47 -13.49
CA MET A 127 3.28 -1.52 -12.48
C MET A 127 2.73 -2.06 -11.16
N GLU A 128 3.03 -3.33 -10.91
CA GLU A 128 2.57 -3.98 -9.69
C GLU A 128 3.57 -3.72 -8.55
N HIS A 129 3.03 -3.18 -7.47
CA HIS A 129 3.86 -2.88 -6.30
C HIS A 129 3.31 -3.61 -5.08
N ARG A 130 4.08 -4.58 -4.61
CA ARG A 130 3.69 -5.37 -3.46
C ARG A 130 4.23 -4.74 -2.17
N LEU A 131 3.31 -4.45 -1.26
CA LEU A 131 3.68 -3.85 0.01
C LEU A 131 3.91 -4.94 1.04
N ARG A 132 4.88 -4.70 1.91
CA ARG A 132 5.22 -5.65 2.95
C ARG A 132 5.12 -4.99 4.33
N CYS A 133 4.63 -5.77 5.29
CA CYS A 133 4.48 -5.28 6.65
C CYS A 133 5.85 -5.31 7.33
N HIS A 134 6.04 -4.38 8.25
CA HIS A 134 7.30 -4.29 8.97
C HIS A 134 7.26 -5.24 10.17
N THR A 135 7.61 -6.49 9.92
CA THR A 135 7.62 -7.50 10.95
C THR A 135 8.97 -8.21 11.00
N VAL A 136 9.08 -9.17 11.90
CA VAL A 136 10.31 -9.92 12.06
C VAL A 136 10.00 -11.28 12.70
N GLU A 137 10.95 -12.18 12.59
CA GLU A 137 10.79 -13.52 13.15
C GLU A 137 10.24 -13.44 14.57
N SER A 138 9.08 -14.04 14.76
CA SER A 138 8.45 -14.05 16.07
C SER A 138 7.23 -14.98 16.06
N SER A 139 7.13 -15.78 17.12
CA SER A 139 6.03 -16.72 17.24
C SER A 139 6.14 -17.80 16.17
N LYS A 140 5.36 -18.86 16.35
CA LYS A 140 5.36 -19.96 15.41
C LYS A 140 4.02 -20.68 15.48
N PRO A 141 3.27 -20.63 14.34
CA PRO A 141 1.97 -21.29 14.27
C PRO A 141 2.13 -22.80 14.14
N ASN A 142 1.00 -23.49 14.27
CA ASN A 142 0.99 -24.94 14.18
C ASN A 142 1.68 -25.53 15.41
N SER A 143 1.24 -26.72 15.78
CA SER A 143 1.80 -27.40 16.94
C SER A 143 2.63 -28.61 16.48
N LEU A 144 3.93 -28.40 16.39
CA LEU A 144 4.84 -29.45 15.98
C LEU A 144 5.46 -30.10 17.22
N MET A 145 6.06 -31.26 16.99
CA MET A 145 6.70 -31.99 18.07
C MET A 145 7.77 -31.12 18.76
N LEU A 146 7.45 -30.74 19.99
CA LEU A 146 8.37 -29.92 20.77
C LEU A 146 8.63 -30.59 22.11
N SER A 147 9.66 -30.10 22.80
CA SER A 147 10.02 -30.64 24.09
C SER A 147 8.77 -30.83 24.95
N GLY A 148 8.03 -29.74 25.09
CA GLY A 148 6.81 -29.76 25.88
C GLY A 148 7.08 -30.31 27.29
N PRO A 149 6.01 -30.92 27.87
CA PRO A 149 6.13 -31.49 29.22
C PRO A 149 6.92 -32.79 29.19
N SER A 150 7.17 -33.32 30.38
CA SER A 150 7.91 -34.56 30.51
C SER A 150 7.25 -35.66 29.66
N SER A 151 7.87 -35.95 28.54
CA SER A 151 7.36 -36.97 27.64
C SER A 151 7.88 -38.34 28.04
N GLY A 152 7.24 -39.37 27.52
CA GLY A 152 7.64 -40.74 27.82
C GLY A 152 6.49 -41.71 27.55
N GLY A 1 -4.42 27.27 26.55
CA GLY A 1 -3.39 26.40 26.02
C GLY A 1 -2.74 27.02 24.76
N SER A 2 -1.44 26.81 24.65
CA SER A 2 -0.71 27.34 23.51
C SER A 2 0.57 26.53 23.29
N SER A 3 1.11 26.64 22.09
CA SER A 3 2.33 25.94 21.74
C SER A 3 2.68 26.19 20.28
N GLY A 4 3.88 25.75 19.90
CA GLY A 4 4.35 25.93 18.55
C GLY A 4 5.48 24.94 18.22
N SER A 5 5.13 23.94 17.43
CA SER A 5 6.10 22.93 17.04
C SER A 5 5.60 22.18 15.80
N SER A 6 6.54 21.56 15.11
CA SER A 6 6.20 20.81 13.90
C SER A 6 7.43 20.03 13.42
N GLY A 7 7.19 18.79 13.03
CA GLY A 7 8.26 17.93 12.55
C GLY A 7 7.73 16.55 12.18
N LYS A 8 8.22 16.04 11.06
CA LYS A 8 7.81 14.71 10.60
C LYS A 8 9.03 13.79 10.55
N LYS A 9 8.75 12.51 10.37
CA LYS A 9 9.81 11.52 10.30
C LYS A 9 10.09 11.18 8.84
N PRO A 10 11.34 10.70 8.58
CA PRO A 10 11.73 10.33 7.23
C PRO A 10 11.10 9.00 6.81
N LEU A 11 11.04 8.80 5.51
CA LEU A 11 10.47 7.57 4.97
C LEU A 11 10.96 7.37 3.54
N SER A 12 10.75 6.16 3.04
CA SER A 12 11.16 5.84 1.69
C SER A 12 9.95 5.46 0.84
N VAL A 13 10.05 5.78 -0.45
CA VAL A 13 8.97 5.48 -1.37
C VAL A 13 9.54 4.81 -2.63
N PHE A 14 8.78 3.86 -3.15
CA PHE A 14 9.19 3.14 -4.34
C PHE A 14 9.08 4.03 -5.59
N LYS A 15 10.19 4.64 -5.95
CA LYS A 15 10.23 5.50 -7.12
C LYS A 15 9.80 4.71 -8.35
N GLY A 16 8.53 4.89 -8.72
CA GLY A 16 7.99 4.21 -9.88
C GLY A 16 8.19 5.03 -11.15
N PRO A 17 8.21 4.31 -12.30
CA PRO A 17 8.40 4.96 -13.59
C PRO A 17 7.13 5.68 -14.03
N LEU A 18 6.02 5.27 -13.43
CA LEU A 18 4.74 5.87 -13.74
C LEU A 18 4.14 6.49 -12.48
N LEU A 19 3.62 5.62 -11.62
CA LEU A 19 3.02 6.06 -10.37
C LEU A 19 3.92 5.66 -9.21
N HIS A 20 4.12 6.60 -8.30
CA HIS A 20 4.95 6.36 -7.14
C HIS A 20 4.15 5.61 -6.07
N ILE A 21 4.87 4.91 -5.22
CA ILE A 21 4.24 4.15 -4.15
C ILE A 21 4.90 4.50 -2.82
N SER A 22 4.07 4.96 -1.89
CA SER A 22 4.56 5.33 -0.57
C SER A 22 3.68 4.71 0.51
N PRO A 23 4.36 4.02 1.47
CA PRO A 23 5.81 3.92 1.44
C PRO A 23 6.27 2.93 0.38
N ALA A 24 7.51 2.50 0.50
CA ALA A 24 8.08 1.55 -0.44
C ALA A 24 7.53 0.15 -0.15
N GLU A 25 8.33 -0.63 0.56
CA GLU A 25 7.94 -1.98 0.91
C GLU A 25 7.78 -2.11 2.44
N GLU A 26 6.78 -1.41 2.96
CA GLU A 26 6.51 -1.44 4.38
C GLU A 26 5.10 -0.93 4.66
N LEU A 27 4.54 -1.40 5.78
CA LEU A 27 3.20 -1.00 6.17
C LEU A 27 3.10 -1.03 7.69
N TYR A 28 2.65 0.08 8.25
CA TYR A 28 2.50 0.21 9.69
C TYR A 28 1.02 0.24 10.08
N PHE A 29 0.64 -0.73 10.90
CA PHE A 29 -0.74 -0.82 11.36
C PHE A 29 -0.84 -0.52 12.86
N GLY A 30 -0.25 0.60 13.25
CA GLY A 30 -0.26 1.00 14.64
C GLY A 30 0.24 2.44 14.80
N SER A 31 -0.72 3.35 14.91
CA SER A 31 -0.39 4.76 15.07
C SER A 31 -0.61 5.19 16.52
N ILE A 32 0.03 6.30 16.87
CA ILE A 32 -0.10 6.83 18.23
C ILE A 32 -1.57 7.03 18.56
N GLU A 33 -2.34 7.34 17.53
CA GLU A 33 -3.77 7.56 17.70
C GLU A 33 -4.48 6.25 18.05
N SER A 34 -5.54 6.38 18.83
CA SER A 34 -6.31 5.21 19.24
C SER A 34 -7.61 5.13 18.45
N GLY A 35 -7.57 5.71 17.25
CA GLY A 35 -8.73 5.71 16.38
C GLY A 35 -8.59 4.66 15.27
N GLU A 36 -8.37 3.43 15.70
CA GLU A 36 -8.21 2.33 14.76
C GLU A 36 -6.87 2.44 14.03
N LYS A 37 -6.09 1.37 14.15
CA LYS A 37 -4.78 1.34 13.51
C LYS A 37 -4.95 1.04 12.02
N LYS A 38 -4.54 2.00 11.21
CA LYS A 38 -4.63 1.85 9.76
C LYS A 38 -3.50 2.63 9.10
N THR A 39 -3.19 2.23 7.87
CA THR A 39 -2.13 2.87 7.12
C THR A 39 -2.71 3.62 5.91
N LEU A 40 -1.93 4.55 5.40
CA LEU A 40 -2.35 5.34 4.26
C LEU A 40 -1.23 5.37 3.21
N ILE A 41 -1.54 4.82 2.05
CA ILE A 41 -0.56 4.77 0.97
C ILE A 41 -0.71 6.03 0.10
N VAL A 42 0.42 6.49 -0.42
CA VAL A 42 0.43 7.66 -1.26
C VAL A 42 0.95 7.29 -2.65
N LEU A 43 0.27 7.80 -3.67
CA LEU A 43 0.65 7.53 -5.04
C LEU A 43 0.94 8.85 -5.75
N THR A 44 2.22 9.10 -5.97
CA THR A 44 2.64 10.32 -6.63
C THR A 44 2.90 10.05 -8.12
N ASN A 45 1.98 10.53 -8.94
CA ASN A 45 2.10 10.36 -10.38
C ASN A 45 3.26 11.20 -10.91
N VAL A 46 4.31 10.52 -11.34
CA VAL A 46 5.48 11.20 -11.87
C VAL A 46 5.46 11.13 -13.39
N THR A 47 4.25 11.19 -13.93
CA THR A 47 4.08 11.15 -15.38
C THR A 47 3.36 12.41 -15.87
N LYS A 48 3.45 12.64 -17.17
CA LYS A 48 2.83 13.80 -17.77
C LYS A 48 1.47 13.39 -18.36
N ASN A 49 0.93 12.31 -17.82
CA ASN A 49 -0.36 11.81 -18.27
C ASN A 49 -1.02 11.02 -17.14
N ILE A 50 -2.34 11.16 -17.07
CA ILE A 50 -3.10 10.46 -16.04
C ILE A 50 -2.60 9.02 -15.94
N VAL A 51 -2.70 8.50 -14.72
CA VAL A 51 -2.26 7.13 -14.46
C VAL A 51 -3.26 6.45 -13.53
N ALA A 52 -3.81 5.34 -14.01
CA ALA A 52 -4.78 4.59 -13.22
C ALA A 52 -4.04 3.71 -12.21
N PHE A 53 -4.60 3.67 -11.01
CA PHE A 53 -4.00 2.88 -9.94
C PHE A 53 -5.05 2.01 -9.24
N LYS A 54 -4.61 0.85 -8.79
CA LYS A 54 -5.50 -0.08 -8.12
C LYS A 54 -4.77 -0.68 -6.92
N VAL A 55 -5.56 -1.13 -5.95
CA VAL A 55 -5.01 -1.75 -4.75
C VAL A 55 -5.62 -3.13 -4.56
N ARG A 56 -4.77 -4.14 -4.61
CA ARG A 56 -5.21 -5.51 -4.46
C ARG A 56 -4.40 -6.21 -3.35
N THR A 57 -4.84 -7.41 -3.02
CA THR A 57 -4.16 -8.19 -1.98
C THR A 57 -4.59 -9.65 -2.05
N THR A 58 -3.87 -10.49 -1.33
CA THR A 58 -4.17 -11.90 -1.30
C THR A 58 -5.18 -12.21 -0.20
N ALA A 59 -5.96 -11.20 0.15
CA ALA A 59 -6.97 -11.34 1.18
C ALA A 59 -7.71 -10.01 1.37
N PRO A 60 -8.54 -9.66 0.35
CA PRO A 60 -9.30 -8.42 0.39
C PRO A 60 -10.47 -8.54 1.36
N GLU A 61 -10.58 -9.70 1.99
CA GLU A 61 -11.64 -9.94 2.94
C GLU A 61 -11.11 -9.83 4.37
N LYS A 62 -10.38 -8.75 4.62
CA LYS A 62 -9.81 -8.51 5.94
C LYS A 62 -9.27 -7.08 6.00
N TYR A 63 -8.65 -6.67 4.90
CA TYR A 63 -8.08 -5.33 4.82
C TYR A 63 -9.00 -4.40 4.02
N ARG A 64 -9.20 -3.21 4.56
CA ARG A 64 -10.04 -2.22 3.91
C ARG A 64 -9.19 -1.26 3.09
N VAL A 65 -9.02 -1.58 1.82
CA VAL A 65 -8.23 -0.76 0.93
C VAL A 65 -9.15 0.14 0.11
N LYS A 66 -8.98 1.44 0.30
CA LYS A 66 -9.80 2.41 -0.41
C LYS A 66 -9.06 3.75 -0.46
N PRO A 67 -9.05 4.36 -1.67
CA PRO A 67 -9.70 3.76 -2.81
C PRO A 67 -8.88 2.59 -3.36
N SER A 68 -9.60 1.59 -3.87
CA SER A 68 -8.95 0.41 -4.42
C SER A 68 -9.17 0.35 -5.93
N ASN A 69 -9.55 1.49 -6.49
CA ASN A 69 -9.80 1.58 -7.92
C ASN A 69 -10.00 3.04 -8.31
N SER A 70 -9.01 3.59 -8.99
CA SER A 70 -9.06 4.98 -9.43
C SER A 70 -7.77 5.36 -10.13
N SER A 71 -7.59 6.65 -10.33
CA SER A 71 -6.39 7.16 -10.99
C SER A 71 -5.90 8.42 -10.29
N CYS A 72 -4.64 8.74 -10.53
CA CYS A 72 -4.03 9.92 -9.93
C CYS A 72 -3.51 10.81 -11.05
N ASP A 73 -4.09 12.00 -11.14
CA ASP A 73 -3.70 12.95 -12.15
C ASP A 73 -2.18 13.10 -12.15
N PRO A 74 -1.65 13.68 -13.26
CA PRO A 74 -0.22 13.87 -13.39
C PRO A 74 0.25 15.04 -12.53
N GLY A 75 1.27 14.77 -11.71
CA GLY A 75 1.81 15.79 -10.83
C GLY A 75 0.93 15.98 -9.60
N ALA A 76 0.36 14.88 -9.15
CA ALA A 76 -0.51 14.91 -7.98
C ALA A 76 -0.22 13.70 -7.09
N SER A 77 -0.96 13.61 -6.00
CA SER A 77 -0.78 12.51 -5.07
C SER A 77 -2.14 12.07 -4.52
N ILE A 78 -2.35 10.76 -4.50
CA ILE A 78 -3.59 10.21 -3.99
C ILE A 78 -3.35 9.60 -2.61
N ASP A 79 -4.45 9.19 -1.99
CA ASP A 79 -4.37 8.59 -0.66
C ASP A 79 -5.16 7.28 -0.65
N ILE A 80 -4.48 6.22 -0.27
CA ILE A 80 -5.10 4.91 -0.21
C ILE A 80 -5.02 4.37 1.21
N ILE A 81 -6.16 4.45 1.91
CA ILE A 81 -6.23 3.97 3.28
C ILE A 81 -6.30 2.44 3.28
N VAL A 82 -5.73 1.86 4.33
CA VAL A 82 -5.72 0.41 4.47
C VAL A 82 -5.95 0.04 5.93
N SER A 83 -7.20 -0.26 6.25
CA SER A 83 -7.55 -0.63 7.60
C SER A 83 -7.85 -2.13 7.67
N PRO A 84 -7.12 -2.83 8.59
CA PRO A 84 -7.31 -4.26 8.76
C PRO A 84 -8.60 -4.56 9.52
N HIS A 85 -9.06 -5.80 9.38
CA HIS A 85 -10.28 -6.22 10.05
C HIS A 85 -10.20 -5.87 11.53
N GLY A 86 -11.24 -6.27 12.25
CA GLY A 86 -11.31 -6.01 13.68
C GLY A 86 -10.88 -7.24 14.48
N GLY A 87 -11.61 -8.32 14.28
CA GLY A 87 -11.31 -9.57 14.97
C GLY A 87 -9.87 -10.00 14.72
N LEU A 88 -9.58 -10.33 13.47
CA LEU A 88 -8.24 -10.76 13.10
C LEU A 88 -7.29 -9.57 13.21
N THR A 89 -6.03 -9.83 12.86
CA THR A 89 -5.02 -8.79 12.91
C THR A 89 -4.08 -8.91 11.70
N VAL A 90 -3.23 -7.90 11.55
CA VAL A 90 -2.29 -7.86 10.45
C VAL A 90 -0.98 -8.53 10.88
N SER A 91 -0.56 -9.50 10.08
CA SER A 91 0.67 -10.22 10.37
C SER A 91 1.56 -10.23 9.12
N ALA A 92 2.65 -10.98 9.23
CA ALA A 92 3.60 -11.09 8.13
C ALA A 92 3.25 -12.32 7.28
N GLN A 93 1.95 -12.50 7.09
CA GLN A 93 1.46 -13.63 6.31
C GLN A 93 0.74 -13.13 5.05
N ASP A 94 0.08 -12.00 5.20
CA ASP A 94 -0.65 -11.41 4.08
C ASP A 94 0.26 -10.41 3.36
N ARG A 95 -0.17 -10.04 2.15
CA ARG A 95 0.59 -9.10 1.36
C ARG A 95 -0.35 -8.18 0.57
N PHE A 96 0.15 -7.00 0.26
CA PHE A 96 -0.63 -6.02 -0.48
C PHE A 96 -0.07 -5.84 -1.90
N LEU A 97 -0.96 -5.43 -2.80
CA LEU A 97 -0.56 -5.21 -4.17
C LEU A 97 -1.13 -3.87 -4.66
N ILE A 98 -0.38 -3.22 -5.53
CA ILE A 98 -0.79 -1.93 -6.06
C ILE A 98 -0.51 -1.90 -7.57
N MET A 99 -1.46 -1.36 -8.31
CA MET A 99 -1.33 -1.26 -9.75
C MET A 99 -1.16 0.19 -10.19
N ALA A 100 -0.50 0.36 -11.32
CA ALA A 100 -0.26 1.70 -11.86
C ALA A 100 0.10 1.59 -13.34
N ALA A 101 -0.75 2.18 -14.17
CA ALA A 101 -0.54 2.16 -15.60
C ALA A 101 -0.82 3.55 -16.18
N GLU A 102 0.08 3.98 -17.06
CA GLU A 102 -0.04 5.28 -17.67
C GLU A 102 -1.22 5.29 -18.65
N MET A 103 -2.17 6.17 -18.39
CA MET A 103 -3.35 6.29 -19.23
C MET A 103 -3.12 7.29 -20.36
N GLU A 104 -4.08 7.34 -21.27
CA GLU A 104 -3.99 8.26 -22.39
C GLU A 104 -4.14 9.70 -21.91
N GLN A 105 -4.84 10.50 -22.70
CA GLN A 105 -5.05 11.90 -22.37
C GLN A 105 -6.42 12.08 -21.72
N SER A 106 -7.36 11.24 -22.14
CA SER A 106 -8.71 11.30 -21.60
C SER A 106 -8.95 10.13 -20.65
N SER A 107 -9.57 10.44 -19.52
CA SER A 107 -9.87 9.42 -18.52
C SER A 107 -10.72 10.02 -17.41
N GLY A 108 -11.82 9.35 -17.13
CA GLY A 108 -12.74 9.80 -16.09
C GLY A 108 -12.31 9.25 -14.72
N THR A 109 -11.29 8.42 -14.74
CA THR A 109 -10.78 7.83 -13.52
C THR A 109 -11.94 7.37 -12.62
N GLY A 110 -12.98 6.88 -13.27
CA GLY A 110 -14.16 6.41 -12.56
C GLY A 110 -14.02 4.94 -12.17
N PRO A 111 -15.18 4.32 -11.83
CA PRO A 111 -15.20 2.91 -11.45
C PRO A 111 -15.04 2.01 -12.68
N ALA A 112 -15.82 2.31 -13.70
CA ALA A 112 -15.78 1.55 -14.94
C ALA A 112 -14.48 1.87 -15.69
N GLU A 113 -14.35 3.14 -16.04
CA GLU A 113 -13.17 3.59 -16.77
C GLU A 113 -11.95 2.76 -16.36
N LEU A 114 -11.72 2.70 -15.05
CA LEU A 114 -10.60 1.95 -14.53
C LEU A 114 -10.76 0.47 -14.89
N SER A 115 -11.74 -0.16 -14.27
CA SER A 115 -12.01 -1.57 -14.53
C SER A 115 -11.83 -1.87 -16.01
N GLN A 116 -12.09 -0.87 -16.83
CA GLN A 116 -11.97 -1.02 -18.27
C GLN A 116 -10.51 -0.86 -18.70
N PHE A 117 -9.91 0.25 -18.27
CA PHE A 117 -8.52 0.53 -18.60
C PHE A 117 -7.62 -0.63 -18.18
N TRP A 118 -7.90 -1.16 -16.99
CA TRP A 118 -7.12 -2.26 -16.47
C TRP A 118 -7.40 -3.49 -17.34
N LYS A 119 -8.46 -3.40 -18.11
CA LYS A 119 -8.84 -4.49 -19.00
C LYS A 119 -8.15 -4.31 -20.35
N GLU A 120 -7.66 -3.09 -20.57
CA GLU A 120 -6.98 -2.77 -21.82
C GLU A 120 -5.46 -2.87 -21.63
N VAL A 121 -5.00 -2.39 -20.49
CA VAL A 121 -3.59 -2.42 -20.17
C VAL A 121 -3.16 -3.87 -19.91
N PRO A 122 -2.07 -4.28 -20.61
CA PRO A 122 -1.55 -5.64 -20.44
C PRO A 122 -0.81 -5.78 -19.12
N ARG A 123 -0.47 -7.03 -18.80
CA ARG A 123 0.24 -7.31 -17.57
C ARG A 123 1.72 -6.96 -17.72
N ASN A 124 2.06 -6.41 -18.88
CA ASN A 124 3.43 -6.04 -19.16
C ASN A 124 3.57 -4.52 -18.99
N LYS A 125 2.44 -3.84 -19.09
CA LYS A 125 2.43 -2.39 -18.95
C LYS A 125 1.90 -2.02 -17.56
N VAL A 126 1.01 -2.86 -17.06
CA VAL A 126 0.43 -2.65 -15.75
C VAL A 126 1.48 -2.89 -14.68
N MET A 127 1.90 -1.80 -14.04
CA MET A 127 2.91 -1.88 -13.00
C MET A 127 2.29 -2.34 -11.67
N GLU A 128 2.73 -3.49 -11.21
CA GLU A 128 2.24 -4.04 -9.96
C GLU A 128 3.29 -3.88 -8.85
N HIS A 129 2.86 -3.24 -7.77
CA HIS A 129 3.75 -3.02 -6.64
C HIS A 129 3.19 -3.71 -5.40
N ARG A 130 3.95 -4.66 -4.89
CA ARG A 130 3.55 -5.40 -3.71
C ARG A 130 4.15 -4.78 -2.45
N LEU A 131 3.29 -4.55 -1.47
CA LEU A 131 3.72 -3.97 -0.22
C LEU A 131 3.84 -5.06 0.84
N ARG A 132 4.49 -4.70 1.94
CA ARG A 132 4.69 -5.64 3.03
C ARG A 132 4.30 -5.01 4.36
N CYS A 133 4.00 -5.86 5.33
CA CYS A 133 3.63 -5.38 6.65
C CYS A 133 4.90 -5.11 7.46
N HIS A 134 4.83 -4.08 8.29
CA HIS A 134 5.96 -3.71 9.12
C HIS A 134 5.97 -4.56 10.39
N THR A 135 5.85 -5.87 10.20
CA THR A 135 5.84 -6.80 11.32
C THR A 135 7.26 -6.95 11.89
N VAL A 136 7.37 -7.83 12.86
CA VAL A 136 8.64 -8.09 13.50
C VAL A 136 8.50 -9.26 14.48
N GLU A 137 8.11 -10.39 13.95
CA GLU A 137 7.92 -11.58 14.76
C GLU A 137 8.28 -12.84 13.95
N SER A 138 9.57 -13.04 13.75
CA SER A 138 10.04 -14.19 13.00
C SER A 138 9.55 -14.10 11.55
N SER A 139 10.28 -14.78 10.68
CA SER A 139 9.94 -14.80 9.27
C SER A 139 10.86 -15.76 8.52
N LYS A 140 10.26 -16.84 8.04
CA LYS A 140 11.01 -17.84 7.29
C LYS A 140 10.07 -18.58 6.35
N PRO A 141 10.41 -18.53 5.03
CA PRO A 141 9.60 -19.18 4.02
C PRO A 141 9.83 -20.70 4.04
N ASN A 142 9.16 -21.37 3.11
CA ASN A 142 9.28 -22.81 3.01
C ASN A 142 9.07 -23.25 1.56
N SER A 143 9.69 -24.36 1.21
CA SER A 143 9.58 -24.88 -0.14
C SER A 143 10.22 -23.91 -1.13
N LEU A 144 10.98 -24.47 -2.06
CA LEU A 144 11.65 -23.67 -3.07
C LEU A 144 12.40 -24.59 -4.03
N MET A 145 11.92 -24.64 -5.26
CA MET A 145 12.54 -25.46 -6.28
C MET A 145 11.83 -25.32 -7.63
N LEU A 146 12.22 -24.30 -8.36
CA LEU A 146 11.63 -24.03 -9.67
C LEU A 146 12.37 -22.87 -10.33
N SER A 147 11.98 -22.60 -11.57
CA SER A 147 12.60 -21.53 -12.33
C SER A 147 11.96 -20.19 -11.95
N GLY A 148 10.65 -20.12 -12.13
CA GLY A 148 9.92 -18.91 -11.81
C GLY A 148 10.64 -17.67 -12.34
N PRO A 149 10.23 -17.24 -13.56
CA PRO A 149 10.82 -16.08 -14.19
C PRO A 149 10.34 -14.78 -13.53
N SER A 150 10.63 -14.68 -12.23
CA SER A 150 10.23 -13.51 -11.48
C SER A 150 11.46 -12.86 -10.84
N SER A 151 11.40 -11.53 -10.72
CA SER A 151 12.49 -10.79 -10.13
C SER A 151 12.14 -10.39 -8.69
N GLY A 152 11.31 -9.36 -8.57
CA GLY A 152 10.90 -8.88 -7.26
C GLY A 152 9.80 -7.82 -7.40
N GLY A 1 1.25 10.02 32.21
CA GLY A 1 1.22 11.45 32.43
C GLY A 1 1.79 12.20 31.22
N SER A 2 3.10 12.27 31.17
CA SER A 2 3.77 12.96 30.08
C SER A 2 4.43 11.94 29.15
N SER A 3 3.64 11.44 28.21
CA SER A 3 4.14 10.47 27.25
C SER A 3 4.41 11.15 25.90
N GLY A 4 5.64 11.00 25.45
CA GLY A 4 6.04 11.58 24.18
C GLY A 4 7.10 10.72 23.48
N SER A 5 7.91 11.38 22.66
CA SER A 5 8.96 10.69 21.93
C SER A 5 9.77 11.69 21.11
N SER A 6 9.06 12.44 20.29
CA SER A 6 9.71 13.44 19.44
C SER A 6 10.70 12.76 18.49
N GLY A 7 11.03 13.47 17.43
CA GLY A 7 11.97 12.96 16.45
C GLY A 7 11.30 12.83 15.07
N LYS A 8 11.97 12.11 14.19
CA LYS A 8 11.46 11.90 12.85
C LYS A 8 12.44 11.03 12.06
N LYS A 9 11.93 9.89 11.62
CA LYS A 9 12.75 8.95 10.86
C LYS A 9 12.63 9.28 9.37
N PRO A 10 13.69 8.90 8.62
CA PRO A 10 13.72 9.15 7.18
C PRO A 10 12.81 8.18 6.44
N LEU A 11 11.71 8.72 5.93
CA LEU A 11 10.74 7.91 5.20
C LEU A 11 11.30 7.61 3.81
N SER A 12 10.77 6.55 3.21
CA SER A 12 11.19 6.14 1.88
C SER A 12 9.98 5.70 1.05
N VAL A 13 10.00 6.08 -0.22
CA VAL A 13 8.91 5.74 -1.12
C VAL A 13 9.49 5.11 -2.39
N PHE A 14 8.82 4.07 -2.86
CA PHE A 14 9.26 3.38 -4.06
C PHE A 14 8.93 4.20 -5.31
N LYS A 15 9.91 4.96 -5.76
CA LYS A 15 9.75 5.78 -6.95
C LYS A 15 9.53 4.89 -8.17
N GLY A 16 8.34 5.01 -8.74
CA GLY A 16 8.00 4.22 -9.91
C GLY A 16 8.20 5.02 -11.20
N PRO A 17 8.20 4.28 -12.34
CA PRO A 17 8.39 4.91 -13.64
C PRO A 17 7.12 5.65 -14.07
N LEU A 18 6.02 5.31 -13.41
CA LEU A 18 4.74 5.93 -13.72
C LEU A 18 4.16 6.54 -12.44
N LEU A 19 3.69 5.66 -11.57
CA LEU A 19 3.10 6.09 -10.31
C LEU A 19 4.02 5.70 -9.16
N HIS A 20 4.23 6.65 -8.26
CA HIS A 20 5.08 6.42 -7.11
C HIS A 20 4.28 5.71 -6.01
N ILE A 21 5.02 4.99 -5.17
CA ILE A 21 4.40 4.27 -4.08
C ILE A 21 5.02 4.69 -2.75
N SER A 22 4.18 4.82 -1.74
CA SER A 22 4.64 5.22 -0.43
C SER A 22 3.73 4.63 0.65
N PRO A 23 4.37 4.00 1.67
CA PRO A 23 5.82 3.90 1.68
C PRO A 23 6.32 2.87 0.67
N ALA A 24 7.63 2.74 0.62
CA ALA A 24 8.25 1.80 -0.31
C ALA A 24 7.64 0.41 -0.09
N GLU A 25 8.37 -0.40 0.66
CA GLU A 25 7.91 -1.76 0.94
C GLU A 25 7.96 -2.02 2.45
N GLU A 26 7.19 -1.23 3.19
CA GLU A 26 7.14 -1.37 4.64
C GLU A 26 5.90 -0.66 5.19
N LEU A 27 4.91 -1.46 5.54
CA LEU A 27 3.68 -0.94 6.09
C LEU A 27 3.68 -1.10 7.61
N TYR A 28 3.16 -0.07 8.28
CA TYR A 28 3.10 -0.08 9.73
C TYR A 28 1.70 0.28 10.22
N PHE A 29 0.89 -0.75 10.42
CA PHE A 29 -0.47 -0.54 10.88
C PHE A 29 -0.49 -0.14 12.37
N GLY A 30 -0.36 1.16 12.60
CA GLY A 30 -0.36 1.68 13.95
C GLY A 30 0.80 1.09 14.77
N SER A 31 1.44 1.96 15.53
CA SER A 31 2.56 1.55 16.36
C SER A 31 2.21 1.73 17.84
N ILE A 32 2.12 0.60 18.53
CA ILE A 32 1.80 0.62 19.95
C ILE A 32 0.37 1.14 20.13
N GLU A 33 0.22 2.44 19.95
CA GLU A 33 -1.09 3.07 20.09
C GLU A 33 -1.08 4.47 19.48
N SER A 34 -1.48 4.53 18.22
CA SER A 34 -1.51 5.79 17.51
C SER A 34 -2.92 6.04 16.93
N GLY A 35 -3.88 5.36 17.54
CA GLY A 35 -5.26 5.49 17.10
C GLY A 35 -5.43 5.03 15.64
N GLU A 36 -6.50 4.28 15.41
CA GLU A 36 -6.77 3.77 14.08
C GLU A 36 -5.49 3.22 13.44
N LYS A 37 -5.26 1.93 13.67
CA LYS A 37 -4.08 1.29 13.14
C LYS A 37 -4.30 1.01 11.64
N LYS A 38 -4.52 2.08 10.89
CA LYS A 38 -4.74 1.97 9.47
C LYS A 38 -3.56 2.59 8.73
N THR A 39 -3.23 1.97 7.59
CA THR A 39 -2.12 2.46 6.78
C THR A 39 -2.64 3.13 5.52
N LEU A 40 -2.14 4.34 5.28
CA LEU A 40 -2.55 5.10 4.11
C LEU A 40 -1.37 5.21 3.15
N ILE A 41 -1.57 4.68 1.95
CA ILE A 41 -0.54 4.71 0.93
C ILE A 41 -0.70 5.98 0.09
N VAL A 42 0.43 6.49 -0.36
CA VAL A 42 0.43 7.70 -1.18
C VAL A 42 0.99 7.37 -2.57
N LEU A 43 0.22 7.74 -3.58
CA LEU A 43 0.63 7.50 -4.96
C LEU A 43 0.91 8.82 -5.65
N THR A 44 2.19 9.09 -5.86
CA THR A 44 2.60 10.32 -6.51
C THR A 44 2.88 10.08 -8.00
N ASN A 45 1.98 10.60 -8.82
CA ASN A 45 2.12 10.44 -10.26
C ASN A 45 3.20 11.40 -10.77
N VAL A 46 4.28 10.81 -11.25
CA VAL A 46 5.40 11.60 -11.77
C VAL A 46 5.15 11.89 -13.25
N THR A 47 4.62 10.89 -13.94
CA THR A 47 4.33 11.03 -15.36
C THR A 47 3.49 12.29 -15.60
N LYS A 48 3.51 12.75 -16.86
CA LYS A 48 2.76 13.92 -17.23
C LYS A 48 1.43 13.49 -17.85
N ASN A 49 0.95 12.34 -17.41
CA ASN A 49 -0.31 11.81 -17.91
C ASN A 49 -0.96 10.95 -16.84
N ILE A 50 -2.26 11.12 -16.69
CA ILE A 50 -3.01 10.36 -15.70
C ILE A 50 -2.51 8.92 -15.67
N VAL A 51 -2.47 8.36 -14.48
CA VAL A 51 -2.01 6.99 -14.30
C VAL A 51 -2.95 6.26 -13.35
N ALA A 52 -3.72 5.33 -13.92
CA ALA A 52 -4.67 4.56 -13.14
C ALA A 52 -3.90 3.60 -12.22
N PHE A 53 -4.40 3.48 -11.00
CA PHE A 53 -3.77 2.60 -10.03
C PHE A 53 -4.80 1.67 -9.38
N LYS A 54 -4.30 0.60 -8.77
CA LYS A 54 -5.16 -0.36 -8.12
C LYS A 54 -4.45 -0.92 -6.88
N VAL A 55 -5.25 -1.42 -5.96
CA VAL A 55 -4.72 -1.99 -4.73
C VAL A 55 -5.31 -3.38 -4.51
N ARG A 56 -4.47 -4.38 -4.72
CA ARG A 56 -4.90 -5.76 -4.56
C ARG A 56 -4.08 -6.45 -3.47
N THR A 57 -4.75 -7.28 -2.70
CA THR A 57 -4.09 -8.00 -1.63
C THR A 57 -4.52 -9.47 -1.62
N THR A 58 -3.82 -10.26 -0.83
CA THR A 58 -4.12 -11.68 -0.72
C THR A 58 -5.32 -11.91 0.19
N ALA A 59 -5.89 -10.80 0.65
CA ALA A 59 -7.04 -10.87 1.54
C ALA A 59 -7.85 -9.57 1.40
N PRO A 60 -8.59 -9.46 0.27
CA PRO A 60 -9.40 -8.29 0.01
C PRO A 60 -10.66 -8.30 0.87
N GLU A 61 -10.83 -9.38 1.61
CA GLU A 61 -11.99 -9.53 2.48
C GLU A 61 -11.57 -9.39 3.94
N LYS A 62 -10.49 -8.67 4.15
CA LYS A 62 -9.97 -8.46 5.50
C LYS A 62 -9.53 -7.00 5.65
N TYR A 63 -8.79 -6.54 4.65
CA TYR A 63 -8.30 -5.18 4.66
C TYR A 63 -9.13 -4.28 3.75
N ARG A 64 -9.48 -3.11 4.26
CA ARG A 64 -10.28 -2.16 3.50
C ARG A 64 -9.37 -1.17 2.78
N VAL A 65 -9.22 -1.39 1.48
CA VAL A 65 -8.38 -0.53 0.66
C VAL A 65 -9.27 0.38 -0.18
N LYS A 66 -9.11 1.69 0.04
CA LYS A 66 -9.90 2.67 -0.69
C LYS A 66 -9.11 3.98 -0.77
N PRO A 67 -9.00 4.51 -2.01
CA PRO A 67 -9.57 3.85 -3.17
C PRO A 67 -8.74 2.62 -3.57
N SER A 68 -9.42 1.66 -4.18
CA SER A 68 -8.76 0.44 -4.61
C SER A 68 -8.73 0.38 -6.14
N ASN A 69 -9.53 1.24 -6.75
CA ASN A 69 -9.61 1.29 -8.20
C ASN A 69 -9.84 2.74 -8.65
N SER A 70 -8.74 3.46 -8.81
CA SER A 70 -8.82 4.85 -9.23
C SER A 70 -7.51 5.26 -9.91
N SER A 71 -7.34 6.57 -10.04
CA SER A 71 -6.14 7.10 -10.67
C SER A 71 -5.67 8.36 -9.94
N CYS A 72 -4.50 8.83 -10.31
CA CYS A 72 -3.93 10.01 -9.69
C CYS A 72 -3.39 10.92 -10.80
N ASP A 73 -3.99 12.09 -10.91
CA ASP A 73 -3.58 13.06 -11.91
C ASP A 73 -2.06 13.22 -11.86
N PRO A 74 -1.50 13.79 -12.96
CA PRO A 74 -0.07 14.01 -13.06
C PRO A 74 0.36 15.19 -12.19
N GLY A 75 1.43 14.96 -11.43
CA GLY A 75 1.96 16.00 -10.55
C GLY A 75 1.14 16.08 -9.26
N ALA A 76 0.26 15.11 -9.08
CA ALA A 76 -0.59 15.06 -7.90
C ALA A 76 -0.29 13.76 -7.13
N SER A 77 -1.03 13.59 -6.04
CA SER A 77 -0.85 12.41 -5.21
C SER A 77 -2.20 12.01 -4.60
N ILE A 78 -2.45 10.70 -4.62
CA ILE A 78 -3.69 10.17 -4.07
C ILE A 78 -3.41 9.51 -2.73
N ASP A 79 -4.48 9.24 -2.00
CA ASP A 79 -4.36 8.60 -0.69
C ASP A 79 -5.15 7.29 -0.70
N ILE A 80 -4.41 6.19 -0.51
CA ILE A 80 -5.02 4.88 -0.49
C ILE A 80 -5.01 4.34 0.95
N ILE A 81 -6.13 4.56 1.62
CA ILE A 81 -6.27 4.11 3.00
C ILE A 81 -6.40 2.58 3.02
N VAL A 82 -5.82 1.98 4.05
CA VAL A 82 -5.86 0.54 4.20
C VAL A 82 -6.10 0.18 5.67
N SER A 83 -7.36 -0.08 5.98
CA SER A 83 -7.74 -0.42 7.34
C SER A 83 -8.33 -1.84 7.37
N PRO A 84 -7.90 -2.62 8.40
CA PRO A 84 -8.38 -3.98 8.55
C PRO A 84 -9.81 -3.99 9.09
N HIS A 85 -10.38 -5.19 9.15
CA HIS A 85 -11.73 -5.37 9.64
C HIS A 85 -11.80 -4.97 11.12
N GLY A 86 -10.74 -5.32 11.83
CA GLY A 86 -10.66 -5.00 13.25
C GLY A 86 -10.36 -6.27 14.07
N GLY A 87 -11.39 -7.10 14.22
CA GLY A 87 -11.24 -8.34 14.97
C GLY A 87 -9.87 -8.97 14.72
N LEU A 88 -9.68 -9.42 13.48
CA LEU A 88 -8.43 -10.04 13.10
C LEU A 88 -7.26 -9.13 13.48
N THR A 89 -6.07 -9.56 13.11
CA THR A 89 -4.87 -8.80 13.41
C THR A 89 -3.95 -8.75 12.19
N VAL A 90 -2.95 -7.88 12.28
CA VAL A 90 -2.00 -7.72 11.19
C VAL A 90 -0.80 -8.65 11.44
N SER A 91 -0.48 -9.42 10.40
CA SER A 91 0.64 -10.35 10.49
C SER A 91 1.50 -10.24 9.23
N ALA A 92 2.61 -10.98 9.26
CA ALA A 92 3.53 -10.97 8.13
C ALA A 92 3.17 -12.12 7.19
N GLN A 93 1.87 -12.35 7.05
CA GLN A 93 1.39 -13.42 6.19
C GLN A 93 0.64 -12.83 4.98
N ASP A 94 0.01 -11.68 5.22
CA ASP A 94 -0.72 -11.01 4.16
C ASP A 94 0.23 -10.12 3.37
N ARG A 95 -0.10 -9.95 2.09
CA ARG A 95 0.72 -9.14 1.21
C ARG A 95 -0.17 -8.20 0.38
N PHE A 96 0.35 -7.01 0.15
CA PHE A 96 -0.37 -6.01 -0.62
C PHE A 96 0.25 -5.82 -2.00
N LEU A 97 -0.58 -5.38 -2.94
CA LEU A 97 -0.12 -5.16 -4.30
C LEU A 97 -0.76 -3.88 -4.84
N ILE A 98 0.09 -2.98 -5.31
CA ILE A 98 -0.37 -1.72 -5.86
C ILE A 98 0.01 -1.64 -7.34
N MET A 99 -1.00 -1.44 -8.17
CA MET A 99 -0.79 -1.34 -9.60
C MET A 99 -0.85 0.12 -10.07
N ALA A 100 -0.16 0.38 -11.17
CA ALA A 100 -0.13 1.72 -11.73
C ALA A 100 0.17 1.64 -13.22
N ALA A 101 -0.76 2.12 -14.01
CA ALA A 101 -0.61 2.12 -15.46
C ALA A 101 -0.90 3.51 -16.01
N GLU A 102 -0.04 3.94 -16.93
CA GLU A 102 -0.18 5.25 -17.53
C GLU A 102 -1.41 5.27 -18.46
N MET A 103 -2.33 6.15 -18.14
CA MET A 103 -3.55 6.27 -18.94
C MET A 103 -3.34 7.25 -20.10
N GLU A 104 -4.33 7.28 -20.98
CA GLU A 104 -4.27 8.15 -22.14
C GLU A 104 -4.64 9.58 -21.75
N GLN A 105 -5.34 10.26 -22.66
CA GLN A 105 -5.75 11.62 -22.41
C GLN A 105 -6.61 11.70 -21.15
N SER A 106 -7.27 12.85 -20.99
CA SER A 106 -8.12 13.05 -19.84
C SER A 106 -9.14 11.91 -19.72
N SER A 107 -8.99 11.14 -18.65
CA SER A 107 -9.88 10.01 -18.41
C SER A 107 -10.33 10.01 -16.96
N GLY A 108 -11.58 9.64 -16.75
CA GLY A 108 -12.14 9.59 -15.41
C GLY A 108 -11.35 8.63 -14.52
N THR A 109 -11.89 8.38 -13.33
CA THR A 109 -11.24 7.49 -12.40
C THR A 109 -12.29 6.77 -11.55
N GLY A 110 -13.44 6.50 -12.17
CA GLY A 110 -14.52 5.82 -11.48
C GLY A 110 -14.25 4.31 -11.39
N PRO A 111 -15.30 3.56 -10.96
CA PRO A 111 -15.19 2.12 -10.83
C PRO A 111 -15.21 1.44 -12.20
N ALA A 112 -15.74 2.17 -13.17
CA ALA A 112 -15.84 1.65 -14.53
C ALA A 112 -14.60 2.06 -15.32
N GLU A 113 -14.47 3.37 -15.51
CA GLU A 113 -13.33 3.91 -16.25
C GLU A 113 -12.09 3.05 -16.00
N LEU A 114 -11.90 2.68 -14.75
CA LEU A 114 -10.76 1.86 -14.37
C LEU A 114 -10.95 0.45 -14.92
N SER A 115 -11.90 -0.26 -14.34
CA SER A 115 -12.19 -1.62 -14.76
C SER A 115 -11.98 -1.76 -16.27
N GLN A 116 -12.35 -0.70 -16.99
CA GLN A 116 -12.21 -0.69 -18.43
C GLN A 116 -10.73 -0.58 -18.82
N PHE A 117 -10.10 0.47 -18.33
CA PHE A 117 -8.69 0.69 -18.61
C PHE A 117 -7.85 -0.49 -18.16
N TRP A 118 -8.36 -1.20 -17.16
CA TRP A 118 -7.65 -2.36 -16.63
C TRP A 118 -7.95 -3.55 -17.54
N LYS A 119 -8.98 -3.39 -18.37
CA LYS A 119 -9.36 -4.44 -19.29
C LYS A 119 -8.60 -4.27 -20.60
N GLU A 120 -8.10 -3.06 -20.81
CA GLU A 120 -7.36 -2.76 -22.02
C GLU A 120 -5.85 -2.78 -21.73
N VAL A 121 -5.48 -2.12 -20.64
CA VAL A 121 -4.08 -2.06 -20.24
C VAL A 121 -3.63 -3.44 -19.76
N PRO A 122 -2.54 -3.94 -20.38
CA PRO A 122 -2.00 -5.25 -20.03
C PRO A 122 -1.26 -5.18 -18.70
N ARG A 123 -0.78 -6.35 -18.27
CA ARG A 123 -0.06 -6.44 -17.02
C ARG A 123 1.43 -6.20 -17.25
N ASN A 124 1.78 -5.95 -18.51
CA ASN A 124 3.16 -5.70 -18.87
C ASN A 124 3.35 -4.19 -19.10
N LYS A 125 2.24 -3.46 -19.03
CA LYS A 125 2.29 -2.02 -19.23
C LYS A 125 2.07 -1.34 -17.88
N VAL A 126 1.33 -2.00 -17.01
CA VAL A 126 1.05 -1.45 -15.70
C VAL A 126 2.14 -1.89 -14.73
N MET A 127 2.47 -1.00 -13.81
CA MET A 127 3.50 -1.27 -12.81
C MET A 127 2.91 -2.01 -11.62
N GLU A 128 3.67 -2.98 -11.12
CA GLU A 128 3.25 -3.76 -9.98
C GLU A 128 4.22 -3.58 -8.81
N HIS A 129 3.66 -3.21 -7.68
CA HIS A 129 4.46 -3.00 -6.48
C HIS A 129 3.78 -3.65 -5.28
N ARG A 130 4.48 -4.61 -4.69
CA ARG A 130 3.95 -5.32 -3.54
C ARG A 130 4.43 -4.66 -2.24
N LEU A 131 3.48 -4.44 -1.34
CA LEU A 131 3.80 -3.80 -0.07
C LEU A 131 3.69 -4.86 1.04
N ARG A 132 4.56 -4.73 2.02
CA ARG A 132 4.58 -5.66 3.14
C ARG A 132 4.47 -4.89 4.46
N CYS A 133 3.84 -5.53 5.43
CA CYS A 133 3.66 -4.92 6.74
C CYS A 133 4.83 -5.33 7.62
N HIS A 134 5.22 -4.42 8.50
CA HIS A 134 6.33 -4.67 9.41
C HIS A 134 5.79 -4.83 10.84
N THR A 135 5.04 -5.90 11.04
CA THR A 135 4.47 -6.18 12.35
C THR A 135 5.55 -6.16 13.42
N VAL A 136 5.17 -5.65 14.59
CA VAL A 136 6.10 -5.56 15.71
C VAL A 136 6.32 -6.96 16.29
N GLU A 137 7.57 -7.25 16.60
CA GLU A 137 7.92 -8.53 17.17
C GLU A 137 8.12 -8.41 18.68
N SER A 138 8.21 -9.57 19.33
CA SER A 138 8.39 -9.60 20.77
C SER A 138 7.07 -9.31 21.48
N SER A 139 6.50 -8.16 21.15
CA SER A 139 5.24 -7.75 21.74
C SER A 139 5.34 -7.80 23.28
N LYS A 140 4.20 -7.57 23.91
CA LYS A 140 4.15 -7.58 25.37
C LYS A 140 3.48 -8.87 25.83
N PRO A 141 4.31 -9.78 26.40
CA PRO A 141 3.82 -11.05 26.90
C PRO A 141 3.06 -10.88 28.21
N ASN A 142 2.60 -11.99 28.75
CA ASN A 142 1.86 -11.98 30.01
C ASN A 142 1.69 -13.41 30.51
N SER A 143 1.78 -13.55 31.82
CA SER A 143 1.64 -14.86 32.45
C SER A 143 1.08 -14.71 33.86
N LEU A 144 1.82 -13.98 34.68
CA LEU A 144 1.40 -13.75 36.06
C LEU A 144 1.29 -15.09 36.78
N MET A 145 2.39 -15.48 37.40
CA MET A 145 2.42 -16.74 38.13
C MET A 145 3.78 -16.95 38.81
N LEU A 146 3.73 -17.52 40.00
CA LEU A 146 4.94 -17.78 40.76
C LEU A 146 4.94 -19.24 41.23
N SER A 147 6.12 -19.84 41.16
CA SER A 147 6.28 -21.22 41.58
C SER A 147 7.76 -21.54 41.80
N GLY A 148 8.13 -21.62 43.07
CA GLY A 148 9.50 -21.91 43.43
C GLY A 148 10.47 -20.90 42.81
N PRO A 149 11.78 -21.12 43.07
CA PRO A 149 12.81 -20.23 42.54
C PRO A 149 13.03 -20.47 41.04
N SER A 150 13.02 -21.74 40.68
CA SER A 150 13.23 -22.11 39.29
C SER A 150 14.62 -21.69 38.82
N SER A 151 15.58 -22.57 39.06
CA SER A 151 16.96 -22.30 38.66
C SER A 151 17.28 -23.03 37.36
N GLY A 152 17.03 -22.34 36.25
CA GLY A 152 17.30 -22.91 34.94
C GLY A 152 16.54 -22.15 33.85
N GLY A 1 26.04 3.16 26.56
CA GLY A 1 25.20 4.34 26.66
C GLY A 1 25.25 5.16 25.37
N SER A 2 24.09 5.69 24.99
CA SER A 2 23.99 6.48 23.78
C SER A 2 22.75 7.39 23.86
N SER A 3 22.91 8.59 23.36
CA SER A 3 21.83 9.56 23.36
C SER A 3 20.53 8.89 22.89
N GLY A 4 19.44 9.60 23.08
CA GLY A 4 18.14 9.10 22.68
C GLY A 4 17.92 9.24 21.17
N SER A 5 16.89 8.56 20.69
CA SER A 5 16.57 8.60 19.27
C SER A 5 16.77 10.02 18.73
N SER A 6 17.81 10.16 17.92
CA SER A 6 18.14 11.44 17.33
C SER A 6 17.11 11.80 16.25
N GLY A 7 16.92 10.87 15.33
CA GLY A 7 15.97 11.06 14.24
C GLY A 7 14.74 10.17 14.43
N LYS A 8 13.81 10.30 13.49
CA LYS A 8 12.59 9.52 13.54
C LYS A 8 12.81 8.18 12.81
N LYS A 9 11.77 7.36 12.82
CA LYS A 9 11.85 6.07 12.16
C LYS A 9 12.24 6.26 10.69
N PRO A 10 12.81 5.18 10.11
CA PRO A 10 13.23 5.23 8.71
C PRO A 10 12.03 5.13 7.78
N LEU A 11 12.11 5.85 6.67
CA LEU A 11 11.04 5.87 5.69
C LEU A 11 11.64 5.74 4.29
N SER A 12 10.84 5.20 3.38
CA SER A 12 11.27 5.01 2.01
C SER A 12 10.07 5.03 1.07
N VAL A 13 10.31 5.45 -0.16
CA VAL A 13 9.27 5.53 -1.16
C VAL A 13 9.76 4.88 -2.46
N PHE A 14 9.00 3.89 -2.92
CA PHE A 14 9.35 3.20 -4.14
C PHE A 14 9.07 4.07 -5.37
N LYS A 15 10.11 4.75 -5.83
CA LYS A 15 9.98 5.62 -7.00
C LYS A 15 9.61 4.78 -8.22
N GLY A 16 8.38 4.97 -8.68
CA GLY A 16 7.90 4.23 -9.84
C GLY A 16 8.09 5.05 -11.12
N PRO A 17 8.13 4.32 -12.27
CA PRO A 17 8.30 4.97 -13.55
C PRO A 17 7.00 5.65 -14.00
N LEU A 18 5.92 5.28 -13.33
CA LEU A 18 4.62 5.84 -13.65
C LEU A 18 4.01 6.46 -12.38
N LEU A 19 3.58 5.58 -11.48
CA LEU A 19 2.99 6.01 -10.23
C LEU A 19 3.91 5.62 -9.07
N HIS A 20 4.11 6.58 -8.18
CA HIS A 20 4.97 6.36 -7.02
C HIS A 20 4.17 5.61 -5.93
N ILE A 21 4.92 4.95 -5.07
CA ILE A 21 4.31 4.20 -3.98
C ILE A 21 4.88 4.67 -2.65
N SER A 22 4.00 4.79 -1.67
CA SER A 22 4.41 5.22 -0.34
C SER A 22 3.47 4.63 0.72
N PRO A 23 4.09 3.96 1.73
CA PRO A 23 5.54 3.84 1.76
C PRO A 23 6.02 2.81 0.73
N ALA A 24 7.33 2.58 0.74
CA ALA A 24 7.92 1.63 -0.19
C ALA A 24 7.32 0.25 0.04
N GLU A 25 8.05 -0.57 0.79
CA GLU A 25 7.59 -1.91 1.10
C GLU A 25 7.60 -2.15 2.60
N GLU A 26 6.86 -1.30 3.31
CA GLU A 26 6.78 -1.41 4.76
C GLU A 26 5.57 -0.62 5.28
N LEU A 27 4.53 -1.37 5.63
CA LEU A 27 3.32 -0.76 6.15
C LEU A 27 3.45 -0.55 7.66
N TYR A 28 2.88 0.55 8.13
CA TYR A 28 2.93 0.87 9.54
C TYR A 28 1.55 1.25 10.06
N PHE A 29 0.84 0.24 10.57
CA PHE A 29 -0.49 0.46 11.11
C PHE A 29 -0.43 0.96 12.55
N GLY A 30 -0.55 2.28 12.69
CA GLY A 30 -0.51 2.89 14.01
C GLY A 30 0.82 2.62 14.71
N SER A 31 1.47 3.70 15.12
CA SER A 31 2.75 3.59 15.80
C SER A 31 2.65 4.16 17.21
N ILE A 32 3.17 3.40 18.16
CA ILE A 32 3.14 3.81 19.55
C ILE A 32 1.69 3.85 20.04
N GLU A 33 0.97 4.87 19.59
CA GLU A 33 -0.42 5.02 19.97
C GLU A 33 -1.05 6.19 19.22
N SER A 34 -1.68 5.86 18.11
CA SER A 34 -2.33 6.87 17.28
C SER A 34 -3.78 6.47 17.00
N GLY A 35 -4.36 5.76 17.96
CA GLY A 35 -5.74 5.32 17.83
C GLY A 35 -5.91 4.40 16.62
N GLU A 36 -6.66 4.90 15.64
CA GLU A 36 -6.91 4.14 14.43
C GLU A 36 -5.60 3.55 13.90
N LYS A 37 -5.55 2.23 13.89
CA LYS A 37 -4.36 1.53 13.42
C LYS A 37 -4.52 1.24 11.92
N LYS A 38 -4.80 2.28 11.17
CA LYS A 38 -4.99 2.14 9.73
C LYS A 38 -3.84 2.87 9.01
N THR A 39 -3.40 2.26 7.91
CA THR A 39 -2.33 2.83 7.13
C THR A 39 -2.87 3.46 5.85
N LEU A 40 -2.25 4.56 5.45
CA LEU A 40 -2.65 5.27 4.25
C LEU A 40 -1.47 5.34 3.28
N ILE A 41 -1.69 4.78 2.10
CA ILE A 41 -0.65 4.78 1.08
C ILE A 41 -0.78 6.04 0.22
N VAL A 42 0.34 6.45 -0.35
CA VAL A 42 0.37 7.64 -1.18
C VAL A 42 0.94 7.28 -2.56
N LEU A 43 0.21 7.67 -3.59
CA LEU A 43 0.64 7.39 -4.95
C LEU A 43 0.91 8.72 -5.68
N THR A 44 2.18 9.03 -5.83
CA THR A 44 2.58 10.25 -6.50
C THR A 44 2.79 10.00 -7.99
N ASN A 45 1.89 10.56 -8.78
CA ASN A 45 1.96 10.40 -10.22
C ASN A 45 3.10 11.25 -10.77
N VAL A 46 4.05 10.57 -11.39
CA VAL A 46 5.20 11.24 -11.97
C VAL A 46 5.18 11.10 -13.49
N THR A 47 3.98 11.20 -14.04
CA THR A 47 3.80 11.08 -15.47
C THR A 47 3.02 12.29 -16.01
N LYS A 48 3.17 12.52 -17.31
CA LYS A 48 2.50 13.63 -17.96
C LYS A 48 1.16 13.14 -18.52
N ASN A 49 0.63 12.11 -17.89
CA ASN A 49 -0.64 11.54 -18.33
C ASN A 49 -1.26 10.75 -17.17
N ILE A 50 -2.56 10.96 -16.98
CA ILE A 50 -3.29 10.28 -15.93
C ILE A 50 -2.75 8.85 -15.79
N VAL A 51 -2.65 8.40 -14.55
CA VAL A 51 -2.16 7.06 -14.28
C VAL A 51 -3.16 6.34 -13.38
N ALA A 52 -3.69 5.23 -13.90
CA ALA A 52 -4.65 4.44 -13.15
C ALA A 52 -3.91 3.48 -12.22
N PHE A 53 -4.33 3.47 -10.97
CA PHE A 53 -3.72 2.60 -9.97
C PHE A 53 -4.75 1.64 -9.37
N LYS A 54 -4.23 0.57 -8.79
CA LYS A 54 -5.09 -0.43 -8.18
C LYS A 54 -4.38 -1.04 -6.98
N VAL A 55 -5.16 -1.32 -5.94
CA VAL A 55 -4.61 -1.91 -4.73
C VAL A 55 -5.18 -3.32 -4.55
N ARG A 56 -4.28 -4.29 -4.59
CA ARG A 56 -4.68 -5.68 -4.42
C ARG A 56 -3.94 -6.32 -3.24
N THR A 57 -4.40 -7.50 -2.87
CA THR A 57 -3.79 -8.21 -1.75
C THR A 57 -4.30 -9.66 -1.72
N THR A 58 -3.69 -10.44 -0.84
CA THR A 58 -4.06 -11.84 -0.69
C THR A 58 -5.26 -11.96 0.26
N ALA A 59 -5.82 -10.82 0.61
CA ALA A 59 -6.96 -10.80 1.51
C ALA A 59 -7.78 -9.53 1.25
N PRO A 60 -8.55 -9.57 0.13
CA PRO A 60 -9.39 -8.43 -0.24
C PRO A 60 -10.63 -8.35 0.65
N GLU A 61 -10.73 -9.31 1.55
CA GLU A 61 -11.85 -9.35 2.48
C GLU A 61 -11.36 -9.26 3.92
N LYS A 62 -10.25 -8.57 4.10
CA LYS A 62 -9.67 -8.40 5.41
C LYS A 62 -9.20 -6.95 5.58
N TYR A 63 -8.50 -6.47 4.55
CA TYR A 63 -8.01 -5.11 4.58
C TYR A 63 -8.88 -4.18 3.73
N ARG A 64 -9.30 -3.09 4.34
CA ARG A 64 -10.14 -2.12 3.66
C ARG A 64 -9.27 -1.13 2.87
N VAL A 65 -9.07 -1.44 1.61
CA VAL A 65 -8.26 -0.59 0.74
C VAL A 65 -9.19 0.29 -0.10
N LYS A 66 -9.09 1.59 0.12
CA LYS A 66 -9.92 2.54 -0.60
C LYS A 66 -9.18 3.88 -0.68
N PRO A 67 -9.06 4.40 -1.93
CA PRO A 67 -9.61 3.71 -3.08
C PRO A 67 -8.73 2.52 -3.46
N SER A 68 -9.36 1.54 -4.11
CA SER A 68 -8.65 0.34 -4.53
C SER A 68 -8.57 0.30 -6.06
N ASN A 69 -9.44 1.07 -6.69
CA ASN A 69 -9.48 1.13 -8.14
C ASN A 69 -9.76 2.56 -8.59
N SER A 70 -8.67 3.31 -8.78
CA SER A 70 -8.80 4.69 -9.20
C SER A 70 -7.50 5.14 -9.89
N SER A 71 -7.40 6.44 -10.10
CA SER A 71 -6.23 7.01 -10.74
C SER A 71 -5.81 8.30 -10.03
N CYS A 72 -4.67 8.82 -10.45
CA CYS A 72 -4.15 10.05 -9.86
C CYS A 72 -3.66 10.96 -10.99
N ASP A 73 -4.25 12.13 -11.06
CA ASP A 73 -3.90 13.10 -12.09
C ASP A 73 -2.37 13.26 -12.12
N PRO A 74 -1.88 13.78 -13.28
CA PRO A 74 -0.45 13.99 -13.44
C PRO A 74 0.03 15.20 -12.65
N GLY A 75 0.94 14.94 -11.72
CA GLY A 75 1.48 15.99 -10.89
C GLY A 75 0.73 16.10 -9.56
N ALA A 76 0.08 14.99 -9.20
CA ALA A 76 -0.68 14.94 -7.96
C ALA A 76 -0.41 13.60 -7.27
N SER A 77 -1.08 13.42 -6.13
CA SER A 77 -0.92 12.21 -5.37
C SER A 77 -2.27 11.79 -4.76
N ILE A 78 -2.51 10.49 -4.76
CA ILE A 78 -3.75 9.96 -4.22
C ILE A 78 -3.47 9.33 -2.85
N ASP A 79 -4.54 9.13 -2.10
CA ASP A 79 -4.43 8.54 -0.77
C ASP A 79 -5.22 7.22 -0.74
N ILE A 80 -4.49 6.14 -0.50
CA ILE A 80 -5.11 4.83 -0.45
C ILE A 80 -5.08 4.32 1.01
N ILE A 81 -6.19 4.51 1.69
CA ILE A 81 -6.30 4.09 3.08
C ILE A 81 -6.40 2.57 3.12
N VAL A 82 -5.81 1.99 4.16
CA VAL A 82 -5.82 0.55 4.33
C VAL A 82 -6.12 0.22 5.80
N SER A 83 -7.39 -0.08 6.05
CA SER A 83 -7.82 -0.41 7.39
C SER A 83 -8.55 -1.76 7.38
N PRO A 84 -7.98 -2.72 8.17
CA PRO A 84 -8.56 -4.05 8.27
C PRO A 84 -9.82 -4.04 9.13
N HIS A 85 -10.49 -5.19 9.16
CA HIS A 85 -11.70 -5.32 9.95
C HIS A 85 -11.47 -4.80 11.36
N GLY A 86 -12.42 -4.00 11.83
CA GLY A 86 -12.32 -3.43 13.16
C GLY A 86 -12.39 -4.51 14.23
N GLY A 87 -11.22 -5.06 14.55
CA GLY A 87 -11.13 -6.10 15.55
C GLY A 87 -9.86 -6.95 15.35
N LEU A 88 -9.90 -7.76 14.29
CA LEU A 88 -8.78 -8.63 13.98
C LEU A 88 -7.50 -7.78 13.93
N THR A 89 -6.40 -8.45 13.60
CA THR A 89 -5.11 -7.78 13.50
C THR A 89 -4.70 -7.61 12.04
N VAL A 90 -3.44 -7.27 11.85
CA VAL A 90 -2.92 -7.08 10.51
C VAL A 90 -1.89 -8.17 10.21
N SER A 91 -1.63 -9.00 11.22
CA SER A 91 -0.68 -10.08 11.07
C SER A 91 0.54 -9.60 10.30
N ALA A 92 1.29 -10.56 9.77
CA ALA A 92 2.49 -10.26 9.01
C ALA A 92 2.73 -11.36 7.99
N GLN A 93 1.65 -12.04 7.62
CA GLN A 93 1.74 -13.12 6.66
C GLN A 93 1.15 -12.68 5.32
N ASP A 94 0.13 -11.83 5.40
CA ASP A 94 -0.52 -11.32 4.22
C ASP A 94 0.42 -10.34 3.50
N ARG A 95 0.00 -9.94 2.30
CA ARG A 95 0.79 -9.01 1.51
C ARG A 95 -0.13 -8.07 0.73
N PHE A 96 0.44 -6.96 0.30
CA PHE A 96 -0.31 -5.98 -0.46
C PHE A 96 0.31 -5.75 -1.85
N LEU A 97 -0.54 -5.37 -2.79
CA LEU A 97 -0.08 -5.13 -4.15
C LEU A 97 -0.70 -3.82 -4.65
N ILE A 98 0.13 -3.02 -5.32
CA ILE A 98 -0.33 -1.75 -5.86
C ILE A 98 0.05 -1.67 -7.33
N MET A 99 -0.97 -1.50 -8.16
CA MET A 99 -0.75 -1.40 -9.60
C MET A 99 -0.81 0.06 -10.06
N ALA A 100 -0.20 0.30 -11.21
CA ALA A 100 -0.17 1.65 -11.78
C ALA A 100 0.17 1.56 -13.26
N ALA A 101 -0.76 2.04 -14.07
CA ALA A 101 -0.57 2.03 -15.52
C ALA A 101 -0.83 3.43 -16.08
N GLU A 102 -0.01 3.79 -17.06
CA GLU A 102 -0.14 5.09 -17.69
C GLU A 102 -1.43 5.17 -18.51
N MET A 103 -2.34 6.01 -18.05
CA MET A 103 -3.61 6.18 -18.72
C MET A 103 -3.51 7.24 -19.82
N GLU A 104 -4.58 7.36 -20.59
CA GLU A 104 -4.62 8.33 -21.67
C GLU A 104 -4.47 9.75 -21.10
N GLN A 105 -5.20 10.67 -21.72
CA GLN A 105 -5.15 12.06 -21.30
C GLN A 105 -6.32 12.36 -20.37
N SER A 106 -7.48 12.57 -20.98
CA SER A 106 -8.69 12.87 -20.22
C SER A 106 -9.54 11.61 -20.06
N SER A 107 -9.54 11.09 -18.84
CA SER A 107 -10.31 9.89 -18.53
C SER A 107 -10.67 9.86 -17.05
N GLY A 108 -11.94 9.62 -16.79
CA GLY A 108 -12.43 9.56 -15.43
C GLY A 108 -11.77 8.42 -14.66
N THR A 109 -11.68 8.60 -13.34
CA THR A 109 -11.07 7.60 -12.49
C THR A 109 -12.15 6.81 -11.74
N GLY A 110 -13.37 6.88 -12.27
CA GLY A 110 -14.49 6.18 -11.66
C GLY A 110 -14.19 4.69 -11.52
N PRO A 111 -15.19 3.95 -10.96
CA PRO A 111 -15.06 2.52 -10.77
C PRO A 111 -15.20 1.76 -12.09
N ALA A 112 -15.74 2.47 -13.08
CA ALA A 112 -15.93 1.89 -14.39
C ALA A 112 -14.71 2.20 -15.28
N GLU A 113 -14.53 3.48 -15.54
CA GLU A 113 -13.41 3.92 -16.36
C GLU A 113 -12.19 3.03 -16.12
N LEU A 114 -11.83 2.91 -14.85
CA LEU A 114 -10.69 2.10 -14.48
C LEU A 114 -10.88 0.67 -15.03
N SER A 115 -11.85 -0.02 -14.46
CA SER A 115 -12.13 -1.38 -14.87
C SER A 115 -11.90 -1.53 -16.38
N GLN A 116 -12.37 -0.54 -17.12
CA GLN A 116 -12.22 -0.55 -18.57
C GLN A 116 -10.73 -0.53 -18.94
N PHE A 117 -10.05 0.52 -18.49
CA PHE A 117 -8.64 0.66 -18.77
C PHE A 117 -7.86 -0.55 -18.29
N TRP A 118 -8.35 -1.16 -17.22
CA TRP A 118 -7.71 -2.32 -16.65
C TRP A 118 -8.04 -3.53 -17.53
N LYS A 119 -9.05 -3.34 -18.37
CA LYS A 119 -9.48 -4.40 -19.27
C LYS A 119 -8.72 -4.26 -20.60
N GLU A 120 -8.16 -3.08 -20.81
CA GLU A 120 -7.41 -2.81 -22.02
C GLU A 120 -5.91 -2.84 -21.73
N VAL A 121 -5.54 -2.16 -20.66
CA VAL A 121 -4.13 -2.10 -20.26
C VAL A 121 -3.69 -3.47 -19.76
N PRO A 122 -2.64 -4.01 -20.44
CA PRO A 122 -2.10 -5.31 -20.07
C PRO A 122 -1.28 -5.22 -18.78
N ARG A 123 -1.00 -6.39 -18.22
CA ARG A 123 -0.23 -6.46 -16.99
C ARG A 123 1.25 -6.24 -17.27
N ASN A 124 1.55 -6.02 -18.55
CA ASN A 124 2.92 -5.80 -18.98
C ASN A 124 3.14 -4.31 -19.21
N LYS A 125 2.04 -3.56 -19.15
CA LYS A 125 2.11 -2.12 -19.35
C LYS A 125 1.90 -1.42 -18.02
N VAL A 126 1.20 -2.11 -17.12
CA VAL A 126 0.92 -1.55 -15.80
C VAL A 126 2.02 -1.99 -14.82
N MET A 127 2.37 -1.09 -13.92
CA MET A 127 3.39 -1.37 -12.94
C MET A 127 2.81 -2.16 -11.76
N GLU A 128 3.66 -2.98 -11.16
CA GLU A 128 3.25 -3.79 -10.03
C GLU A 128 4.24 -3.63 -8.88
N HIS A 129 3.69 -3.27 -7.71
CA HIS A 129 4.50 -3.08 -6.54
C HIS A 129 3.83 -3.74 -5.33
N ARG A 130 4.55 -4.66 -4.71
CA ARG A 130 4.04 -5.37 -3.55
C ARG A 130 4.45 -4.65 -2.26
N LEU A 131 3.52 -4.59 -1.32
CA LEU A 131 3.77 -3.94 -0.05
C LEU A 131 3.68 -4.97 1.08
N ARG A 132 4.43 -4.73 2.13
CA ARG A 132 4.42 -5.62 3.28
C ARG A 132 4.31 -4.82 4.58
N CYS A 133 3.89 -5.52 5.62
CA CYS A 133 3.73 -4.89 6.92
C CYS A 133 5.07 -4.96 7.65
N HIS A 134 5.23 -4.07 8.63
CA HIS A 134 6.46 -4.01 9.41
C HIS A 134 6.13 -4.24 10.89
N THR A 135 5.77 -5.47 11.20
CA THR A 135 5.43 -5.83 12.56
C THR A 135 6.17 -7.10 12.99
N VAL A 136 5.73 -7.66 14.11
CA VAL A 136 6.34 -8.87 14.62
C VAL A 136 5.34 -10.03 14.47
N GLU A 137 5.85 -11.13 13.92
CA GLU A 137 5.03 -12.31 13.71
C GLU A 137 4.08 -12.52 14.89
N SER A 138 2.90 -13.03 14.58
CA SER A 138 1.90 -13.28 15.61
C SER A 138 2.58 -13.84 16.87
N SER A 139 1.99 -13.52 18.01
CA SER A 139 2.52 -13.98 19.28
C SER A 139 2.29 -15.48 19.43
N LYS A 140 3.31 -16.16 19.93
CA LYS A 140 3.24 -17.60 20.12
C LYS A 140 3.23 -18.30 18.77
N PRO A 141 4.26 -19.17 18.56
CA PRO A 141 4.38 -19.90 17.32
C PRO A 141 3.36 -21.04 17.24
N ASN A 142 3.11 -21.65 18.39
CA ASN A 142 2.16 -22.74 18.47
C ASN A 142 2.61 -23.87 17.53
N SER A 143 3.00 -24.97 18.14
CA SER A 143 3.46 -26.12 17.37
C SER A 143 2.38 -26.54 16.36
N LEU A 144 2.82 -26.75 15.13
CA LEU A 144 1.91 -27.15 14.08
C LEU A 144 2.48 -28.36 13.34
N MET A 145 1.59 -29.23 12.90
CA MET A 145 1.99 -30.42 12.17
C MET A 145 3.12 -30.11 11.19
N LEU A 146 4.31 -30.60 11.52
CA LEU A 146 5.47 -30.37 10.67
C LEU A 146 6.56 -31.38 11.03
N SER A 147 6.92 -31.40 12.30
CA SER A 147 7.94 -32.31 12.78
C SER A 147 9.24 -32.10 12.00
N GLY A 148 9.98 -31.10 12.41
CA GLY A 148 11.24 -30.78 11.75
C GLY A 148 11.84 -29.48 12.30
N PRO A 149 12.97 -29.06 11.68
CA PRO A 149 13.65 -27.85 12.09
C PRO A 149 12.89 -26.60 11.61
N SER A 150 12.62 -25.71 12.56
CA SER A 150 11.90 -24.49 12.25
C SER A 150 12.03 -23.50 13.42
N SER A 151 11.58 -23.94 14.57
CA SER A 151 11.64 -23.12 15.77
C SER A 151 13.06 -22.57 15.96
N GLY A 152 13.12 -21.30 16.34
CA GLY A 152 14.40 -20.65 16.56
C GLY A 152 15.17 -20.49 15.24
N GLY A 1 7.73 -13.42 24.10
CA GLY A 1 7.43 -12.00 24.18
C GLY A 1 8.70 -11.20 24.50
N SER A 2 8.70 -10.61 25.69
CA SER A 2 9.83 -9.82 26.13
C SER A 2 10.04 -8.62 25.18
N SER A 3 10.83 -7.67 25.65
CA SER A 3 11.11 -6.48 24.85
C SER A 3 12.20 -5.65 25.54
N GLY A 4 12.90 -4.88 24.73
CA GLY A 4 13.96 -4.02 25.23
C GLY A 4 14.80 -3.45 24.09
N SER A 5 15.01 -2.14 24.16
CA SER A 5 15.79 -1.44 23.15
C SER A 5 15.03 -1.47 21.81
N SER A 6 15.46 -0.61 20.91
CA SER A 6 14.84 -0.51 19.60
C SER A 6 15.63 0.46 18.71
N GLY A 7 15.31 0.42 17.43
CA GLY A 7 15.98 1.28 16.47
C GLY A 7 14.97 2.14 15.70
N LYS A 8 15.46 2.81 14.67
CA LYS A 8 14.61 3.65 13.85
C LYS A 8 15.14 3.68 12.42
N LYS A 9 14.25 4.01 11.50
CA LYS A 9 14.61 4.06 10.09
C LYS A 9 13.86 5.22 9.42
N PRO A 10 14.50 5.78 8.36
CA PRO A 10 13.91 6.88 7.62
C PRO A 10 12.76 6.39 6.74
N LEU A 11 12.10 7.36 6.10
CA LEU A 11 10.98 7.05 5.22
C LEU A 11 11.47 7.03 3.77
N SER A 12 10.92 6.09 3.01
CA SER A 12 11.30 5.96 1.60
C SER A 12 10.09 5.49 0.80
N VAL A 13 10.12 5.82 -0.50
CA VAL A 13 9.04 5.44 -1.39
C VAL A 13 9.63 4.75 -2.62
N PHE A 14 8.86 3.81 -3.15
CA PHE A 14 9.29 3.06 -4.32
C PHE A 14 9.13 3.91 -5.59
N LYS A 15 10.23 4.54 -5.99
CA LYS A 15 10.23 5.38 -7.17
C LYS A 15 9.65 4.60 -8.35
N GLY A 16 8.35 4.77 -8.55
CA GLY A 16 7.66 4.08 -9.63
C GLY A 16 7.96 4.74 -10.97
N PRO A 17 7.89 3.92 -12.05
CA PRO A 17 8.14 4.42 -13.39
C PRO A 17 6.97 5.25 -13.91
N LEU A 18 5.83 5.06 -13.27
CA LEU A 18 4.63 5.79 -13.65
C LEU A 18 3.99 6.39 -12.40
N LEU A 19 3.66 5.52 -11.45
CA LEU A 19 3.04 5.94 -10.21
C LEU A 19 3.94 5.55 -9.04
N HIS A 20 4.17 6.51 -8.15
CA HIS A 20 5.00 6.28 -6.99
C HIS A 20 4.20 5.52 -5.93
N ILE A 21 4.92 4.84 -5.06
CA ILE A 21 4.29 4.07 -3.99
C ILE A 21 4.89 4.48 -2.65
N SER A 22 4.03 4.94 -1.76
CA SER A 22 4.46 5.37 -0.44
C SER A 22 3.58 4.73 0.63
N PRO A 23 4.25 4.04 1.59
CA PRO A 23 5.70 3.94 1.57
C PRO A 23 6.15 2.95 0.50
N ALA A 24 7.45 2.68 0.50
CA ALA A 24 8.03 1.77 -0.46
C ALA A 24 7.47 0.36 -0.23
N GLU A 25 7.85 -0.22 0.90
CA GLU A 25 7.39 -1.55 1.26
C GLU A 25 7.47 -1.75 2.78
N GLU A 26 6.76 -0.89 3.49
CA GLU A 26 6.74 -0.96 4.95
C GLU A 26 5.45 -0.33 5.49
N LEU A 27 4.53 -1.20 5.88
CA LEU A 27 3.27 -0.74 6.42
C LEU A 27 3.30 -0.82 7.96
N TYR A 28 3.36 0.34 8.58
CA TYR A 28 3.40 0.40 10.03
C TYR A 28 1.98 0.45 10.62
N PHE A 29 1.47 -0.73 10.93
CA PHE A 29 0.14 -0.85 11.49
C PHE A 29 0.18 -0.69 13.02
N GLY A 30 -0.15 0.51 13.45
CA GLY A 30 -0.15 0.82 14.88
C GLY A 30 1.22 1.32 15.34
N SER A 31 1.42 2.61 15.14
CA SER A 31 2.68 3.23 15.54
C SER A 31 2.49 4.06 16.81
N ILE A 32 3.35 3.80 17.78
CA ILE A 32 3.28 4.50 19.05
C ILE A 32 1.97 4.14 19.76
N GLU A 33 0.89 4.71 19.28
CA GLU A 33 -0.42 4.46 19.85
C GLU A 33 -0.78 2.98 19.73
N SER A 34 -1.69 2.54 20.59
CA SER A 34 -2.12 1.17 20.58
C SER A 34 -3.47 1.03 19.85
N GLY A 35 -4.18 2.15 19.80
CA GLY A 35 -5.47 2.17 19.14
C GLY A 35 -5.36 2.74 17.73
N GLU A 36 -6.38 2.50 16.93
CA GLU A 36 -6.41 2.98 15.56
C GLU A 36 -5.10 2.63 14.85
N LYS A 37 -5.01 1.38 14.40
CA LYS A 37 -3.82 0.92 13.71
C LYS A 37 -4.11 0.84 12.21
N LYS A 38 -4.20 2.00 11.59
CA LYS A 38 -4.47 2.07 10.15
C LYS A 38 -3.37 2.87 9.47
N THR A 39 -2.99 2.41 8.28
CA THR A 39 -1.96 3.08 7.51
C THR A 39 -2.55 3.75 6.28
N LEU A 40 -1.80 4.69 5.73
CA LEU A 40 -2.23 5.43 4.56
C LEU A 40 -1.11 5.44 3.52
N ILE A 41 -1.43 4.94 2.34
CA ILE A 41 -0.46 4.89 1.26
C ILE A 41 -0.56 6.17 0.42
N VAL A 42 0.53 6.48 -0.26
CA VAL A 42 0.57 7.66 -1.10
C VAL A 42 1.07 7.29 -2.49
N LEU A 43 0.28 7.66 -3.49
CA LEU A 43 0.63 7.37 -4.87
C LEU A 43 0.94 8.67 -5.61
N THR A 44 2.23 8.92 -5.77
CA THR A 44 2.67 10.13 -6.46
C THR A 44 2.85 9.86 -7.95
N ASN A 45 1.94 10.41 -8.74
CA ASN A 45 1.99 10.23 -10.18
C ASN A 45 3.11 11.10 -10.75
N VAL A 46 4.19 10.43 -11.14
CA VAL A 46 5.33 11.13 -11.70
C VAL A 46 5.27 11.05 -13.23
N THR A 47 4.06 11.15 -13.74
CA THR A 47 3.85 11.10 -15.19
C THR A 47 3.10 12.35 -15.66
N LYS A 48 3.15 12.56 -16.96
CA LYS A 48 2.49 13.72 -17.56
C LYS A 48 1.13 13.28 -18.12
N ASN A 49 0.60 12.21 -17.53
CA ASN A 49 -0.69 11.69 -17.97
C ASN A 49 -1.30 10.88 -16.83
N ILE A 50 -2.59 11.07 -16.63
CA ILE A 50 -3.31 10.36 -15.58
C ILE A 50 -2.83 8.91 -15.54
N VAL A 51 -2.85 8.35 -14.34
CA VAL A 51 -2.42 6.98 -14.15
C VAL A 51 -3.38 6.28 -13.18
N ALA A 52 -4.03 5.24 -13.69
CA ALA A 52 -4.97 4.48 -12.89
C ALA A 52 -4.21 3.49 -12.01
N PHE A 53 -4.57 3.47 -10.74
CA PHE A 53 -3.94 2.58 -9.79
C PHE A 53 -4.96 1.66 -9.11
N LYS A 54 -4.47 0.51 -8.67
CA LYS A 54 -5.34 -0.46 -8.00
C LYS A 54 -4.60 -1.05 -6.80
N VAL A 55 -5.37 -1.37 -5.78
CA VAL A 55 -4.80 -1.95 -4.56
C VAL A 55 -5.30 -3.39 -4.42
N ARG A 56 -4.40 -4.32 -4.66
CA ARG A 56 -4.73 -5.74 -4.55
C ARG A 56 -4.03 -6.36 -3.34
N THR A 57 -4.60 -7.44 -2.85
CA THR A 57 -4.05 -8.13 -1.71
C THR A 57 -4.55 -9.58 -1.67
N THR A 58 -3.93 -10.36 -0.78
CA THR A 58 -4.31 -11.76 -0.63
C THR A 58 -5.45 -11.89 0.37
N ALA A 59 -6.17 -10.80 0.57
CA ALA A 59 -7.28 -10.79 1.50
C ALA A 59 -8.09 -9.50 1.31
N PRO A 60 -8.87 -9.48 0.20
CA PRO A 60 -9.70 -8.33 -0.11
C PRO A 60 -10.93 -8.26 0.81
N GLU A 61 -11.07 -9.30 1.62
CA GLU A 61 -12.19 -9.37 2.55
C GLU A 61 -11.68 -9.40 3.99
N LYS A 62 -10.60 -8.67 4.22
CA LYS A 62 -10.01 -8.60 5.54
C LYS A 62 -9.44 -7.21 5.78
N TYR A 63 -8.74 -6.71 4.76
CA TYR A 63 -8.13 -5.39 4.84
C TYR A 63 -8.98 -4.36 4.09
N ARG A 64 -9.19 -3.23 4.74
CA ARG A 64 -9.96 -2.15 4.15
C ARG A 64 -9.06 -1.22 3.36
N VAL A 65 -9.09 -1.39 2.04
CA VAL A 65 -8.27 -0.57 1.16
C VAL A 65 -9.19 0.34 0.32
N LYS A 66 -9.05 1.63 0.55
CA LYS A 66 -9.86 2.60 -0.17
C LYS A 66 -9.07 3.90 -0.31
N PRO A 67 -8.94 4.36 -1.58
CA PRO A 67 -9.53 3.64 -2.70
C PRO A 67 -8.71 2.39 -3.03
N SER A 68 -9.37 1.45 -3.69
CA SER A 68 -8.72 0.21 -4.06
C SER A 68 -8.59 0.13 -5.59
N ASN A 69 -9.27 1.04 -6.26
CA ASN A 69 -9.24 1.09 -7.72
C ASN A 69 -9.61 2.50 -8.18
N SER A 70 -8.59 3.36 -8.22
CA SER A 70 -8.80 4.73 -8.65
C SER A 70 -7.60 5.20 -9.49
N SER A 71 -7.51 6.50 -9.65
CA SER A 71 -6.43 7.09 -10.43
C SER A 71 -5.89 8.33 -9.71
N CYS A 72 -4.77 8.83 -10.24
CA CYS A 72 -4.14 10.01 -9.66
C CYS A 72 -3.62 10.88 -10.81
N ASP A 73 -4.16 12.09 -10.88
CA ASP A 73 -3.77 13.03 -11.92
C ASP A 73 -2.25 13.21 -11.89
N PRO A 74 -1.73 13.79 -12.99
CA PRO A 74 -0.29 14.03 -13.11
C PRO A 74 0.14 15.20 -12.24
N GLY A 75 1.26 15.01 -11.56
CA GLY A 75 1.79 16.05 -10.69
C GLY A 75 0.99 16.13 -9.39
N ALA A 76 0.35 15.03 -9.05
CA ALA A 76 -0.45 14.97 -7.84
C ALA A 76 -0.23 13.62 -7.15
N SER A 77 -0.92 13.44 -6.04
CA SER A 77 -0.81 12.20 -5.28
C SER A 77 -2.17 11.84 -4.66
N ILE A 78 -2.44 10.55 -4.61
CA ILE A 78 -3.68 10.06 -4.05
C ILE A 78 -3.41 9.46 -2.68
N ASP A 79 -4.48 9.25 -1.93
CA ASP A 79 -4.38 8.68 -0.60
C ASP A 79 -5.11 7.33 -0.56
N ILE A 80 -4.37 6.30 -0.19
CA ILE A 80 -4.93 4.96 -0.10
C ILE A 80 -4.79 4.45 1.32
N ILE A 81 -5.93 4.41 2.01
CA ILE A 81 -5.96 3.94 3.39
C ILE A 81 -5.99 2.41 3.40
N VAL A 82 -5.39 1.84 4.43
CA VAL A 82 -5.37 0.39 4.57
C VAL A 82 -5.57 0.02 6.04
N SER A 83 -6.81 -0.30 6.36
CA SER A 83 -7.16 -0.67 7.72
C SER A 83 -7.61 -2.13 7.76
N PRO A 84 -6.84 -2.96 8.54
CA PRO A 84 -7.16 -4.37 8.67
C PRO A 84 -8.37 -4.58 9.59
N HIS A 85 -9.05 -5.69 9.36
CA HIS A 85 -10.22 -6.03 10.14
C HIS A 85 -9.86 -6.00 11.63
N GLY A 86 -10.38 -4.98 12.31
CA GLY A 86 -10.11 -4.83 13.73
C GLY A 86 -10.14 -6.19 14.44
N GLY A 87 -11.05 -7.04 13.99
CA GLY A 87 -11.20 -8.36 14.56
C GLY A 87 -9.89 -9.16 14.45
N LEU A 88 -9.31 -9.11 13.26
CA LEU A 88 -8.07 -9.81 13.00
C LEU A 88 -6.91 -8.80 12.91
N THR A 89 -5.77 -9.29 12.49
CA THR A 89 -4.59 -8.45 12.34
C THR A 89 -3.86 -8.77 11.04
N VAL A 90 -2.87 -7.94 10.74
CA VAL A 90 -2.08 -8.12 9.53
C VAL A 90 -1.09 -9.27 9.75
N SER A 91 -1.12 -9.82 10.96
CA SER A 91 -0.24 -10.93 11.30
C SER A 91 1.21 -10.55 10.98
N ALA A 92 1.60 -10.86 9.74
CA ALA A 92 2.96 -10.56 9.29
C ALA A 92 3.14 -11.06 7.87
N GLN A 93 2.58 -12.25 7.61
CA GLN A 93 2.68 -12.85 6.30
C GLN A 93 1.86 -12.04 5.29
N ASP A 94 0.83 -11.39 5.79
CA ASP A 94 -0.03 -10.59 4.95
C ASP A 94 0.82 -9.81 3.95
N ARG A 95 0.28 -9.64 2.75
CA ARG A 95 0.98 -8.93 1.70
C ARG A 95 0.00 -8.04 0.92
N PHE A 96 0.49 -6.88 0.49
CA PHE A 96 -0.32 -5.96 -0.27
C PHE A 96 0.28 -5.70 -1.65
N LEU A 97 -0.59 -5.33 -2.58
CA LEU A 97 -0.15 -5.05 -3.93
C LEU A 97 -0.79 -3.75 -4.41
N ILE A 98 -0.06 -3.05 -5.26
CA ILE A 98 -0.54 -1.78 -5.80
C ILE A 98 -0.20 -1.70 -7.29
N MET A 99 -1.24 -1.51 -8.09
CA MET A 99 -1.07 -1.42 -9.53
C MET A 99 -1.05 0.05 -9.99
N ALA A 100 -0.41 0.26 -11.12
CA ALA A 100 -0.31 1.61 -11.68
C ALA A 100 0.00 1.52 -13.17
N ALA A 101 -0.94 2.00 -13.97
CA ALA A 101 -0.78 1.98 -15.41
C ALA A 101 -1.08 3.37 -15.98
N GLU A 102 -0.19 3.83 -16.85
CA GLU A 102 -0.36 5.14 -17.47
C GLU A 102 -1.53 5.12 -18.44
N MET A 103 -2.50 5.98 -18.17
CA MET A 103 -3.68 6.08 -19.01
C MET A 103 -3.47 7.08 -20.14
N GLU A 104 -4.44 7.12 -21.04
CA GLU A 104 -4.37 8.02 -22.17
C GLU A 104 -4.62 9.47 -21.71
N GLN A 105 -4.79 10.35 -22.68
CA GLN A 105 -5.04 11.75 -22.40
C GLN A 105 -6.41 11.92 -21.75
N SER A 106 -7.38 11.20 -22.29
CA SER A 106 -8.74 11.26 -21.77
C SER A 106 -8.97 10.12 -20.78
N SER A 107 -9.21 10.51 -19.53
CA SER A 107 -9.46 9.54 -18.48
C SER A 107 -10.63 10.00 -17.60
N GLY A 108 -11.75 9.32 -17.78
CA GLY A 108 -12.94 9.64 -17.01
C GLY A 108 -12.79 9.22 -15.55
N THR A 109 -11.72 8.48 -15.29
CA THR A 109 -11.45 7.99 -13.94
C THR A 109 -12.75 7.55 -13.26
N GLY A 110 -13.48 6.71 -13.97
CA GLY A 110 -14.74 6.20 -13.44
C GLY A 110 -14.69 4.68 -13.27
N PRO A 111 -15.88 4.09 -12.97
CA PRO A 111 -15.97 2.66 -12.77
C PRO A 111 -15.89 1.91 -14.10
N ALA A 112 -16.20 2.64 -15.17
CA ALA A 112 -16.17 2.06 -16.50
C ALA A 112 -14.78 2.27 -17.12
N GLU A 113 -14.50 3.54 -17.42
CA GLU A 113 -13.21 3.89 -18.01
C GLU A 113 -12.09 3.06 -17.38
N LEU A 114 -12.13 2.98 -16.06
CA LEU A 114 -11.12 2.22 -15.33
C LEU A 114 -11.22 0.74 -15.73
N SER A 115 -12.38 0.17 -15.46
CA SER A 115 -12.61 -1.23 -15.79
C SER A 115 -12.29 -1.49 -17.26
N GLN A 116 -12.40 -0.44 -18.05
CA GLN A 116 -12.12 -0.54 -19.48
C GLN A 116 -10.62 -0.40 -19.74
N PHE A 117 -9.99 0.44 -18.92
CA PHE A 117 -8.57 0.68 -19.05
C PHE A 117 -7.76 -0.40 -18.31
N TRP A 118 -8.42 -1.03 -17.35
CA TRP A 118 -7.79 -2.08 -16.57
C TRP A 118 -8.00 -3.40 -17.31
N LYS A 119 -9.07 -3.46 -18.08
CA LYS A 119 -9.39 -4.65 -18.84
C LYS A 119 -8.59 -4.65 -20.14
N GLU A 120 -8.17 -3.46 -20.54
CA GLU A 120 -7.41 -3.30 -21.77
C GLU A 120 -5.91 -3.31 -21.46
N VAL A 121 -5.55 -2.60 -20.39
CA VAL A 121 -4.17 -2.52 -19.98
C VAL A 121 -3.72 -3.88 -19.44
N PRO A 122 -2.64 -4.41 -20.07
CA PRO A 122 -2.11 -5.70 -19.66
C PRO A 122 -1.32 -5.57 -18.34
N ARG A 123 -0.67 -6.67 -17.98
CA ARG A 123 0.12 -6.69 -16.75
C ARG A 123 1.57 -6.35 -17.06
N ASN A 124 1.83 -6.09 -18.33
CA ASN A 124 3.18 -5.75 -18.77
C ASN A 124 3.27 -4.24 -18.99
N LYS A 125 2.11 -3.60 -19.02
CA LYS A 125 2.05 -2.17 -19.21
C LYS A 125 1.78 -1.49 -17.87
N VAL A 126 1.08 -2.21 -17.01
CA VAL A 126 0.75 -1.68 -15.69
C VAL A 126 1.84 -2.09 -14.70
N MET A 127 2.21 -1.14 -13.84
CA MET A 127 3.23 -1.39 -12.85
C MET A 127 2.62 -2.03 -11.58
N GLU A 128 3.33 -3.02 -11.07
CA GLU A 128 2.88 -3.72 -9.87
C GLU A 128 3.91 -3.56 -8.75
N HIS A 129 3.41 -3.14 -7.60
CA HIS A 129 4.27 -2.95 -6.44
C HIS A 129 3.64 -3.61 -5.22
N ARG A 130 4.40 -4.53 -4.62
CA ARG A 130 3.93 -5.24 -3.44
C ARG A 130 4.40 -4.53 -2.17
N LEU A 131 3.48 -4.42 -1.22
CA LEU A 131 3.79 -3.76 0.04
C LEU A 131 3.78 -4.81 1.16
N ARG A 132 4.45 -4.47 2.25
CA ARG A 132 4.53 -5.36 3.39
C ARG A 132 4.43 -4.56 4.69
N CYS A 133 4.00 -5.25 5.74
CA CYS A 133 3.86 -4.63 7.04
C CYS A 133 5.23 -4.60 7.71
N HIS A 134 5.38 -3.68 8.66
CA HIS A 134 6.63 -3.53 9.38
C HIS A 134 6.43 -3.93 10.84
N THR A 135 6.06 -5.18 11.04
CA THR A 135 5.83 -5.70 12.38
C THR A 135 7.09 -5.52 13.24
N VAL A 136 6.93 -5.80 14.53
CA VAL A 136 8.04 -5.68 15.46
C VAL A 136 7.76 -6.55 16.68
N GLU A 137 7.43 -7.81 16.41
CA GLU A 137 7.14 -8.75 17.48
C GLU A 137 7.23 -10.18 16.96
N SER A 138 8.46 -10.68 16.90
CA SER A 138 8.70 -12.03 16.41
C SER A 138 9.81 -12.69 17.24
N SER A 139 10.98 -12.08 17.19
CA SER A 139 12.13 -12.60 17.93
C SER A 139 12.73 -11.49 18.79
N LYS A 140 13.07 -10.39 18.13
CA LYS A 140 13.66 -9.26 18.82
C LYS A 140 13.89 -8.11 17.83
N PRO A 141 13.77 -6.86 18.34
CA PRO A 141 13.95 -5.69 17.52
C PRO A 141 15.43 -5.46 17.22
N ASN A 142 16.20 -5.31 18.28
CA ASN A 142 17.63 -5.09 18.14
C ASN A 142 18.37 -5.82 19.27
N SER A 143 19.68 -5.88 19.13
CA SER A 143 20.51 -6.54 20.13
C SER A 143 21.96 -6.06 20.00
N LEU A 144 22.57 -5.83 21.15
CA LEU A 144 23.95 -5.37 21.18
C LEU A 144 24.88 -6.53 20.80
N MET A 145 24.84 -6.87 19.53
CA MET A 145 25.68 -7.95 19.02
C MET A 145 26.29 -7.58 17.66
N LEU A 146 27.20 -8.44 17.21
CA LEU A 146 27.87 -8.21 15.95
C LEU A 146 26.83 -7.89 14.88
N SER A 147 27.16 -6.89 14.06
CA SER A 147 26.26 -6.47 13.00
C SER A 147 26.89 -5.32 12.20
N GLY A 148 26.37 -5.12 11.00
CA GLY A 148 26.87 -4.07 10.14
C GLY A 148 25.99 -3.91 8.90
N PRO A 149 25.96 -2.66 8.37
CA PRO A 149 25.17 -2.37 7.19
C PRO A 149 25.83 -2.92 5.92
N SER A 150 25.19 -2.66 4.80
CA SER A 150 25.70 -3.12 3.52
C SER A 150 25.61 -2.01 2.48
N SER A 151 26.45 -2.11 1.46
CA SER A 151 26.48 -1.13 0.40
C SER A 151 27.50 -1.52 -0.66
N GLY A 152 27.35 -0.93 -1.83
CA GLY A 152 28.26 -1.21 -2.93
C GLY A 152 27.78 -2.43 -3.73
#